data_8BU7
#
_entry.id   8BU7
#
_cell.length_a   248.683
_cell.length_b   248.683
_cell.length_c   218.597
_cell.angle_alpha   90.000
_cell.angle_beta   90.000
_cell.angle_gamma   120.000
#
_symmetry.space_group_name_H-M   'P 31 2 1'
#
loop_
_entity.id
_entity.type
_entity.pdbx_description
1 polymer 'DNA damage-binding protein 1'
2 polymer 'Cyclin-dependent kinase 12'
3 polymer Cyclin-K
4 non-polymer 1,2-ETHANEDIOL
5 non-polymer 1-[2,6-bis(chloranyl)phenyl]-6-[[4-(2-hydroxyethyloxy)phenyl]methyl]-3-propan-2-yl-5H-pyrazolo[3,4-d]pyrimidin-4-one
6 non-polymer 'SULFATE ION'
#
loop_
_entity_poly.entity_id
_entity_poly.type
_entity_poly.pdbx_seq_one_letter_code
_entity_poly.pdbx_strand_id
1 'polypeptide(L)'
;GGGRMSYNYVVTAQKPTAVNGCVTGHFTSAEDLNLLIAKNTRLEIYVVTAEGLRPVKEVGMYGKIAVMELFRPKGESKDL
LFILTAKYNACILEYKQSGESIDIITRAHGNVQDRIGRPSETGIIGIIDPECRMIGLRLYDGLFKVIPLDRDNKELKAFN
IRLEELHVIDVKFLYGCQAPTICFVYQDPQGRHVKTYEVSLREKEFNKGPWKQENVEAEASMVIAVPEPFGGAIIIGQES
ITYHNGDKYLAIAPPIIKQSTIVCHNRVDPNGSRYLLGDMEGRLFMLLLEKEEQMDGTVTLKDLRVELLGETSIAECLTY
LDNGVVFVGSRLGDSQLVKLNVDSNEQGSYVVAMETFTNLGPIVDMCVVDLERQGQGQLVTCSGAFKEGSLRIIRNGIGG
NGNSGEIQKLHIRTVPLYESPRKICYQEVSQCFGVLSSRIEVQDTSGGTTALRPSASTQALSSSVSSSKLFSSSTAPHET
SFGEEVEVHNLLIIDQHTFEVLHAHQFLQNEYALSLVSCKLGKDPNTYFIVGTAMVYPEEAEPKQGRIVVFQYSDGKLQT
VAEKEVKGAVYSMVEFNGKLLASINSTVRLYEWTTEKELRTECNHYNNIMALYLKTKGDFILVGDLMRSVLLLAYKPMEG
NFEEIARDFNPNWMSAVEILDDDNFLGAENAFNLFVCQKDSAATTDEERQHLQEVGLFHLGEFVNVFCHGSLVMQNLGET
STPTQGSVLFGTVNGMIGLVTSLSESWYNLLLDMQNRLNKVIKSVGKIEHSFWRSFHTERKTEPATGFIDGDLIESFLDI
SRPKMQEVVANLQYDDGSGMKREATADDLIKVVEELTRIH
;
A,D,G
2 'polypeptide(L)'
;GGGRRQTESDWGKRCVDKFDIIGIIGEGTYGQVYKAKDKDTGELVALKKVRLDNEKEGFPITAIREIKILRQLIHRSVVN
MKEIVTDKQDALDFKKDKGAFYLVFEYMDHDLMGLLESGLVHFSEDHIKSFMKQLMEGLEYCHKKNFLHRDIKCSNILLN
NSGQIKLADFGLARLYNSEESRPY(TPO)NKVITLWYRPPELLLGEERYTPAIDVWSCGCILGELFTKKPIFQANLELAQ
LELISRLCGSPCPAVWPDVIRLPYFNTMKPKKQYRRRLREEFSFIPSAALDLLDHMLTLDPSKRCTAEQTLQSDFLKDVE
LSKMAPPDLPHWQDCHELWSKKRRRQRQ
;
B,E,H
3 'polypeptide(L)'
;GGGRMKENKENSSPSVTSANLDHTKPCWYWDKKDLAHTPSQLEGLDPATEARYRREGARFIFDVGTRLGLHYDTLATGII
YFHRFYMFHSFKQFPRYVTGACCLFLAGKVEETPKKCKDIIKTARSLLNDVQFGQFGDDPKEEVMVLERILLQTIKFDLQ
VEHPYQFLLKYAKQLKGDKNKIQKLVQMAWTFVNDSLCTTLSLQWEPEIIAVAVMYLAGRLCKFEIQEWTSKPMYRRWWE
QFVQDVPVDVLEDICHQILDLYSQGKQQMPH
;
C,F,I
#
# COMPACT_ATOMS: atom_id res chain seq x y z
N MET A 5 -18.33 56.89 13.21
CA MET A 5 -18.64 56.60 14.65
C MET A 5 -20.02 55.92 14.73
N SER A 6 -20.27 55.20 15.82
CA SER A 6 -21.54 54.53 16.05
C SER A 6 -22.19 55.01 17.34
N TYR A 7 -23.52 54.94 17.39
CA TYR A 7 -24.30 55.45 18.50
C TYR A 7 -25.26 54.38 18.99
N ASN A 8 -25.20 54.07 20.28
CA ASN A 8 -25.99 53.00 20.87
C ASN A 8 -26.47 53.41 22.26
N TYR A 9 -27.45 52.65 22.75
CA TYR A 9 -28.19 52.94 23.99
C TYR A 9 -28.32 51.62 24.74
N VAL A 10 -28.04 51.64 26.05
CA VAL A 10 -28.04 50.42 26.85
C VAL A 10 -28.86 50.65 28.12
N VAL A 11 -29.88 49.81 28.34
CA VAL A 11 -30.72 49.92 29.53
C VAL A 11 -30.81 48.56 30.24
N THR A 12 -31.12 48.64 31.53
CA THR A 12 -31.42 47.47 32.34
C THR A 12 -32.91 47.13 32.22
N ALA A 13 -33.20 45.88 31.86
CA ALA A 13 -34.57 45.38 31.88
C ALA A 13 -34.90 44.69 33.20
N GLN A 14 -33.95 43.98 33.78
CA GLN A 14 -34.09 43.38 35.10
C GLN A 14 -32.82 43.66 35.88
N LYS A 15 -32.96 44.18 37.09
CA LYS A 15 -31.80 44.53 37.89
C LYS A 15 -31.08 43.27 38.37
N PRO A 16 -29.81 43.39 38.75
CA PRO A 16 -29.10 42.23 39.29
C PRO A 16 -29.83 41.63 40.48
N THR A 17 -29.99 40.30 40.46
CA THR A 17 -30.71 39.58 41.50
C THR A 17 -29.83 38.76 42.42
N ALA A 18 -28.63 38.40 42.00
CA ALA A 18 -27.78 37.54 42.82
C ALA A 18 -27.31 38.29 44.06
N VAL A 19 -27.34 37.61 45.20
CA VAL A 19 -26.92 38.22 46.46
C VAL A 19 -25.40 38.09 46.56
N ASN A 20 -24.72 39.23 46.66
CA ASN A 20 -23.26 39.29 46.72
C ASN A 20 -22.74 39.53 48.13
N GLY A 21 -23.62 39.92 49.06
CA GLY A 21 -23.23 40.05 50.44
C GLY A 21 -24.39 40.60 51.23
N CYS A 22 -24.35 40.35 52.54
CA CYS A 22 -25.46 40.76 53.40
C CYS A 22 -25.00 40.86 54.84
N VAL A 23 -25.39 41.98 55.49
CA VAL A 23 -25.00 42.27 56.86
C VAL A 23 -26.24 42.69 57.64
N THR A 24 -26.10 42.66 58.96
CA THR A 24 -27.12 43.16 59.87
C THR A 24 -26.49 44.18 60.80
N GLY A 25 -27.35 44.98 61.40
CA GLY A 25 -26.91 46.01 62.34
C GLY A 25 -28.04 46.97 62.61
N HIS A 26 -27.65 48.17 62.99
CA HIS A 26 -28.60 49.21 63.41
C HIS A 26 -28.28 50.44 62.57
N PHE A 27 -28.68 50.39 61.30
CA PHE A 27 -28.28 51.38 60.32
C PHE A 27 -29.30 52.49 60.12
N THR A 28 -30.59 52.16 60.02
CA THR A 28 -31.59 53.19 59.78
C THR A 28 -31.93 53.95 61.06
N SER A 29 -31.90 53.27 62.20
CA SER A 29 -32.12 53.89 63.50
C SER A 29 -31.36 53.08 64.52
N ALA A 30 -30.92 53.73 65.59
CA ALA A 30 -30.21 53.01 66.64
C ALA A 30 -31.08 51.93 67.25
N GLU A 31 -32.38 51.96 66.97
CA GLU A 31 -33.39 51.07 67.54
C GLU A 31 -33.74 49.90 66.63
N ASP A 32 -33.93 50.13 65.34
CA ASP A 32 -34.32 49.06 64.42
C ASP A 32 -33.21 48.04 64.22
N LEU A 33 -33.60 46.83 63.86
CA LEU A 33 -32.68 45.82 63.37
C LEU A 33 -32.76 45.82 61.85
N ASN A 34 -31.66 46.14 61.20
CA ASN A 34 -31.63 46.27 59.75
C ASN A 34 -31.00 45.03 59.14
N LEU A 35 -31.35 44.80 57.88
CA LEU A 35 -30.68 43.83 57.03
C LEU A 35 -30.31 44.57 55.75
N LEU A 36 -29.02 44.72 55.50
CA LEU A 36 -28.54 45.33 54.27
C LEU A 36 -28.11 44.23 53.32
N ILE A 37 -28.77 44.16 52.17
CA ILE A 37 -28.47 43.17 51.14
C ILE A 37 -27.79 43.90 50.00
N ALA A 38 -26.66 43.38 49.53
CA ALA A 38 -25.92 43.96 48.43
C ALA A 38 -26.04 43.05 47.21
N LYS A 39 -26.68 43.54 46.17
CA LYS A 39 -26.58 42.95 44.84
C LYS A 39 -25.69 43.86 44.00
N ASN A 40 -25.11 43.29 42.94
CA ASN A 40 -24.10 44.02 42.18
C ASN A 40 -24.59 45.43 41.88
N THR A 41 -23.90 46.43 42.43
CA THR A 41 -24.20 47.84 42.24
C THR A 41 -25.47 48.30 42.96
N ARG A 42 -26.23 47.39 43.56
CA ARG A 42 -27.49 47.73 44.22
C ARG A 42 -27.41 47.42 45.71
N LEU A 43 -27.85 48.36 46.53
CA LEU A 43 -27.99 48.18 47.97
C LEU A 43 -29.45 48.20 48.38
N GLU A 44 -29.88 47.15 49.08
CA GLU A 44 -31.25 47.04 49.60
C GLU A 44 -31.20 47.12 51.12
N ILE A 45 -32.00 48.02 51.69
CA ILE A 45 -32.09 48.19 53.14
C ILE A 45 -33.45 47.67 53.58
N TYR A 46 -33.46 46.76 54.53
CA TYR A 46 -34.68 46.19 55.09
C TYR A 46 -34.70 46.41 56.60
N VAL A 47 -35.88 46.27 57.20
CA VAL A 47 -36.03 46.31 58.65
C VAL A 47 -36.67 44.99 59.08
N VAL A 48 -36.13 44.39 60.12
CA VAL A 48 -36.54 43.05 60.55
C VAL A 48 -37.80 43.16 61.39
N THR A 49 -38.81 42.38 61.02
CA THR A 49 -40.07 42.29 61.73
C THR A 49 -40.23 40.87 62.28
N ALA A 50 -41.38 40.59 62.89
CA ALA A 50 -41.65 39.23 63.34
C ALA A 50 -42.16 38.31 62.22
N GLU A 51 -42.59 38.85 61.08
CA GLU A 51 -43.07 38.03 59.98
C GLU A 51 -42.04 37.85 58.88
N GLY A 52 -41.18 38.85 58.68
CA GLY A 52 -40.25 38.85 57.58
C GLY A 52 -39.53 40.18 57.53
N LEU A 53 -39.35 40.71 56.33
CA LEU A 53 -38.60 41.94 56.12
C LEU A 53 -39.52 43.03 55.63
N ARG A 54 -39.36 44.22 56.18
CA ARG A 54 -40.05 45.39 55.66
C ARG A 54 -39.03 46.19 54.87
N PRO A 55 -39.17 46.32 53.55
CA PRO A 55 -38.23 47.16 52.80
C PRO A 55 -38.42 48.62 53.17
N VAL A 56 -37.32 49.38 53.14
CA VAL A 56 -37.38 50.78 53.52
C VAL A 56 -36.73 51.68 52.47
N LYS A 57 -35.67 51.20 51.82
CA LYS A 57 -34.93 52.06 50.90
C LYS A 57 -34.05 51.21 49.99
N GLU A 58 -33.93 51.63 48.73
CA GLU A 58 -32.97 51.05 47.81
C GLU A 58 -32.27 52.15 47.03
N VAL A 59 -30.94 52.06 46.96
CA VAL A 59 -30.14 53.01 46.19
C VAL A 59 -29.28 52.23 45.22
N GLY A 60 -28.91 52.90 44.12
CA GLY A 60 -27.89 52.40 43.22
C GLY A 60 -26.59 53.18 43.43
N MET A 61 -25.47 52.50 43.18
CA MET A 61 -24.15 53.10 43.26
C MET A 61 -23.44 52.93 41.93
N TYR A 62 -22.56 53.87 41.62
CA TYR A 62 -21.82 53.84 40.37
C TYR A 62 -20.53 53.03 40.54
N GLY A 63 -20.73 51.75 40.83
CA GLY A 63 -19.64 50.84 41.15
C GLY A 63 -20.14 49.49 41.62
N LYS A 64 -19.33 48.45 41.42
CA LYS A 64 -19.64 47.13 41.96
C LYS A 64 -19.30 47.13 43.45
N ILE A 65 -20.24 46.71 44.28
CA ILE A 65 -20.04 46.72 45.72
C ILE A 65 -19.12 45.55 46.08
N ALA A 66 -17.91 45.87 46.55
CA ALA A 66 -16.93 44.86 46.93
C ALA A 66 -16.90 44.60 48.43
N VAL A 67 -16.86 45.66 49.24
CA VAL A 67 -16.87 45.55 50.69
C VAL A 67 -18.13 46.24 51.21
N MET A 68 -18.78 45.61 52.21
CA MET A 68 -19.95 46.20 52.86
C MET A 68 -19.92 45.80 54.33
N GLU A 69 -19.80 46.78 55.22
CA GLU A 69 -19.68 46.50 56.64
C GLU A 69 -20.32 47.61 57.45
N LEU A 70 -20.96 47.23 58.55
CA LEU A 70 -21.57 48.19 59.48
C LEU A 70 -20.72 48.29 60.74
N PHE A 71 -20.54 49.52 61.22
CA PHE A 71 -19.75 49.81 62.41
C PHE A 71 -20.34 51.05 63.08
N ARG A 72 -20.02 51.21 64.36
CA ARG A 72 -20.54 52.33 65.14
C ARG A 72 -19.43 52.95 65.98
N PRO A 73 -18.80 54.02 65.52
CA PRO A 73 -17.73 54.63 66.32
C PRO A 73 -18.29 55.36 67.52
N LYS A 74 -17.48 55.40 68.59
CA LYS A 74 -17.88 56.11 69.79
C LYS A 74 -18.30 57.54 69.46
N GLY A 75 -19.48 57.92 69.93
CA GLY A 75 -20.06 59.22 69.67
C GLY A 75 -21.19 59.21 68.67
N GLU A 76 -21.35 58.12 67.93
CA GLU A 76 -22.46 58.00 66.98
C GLU A 76 -23.63 57.30 67.66
N SER A 77 -24.85 57.72 67.31
CA SER A 77 -26.03 57.08 67.86
C SER A 77 -26.32 55.74 67.20
N LYS A 78 -25.92 55.57 65.95
CA LYS A 78 -26.34 54.42 65.16
C LYS A 78 -25.19 54.01 64.25
N ASP A 79 -25.35 52.85 63.63
CA ASP A 79 -24.28 52.28 62.83
C ASP A 79 -24.07 53.08 61.56
N LEU A 80 -22.81 53.21 61.15
CA LEU A 80 -22.47 53.79 59.85
C LEU A 80 -22.07 52.66 58.91
N LEU A 81 -22.14 52.95 57.61
CA LEU A 81 -21.89 51.97 56.56
C LEU A 81 -20.63 52.33 55.80
N PHE A 82 -19.73 51.36 55.66
CA PHE A 82 -18.56 51.48 54.81
C PHE A 82 -18.77 50.64 53.56
N ILE A 83 -18.45 51.20 52.39
CA ILE A 83 -18.51 50.49 51.14
C ILE A 83 -17.28 50.85 50.32
N LEU A 84 -16.70 49.84 49.68
CA LEU A 84 -15.58 49.99 48.76
C LEU A 84 -15.98 49.34 47.45
N THR A 85 -15.84 50.06 46.34
CA THR A 85 -16.24 49.48 45.07
C THR A 85 -15.06 48.73 44.45
N ALA A 86 -15.37 47.94 43.42
CA ALA A 86 -14.34 47.17 42.75
C ALA A 86 -13.35 48.06 42.00
N LYS A 87 -13.72 49.30 41.70
CA LYS A 87 -12.77 50.27 41.17
C LYS A 87 -12.10 51.07 42.27
N TYR A 88 -12.22 50.60 43.52
CA TYR A 88 -11.52 51.13 44.69
C TYR A 88 -12.09 52.49 45.12
N ASN A 89 -13.36 52.72 44.86
CA ASN A 89 -14.04 53.89 45.40
C ASN A 89 -14.52 53.55 46.81
N ALA A 90 -14.01 54.27 47.80
CA ALA A 90 -14.39 54.07 49.19
C ALA A 90 -15.27 55.21 49.66
N CYS A 91 -16.11 54.92 50.65
CA CYS A 91 -16.99 55.93 51.23
C CYS A 91 -17.59 55.41 52.53
N ILE A 92 -17.97 56.35 53.40
CA ILE A 92 -18.73 56.07 54.61
C ILE A 92 -20.07 56.75 54.49
N LEU A 93 -21.15 56.01 54.76
CA LEU A 93 -22.50 56.45 54.48
C LEU A 93 -23.35 56.51 55.75
N GLU A 94 -24.31 57.44 55.78
CA GLU A 94 -25.28 57.55 56.86
C GLU A 94 -26.70 57.60 56.32
N TYR A 95 -27.60 56.90 56.99
CA TYR A 95 -29.03 56.96 56.73
C TYR A 95 -29.63 58.14 57.50
N LYS A 96 -30.37 58.99 56.80
CA LYS A 96 -31.03 60.13 57.43
C LYS A 96 -32.44 60.24 56.87
N GLN A 97 -33.41 60.38 57.76
CA GLN A 97 -34.82 60.39 57.40
C GLN A 97 -35.45 61.62 58.04
N SER A 98 -36.16 62.39 57.22
CA SER A 98 -36.85 63.59 57.67
C SER A 98 -38.32 63.37 57.35
N GLY A 99 -39.06 62.80 58.29
CA GLY A 99 -40.44 62.50 58.00
C GLY A 99 -40.50 61.46 56.90
N GLU A 100 -41.13 61.85 55.79
CA GLU A 100 -41.28 61.00 54.62
C GLU A 100 -40.07 61.00 53.70
N SER A 101 -39.13 61.94 53.91
CA SER A 101 -37.96 62.09 53.04
C SER A 101 -36.82 61.22 53.53
N ILE A 102 -36.47 60.18 52.78
CA ILE A 102 -35.34 59.31 53.09
C ILE A 102 -34.21 59.62 52.13
N ASP A 103 -33.02 59.88 52.66
CA ASP A 103 -31.85 60.14 51.83
C ASP A 103 -30.62 59.48 52.47
N ILE A 104 -29.59 59.25 51.66
CA ILE A 104 -28.35 58.64 52.10
C ILE A 104 -27.21 59.65 52.04
N ILE A 105 -26.52 59.82 53.18
CA ILE A 105 -25.50 60.84 53.36
C ILE A 105 -24.13 60.25 53.05
N THR A 106 -23.31 61.00 52.32
CA THR A 106 -21.91 60.62 52.07
C THR A 106 -21.04 61.37 53.08
N ARG A 107 -20.59 60.66 54.12
CA ARG A 107 -19.84 61.31 55.20
C ARG A 107 -18.35 61.46 54.89
N ALA A 108 -17.77 60.50 54.16
CA ALA A 108 -16.37 60.55 53.78
C ALA A 108 -16.24 59.76 52.48
N HIS A 109 -15.28 60.16 51.64
CA HIS A 109 -15.13 59.45 50.37
C HIS A 109 -13.76 59.71 49.76
N GLY A 110 -13.35 58.77 48.91
CA GLY A 110 -12.09 58.86 48.19
C GLY A 110 -11.82 57.56 47.47
N ASN A 111 -10.79 57.59 46.63
CA ASN A 111 -10.35 56.42 45.85
C ASN A 111 -9.00 55.96 46.40
N VAL A 112 -8.93 54.69 46.80
CA VAL A 112 -7.79 54.16 47.52
C VAL A 112 -6.85 53.35 46.62
N GLN A 113 -6.97 53.50 45.31
CA GLN A 113 -6.13 52.74 44.38
C GLN A 113 -4.67 53.17 44.52
N ASP A 114 -3.77 52.20 44.44
CA ASP A 114 -2.34 52.45 44.45
C ASP A 114 -1.80 52.49 43.03
N ARG A 115 -0.86 53.41 42.80
CA ARG A 115 -0.20 53.47 41.50
C ARG A 115 0.46 52.14 41.16
N ILE A 116 1.04 51.48 42.17
CA ILE A 116 1.76 50.22 41.97
C ILE A 116 1.26 49.19 42.97
N GLY A 117 0.92 48.00 42.47
CA GLY A 117 0.52 46.90 43.32
C GLY A 117 0.03 45.71 42.53
N ARG A 118 0.17 44.50 43.08
CA ARG A 118 -0.34 43.31 42.42
C ARG A 118 -1.65 42.90 43.06
N PRO A 119 -2.77 42.91 42.33
CA PRO A 119 -4.04 42.44 42.90
C PRO A 119 -3.95 41.01 43.42
N SER A 120 -4.53 40.78 44.60
CA SER A 120 -4.40 39.50 45.28
C SER A 120 -5.35 38.44 44.70
N GLU A 121 -4.96 37.16 44.89
CA GLU A 121 -5.73 36.06 44.32
C GLU A 121 -7.10 35.93 44.99
N THR A 122 -7.17 36.06 46.31
CA THR A 122 -8.42 35.91 47.03
C THR A 122 -9.24 37.20 47.08
N GLY A 123 -8.91 38.19 46.23
CA GLY A 123 -9.77 39.33 46.04
C GLY A 123 -9.68 40.34 47.17
N ILE A 124 -10.42 41.44 46.98
CA ILE A 124 -10.44 42.50 47.98
C ILE A 124 -11.04 41.96 49.28
N ILE A 125 -10.38 42.25 50.40
CA ILE A 125 -10.92 41.95 51.72
C ILE A 125 -10.97 43.25 52.51
N GLY A 126 -12.08 43.47 53.21
CA GLY A 126 -12.20 44.63 54.07
C GLY A 126 -12.73 44.24 55.44
N ILE A 127 -12.06 44.70 56.49
CA ILE A 127 -12.45 44.40 57.87
C ILE A 127 -12.30 45.68 58.68
N ILE A 128 -13.04 45.75 59.78
CA ILE A 128 -13.02 46.90 60.66
C ILE A 128 -12.75 46.46 62.09
N ASP A 129 -11.95 47.25 62.78
CA ASP A 129 -11.55 46.98 64.16
C ASP A 129 -12.78 46.90 65.06
N PRO A 130 -12.77 46.02 66.07
CA PRO A 130 -13.90 46.00 67.01
C PRO A 130 -14.10 47.32 67.74
N GLU A 131 -13.03 48.07 68.01
CA GLU A 131 -13.16 49.40 68.58
C GLU A 131 -13.31 50.47 67.51
N CYS A 132 -13.52 50.07 66.26
CA CYS A 132 -13.73 51.00 65.16
C CYS A 132 -12.67 52.10 65.13
N ARG A 133 -11.42 51.70 65.32
CA ARG A 133 -10.31 52.64 65.22
C ARG A 133 -9.80 52.78 63.79
N MET A 134 -9.96 51.75 62.97
CA MET A 134 -9.41 51.77 61.62
C MET A 134 -10.17 50.80 60.74
N ILE A 135 -10.04 51.00 59.43
CA ILE A 135 -10.51 50.07 58.41
C ILE A 135 -9.28 49.39 57.81
N GLY A 136 -9.29 48.06 57.79
CA GLY A 136 -8.24 47.31 57.13
C GLY A 136 -8.66 46.90 55.73
N LEU A 137 -7.75 47.08 54.78
CA LEU A 137 -7.99 46.70 53.39
C LEU A 137 -6.80 45.89 52.90
N ARG A 138 -7.08 44.73 52.31
CA ARG A 138 -6.07 43.90 51.62
C ARG A 138 -6.39 44.01 50.13
N LEU A 139 -5.73 44.96 49.46
CA LEU A 139 -5.95 45.15 48.03
C LEU A 139 -4.85 44.53 47.17
N TYR A 140 -3.60 44.53 47.63
CA TYR A 140 -2.48 44.06 46.84
C TYR A 140 -1.66 43.05 47.63
N ASP A 141 -1.06 42.11 46.91
CA ASP A 141 -0.14 41.17 47.52
C ASP A 141 0.97 41.93 48.22
N GLY A 142 1.29 41.51 49.43
CA GLY A 142 2.41 42.08 50.15
C GLY A 142 2.14 43.43 50.78
N LEU A 143 0.90 43.90 50.78
CA LEU A 143 0.58 45.21 51.36
C LEU A 143 -0.72 45.13 52.15
N PHE A 144 -0.76 45.90 53.24
CA PHE A 144 -1.95 46.04 54.09
C PHE A 144 -2.24 47.54 54.21
N LYS A 145 -3.40 47.96 53.72
CA LYS A 145 -3.76 49.37 53.70
C LYS A 145 -4.65 49.67 54.90
N VAL A 146 -4.35 50.78 55.59
CA VAL A 146 -5.07 51.18 56.78
C VAL A 146 -5.69 52.55 56.53
N ILE A 147 -7.00 52.61 56.65
CA ILE A 147 -7.71 53.90 56.73
C ILE A 147 -8.03 54.13 58.17
N PRO A 148 -7.34 55.03 58.89
CA PRO A 148 -7.68 55.31 60.29
C PRO A 148 -9.00 56.06 60.37
N LEU A 149 -9.86 55.65 61.30
CA LEU A 149 -11.18 56.24 61.43
C LEU A 149 -11.16 57.40 62.43
N ASP A 150 -10.40 58.44 62.09
CA ASP A 150 -10.43 59.69 62.83
C ASP A 150 -11.51 60.59 62.24
N ARG A 151 -12.04 61.48 63.09
CA ARG A 151 -13.09 62.39 62.67
C ARG A 151 -12.66 63.25 61.47
N ASP A 152 -11.37 63.56 61.38
CA ASP A 152 -10.89 64.48 60.37
C ASP A 152 -10.68 63.82 59.01
N ASN A 153 -10.68 62.50 58.96
CA ASN A 153 -10.36 61.78 57.72
C ASN A 153 -11.60 61.70 56.83
N LYS A 154 -12.03 62.88 56.37
CA LYS A 154 -13.20 62.93 55.50
C LYS A 154 -12.89 62.47 54.09
N GLU A 155 -11.61 62.49 53.69
CA GLU A 155 -11.19 62.00 52.38
C GLU A 155 -10.71 60.56 52.41
N LEU A 156 -10.74 59.91 53.58
CA LEU A 156 -10.31 58.52 53.72
C LEU A 156 -8.89 58.31 53.22
N LYS A 157 -7.98 59.17 53.66
CA LYS A 157 -6.56 58.98 53.36
C LYS A 157 -6.03 57.77 54.12
N ALA A 158 -5.07 57.07 53.51
CA ALA A 158 -4.59 55.81 54.06
C ALA A 158 -3.13 55.61 53.71
N PHE A 159 -2.49 54.71 54.47
CA PHE A 159 -1.09 54.35 54.29
C PHE A 159 -0.94 52.84 54.21
N ASN A 160 0.15 52.40 53.59
CA ASN A 160 0.44 50.98 53.44
C ASN A 160 1.52 50.55 54.42
N ILE A 161 1.33 49.37 55.01
CA ILE A 161 2.33 48.71 55.83
C ILE A 161 2.88 47.55 55.02
N ARG A 162 4.20 47.45 54.93
CA ARG A 162 4.79 46.30 54.26
C ARG A 162 4.38 45.01 54.96
N LEU A 163 3.95 44.03 54.17
CA LEU A 163 3.52 42.74 54.68
C LEU A 163 4.40 41.68 54.05
N GLU A 164 5.10 40.92 54.88
CA GLU A 164 6.04 39.92 54.37
C GLU A 164 5.28 38.78 53.68
N GLU A 165 4.17 38.35 54.27
CA GLU A 165 3.42 37.19 53.78
C GLU A 165 2.66 37.61 52.54
N LEU A 166 3.16 37.20 51.37
CA LEU A 166 2.63 37.72 50.10
C LEU A 166 1.27 37.12 49.77
N HIS A 167 1.10 35.82 50.02
CA HIS A 167 -0.11 35.11 49.60
C HIS A 167 -0.98 34.91 50.82
N VAL A 168 -1.92 35.84 51.03
CA VAL A 168 -2.83 35.81 52.16
C VAL A 168 -4.17 35.23 51.72
N ILE A 169 -4.73 34.36 52.54
CA ILE A 169 -5.99 33.72 52.23
C ILE A 169 -7.18 34.50 52.80
N ASP A 170 -7.16 34.80 54.09
CA ASP A 170 -8.24 35.54 54.73
C ASP A 170 -7.70 36.19 56.00
N VAL A 171 -8.34 37.30 56.40
CA VAL A 171 -7.91 38.05 57.57
C VAL A 171 -9.13 38.64 58.27
N LYS A 172 -9.00 38.81 59.58
CA LYS A 172 -10.03 39.44 60.41
C LYS A 172 -9.33 40.19 61.53
N PHE A 173 -9.99 41.24 62.03
CA PHE A 173 -9.56 41.88 63.26
C PHE A 173 -10.07 41.05 64.43
N LEU A 174 -9.21 40.80 65.41
CA LEU A 174 -9.54 39.93 66.54
C LEU A 174 -10.15 40.73 67.68
N TYR A 175 -10.92 40.03 68.52
CA TYR A 175 -11.57 40.61 69.68
C TYR A 175 -10.71 40.37 70.92
N GLY A 176 -10.82 41.27 71.89
CA GLY A 176 -10.17 41.06 73.17
C GLY A 176 -8.68 41.32 73.22
N CYS A 177 -8.18 42.27 72.44
CA CYS A 177 -6.76 42.55 72.36
C CYS A 177 -6.42 43.95 72.85
N GLN A 178 -5.25 44.05 73.50
CA GLN A 178 -4.80 45.31 74.06
C GLN A 178 -4.63 46.37 72.98
N ALA A 179 -4.19 45.96 71.79
CA ALA A 179 -4.06 46.80 70.63
C ALA A 179 -4.86 46.22 69.46
N PRO A 180 -5.11 47.00 68.41
CA PRO A 180 -5.71 46.42 67.20
C PRO A 180 -4.85 45.29 66.65
N THR A 181 -5.45 44.11 66.51
CA THR A 181 -4.75 42.89 66.13
C THR A 181 -5.44 42.20 64.98
N ILE A 182 -4.66 41.74 64.00
CA ILE A 182 -5.16 40.98 62.86
C ILE A 182 -4.73 39.52 62.97
N CYS A 183 -5.61 38.62 62.54
CA CYS A 183 -5.33 37.21 62.42
C CYS A 183 -5.53 36.84 60.96
N PHE A 184 -4.55 36.16 60.36
CA PHE A 184 -4.63 35.86 58.94
C PHE A 184 -4.03 34.50 58.67
N VAL A 185 -4.61 33.80 57.70
CA VAL A 185 -4.07 32.58 57.14
C VAL A 185 -3.35 32.95 55.86
N TYR A 186 -2.12 32.47 55.71
CA TYR A 186 -1.33 32.77 54.52
C TYR A 186 -0.74 31.48 53.98
N GLN A 187 -0.30 31.55 52.73
CA GLN A 187 0.28 30.41 52.05
C GLN A 187 1.69 30.75 51.58
N ASP A 188 2.63 29.89 51.89
CA ASP A 188 4.00 29.96 51.39
C ASP A 188 4.30 28.52 50.95
N PRO A 189 5.51 28.23 50.45
CA PRO A 189 5.76 26.87 49.94
C PRO A 189 5.64 25.76 50.97
N GLN A 190 5.71 26.07 52.26
CA GLN A 190 5.69 25.03 53.29
C GLN A 190 4.27 24.67 53.72
N GLY A 191 3.26 25.20 53.05
CA GLY A 191 1.89 24.99 53.45
C GLY A 191 1.19 26.28 53.86
N ARG A 192 0.11 26.15 54.61
CA ARG A 192 -0.62 27.30 55.11
C ARG A 192 -0.43 27.42 56.61
N HIS A 193 -0.36 28.66 57.08
CA HIS A 193 -0.08 28.95 58.47
C HIS A 193 -1.04 30.02 58.93
N VAL A 194 -1.33 30.02 60.23
CA VAL A 194 -2.11 31.07 60.87
C VAL A 194 -1.14 31.91 61.68
N LYS A 195 -1.19 33.23 61.50
CA LYS A 195 -0.25 34.16 62.11
C LYS A 195 -1.02 35.39 62.57
N THR A 196 -0.43 36.13 63.52
CA THR A 196 -1.03 37.35 64.04
C THR A 196 -0.03 38.50 64.05
N TYR A 197 -0.55 39.72 63.87
CA TYR A 197 0.23 40.94 63.98
C TYR A 197 -0.59 41.99 64.74
N GLU A 198 0.10 42.98 65.31
CA GLU A 198 -0.54 44.15 65.90
C GLU A 198 -0.36 45.36 64.98
N VAL A 199 -1.39 46.21 64.92
CA VAL A 199 -1.39 47.37 64.03
C VAL A 199 -1.25 48.63 64.87
N SER A 200 -0.19 49.41 64.59
CA SER A 200 0.11 50.64 65.33
C SER A 200 -0.16 51.86 64.45
N LEU A 201 -1.22 52.61 64.77
CA LEU A 201 -1.50 53.84 64.03
C LEU A 201 -0.42 54.89 64.30
N ARG A 202 0.19 54.88 65.48
CA ARG A 202 1.21 55.86 65.82
C ARG A 202 2.50 55.60 65.05
N GLU A 203 2.96 54.34 65.04
CA GLU A 203 4.19 53.99 64.32
C GLU A 203 3.95 53.69 62.83
N LYS A 204 2.71 53.37 62.44
CA LYS A 204 2.40 53.04 61.05
C LYS A 204 3.22 51.84 60.58
N GLU A 205 3.21 50.78 61.39
CA GLU A 205 3.85 49.52 61.04
C GLU A 205 3.23 48.41 61.89
N PHE A 206 3.59 47.17 61.58
CA PHE A 206 3.22 46.03 62.39
C PHE A 206 4.19 45.86 63.56
N ASN A 207 3.68 45.34 64.66
CA ASN A 207 4.49 44.87 65.77
C ASN A 207 4.14 43.40 66.03
N LYS A 208 5.02 42.73 66.77
CA LYS A 208 4.83 41.30 67.03
C LYS A 208 3.45 41.06 67.63
N GLY A 209 2.77 40.03 67.12
CA GLY A 209 1.41 39.72 67.49
C GLY A 209 1.28 38.89 68.74
N PRO A 210 0.06 38.75 69.25
CA PRO A 210 -0.13 38.07 70.53
C PRO A 210 0.20 36.58 70.55
N TRP A 211 -0.04 35.82 69.48
CA TRP A 211 0.27 34.40 69.56
C TRP A 211 0.99 33.88 68.32
N LYS A 212 1.81 32.85 68.54
CA LYS A 212 2.75 32.41 67.52
C LYS A 212 2.02 31.68 66.39
N GLN A 213 2.74 31.47 65.29
CA GLN A 213 2.17 30.77 64.16
C GLN A 213 1.91 29.31 64.52
N GLU A 214 0.84 28.77 63.97
CA GLU A 214 0.55 27.34 64.04
C GLU A 214 0.34 26.89 62.61
N ASN A 215 0.83 25.70 62.28
CA ASN A 215 0.55 25.14 60.96
C ASN A 215 -0.90 24.69 60.88
N VAL A 216 -1.55 25.02 59.76
CA VAL A 216 -2.98 24.76 59.60
C VAL A 216 -3.18 23.92 58.33
N GLU A 217 -4.43 23.50 58.15
CA GLU A 217 -4.81 22.69 56.99
C GLU A 217 -4.38 23.36 55.69
N ALA A 218 -4.04 22.53 54.71
CA ALA A 218 -3.57 23.03 53.42
C ALA A 218 -4.62 23.85 52.69
N GLU A 219 -5.91 23.51 52.87
CA GLU A 219 -7.01 24.23 52.25
C GLU A 219 -7.79 25.06 53.26
N ALA A 220 -7.12 25.60 54.27
CA ALA A 220 -7.72 26.55 55.21
C ALA A 220 -8.28 27.76 54.46
N SER A 221 -9.60 27.97 54.57
CA SER A 221 -10.33 28.91 53.73
C SER A 221 -10.75 30.20 54.42
N MET A 222 -11.26 30.15 55.66
CA MET A 222 -11.91 31.30 56.25
C MET A 222 -11.49 31.47 57.70
N VAL A 223 -11.47 32.73 58.15
CA VAL A 223 -11.08 33.11 59.50
C VAL A 223 -12.31 33.70 60.20
N ILE A 224 -12.56 33.25 61.42
CA ILE A 224 -13.65 33.75 62.24
C ILE A 224 -13.08 34.39 63.50
N ALA A 225 -13.38 35.66 63.72
CA ALA A 225 -13.03 36.36 64.97
C ALA A 225 -14.13 36.09 66.00
N VAL A 226 -13.80 35.39 67.07
CA VAL A 226 -14.76 34.97 68.09
C VAL A 226 -14.88 36.05 69.16
N PRO A 227 -16.08 36.31 69.70
CA PRO A 227 -16.24 37.44 70.65
C PRO A 227 -15.56 37.19 71.99
N GLU A 228 -15.62 38.22 72.83
CA GLU A 228 -14.75 38.30 74.00
C GLU A 228 -14.92 37.17 75.02
N PRO A 229 -16.10 36.58 75.24
CA PRO A 229 -16.17 35.51 76.26
C PRO A 229 -15.11 34.44 76.05
N PHE A 230 -14.89 34.04 74.79
CA PHE A 230 -13.86 33.07 74.45
C PHE A 230 -12.58 33.75 73.97
N GLY A 231 -12.71 34.64 72.99
CA GLY A 231 -11.57 35.27 72.34
C GLY A 231 -10.94 34.36 71.32
N GLY A 232 -9.99 34.88 70.59
CA GLY A 232 -9.25 34.08 69.63
C GLY A 232 -9.96 33.97 68.29
N ALA A 233 -9.62 32.92 67.55
CA ALA A 233 -10.13 32.74 66.19
C ALA A 233 -10.41 31.27 65.91
N ILE A 234 -11.31 31.04 64.95
CA ILE A 234 -11.63 29.71 64.43
C ILE A 234 -11.28 29.68 62.95
N ILE A 235 -10.66 28.57 62.52
CA ILE A 235 -10.18 28.41 61.15
C ILE A 235 -10.96 27.27 60.50
N ILE A 236 -11.68 27.57 59.42
CA ILE A 236 -12.50 26.60 58.70
C ILE A 236 -11.71 26.10 57.49
N GLY A 237 -11.69 24.78 57.30
CA GLY A 237 -11.03 24.18 56.14
C GLY A 237 -11.96 23.32 55.32
N GLN A 238 -11.40 22.35 54.59
CA GLN A 238 -12.18 21.35 53.88
C GLN A 238 -12.49 20.17 54.78
N GLU A 239 -11.53 19.74 55.62
CA GLU A 239 -11.74 18.60 56.49
C GLU A 239 -11.83 18.93 57.97
N SER A 240 -11.26 20.04 58.42
CA SER A 240 -11.17 20.29 59.86
C SER A 240 -11.51 21.72 60.21
N ILE A 241 -12.01 21.90 61.43
CA ILE A 241 -12.24 23.19 62.04
C ILE A 241 -11.37 23.26 63.28
N THR A 242 -10.61 24.34 63.42
CA THR A 242 -9.67 24.50 64.53
C THR A 242 -9.89 25.85 65.19
N TYR A 243 -9.65 25.87 66.50
CA TYR A 243 -9.72 27.09 67.30
C TYR A 243 -8.35 27.38 67.87
N HIS A 244 -7.91 28.62 67.76
CA HIS A 244 -6.60 29.06 68.24
C HIS A 244 -6.79 30.26 69.14
N ASN A 245 -6.12 30.26 70.30
CA ASN A 245 -6.07 31.45 71.15
C ASN A 245 -4.84 31.28 72.05
N GLY A 246 -3.73 31.85 71.60
CA GLY A 246 -2.48 31.72 72.35
C GLY A 246 -2.07 30.26 72.46
N ASP A 247 -2.03 29.75 73.70
CA ASP A 247 -1.61 28.38 73.93
C ASP A 247 -2.71 27.38 73.66
N LYS A 248 -3.96 27.82 73.63
CA LYS A 248 -5.09 26.91 73.47
C LYS A 248 -5.21 26.50 72.01
N TYR A 249 -5.41 25.20 71.79
CA TYR A 249 -5.57 24.66 70.43
C TYR A 249 -6.56 23.52 70.47
N LEU A 250 -7.61 23.61 69.65
CA LEU A 250 -8.58 22.55 69.46
C LEU A 250 -8.72 22.23 67.99
N ALA A 251 -9.16 21.00 67.70
CA ALA A 251 -9.40 20.59 66.31
C ALA A 251 -10.47 19.52 66.31
N ILE A 252 -11.56 19.78 65.58
CA ILE A 252 -12.61 18.80 65.30
C ILE A 252 -12.59 18.54 63.81
N ALA A 253 -12.66 17.27 63.43
CA ALA A 253 -12.61 16.86 62.02
C ALA A 253 -13.74 15.88 61.74
N PRO A 254 -14.97 16.33 61.84
CA PRO A 254 -16.11 15.44 61.62
C PRO A 254 -16.21 15.05 60.16
N PRO A 255 -16.47 13.79 59.85
CA PRO A 255 -16.49 13.37 58.44
C PRO A 255 -17.55 14.06 57.60
N ILE A 256 -18.57 14.69 58.21
CA ILE A 256 -19.70 15.17 57.44
C ILE A 256 -19.29 16.36 56.57
N ILE A 257 -18.41 17.22 57.08
CA ILE A 257 -18.04 18.42 56.34
C ILE A 257 -17.09 18.12 55.18
N LYS A 258 -16.35 17.00 55.25
CA LYS A 258 -15.45 16.64 54.17
C LYS A 258 -16.19 16.50 52.84
N GLN A 259 -17.47 16.15 52.89
CA GLN A 259 -18.24 15.90 51.68
C GLN A 259 -18.42 17.14 50.83
N SER A 260 -18.53 18.33 51.44
CA SER A 260 -18.76 19.52 50.66
C SER A 260 -18.02 20.71 51.28
N THR A 261 -17.41 21.50 50.40
CA THR A 261 -16.63 22.65 50.84
C THR A 261 -17.52 23.67 51.54
N ILE A 262 -17.07 24.15 52.69
CA ILE A 262 -17.79 25.18 53.43
C ILE A 262 -17.35 26.55 52.92
N VAL A 263 -18.33 27.40 52.61
CA VAL A 263 -18.06 28.66 51.93
C VAL A 263 -18.47 29.88 52.73
N CYS A 264 -19.41 29.78 53.66
CA CYS A 264 -19.88 30.95 54.39
C CYS A 264 -20.02 30.66 55.87
N HIS A 265 -19.94 31.74 56.67
CA HIS A 265 -20.07 31.66 58.12
C HIS A 265 -20.78 32.92 58.62
N ASN A 266 -21.42 32.79 59.79
CA ASN A 266 -22.05 33.94 60.45
C ASN A 266 -22.28 33.58 61.91
N ARG A 267 -22.13 34.58 62.79
CA ARG A 267 -22.31 34.39 64.22
C ARG A 267 -23.79 34.48 64.60
N VAL A 268 -24.23 33.55 65.47
CA VAL A 268 -25.62 33.51 65.92
C VAL A 268 -25.74 34.22 67.27
N ASP A 269 -25.08 33.67 68.28
CA ASP A 269 -25.12 34.23 69.63
C ASP A 269 -24.04 35.27 69.78
N PRO A 270 -24.37 36.52 70.13
CA PRO A 270 -23.32 37.50 70.39
C PRO A 270 -22.23 36.97 71.30
N ASN A 271 -22.54 36.00 72.17
CA ASN A 271 -21.51 35.41 73.01
C ASN A 271 -20.44 34.72 72.17
N GLY A 272 -20.80 34.28 70.98
CA GLY A 272 -19.94 33.47 70.16
C GLY A 272 -20.12 32.00 70.44
N SER A 273 -21.15 31.64 71.21
CA SER A 273 -21.40 30.26 71.57
C SER A 273 -21.82 29.45 70.35
N ARG A 274 -22.48 30.09 69.39
CA ARG A 274 -22.99 29.38 68.22
C ARG A 274 -22.74 30.17 66.94
N TYR A 275 -22.37 29.43 65.89
CA TYR A 275 -22.14 29.96 64.55
C TYR A 275 -22.89 29.11 63.52
N LEU A 276 -23.22 29.72 62.38
CA LEU A 276 -23.76 28.99 61.24
C LEU A 276 -22.67 28.78 60.19
N LEU A 277 -22.72 27.63 59.54
CA LEU A 277 -21.82 27.28 58.44
C LEU A 277 -22.64 26.72 57.28
N GLY A 278 -22.28 27.12 56.07
CA GLY A 278 -22.91 26.58 54.87
C GLY A 278 -21.87 26.08 53.90
N ASP A 279 -22.26 25.08 53.11
CA ASP A 279 -21.34 24.43 52.18
C ASP A 279 -21.92 24.44 50.78
N MET A 280 -21.07 24.07 49.82
CA MET A 280 -21.44 24.22 48.41
C MET A 280 -22.61 23.33 48.02
N GLU A 281 -22.79 22.21 48.71
CA GLU A 281 -23.94 21.35 48.43
C GLU A 281 -25.23 21.91 49.05
N GLY A 282 -25.16 23.07 49.69
CA GLY A 282 -26.31 23.72 50.27
C GLY A 282 -26.61 23.35 51.71
N ARG A 283 -25.81 22.51 52.34
CA ARG A 283 -26.12 22.10 53.70
C ARG A 283 -25.86 23.26 54.65
N LEU A 284 -26.63 23.29 55.74
CA LEU A 284 -26.51 24.31 56.76
C LEU A 284 -26.19 23.60 58.07
N PHE A 285 -25.06 23.96 58.67
CA PHE A 285 -24.59 23.36 59.90
C PHE A 285 -24.67 24.37 61.05
N MET A 286 -24.65 23.85 62.28
CA MET A 286 -24.49 24.66 63.47
C MET A 286 -23.15 24.31 64.12
N LEU A 287 -22.30 25.31 64.30
CA LEU A 287 -21.03 25.13 65.00
C LEU A 287 -21.20 25.63 66.43
N LEU A 288 -20.95 24.75 67.39
CA LEU A 288 -21.25 25.02 68.80
C LEU A 288 -19.95 25.15 69.59
N LEU A 289 -19.85 26.21 70.38
CA LEU A 289 -18.70 26.40 71.28
C LEU A 289 -19.14 26.02 72.69
N GLU A 290 -18.63 24.88 73.17
CA GLU A 290 -18.97 24.36 74.48
C GLU A 290 -18.08 25.01 75.53
N LYS A 291 -18.69 25.74 76.46
CA LYS A 291 -17.96 26.47 77.46
C LYS A 291 -17.68 25.64 78.70
N GLU A 292 -16.59 25.98 79.39
CA GLU A 292 -16.31 25.45 80.72
C GLU A 292 -15.78 26.58 81.59
N GLU A 293 -16.50 26.90 82.66
CA GLU A 293 -16.11 27.95 83.60
C GLU A 293 -15.15 27.39 84.65
N GLN A 294 -14.03 28.09 84.87
CA GLN A 294 -13.01 27.70 85.84
C GLN A 294 -13.21 28.42 87.18
N MET A 295 -12.50 27.95 88.21
CA MET A 295 -12.60 28.60 89.52
C MET A 295 -12.13 30.05 89.48
N ASP A 296 -11.29 30.43 88.51
CA ASP A 296 -10.92 31.83 88.40
C ASP A 296 -12.12 32.73 88.13
N GLY A 297 -13.27 32.16 87.79
CA GLY A 297 -14.32 32.91 87.16
C GLY A 297 -14.18 33.00 85.66
N THR A 298 -13.04 32.57 85.12
CA THR A 298 -12.78 32.67 83.70
C THR A 298 -13.35 31.45 82.99
N VAL A 299 -13.85 31.67 81.78
CA VAL A 299 -14.46 30.64 80.96
C VAL A 299 -13.48 30.32 79.85
N THR A 300 -13.21 29.04 79.64
CA THR A 300 -12.37 28.58 78.55
C THR A 300 -13.22 27.77 77.59
N LEU A 301 -12.73 27.64 76.36
CA LEU A 301 -13.44 26.87 75.35
C LEU A 301 -13.11 25.40 75.57
N LYS A 302 -14.15 24.60 75.85
CA LYS A 302 -13.94 23.19 76.21
C LYS A 302 -13.83 22.31 74.97
N ASP A 303 -14.74 22.48 74.00
CA ASP A 303 -14.75 21.62 72.83
C ASP A 303 -15.58 22.29 71.75
N LEU A 304 -15.44 21.77 70.52
CA LEU A 304 -16.26 22.21 69.39
C LEU A 304 -17.08 21.03 68.89
N ARG A 305 -18.30 21.33 68.46
CA ARG A 305 -19.24 20.34 67.95
C ARG A 305 -19.86 20.91 66.69
N VAL A 306 -20.17 20.03 65.74
CA VAL A 306 -20.85 20.42 64.51
C VAL A 306 -22.11 19.58 64.39
N GLU A 307 -23.24 20.25 64.13
CA GLU A 307 -24.53 19.60 64.01
C GLU A 307 -25.20 20.05 62.72
N LEU A 308 -25.66 19.08 61.93
CA LEU A 308 -26.36 19.37 60.68
C LEU A 308 -27.79 19.78 60.97
N LEU A 309 -28.20 20.93 60.43
CA LEU A 309 -29.54 21.46 60.62
C LEU A 309 -30.50 21.09 59.49
N GLY A 310 -30.04 21.16 58.25
CA GLY A 310 -30.90 20.88 57.11
C GLY A 310 -30.25 21.35 55.83
N GLU A 311 -31.07 21.74 54.87
CA GLU A 311 -30.58 22.15 53.56
C GLU A 311 -31.16 23.51 53.21
N THR A 312 -30.31 24.37 52.69
CA THR A 312 -30.70 25.68 52.17
C THR A 312 -30.20 25.79 50.74
N SER A 313 -30.55 26.90 50.09
CA SER A 313 -29.95 27.22 48.80
C SER A 313 -28.47 27.49 48.98
N ILE A 314 -27.68 27.10 47.98
CA ILE A 314 -26.24 27.29 48.02
C ILE A 314 -25.99 28.78 48.27
N ALA A 315 -25.45 29.14 49.41
CA ALA A 315 -25.43 30.52 49.87
C ALA A 315 -24.07 31.16 49.73
N GLU A 316 -24.04 32.36 49.12
CA GLU A 316 -22.84 33.19 49.19
C GLU A 316 -22.69 33.82 50.56
N CYS A 317 -23.81 34.25 51.18
CA CYS A 317 -23.74 34.87 52.48
C CYS A 317 -24.90 34.34 53.32
N LEU A 318 -24.65 34.11 54.60
CA LEU A 318 -25.69 33.88 55.58
C LEU A 318 -25.72 35.05 56.54
N THR A 319 -26.89 35.32 57.11
CA THR A 319 -26.98 36.26 58.22
C THR A 319 -28.18 35.88 59.07
N TYR A 320 -27.92 35.60 60.35
CA TYR A 320 -28.98 35.32 61.31
C TYR A 320 -29.63 36.63 61.72
N LEU A 321 -30.96 36.65 61.72
CA LEU A 321 -31.68 37.87 62.07
C LEU A 321 -32.16 37.87 63.51
N ASP A 322 -33.22 37.11 63.81
CA ASP A 322 -33.74 37.07 65.16
C ASP A 322 -34.64 35.86 65.30
N ASN A 323 -34.84 35.45 66.55
CA ASN A 323 -35.75 34.33 66.84
C ASN A 323 -35.13 33.13 66.12
N GLY A 324 -35.88 32.42 65.28
CA GLY A 324 -35.34 31.34 64.48
C GLY A 324 -35.09 31.67 63.02
N VAL A 325 -35.14 32.94 62.63
CA VAL A 325 -35.14 33.33 61.23
C VAL A 325 -33.74 33.64 60.75
N VAL A 326 -33.38 33.06 59.59
CA VAL A 326 -32.09 33.24 58.95
C VAL A 326 -32.33 33.70 57.52
N PHE A 327 -31.57 34.68 57.07
CA PHE A 327 -31.60 35.08 55.67
C PHE A 327 -30.48 34.38 54.91
N VAL A 328 -30.84 33.71 53.82
CA VAL A 328 -29.90 32.97 52.99
C VAL A 328 -29.70 33.77 51.71
N GLY A 329 -28.53 34.41 51.59
CA GLY A 329 -28.21 35.15 50.39
C GLY A 329 -27.45 34.30 49.39
N SER A 330 -28.08 33.99 48.26
CA SER A 330 -27.53 33.06 47.29
C SER A 330 -27.16 33.77 46.00
N ARG A 331 -26.02 33.38 45.45
CA ARG A 331 -25.59 33.85 44.14
C ARG A 331 -25.95 32.89 43.03
N LEU A 332 -26.07 31.60 43.34
CA LEU A 332 -26.33 30.63 42.30
C LEU A 332 -27.81 30.33 42.16
N GLY A 333 -28.57 30.47 43.24
CA GLY A 333 -29.99 30.19 43.19
C GLY A 333 -30.77 31.17 44.03
N ASP A 334 -32.05 30.87 44.24
CA ASP A 334 -32.92 31.81 44.94
C ASP A 334 -32.47 32.01 46.38
N SER A 335 -32.55 33.26 46.83
CA SER A 335 -32.30 33.60 48.23
C SER A 335 -33.53 33.28 49.06
N GLN A 336 -33.36 33.24 50.38
CA GLN A 336 -34.43 32.75 51.22
C GLN A 336 -34.46 33.38 52.60
N LEU A 337 -35.63 33.31 53.21
CA LEU A 337 -35.80 33.34 54.66
C LEU A 337 -36.18 31.93 55.11
N VAL A 338 -35.45 31.40 56.08
CA VAL A 338 -35.74 30.08 56.62
C VAL A 338 -35.82 30.20 58.14
N LYS A 339 -36.64 29.37 58.76
CA LYS A 339 -36.76 29.35 60.21
C LYS A 339 -36.10 28.09 60.75
N LEU A 340 -35.26 28.27 61.76
CA LEU A 340 -34.61 27.17 62.45
C LEU A 340 -35.44 26.80 63.67
N ASN A 341 -35.85 25.54 63.74
CA ASN A 341 -36.68 25.06 64.84
C ASN A 341 -35.82 24.29 65.82
N VAL A 342 -36.25 24.31 67.09
CA VAL A 342 -35.55 23.54 68.11
C VAL A 342 -35.81 22.04 67.91
N ASP A 343 -37.01 21.70 67.48
CA ASP A 343 -37.38 20.32 67.20
C ASP A 343 -37.31 20.05 65.71
N SER A 344 -36.76 18.90 65.35
CA SER A 344 -36.72 18.46 63.98
C SER A 344 -38.11 18.05 63.52
N ASN A 345 -38.34 18.09 62.21
CA ASN A 345 -39.61 17.63 61.66
C ASN A 345 -39.49 16.12 61.47
N GLU A 346 -40.51 15.51 60.87
CA GLU A 346 -40.51 14.05 60.78
C GLU A 346 -39.42 13.53 59.86
N GLN A 347 -38.82 14.39 59.04
CA GLN A 347 -37.72 13.97 58.16
C GLN A 347 -36.36 14.15 58.81
N GLY A 348 -36.31 14.71 60.02
CA GLY A 348 -35.06 14.97 60.71
C GLY A 348 -34.52 16.36 60.54
N SER A 349 -35.23 17.24 59.84
CA SER A 349 -34.73 18.56 59.51
C SER A 349 -35.19 19.59 60.54
N TYR A 350 -34.30 20.52 60.86
CA TYR A 350 -34.62 21.65 61.72
C TYR A 350 -34.91 22.92 60.94
N VAL A 351 -34.87 22.85 59.61
CA VAL A 351 -34.99 24.03 58.76
C VAL A 351 -36.27 23.91 57.96
N VAL A 352 -37.07 24.98 57.95
CA VAL A 352 -38.31 25.04 57.18
C VAL A 352 -38.36 26.38 56.48
N ALA A 353 -38.54 26.34 55.16
CA ALA A 353 -38.50 27.54 54.34
C ALA A 353 -39.69 28.45 54.61
N MET A 354 -39.43 29.76 54.72
CA MET A 354 -40.49 30.75 54.87
C MET A 354 -40.85 31.45 53.57
N GLU A 355 -39.92 32.22 53.01
CA GLU A 355 -40.13 32.97 51.80
C GLU A 355 -39.02 32.66 50.81
N THR A 356 -39.31 32.92 49.53
CA THR A 356 -38.37 32.67 48.47
C THR A 356 -38.27 33.92 47.60
N PHE A 357 -37.05 34.46 47.48
CA PHE A 357 -36.78 35.67 46.72
C PHE A 357 -36.17 35.26 45.39
N THR A 358 -36.81 35.65 44.30
CA THR A 358 -36.37 35.23 42.97
C THR A 358 -34.95 35.67 42.67
N ASN A 359 -34.14 34.74 42.16
CA ASN A 359 -32.82 35.02 41.63
C ASN A 359 -32.69 34.34 40.28
N LEU A 360 -32.52 35.13 39.21
CA LEU A 360 -32.28 34.53 37.90
C LEU A 360 -30.92 33.85 37.82
N GLY A 361 -30.14 33.86 38.90
CA GLY A 361 -28.90 33.11 38.97
C GLY A 361 -28.01 33.44 37.79
N PRO A 362 -26.93 32.67 37.63
CA PRO A 362 -26.13 32.79 36.41
C PRO A 362 -26.99 32.44 35.19
N ILE A 363 -27.06 33.35 34.23
CA ILE A 363 -27.77 33.10 32.98
C ILE A 363 -26.73 32.56 32.00
N VAL A 364 -26.69 31.23 31.84
CA VAL A 364 -25.66 30.62 31.00
C VAL A 364 -26.01 30.75 29.53
N ASP A 365 -27.30 30.72 29.19
CA ASP A 365 -27.75 30.88 27.82
C ASP A 365 -29.23 31.25 27.90
N MET A 366 -29.78 31.72 26.78
CA MET A 366 -31.21 32.05 26.76
C MET A 366 -31.66 32.23 25.32
N CYS A 367 -32.96 32.13 25.13
CA CYS A 367 -33.56 32.36 23.82
C CYS A 367 -34.92 33.04 23.99
N VAL A 368 -35.33 33.76 22.95
CA VAL A 368 -36.62 34.45 22.91
C VAL A 368 -37.55 33.68 21.99
N VAL A 369 -38.76 33.38 22.47
CA VAL A 369 -39.70 32.55 21.73
C VAL A 369 -41.10 33.04 22.05
N ASP A 370 -41.95 33.11 21.03
CA ASP A 370 -43.35 33.52 21.18
C ASP A 370 -44.20 32.27 21.42
N LEU A 371 -44.27 31.87 22.70
CA LEU A 371 -44.96 30.62 23.03
C LEU A 371 -46.45 30.66 22.71
N GLU A 372 -47.08 31.82 22.91
CA GLU A 372 -48.53 31.96 22.77
C GLU A 372 -48.97 32.68 21.48
N ARG A 373 -48.08 32.80 20.49
CA ARG A 373 -48.41 33.46 19.22
C ARG A 373 -48.93 34.89 19.42
N GLN A 374 -48.24 35.64 20.28
CA GLN A 374 -48.70 36.95 20.70
C GLN A 374 -48.00 38.12 20.04
N GLY A 375 -47.03 37.88 19.17
CA GLY A 375 -46.26 38.99 18.66
C GLY A 375 -45.38 39.65 19.70
N GLN A 376 -45.45 39.17 20.95
CA GLN A 376 -44.68 39.70 22.06
C GLN A 376 -43.29 39.09 22.11
N GLY A 377 -43.24 37.86 22.60
CA GLY A 377 -42.02 37.14 22.88
C GLY A 377 -41.89 36.93 24.38
N GLN A 378 -41.49 35.72 24.76
CA GLN A 378 -41.18 35.36 26.13
C GLN A 378 -39.70 34.99 26.14
N LEU A 379 -39.02 35.27 27.24
CA LEU A 379 -37.60 34.98 27.37
C LEU A 379 -37.42 33.71 28.20
N VAL A 380 -36.75 32.72 27.63
CA VAL A 380 -36.47 31.46 28.33
C VAL A 380 -34.97 31.40 28.62
N THR A 381 -34.63 31.37 29.90
CA THR A 381 -33.24 31.41 30.32
C THR A 381 -32.80 30.06 30.89
N CYS A 382 -31.50 29.78 30.75
CA CYS A 382 -30.83 28.75 31.52
C CYS A 382 -30.24 29.45 32.75
N SER A 383 -30.82 29.21 33.91
CA SER A 383 -30.51 29.96 35.11
C SER A 383 -30.12 29.02 36.23
N GLY A 384 -29.18 29.49 37.07
CA GLY A 384 -28.77 28.74 38.24
C GLY A 384 -27.70 27.71 37.94
N ALA A 385 -27.34 26.97 39.00
CA ALA A 385 -26.31 25.95 38.91
C ALA A 385 -26.61 24.85 39.90
N PHE A 386 -26.08 23.66 39.60
CA PHE A 386 -26.15 22.50 40.50
C PHE A 386 -27.61 22.31 40.89
N LYS A 387 -27.92 22.11 42.18
CA LYS A 387 -29.29 21.84 42.61
C LYS A 387 -30.20 23.03 42.38
N GLU A 388 -29.64 24.22 42.25
CA GLU A 388 -30.42 25.43 42.01
C GLU A 388 -30.72 25.65 40.53
N GLY A 389 -30.21 24.80 39.65
CA GLY A 389 -30.43 24.98 38.23
C GLY A 389 -31.91 24.99 37.89
N SER A 390 -32.25 25.78 36.87
CA SER A 390 -33.64 25.96 36.49
C SER A 390 -33.73 26.65 35.14
N LEU A 391 -34.88 26.50 34.49
CA LEU A 391 -35.29 27.36 33.41
C LEU A 391 -36.23 28.43 33.96
N ARG A 392 -36.18 29.61 33.34
CA ARG A 392 -37.08 30.69 33.71
C ARG A 392 -37.79 31.18 32.45
N ILE A 393 -39.11 31.35 32.54
CA ILE A 393 -39.92 31.91 31.48
C ILE A 393 -40.29 33.33 31.88
N ILE A 394 -39.93 34.30 31.05
CA ILE A 394 -40.01 35.71 31.41
C ILE A 394 -40.79 36.48 30.36
N ARG A 395 -41.82 37.21 30.82
CA ARG A 395 -42.68 38.02 29.96
C ARG A 395 -43.06 39.30 30.69
N ASN A 396 -43.30 40.35 29.91
CA ASN A 396 -43.80 41.62 30.44
C ASN A 396 -45.30 41.58 30.73
N GLY A 397 -45.67 42.14 31.87
CA GLY A 397 -47.08 42.22 32.26
C GLY A 397 -47.32 43.10 33.47
N GLN A 408 -46.97 47.19 36.44
CA GLN A 408 -45.73 47.15 35.68
C GLN A 408 -44.67 46.31 36.40
N LYS A 409 -44.55 45.04 36.02
CA LYS A 409 -43.54 44.15 36.58
C LYS A 409 -43.36 43.02 35.57
N LEU A 410 -42.31 42.22 35.78
CA LEU A 410 -42.07 41.05 34.95
C LEU A 410 -42.68 39.81 35.59
N HIS A 411 -43.40 39.03 34.80
CA HIS A 411 -43.97 37.78 35.27
C HIS A 411 -43.02 36.63 34.93
N ILE A 412 -42.64 35.86 35.95
CA ILE A 412 -41.57 34.88 35.82
C ILE A 412 -42.03 33.53 36.35
N ARG A 413 -42.06 32.54 35.46
CA ARG A 413 -42.31 31.16 35.82
C ARG A 413 -40.99 30.40 35.92
N THR A 414 -40.87 29.58 36.96
CA THR A 414 -39.64 28.84 37.25
C THR A 414 -39.86 27.35 37.05
N VAL A 415 -38.90 26.71 36.39
CA VAL A 415 -38.96 25.27 36.08
C VAL A 415 -37.74 24.60 36.70
N PRO A 416 -37.84 24.02 37.91
CA PRO A 416 -36.64 23.47 38.54
C PRO A 416 -36.08 22.26 37.80
N LEU A 417 -34.74 22.21 37.71
CA LEU A 417 -34.01 21.13 37.06
C LEU A 417 -33.09 20.36 38.00
N TYR A 418 -32.59 20.98 39.07
CA TYR A 418 -31.71 20.34 40.04
C TYR A 418 -30.41 19.84 39.40
N GLU A 419 -30.08 20.35 38.22
CA GLU A 419 -28.79 20.13 37.59
C GLU A 419 -28.46 21.37 36.77
N SER A 420 -27.21 21.49 36.36
CA SER A 420 -26.74 22.73 35.73
C SER A 420 -27.21 22.80 34.28
N PRO A 421 -27.99 23.80 33.90
CA PRO A 421 -28.31 23.98 32.47
C PRO A 421 -27.22 24.78 31.76
N ARG A 422 -26.92 24.38 30.53
CA ARG A 422 -25.78 24.90 29.79
C ARG A 422 -26.19 25.69 28.55
N LYS A 423 -27.06 25.14 27.71
CA LYS A 423 -27.51 25.80 26.50
C LYS A 423 -28.98 25.49 26.29
N ILE A 424 -29.68 26.41 25.61
CA ILE A 424 -31.09 26.20 25.27
C ILE A 424 -31.34 26.68 23.85
N CYS A 425 -32.21 25.98 23.15
CA CYS A 425 -32.63 26.35 21.80
C CYS A 425 -34.03 25.79 21.58
N TYR A 426 -34.86 26.53 20.85
CA TYR A 426 -36.24 26.19 20.65
C TYR A 426 -36.47 25.56 19.29
N GLN A 427 -37.24 24.48 19.26
CA GLN A 427 -37.61 23.75 18.05
C GLN A 427 -39.12 23.79 17.92
N GLU A 428 -39.64 24.68 17.06
CA GLU A 428 -41.09 24.85 16.98
C GLU A 428 -41.77 23.62 16.41
N VAL A 429 -41.17 22.99 15.39
CA VAL A 429 -41.80 21.84 14.74
C VAL A 429 -42.20 20.80 15.78
N SER A 430 -41.42 20.67 16.85
CA SER A 430 -41.66 19.67 17.88
C SER A 430 -42.37 20.20 19.11
N GLN A 431 -42.77 21.47 19.12
CA GLN A 431 -43.44 22.08 20.28
C GLN A 431 -42.67 21.81 21.57
N CYS A 432 -41.35 21.94 21.52
CA CYS A 432 -40.53 21.66 22.69
C CYS A 432 -39.20 22.42 22.58
N PHE A 433 -38.49 22.47 23.70
CA PHE A 433 -37.15 23.03 23.80
C PHE A 433 -36.11 21.93 23.91
N GLY A 434 -34.94 22.17 23.33
CA GLY A 434 -33.75 21.39 23.63
C GLY A 434 -32.90 22.12 24.65
N VAL A 435 -32.45 21.38 25.67
CA VAL A 435 -31.63 21.95 26.73
C VAL A 435 -30.48 21.02 27.05
N LEU A 436 -29.25 21.54 27.01
CA LEU A 436 -28.07 20.84 27.47
C LEU A 436 -27.91 21.04 28.97
N SER A 437 -27.50 19.98 29.67
CA SER A 437 -27.37 20.04 31.11
C SER A 437 -26.24 19.12 31.55
N SER A 438 -25.71 19.39 32.74
CA SER A 438 -24.69 18.56 33.35
C SER A 438 -25.00 18.40 34.83
N ARG A 439 -24.83 17.19 35.34
CA ARG A 439 -25.06 16.88 36.74
C ARG A 439 -23.82 16.26 37.34
N ILE A 440 -23.68 16.40 38.65
CA ILE A 440 -22.51 15.93 39.38
C ILE A 440 -22.80 14.55 39.94
N GLU A 441 -21.99 13.58 39.58
CA GLU A 441 -21.95 12.28 40.21
C GLU A 441 -20.57 12.10 40.85
N VAL A 442 -20.46 11.12 41.73
CA VAL A 442 -19.24 10.91 42.49
C VAL A 442 -18.78 9.47 42.29
N GLN A 443 -17.47 9.28 42.14
CA GLN A 443 -16.94 7.93 42.02
C GLN A 443 -17.31 7.15 43.27
N ASP A 444 -17.95 6.01 43.09
CA ASP A 444 -18.46 5.21 44.20
C ASP A 444 -17.77 3.86 44.24
N THR A 445 -18.10 3.07 45.25
CA THR A 445 -17.38 1.82 45.47
C THR A 445 -17.63 0.80 44.37
N SER A 446 -18.62 1.02 43.52
CA SER A 446 -18.87 0.09 42.42
C SER A 446 -17.90 0.28 41.26
N GLY A 447 -17.06 1.32 41.31
CA GLY A 447 -16.26 1.71 40.18
C GLY A 447 -16.96 2.70 39.27
N GLY A 448 -18.30 2.67 39.26
CA GLY A 448 -19.07 3.64 38.51
C GLY A 448 -19.25 4.90 39.32
N THR A 449 -20.37 5.59 39.11
CA THR A 449 -20.64 6.82 39.84
C THR A 449 -22.08 6.84 40.31
N THR A 450 -22.34 7.68 41.30
CA THR A 450 -23.64 7.82 41.93
C THR A 450 -23.96 9.30 42.05
N ALA A 451 -25.18 9.66 41.65
CA ALA A 451 -25.63 11.04 41.72
C ALA A 451 -26.07 11.42 43.13
N LEU A 452 -25.73 12.65 43.53
CA LEU A 452 -26.04 13.12 44.87
C LEU A 452 -27.52 13.30 45.09
N ARG A 453 -28.30 13.44 44.02
CA ARG A 453 -29.73 13.69 44.08
C ARG A 453 -30.32 13.43 42.70
N PRO A 454 -31.60 13.07 42.60
CA PRO A 454 -32.24 12.96 41.28
C PRO A 454 -32.42 14.33 40.65
N SER A 455 -32.44 14.36 39.32
CA SER A 455 -32.54 15.62 38.60
C SER A 455 -33.15 15.38 37.23
N ALA A 456 -33.22 16.46 36.44
CA ALA A 456 -33.99 16.43 35.20
C ALA A 456 -33.53 15.31 34.27
N SER A 457 -32.22 15.12 34.14
CA SER A 457 -31.72 14.11 33.22
C SER A 457 -31.96 12.69 33.70
N THR A 458 -32.36 12.53 34.96
CA THR A 458 -32.71 11.23 35.51
C THR A 458 -34.21 11.04 35.67
N GLN A 459 -34.98 12.12 35.70
CA GLN A 459 -36.43 12.08 35.82
C GLN A 459 -37.13 12.29 34.48
N ALA A 460 -36.44 12.04 33.37
CA ALA A 460 -37.06 12.15 32.06
C ALA A 460 -38.03 10.99 31.83
N LEU A 461 -39.07 11.23 31.02
CA LEU A 461 -40.03 10.18 30.72
C LEU A 461 -39.36 9.00 30.04
N SER A 462 -38.81 9.21 28.85
CA SER A 462 -38.02 8.25 28.11
C SER A 462 -36.56 8.71 28.10
N SER A 463 -35.64 7.76 27.93
CA SER A 463 -34.22 8.09 28.06
C SER A 463 -33.38 7.26 27.11
N SER A 464 -32.16 7.75 26.87
CA SER A 464 -31.21 7.08 26.00
C SER A 464 -29.79 7.45 26.41
N VAL A 465 -28.84 6.61 26.01
CA VAL A 465 -27.42 6.81 26.32
C VAL A 465 -26.61 6.57 25.06
N SER A 466 -25.68 7.46 24.78
CA SER A 466 -24.87 7.36 23.57
C SER A 466 -24.02 6.10 23.61
N SER A 467 -24.07 5.34 22.51
CA SER A 467 -23.27 4.12 22.36
C SER A 467 -22.17 4.30 21.32
N SER A 468 -21.79 5.53 21.03
CA SER A 468 -20.85 5.80 19.97
C SER A 468 -19.55 5.05 20.20
N LYS A 469 -19.01 4.50 19.11
CA LYS A 469 -17.77 3.75 19.15
C LYS A 469 -16.59 4.59 18.71
N LEU A 470 -16.80 5.89 18.48
CA LEU A 470 -15.78 6.74 17.87
C LEU A 470 -14.47 6.71 18.65
N PHE A 471 -14.50 7.04 19.94
CA PHE A 471 -13.32 7.02 20.79
C PHE A 471 -13.24 5.73 21.59
N SER A 472 -13.59 4.60 20.98
CA SER A 472 -13.65 3.34 21.71
C SER A 472 -12.29 2.75 22.04
N SER A 473 -11.22 3.17 21.38
CA SER A 473 -9.92 2.55 21.67
C SER A 473 -9.38 3.01 23.02
N SER A 474 -9.52 4.31 23.32
CA SER A 474 -9.08 4.89 24.57
C SER A 474 -7.87 4.19 25.18
N THR A 475 -6.80 4.09 24.40
CA THR A 475 -5.60 3.44 24.88
C THR A 475 -5.00 4.18 26.08
N ALA A 476 -5.21 5.49 26.18
CA ALA A 476 -4.66 6.30 27.25
C ALA A 476 -5.46 6.12 28.54
N PRO A 477 -4.83 5.73 29.65
CA PRO A 477 -5.57 5.43 30.89
C PRO A 477 -5.97 6.67 31.69
N HIS A 478 -7.19 6.63 32.27
CA HIS A 478 -7.66 7.69 33.16
C HIS A 478 -8.10 7.07 34.48
N GLU A 479 -7.24 7.11 35.51
CA GLU A 479 -7.55 6.47 36.79
C GLU A 479 -8.53 7.28 37.63
N THR A 480 -9.40 6.55 38.34
CA THR A 480 -10.45 7.12 39.16
C THR A 480 -10.18 6.81 40.63
N SER A 481 -10.43 7.79 41.49
CA SER A 481 -10.30 7.63 42.93
C SER A 481 -11.68 7.81 43.54
N PHE A 482 -12.01 6.98 44.52
CA PHE A 482 -13.32 7.06 45.15
C PHE A 482 -13.53 8.45 45.73
N GLY A 483 -14.70 9.02 45.46
CA GLY A 483 -15.07 10.32 45.95
C GLY A 483 -14.90 11.47 44.97
N GLU A 484 -14.15 11.27 43.88
CA GLU A 484 -13.94 12.35 42.93
C GLU A 484 -15.23 12.67 42.17
N GLU A 485 -15.40 13.94 41.85
CA GLU A 485 -16.58 14.38 41.13
C GLU A 485 -16.36 14.24 39.62
N VAL A 486 -17.47 14.05 38.90
CA VAL A 486 -17.49 14.04 37.45
C VAL A 486 -18.74 14.77 36.98
N GLU A 487 -18.68 15.34 35.79
CA GLU A 487 -19.84 15.93 35.14
C GLU A 487 -20.43 14.91 34.18
N VAL A 488 -21.75 14.76 34.22
CA VAL A 488 -22.45 13.92 33.27
C VAL A 488 -23.37 14.82 32.46
N HIS A 489 -23.18 14.84 31.14
CA HIS A 489 -23.86 15.80 30.28
C HIS A 489 -25.01 15.13 29.54
N ASN A 490 -26.09 15.88 29.36
CA ASN A 490 -27.31 15.34 28.77
C ASN A 490 -27.91 16.36 27.82
N LEU A 491 -28.69 15.85 26.86
CA LEU A 491 -29.59 16.66 26.07
C LEU A 491 -31.01 16.39 26.56
N LEU A 492 -31.69 17.44 27.00
CA LEU A 492 -33.05 17.33 27.51
C LEU A 492 -34.03 17.82 26.46
N ILE A 493 -35.10 17.06 26.25
CA ILE A 493 -36.22 17.48 25.40
C ILE A 493 -37.35 17.87 26.35
N ILE A 494 -37.80 19.12 26.27
CA ILE A 494 -38.70 19.70 27.26
C ILE A 494 -39.89 20.33 26.56
N ASP A 495 -41.10 19.95 26.98
CA ASP A 495 -42.32 20.46 26.35
C ASP A 495 -42.53 21.94 26.62
N GLN A 496 -42.97 22.67 25.60
CA GLN A 496 -43.08 24.12 25.67
C GLN A 496 -44.30 24.61 26.44
N HIS A 497 -45.28 23.74 26.71
CA HIS A 497 -46.46 24.13 27.46
C HIS A 497 -46.40 23.68 28.90
N THR A 498 -46.01 22.43 29.14
CA THR A 498 -45.91 21.88 30.47
C THR A 498 -44.51 21.93 31.05
N PHE A 499 -43.48 21.99 30.20
CA PHE A 499 -42.09 21.93 30.66
C PHE A 499 -41.82 20.62 31.38
N GLU A 500 -42.53 19.59 30.95
CA GLU A 500 -42.20 18.22 31.32
C GLU A 500 -40.93 17.79 30.60
N VAL A 501 -40.05 17.08 31.31
CA VAL A 501 -38.89 16.51 30.66
C VAL A 501 -39.35 15.26 29.91
N LEU A 502 -39.49 15.39 28.59
CA LEU A 502 -39.98 14.28 27.79
C LEU A 502 -38.87 13.26 27.51
N HIS A 503 -37.65 13.72 27.32
CA HIS A 503 -36.55 12.82 27.00
C HIS A 503 -35.23 13.38 27.47
N ALA A 504 -34.36 12.47 27.91
CA ALA A 504 -32.99 12.80 28.30
C ALA A 504 -32.03 11.88 27.57
N HIS A 505 -31.09 12.47 26.84
CA HIS A 505 -30.02 11.73 26.18
C HIS A 505 -28.73 12.01 26.93
N GLN A 506 -28.07 10.95 27.40
CA GLN A 506 -26.81 11.08 28.12
C GLN A 506 -25.66 10.86 27.16
N PHE A 507 -24.67 11.75 27.21
CA PHE A 507 -23.53 11.67 26.33
C PHE A 507 -22.47 10.76 26.91
N LEU A 508 -21.39 10.56 26.16
CA LEU A 508 -20.36 9.61 26.53
C LEU A 508 -19.69 10.01 27.84
N GLN A 509 -19.09 9.03 28.51
CA GLN A 509 -18.32 9.31 29.71
C GLN A 509 -17.21 10.29 29.37
N ASN A 510 -17.11 11.37 30.14
CA ASN A 510 -16.14 12.45 29.95
C ASN A 510 -16.43 13.30 28.72
N GLU A 511 -17.63 13.18 28.14
CA GLU A 511 -18.01 13.99 26.99
C GLU A 511 -18.82 15.18 27.50
N TYR A 512 -18.38 16.38 27.16
CA TYR A 512 -19.08 17.60 27.52
C TYR A 512 -19.88 18.10 26.33
N ALA A 513 -21.12 18.49 26.59
CA ALA A 513 -21.95 19.14 25.58
C ALA A 513 -21.73 20.65 25.69
N LEU A 514 -21.26 21.26 24.60
CA LEU A 514 -20.88 22.66 24.61
C LEU A 514 -21.77 23.54 23.75
N SER A 515 -22.40 23.00 22.72
CA SER A 515 -23.15 23.83 21.78
C SER A 515 -24.36 23.06 21.25
N LEU A 516 -25.42 23.81 20.93
CA LEU A 516 -26.69 23.22 20.56
C LEU A 516 -27.42 24.12 19.57
N VAL A 517 -27.96 23.52 18.50
CA VAL A 517 -28.77 24.24 17.54
C VAL A 517 -29.97 23.37 17.13
N SER A 518 -31.03 24.04 16.67
CA SER A 518 -32.19 23.37 16.07
C SER A 518 -32.45 24.00 14.71
N CYS A 519 -32.45 23.17 13.66
CA CYS A 519 -32.56 23.68 12.31
C CYS A 519 -32.79 22.54 11.34
N LYS A 520 -33.13 22.90 10.09
CA LYS A 520 -33.09 22.00 8.95
C LYS A 520 -31.80 22.26 8.16
N LEU A 521 -31.30 21.21 7.49
CA LEU A 521 -30.10 21.34 6.68
C LEU A 521 -30.34 20.86 5.25
N GLY A 522 -29.66 21.51 4.31
CA GLY A 522 -29.68 21.11 2.91
C GLY A 522 -31.07 20.97 2.34
N LYS A 523 -31.27 19.87 1.61
CA LYS A 523 -32.57 19.50 1.06
C LYS A 523 -33.30 18.51 1.97
N ASP A 524 -32.87 18.39 3.23
CA ASP A 524 -33.47 17.48 4.19
C ASP A 524 -34.64 18.16 4.89
N PRO A 525 -35.86 17.64 4.76
CA PRO A 525 -37.03 18.32 5.35
C PRO A 525 -37.18 18.14 6.86
N ASN A 526 -36.47 17.19 7.45
CA ASN A 526 -36.58 16.94 8.88
C ASN A 526 -35.89 18.02 9.70
N THR A 527 -36.46 18.36 10.85
CA THR A 527 -35.88 19.34 11.76
C THR A 527 -35.12 18.60 12.86
N TYR A 528 -33.84 18.91 13.02
CA TYR A 528 -32.98 18.15 13.92
C TYR A 528 -32.50 19.00 15.09
N PHE A 529 -32.11 18.30 16.16
CA PHE A 529 -31.30 18.85 17.24
C PHE A 529 -29.86 18.42 16.97
N ILE A 530 -28.94 19.38 16.90
CA ILE A 530 -27.52 19.09 16.67
C ILE A 530 -26.71 19.60 17.84
N VAL A 531 -25.81 18.74 18.33
CA VAL A 531 -25.01 19.03 19.52
C VAL A 531 -23.54 18.88 19.17
N GLY A 532 -22.74 19.84 19.65
CA GLY A 532 -21.29 19.77 19.54
C GLY A 532 -20.68 19.50 20.89
N THR A 533 -19.74 18.56 20.93
CA THR A 533 -19.19 18.06 22.19
C THR A 533 -17.67 18.14 22.17
N ALA A 534 -17.08 17.87 23.33
CA ALA A 534 -15.64 17.81 23.51
C ALA A 534 -15.32 16.70 24.51
N MET A 535 -14.31 15.89 24.18
CA MET A 535 -13.83 14.88 25.11
C MET A 535 -12.87 15.54 26.09
N VAL A 536 -13.27 15.63 27.34
CA VAL A 536 -12.57 16.37 28.38
C VAL A 536 -11.94 15.37 29.31
N TYR A 537 -10.61 15.35 29.36
CA TYR A 537 -9.87 14.55 30.31
C TYR A 537 -9.03 15.47 31.18
N PRO A 538 -8.91 15.19 32.49
CA PRO A 538 -8.19 16.13 33.37
C PRO A 538 -6.75 16.35 32.96
N GLU A 539 -6.21 15.49 32.11
CA GLU A 539 -4.81 15.60 31.73
C GLU A 539 -4.61 16.65 30.64
N GLU A 540 -5.62 16.88 29.81
CA GLU A 540 -5.49 17.71 28.64
C GLU A 540 -5.61 19.20 28.95
N ALA A 541 -4.64 19.97 28.46
CA ALA A 541 -4.75 21.42 28.54
C ALA A 541 -5.91 21.94 27.69
N GLU A 542 -6.10 21.33 26.52
CA GLU A 542 -7.14 21.71 25.58
C GLU A 542 -7.70 20.43 24.97
N PRO A 543 -9.04 20.27 24.89
CA PRO A 543 -9.57 19.02 24.33
C PRO A 543 -9.09 18.78 22.91
N LYS A 544 -8.82 17.51 22.60
CA LYS A 544 -8.35 17.12 21.27
C LYS A 544 -9.30 16.16 20.55
N GLN A 545 -10.42 15.80 21.15
CA GLN A 545 -11.43 14.94 20.56
C GLN A 545 -12.79 15.59 20.75
N GLY A 546 -13.71 15.35 19.82
CA GLY A 546 -15.05 15.89 19.94
C GLY A 546 -15.96 15.32 18.89
N ARG A 547 -17.26 15.59 19.06
CA ARG A 547 -18.28 15.09 18.16
C ARG A 547 -19.23 16.21 17.78
N ILE A 548 -19.77 16.10 16.57
CA ILE A 548 -21.00 16.79 16.16
C ILE A 548 -22.02 15.68 15.96
N VAL A 549 -23.11 15.75 16.72
CA VAL A 549 -24.10 14.69 16.71
C VAL A 549 -25.41 15.27 16.21
N VAL A 550 -26.05 14.57 15.30
CA VAL A 550 -27.34 14.97 14.73
C VAL A 550 -28.39 14.05 15.32
N PHE A 551 -29.35 14.64 16.01
CA PHE A 551 -30.44 13.91 16.65
C PHE A 551 -31.74 14.30 15.96
N GLN A 552 -32.69 13.40 15.91
CA GLN A 552 -34.04 13.75 15.53
C GLN A 552 -34.98 13.39 16.67
N TYR A 553 -35.75 14.36 17.13
CA TYR A 553 -36.77 14.11 18.12
C TYR A 553 -38.07 13.80 17.38
N SER A 554 -38.50 12.55 17.46
CA SER A 554 -39.68 12.11 16.76
C SER A 554 -40.44 11.11 17.61
N ASP A 555 -41.74 11.37 17.79
CA ASP A 555 -42.63 10.43 18.48
C ASP A 555 -42.08 10.06 19.86
N GLY A 556 -41.75 11.09 20.64
CA GLY A 556 -41.34 10.88 22.01
C GLY A 556 -39.98 10.26 22.19
N LYS A 557 -39.24 10.03 21.11
CA LYS A 557 -37.93 9.41 21.20
C LYS A 557 -36.92 10.23 20.40
N LEU A 558 -35.68 10.22 20.88
CA LEU A 558 -34.58 10.91 20.24
C LEU A 558 -33.76 9.88 19.48
N GLN A 559 -33.63 10.06 18.16
CA GLN A 559 -32.96 9.13 17.28
C GLN A 559 -31.62 9.72 16.90
N THR A 560 -30.54 8.94 17.05
CA THR A 560 -29.24 9.41 16.60
C THR A 560 -29.15 9.24 15.08
N VAL A 561 -29.03 10.34 14.36
CA VAL A 561 -29.09 10.32 12.90
C VAL A 561 -27.72 10.19 12.27
N ALA A 562 -26.74 10.92 12.80
CA ALA A 562 -25.41 10.92 12.22
C ALA A 562 -24.47 11.53 13.24
N GLU A 563 -23.21 11.16 13.13
CA GLU A 563 -22.19 11.72 13.99
C GLU A 563 -20.97 12.03 13.13
N LYS A 564 -20.34 13.14 13.40
CA LYS A 564 -19.12 13.55 12.72
C LYS A 564 -18.05 13.74 13.78
N GLU A 565 -16.92 13.06 13.61
CA GLU A 565 -15.82 13.20 14.54
C GLU A 565 -15.04 14.45 14.20
N VAL A 566 -14.58 15.16 15.23
CA VAL A 566 -13.73 16.33 15.06
C VAL A 566 -12.56 16.19 16.02
N LYS A 567 -11.49 16.91 15.71
CA LYS A 567 -10.25 16.83 16.48
C LYS A 567 -10.14 17.99 17.47
N GLY A 568 -11.20 18.20 18.25
CA GLY A 568 -11.22 19.29 19.20
C GLY A 568 -12.61 19.47 19.79
N ALA A 569 -12.77 20.60 20.48
CA ALA A 569 -14.03 20.95 21.14
C ALA A 569 -14.89 21.77 20.22
N VAL A 570 -16.16 21.41 20.10
CA VAL A 570 -17.09 22.17 19.24
C VAL A 570 -17.69 23.25 20.14
N TYR A 571 -16.94 24.35 20.29
CA TYR A 571 -17.34 25.37 21.25
C TYR A 571 -18.63 26.08 20.83
N SER A 572 -18.88 26.20 19.53
CA SER A 572 -20.05 26.95 19.06
C SER A 572 -20.46 26.44 17.69
N MET A 573 -21.78 26.42 17.45
CA MET A 573 -22.34 26.06 16.16
C MET A 573 -23.48 27.02 15.82
N VAL A 574 -23.78 27.15 14.53
CA VAL A 574 -24.88 27.99 14.07
C VAL A 574 -25.27 27.58 12.65
N GLU A 575 -26.57 27.63 12.36
CA GLU A 575 -27.06 27.33 11.02
C GLU A 575 -26.67 28.45 10.07
N PHE A 576 -26.25 28.06 8.86
CA PHE A 576 -25.68 29.02 7.90
C PHE A 576 -26.16 28.66 6.51
N ASN A 577 -27.25 29.30 6.09
CA ASN A 577 -27.81 29.09 4.75
C ASN A 577 -27.91 27.60 4.44
N GLY A 578 -28.57 26.87 5.32
CA GLY A 578 -28.74 25.44 5.16
C GLY A 578 -27.50 24.60 5.37
N LYS A 579 -26.36 25.22 5.68
CA LYS A 579 -25.12 24.53 5.99
C LYS A 579 -24.84 24.71 7.47
N LEU A 580 -23.98 23.85 8.02
CA LEU A 580 -23.68 23.87 9.44
C LEU A 580 -22.31 24.50 9.66
N LEU A 581 -22.31 25.63 10.35
CA LEU A 581 -21.09 26.36 10.70
C LEU A 581 -20.73 26.02 12.13
N ALA A 582 -19.54 25.46 12.32
CA ALA A 582 -19.07 25.05 13.63
C ALA A 582 -17.65 25.53 13.84
N SER A 583 -17.30 25.79 15.09
CA SER A 583 -15.95 26.19 15.47
C SER A 583 -15.34 25.06 16.30
N ILE A 584 -14.20 24.54 15.85
CA ILE A 584 -13.48 23.50 16.56
C ILE A 584 -12.12 24.08 16.95
N ASN A 585 -11.96 24.39 18.25
CA ASN A 585 -10.73 24.99 18.75
C ASN A 585 -10.41 26.27 17.98
N SER A 586 -9.28 26.28 17.25
CA SER A 586 -8.93 27.44 16.44
C SER A 586 -9.69 27.48 15.12
N THR A 587 -10.14 26.33 14.62
CA THR A 587 -10.73 26.24 13.30
C THR A 587 -12.18 26.71 13.30
N VAL A 588 -12.59 27.36 12.21
CA VAL A 588 -13.97 27.68 11.91
C VAL A 588 -14.32 26.94 10.62
N ARG A 589 -15.26 26.01 10.70
CA ARG A 589 -15.54 25.09 9.62
C ARG A 589 -16.98 25.21 9.12
N LEU A 590 -17.18 24.98 7.83
CA LEU A 590 -18.50 24.97 7.21
C LEU A 590 -18.74 23.58 6.64
N TYR A 591 -19.80 22.92 7.12
CA TYR A 591 -20.17 21.58 6.70
C TYR A 591 -21.41 21.66 5.80
N GLU A 592 -21.47 20.77 4.82
CA GLU A 592 -22.70 20.56 4.05
C GLU A 592 -23.36 19.25 4.47
N TRP A 593 -24.68 19.20 4.36
CA TRP A 593 -25.47 18.04 4.73
C TRP A 593 -25.85 17.32 3.45
N THR A 594 -25.27 16.15 3.23
CA THR A 594 -25.43 15.45 1.96
C THR A 594 -26.79 14.78 1.89
N THR A 595 -27.12 14.29 0.69
CA THR A 595 -28.32 13.49 0.53
C THR A 595 -28.22 12.14 1.23
N GLU A 596 -27.02 11.75 1.68
CA GLU A 596 -26.85 10.55 2.49
C GLU A 596 -26.93 10.82 3.99
N LYS A 597 -27.39 12.01 4.39
CA LYS A 597 -27.56 12.33 5.81
C LYS A 597 -26.25 12.15 6.58
N GLU A 598 -25.20 12.78 6.06
CA GLU A 598 -23.91 12.86 6.72
C GLU A 598 -23.35 14.26 6.49
N LEU A 599 -22.50 14.70 7.41
CA LEU A 599 -21.92 16.04 7.33
C LEU A 599 -20.66 15.97 6.46
N ARG A 600 -20.53 16.92 5.53
CA ARG A 600 -19.39 16.97 4.63
C ARG A 600 -18.79 18.36 4.69
N THR A 601 -17.47 18.42 4.90
CA THR A 601 -16.77 19.67 5.03
C THR A 601 -16.67 20.38 3.69
N GLU A 602 -16.93 21.69 3.70
CA GLU A 602 -16.74 22.51 2.50
C GLU A 602 -15.48 23.37 2.59
N CYS A 603 -15.35 24.16 3.66
CA CYS A 603 -14.23 25.09 3.78
C CYS A 603 -13.86 25.31 5.24
N ASN A 604 -12.62 25.78 5.46
CA ASN A 604 -12.09 25.97 6.81
C ASN A 604 -11.43 27.33 6.93
N HIS A 605 -11.40 27.85 8.16
CA HIS A 605 -10.63 29.04 8.48
C HIS A 605 -9.85 28.77 9.77
N TYR A 606 -8.56 29.05 9.76
CA TYR A 606 -7.70 28.63 10.85
C TYR A 606 -7.05 29.77 11.64
N ASN A 607 -7.21 31.03 11.25
CA ASN A 607 -6.48 32.13 11.90
C ASN A 607 -7.22 32.55 13.19
N ASN A 608 -7.18 31.65 14.17
CA ASN A 608 -7.77 31.92 15.47
C ASN A 608 -6.94 31.23 16.55
N ILE A 609 -7.02 31.79 17.77
CA ILE A 609 -6.47 31.08 18.92
C ILE A 609 -7.45 30.07 19.48
N MET A 610 -8.67 30.51 19.78
CA MET A 610 -9.76 29.64 20.19
C MET A 610 -11.06 30.29 19.73
N ALA A 611 -11.77 29.64 18.80
CA ALA A 611 -12.97 30.22 18.21
C ALA A 611 -14.14 29.91 19.15
N LEU A 612 -14.30 30.76 20.16
CA LEU A 612 -15.24 30.47 21.24
C LEU A 612 -16.67 30.83 20.88
N TYR A 613 -16.88 31.87 20.09
CA TYR A 613 -18.23 32.39 19.83
C TYR A 613 -18.42 32.67 18.35
N LEU A 614 -19.59 32.29 17.83
CA LEU A 614 -19.94 32.50 16.43
C LEU A 614 -21.32 33.14 16.32
N LYS A 615 -21.45 34.07 15.38
CA LYS A 615 -22.71 34.67 14.98
C LYS A 615 -22.66 34.92 13.48
N THR A 616 -23.84 34.99 12.85
CA THR A 616 -23.89 35.16 11.40
C THR A 616 -24.95 36.19 11.01
N LYS A 617 -24.83 36.69 9.78
CA LYS A 617 -25.87 37.51 9.16
C LYS A 617 -25.62 37.48 7.65
N GLY A 618 -26.53 36.88 6.90
CA GLY A 618 -26.30 36.72 5.46
C GLY A 618 -25.13 35.77 5.25
N ASP A 619 -24.20 36.15 4.37
CA ASP A 619 -22.99 35.38 4.15
C ASP A 619 -21.84 35.81 5.06
N PHE A 620 -22.11 36.65 6.05
CA PHE A 620 -21.10 37.17 6.98
C PHE A 620 -21.09 36.38 8.28
N ILE A 621 -19.89 36.23 8.86
CA ILE A 621 -19.69 35.51 10.11
C ILE A 621 -18.87 36.39 11.05
N LEU A 622 -19.29 36.49 12.31
CA LEU A 622 -18.54 37.16 13.35
C LEU A 622 -17.96 36.12 14.31
N VAL A 623 -16.64 36.12 14.48
CA VAL A 623 -15.95 35.12 15.27
C VAL A 623 -15.42 35.80 16.54
N GLY A 624 -15.74 35.21 17.69
CA GLY A 624 -15.23 35.68 18.97
C GLY A 624 -14.14 34.74 19.47
N ASP A 625 -12.99 35.33 19.79
CA ASP A 625 -11.80 34.58 20.16
C ASP A 625 -11.50 34.76 21.63
N LEU A 626 -10.70 33.85 22.18
CA LEU A 626 -10.40 33.90 23.61
C LEU A 626 -9.66 35.17 23.98
N MET A 627 -8.67 35.58 23.18
CA MET A 627 -7.87 36.77 23.46
C MET A 627 -7.76 37.75 22.30
N ARG A 628 -8.21 37.41 21.10
CA ARG A 628 -8.02 38.23 19.91
C ARG A 628 -9.29 38.97 19.50
N SER A 629 -10.19 39.24 20.45
CA SER A 629 -11.37 40.09 20.24
C SER A 629 -12.23 39.46 19.14
N VAL A 630 -12.64 40.19 18.10
CA VAL A 630 -13.60 39.71 17.12
C VAL A 630 -13.00 39.83 15.73
N LEU A 631 -13.38 38.90 14.85
CA LEU A 631 -12.96 38.89 13.45
C LEU A 631 -14.20 38.75 12.58
N LEU A 632 -14.27 39.55 11.51
CA LEU A 632 -15.37 39.47 10.55
C LEU A 632 -14.94 38.60 9.38
N LEU A 633 -15.58 37.42 9.24
CA LEU A 633 -15.40 36.55 8.10
C LEU A 633 -16.51 36.75 7.07
N ALA A 634 -16.26 36.28 5.85
CA ALA A 634 -17.28 36.23 4.83
C ALA A 634 -17.18 34.92 4.04
N TYR A 635 -18.34 34.28 3.82
CA TYR A 635 -18.41 33.13 2.92
C TYR A 635 -18.53 33.65 1.49
N LYS A 636 -17.67 33.16 0.61
CA LYS A 636 -17.70 33.58 -0.78
C LYS A 636 -18.22 32.45 -1.65
N PRO A 637 -19.51 32.45 -1.99
CA PRO A 637 -20.10 31.29 -2.65
C PRO A 637 -19.52 30.99 -4.01
N MET A 638 -19.06 32.01 -4.75
CA MET A 638 -18.50 31.77 -6.07
C MET A 638 -17.30 30.84 -6.00
N GLU A 639 -16.61 30.81 -4.86
CA GLU A 639 -15.36 30.06 -4.69
C GLU A 639 -15.46 28.88 -3.75
N GLY A 640 -16.39 28.91 -2.80
CA GLY A 640 -16.56 27.83 -1.83
C GLY A 640 -15.57 27.83 -0.69
N ASN A 641 -15.38 28.98 -0.04
CA ASN A 641 -14.39 29.11 1.03
C ASN A 641 -14.71 30.39 1.82
N PHE A 642 -13.86 30.66 2.81
CA PHE A 642 -13.99 31.87 3.63
C PHE A 642 -13.00 32.95 3.16
N GLU A 643 -13.32 34.21 3.53
CA GLU A 643 -12.43 35.34 3.39
C GLU A 643 -12.44 36.17 4.67
N GLU A 644 -11.25 36.62 5.10
CA GLU A 644 -11.15 37.52 6.23
C GLU A 644 -11.52 38.93 5.77
N ILE A 645 -12.50 39.54 6.43
CA ILE A 645 -12.93 40.89 6.07
C ILE A 645 -12.19 41.92 6.90
N ALA A 646 -12.29 41.80 8.24
CA ALA A 646 -11.68 42.80 9.13
C ALA A 646 -11.55 42.19 10.51
N ARG A 647 -10.48 42.55 11.22
CA ARG A 647 -10.20 42.08 12.57
C ARG A 647 -10.00 43.26 13.51
N ASP A 648 -10.43 43.07 14.76
CA ASP A 648 -10.21 44.05 15.83
C ASP A 648 -8.87 43.71 16.48
N PHE A 649 -7.85 44.49 16.18
CA PHE A 649 -6.51 44.10 16.62
C PHE A 649 -6.30 44.33 18.12
N ASN A 650 -7.02 45.25 18.75
CA ASN A 650 -6.86 45.43 20.20
C ASN A 650 -7.21 44.11 20.91
N PRO A 651 -6.39 43.65 21.85
CA PRO A 651 -6.63 42.33 22.47
C PRO A 651 -7.67 42.41 23.57
N ASN A 652 -8.79 41.71 23.38
CA ASN A 652 -9.83 41.61 24.39
C ASN A 652 -10.25 40.17 24.58
N TRP A 653 -10.41 39.78 25.86
CA TRP A 653 -10.98 38.48 26.22
C TRP A 653 -12.50 38.56 26.09
N MET A 654 -13.08 37.68 25.28
CA MET A 654 -14.49 37.73 24.94
C MET A 654 -15.30 36.81 25.84
N SER A 655 -16.49 37.28 26.23
CA SER A 655 -17.47 36.47 26.93
C SER A 655 -18.73 36.21 26.12
N ALA A 656 -18.99 37.04 25.12
CA ALA A 656 -20.14 36.88 24.23
C ALA A 656 -20.04 37.95 23.15
N VAL A 657 -20.57 37.66 21.96
CA VAL A 657 -20.58 38.61 20.85
C VAL A 657 -21.97 38.62 20.24
N GLU A 658 -22.21 39.64 19.42
CA GLU A 658 -23.46 39.75 18.68
C GLU A 658 -23.27 40.72 17.53
N ILE A 659 -24.04 40.50 16.47
CA ILE A 659 -24.05 41.38 15.30
C ILE A 659 -25.20 42.36 15.45
N LEU A 660 -24.89 43.65 15.36
CA LEU A 660 -25.91 44.68 15.43
C LEU A 660 -26.50 45.01 14.06
N ASP A 661 -25.65 45.20 13.05
CA ASP A 661 -26.07 45.39 11.68
C ASP A 661 -24.87 45.07 10.79
N ASP A 662 -25.04 45.27 9.48
CA ASP A 662 -24.03 44.80 8.54
C ASP A 662 -22.65 45.44 8.77
N ASP A 663 -22.58 46.53 9.56
CA ASP A 663 -21.31 47.21 9.80
C ASP A 663 -20.86 47.27 11.26
N ASN A 664 -21.79 47.22 12.22
CA ASN A 664 -21.45 47.36 13.63
C ASN A 664 -21.51 46.01 14.33
N PHE A 665 -20.54 45.77 15.23
CA PHE A 665 -20.45 44.50 15.94
C PHE A 665 -20.26 44.72 17.43
N LEU A 666 -21.01 43.97 18.23
CA LEU A 666 -21.06 44.16 19.67
C LEU A 666 -20.33 43.02 20.38
N GLY A 667 -19.57 43.38 21.41
CA GLY A 667 -18.80 42.42 22.17
C GLY A 667 -18.89 42.72 23.65
N ALA A 668 -18.59 41.70 24.44
CA ALA A 668 -18.58 41.80 25.89
C ALA A 668 -17.25 41.27 26.38
N GLU A 669 -16.63 41.98 27.31
CA GLU A 669 -15.30 41.64 27.78
C GLU A 669 -15.41 40.93 29.12
N ASN A 670 -14.39 40.13 29.43
CA ASN A 670 -14.35 39.47 30.74
C ASN A 670 -14.12 40.44 31.87
N ALA A 671 -13.80 41.70 31.56
CA ALA A 671 -13.62 42.74 32.55
C ALA A 671 -14.91 43.46 32.87
N PHE A 672 -16.05 42.93 32.40
CA PHE A 672 -17.36 43.54 32.58
C PHE A 672 -17.54 44.78 31.69
N ASN A 673 -16.94 44.76 30.51
CA ASN A 673 -17.01 45.86 29.56
C ASN A 673 -17.71 45.45 28.28
N LEU A 674 -18.34 46.44 27.65
CA LEU A 674 -18.99 46.29 26.36
C LEU A 674 -18.28 47.17 25.35
N PHE A 675 -18.05 46.66 24.14
CA PHE A 675 -17.46 47.48 23.08
C PHE A 675 -18.15 47.18 21.75
N VAL A 676 -18.07 48.15 20.84
CA VAL A 676 -18.67 48.07 19.51
C VAL A 676 -17.61 48.35 18.46
N CYS A 677 -17.49 47.45 17.49
CA CYS A 677 -16.57 47.57 16.38
C CYS A 677 -17.31 47.83 15.08
N GLN A 678 -16.67 48.53 14.15
CA GLN A 678 -17.27 48.82 12.86
C GLN A 678 -16.22 48.71 11.76
N LYS A 679 -16.69 48.35 10.55
CA LYS A 679 -15.84 48.45 9.38
C LYS A 679 -15.47 49.90 9.12
N ASP A 680 -14.20 50.12 8.75
CA ASP A 680 -13.73 51.48 8.57
C ASP A 680 -14.33 52.11 7.32
N SER A 681 -14.86 51.29 6.42
CA SER A 681 -15.61 51.76 5.24
C SER A 681 -14.86 52.84 4.47
N ALA A 682 -13.52 52.79 4.52
CA ALA A 682 -12.64 53.72 3.80
C ALA A 682 -11.82 52.90 2.82
N ALA A 683 -12.03 53.12 1.53
CA ALA A 683 -11.38 52.33 0.48
C ALA A 683 -10.02 52.85 0.07
N THR A 684 -9.41 53.76 0.84
CA THR A 684 -8.10 54.29 0.46
C THR A 684 -7.05 53.19 0.43
N THR A 685 -6.94 52.42 1.51
CA THR A 685 -6.01 51.30 1.62
C THR A 685 -6.76 50.02 2.00
N ASP A 686 -6.31 48.88 1.47
CA ASP A 686 -6.86 47.59 1.90
C ASP A 686 -6.61 47.36 3.38
N GLU A 687 -5.62 48.06 3.95
CA GLU A 687 -5.31 47.96 5.37
C GLU A 687 -6.42 48.57 6.22
N GLU A 688 -7.00 49.69 5.76
CA GLU A 688 -8.08 50.34 6.49
C GLU A 688 -9.33 49.48 6.52
N ARG A 689 -9.66 48.87 5.37
CA ARG A 689 -10.82 47.99 5.27
C ARG A 689 -10.70 46.83 6.24
N GLN A 690 -9.50 46.26 6.34
CA GLN A 690 -9.28 45.15 7.25
C GLN A 690 -9.20 45.58 8.71
N HIS A 691 -9.35 46.86 9.01
CA HIS A 691 -9.27 47.35 10.38
C HIS A 691 -10.69 47.53 10.91
N LEU A 692 -11.06 46.72 11.90
CA LEU A 692 -12.30 46.96 12.64
C LEU A 692 -11.96 47.97 13.73
N GLN A 693 -12.60 49.13 13.71
CA GLN A 693 -12.26 50.22 14.63
C GLN A 693 -13.23 50.19 15.81
N GLU A 694 -12.69 50.11 17.01
CA GLU A 694 -13.51 50.12 18.22
C GLU A 694 -14.05 51.53 18.40
N VAL A 695 -15.32 51.72 18.06
CA VAL A 695 -15.97 53.02 18.15
C VAL A 695 -16.86 53.14 19.38
N GLY A 696 -17.14 52.03 20.06
CA GLY A 696 -17.94 52.07 21.26
C GLY A 696 -17.24 51.38 22.40
N LEU A 697 -17.17 52.07 23.54
CA LEU A 697 -16.54 51.55 24.75
C LEU A 697 -17.46 51.87 25.91
N PHE A 698 -17.71 50.89 26.77
CA PHE A 698 -18.67 51.08 27.86
C PHE A 698 -18.44 50.04 28.94
N HIS A 699 -18.26 50.51 30.18
CA HIS A 699 -18.17 49.62 31.33
C HIS A 699 -19.58 49.26 31.79
N LEU A 700 -19.98 48.01 31.56
CA LEU A 700 -21.32 47.57 31.93
C LEU A 700 -21.41 47.31 33.43
N GLY A 701 -20.40 46.68 34.00
CA GLY A 701 -20.43 46.24 35.38
C GLY A 701 -20.98 44.85 35.58
N GLU A 702 -21.43 44.19 34.52
CA GLU A 702 -21.94 42.83 34.59
C GLU A 702 -21.16 41.94 33.63
N PHE A 703 -21.26 40.65 33.86
CA PHE A 703 -20.57 39.65 33.04
C PHE A 703 -21.59 39.07 32.06
N VAL A 704 -21.44 39.39 30.79
CA VAL A 704 -22.42 39.04 29.77
C VAL A 704 -22.09 37.67 29.22
N ASN A 705 -23.01 36.71 29.41
CA ASN A 705 -22.82 35.37 28.86
C ASN A 705 -23.45 35.18 27.50
N VAL A 706 -24.56 35.85 27.22
CA VAL A 706 -25.35 35.57 26.03
C VAL A 706 -25.96 36.85 25.51
N PHE A 707 -25.78 37.12 24.22
CA PHE A 707 -26.49 38.15 23.49
C PHE A 707 -27.57 37.47 22.66
N CYS A 708 -28.72 38.11 22.53
CA CYS A 708 -29.88 37.47 21.90
C CYS A 708 -30.79 38.53 21.31
N HIS A 709 -31.03 38.45 20.00
CA HIS A 709 -31.92 39.38 19.33
C HIS A 709 -33.37 39.12 19.74
N GLY A 710 -34.09 40.19 20.06
CA GLY A 710 -35.50 40.07 20.40
C GLY A 710 -35.92 41.14 21.38
N SER A 711 -37.21 41.14 21.69
CA SER A 711 -37.75 42.05 22.69
C SER A 711 -38.93 41.39 23.40
N LEU A 712 -39.10 41.75 24.68
CA LEU A 712 -40.20 41.29 25.51
C LEU A 712 -41.40 42.21 25.46
N VAL A 713 -41.29 43.36 24.79
CA VAL A 713 -42.40 44.31 24.79
C VAL A 713 -43.53 43.76 23.93
N MET A 714 -44.76 43.89 24.42
CA MET A 714 -45.91 43.46 23.64
C MET A 714 -45.96 44.28 22.36
N GLN A 715 -46.12 43.62 21.22
CA GLN A 715 -46.23 44.30 19.95
C GLN A 715 -47.66 44.07 19.45
N ASN A 716 -48.52 45.08 19.60
CA ASN A 716 -49.85 45.03 19.03
C ASN A 716 -49.85 45.68 17.65
N LEU A 717 -48.66 46.13 17.21
CA LEU A 717 -48.43 46.84 15.95
C LEU A 717 -48.83 48.31 16.12
N GLY A 718 -49.63 48.63 17.15
CA GLY A 718 -49.97 50.00 17.49
C GLY A 718 -48.91 50.78 18.25
N GLU A 719 -47.75 50.20 18.50
CA GLU A 719 -46.70 50.83 19.31
C GLU A 719 -46.02 51.94 18.52
N THR A 720 -46.05 53.15 19.07
CA THR A 720 -45.31 54.28 18.50
C THR A 720 -43.89 53.86 18.16
N SER A 721 -43.41 54.25 17.00
CA SER A 721 -42.04 53.95 16.60
C SER A 721 -41.12 54.78 17.49
N THR A 722 -40.34 54.06 18.31
CA THR A 722 -39.43 54.71 19.22
C THR A 722 -38.20 55.24 18.48
N PRO A 723 -37.54 56.26 19.02
CA PRO A 723 -36.29 56.73 18.40
C PRO A 723 -35.27 55.63 18.25
N THR A 724 -35.28 54.67 19.17
CA THR A 724 -34.32 53.58 19.15
C THR A 724 -34.66 52.61 18.03
N GLN A 725 -33.63 52.04 17.41
CA GLN A 725 -33.83 51.05 16.36
C GLN A 725 -32.99 49.80 16.65
N GLY A 726 -33.64 48.64 16.57
CA GLY A 726 -33.02 47.36 16.88
C GLY A 726 -33.25 46.96 18.33
N SER A 727 -32.99 45.68 18.62
CA SER A 727 -33.17 45.18 19.97
C SER A 727 -32.33 43.95 20.21
N VAL A 728 -31.37 44.06 21.14
CA VAL A 728 -30.54 42.96 21.59
C VAL A 728 -30.69 42.86 23.10
N LEU A 729 -31.11 41.69 23.58
CA LEU A 729 -31.12 41.38 25.00
C LEU A 729 -29.84 40.66 25.38
N PHE A 730 -29.43 40.79 26.65
CA PHE A 730 -28.28 40.03 27.12
C PHE A 730 -28.47 39.61 28.57
N GLY A 731 -27.94 38.42 28.88
CA GLY A 731 -27.98 37.86 30.22
C GLY A 731 -26.59 37.86 30.84
N THR A 732 -26.55 37.94 32.17
CA THR A 732 -25.29 38.07 32.88
C THR A 732 -25.22 37.08 34.04
N VAL A 733 -24.06 37.05 34.69
CA VAL A 733 -23.83 36.09 35.77
C VAL A 733 -24.64 36.45 37.01
N ASN A 734 -24.87 37.74 37.24
CA ASN A 734 -25.56 38.21 38.43
C ASN A 734 -27.07 38.23 38.24
N GLY A 735 -27.57 37.67 37.14
CA GLY A 735 -28.99 37.64 36.84
C GLY A 735 -29.51 38.85 36.11
N MET A 736 -28.73 39.93 36.06
CA MET A 736 -29.11 41.13 35.34
C MET A 736 -29.37 40.81 33.87
N ILE A 737 -30.50 41.31 33.35
CA ILE A 737 -30.81 41.25 31.93
C ILE A 737 -30.83 42.67 31.40
N GLY A 738 -30.16 42.89 30.27
CA GLY A 738 -30.06 44.20 29.67
C GLY A 738 -30.54 44.19 28.22
N LEU A 739 -30.53 45.39 27.64
CA LEU A 739 -30.96 45.58 26.26
C LEU A 739 -30.08 46.66 25.64
N VAL A 740 -29.61 46.39 24.43
CA VAL A 740 -28.80 47.31 23.65
C VAL A 740 -29.57 47.67 22.39
N THR A 741 -29.54 48.95 22.02
CA THR A 741 -30.22 49.41 20.80
C THR A 741 -29.46 50.60 20.22
N SER A 742 -29.72 50.88 18.95
CA SER A 742 -29.03 51.93 18.21
C SER A 742 -29.81 53.22 18.12
N LEU A 743 -29.07 54.31 17.87
CA LEU A 743 -29.62 55.66 17.81
C LEU A 743 -29.17 56.33 16.53
N SER A 744 -29.90 57.36 16.12
CA SER A 744 -29.40 58.26 15.08
C SER A 744 -28.42 59.26 15.69
N GLU A 745 -27.52 59.79 14.85
CA GLU A 745 -26.55 60.73 15.36
C GLU A 745 -27.22 61.85 16.13
N SER A 746 -28.34 62.35 15.60
CA SER A 746 -29.08 63.41 16.26
C SER A 746 -29.56 63.01 17.64
N TRP A 747 -30.08 61.78 17.77
CA TRP A 747 -30.65 61.37 19.04
C TRP A 747 -29.56 61.15 20.09
N TYR A 748 -28.44 60.55 19.69
CA TYR A 748 -27.33 60.36 20.61
C TYR A 748 -26.87 61.67 21.21
N ASN A 749 -26.60 62.67 20.36
CA ASN A 749 -26.06 63.93 20.87
C ASN A 749 -26.97 64.54 21.92
N LEU A 750 -28.28 64.54 21.65
CA LEU A 750 -29.23 65.03 22.63
C LEU A 750 -29.12 64.26 23.94
N LEU A 751 -29.18 62.94 23.86
CA LEU A 751 -29.16 62.13 25.07
C LEU A 751 -27.82 62.27 25.79
N LEU A 752 -26.74 62.38 25.02
CA LEU A 752 -25.42 62.55 25.62
C LEU A 752 -25.28 63.92 26.28
N ASP A 753 -25.67 64.98 25.58
CA ASP A 753 -25.62 66.32 26.17
C ASP A 753 -26.45 66.35 27.44
N MET A 754 -27.57 65.63 27.45
CA MET A 754 -28.41 65.57 28.63
C MET A 754 -27.74 64.82 29.77
N GLN A 755 -26.99 63.75 29.46
CA GLN A 755 -26.28 63.05 30.52
C GLN A 755 -25.34 63.99 31.27
N ASN A 756 -24.51 64.72 30.54
CA ASN A 756 -23.57 65.64 31.18
C ASN A 756 -24.29 66.64 32.06
N ARG A 757 -25.50 67.04 31.66
CA ARG A 757 -26.31 67.92 32.50
C ARG A 757 -26.83 67.16 33.71
N LEU A 758 -27.33 65.94 33.51
CA LEU A 758 -27.83 65.16 34.64
C LEU A 758 -26.73 64.84 35.64
N ASN A 759 -25.51 64.58 35.16
CA ASN A 759 -24.44 64.21 36.09
C ASN A 759 -24.09 65.37 37.02
N LYS A 760 -24.25 66.61 36.55
CA LYS A 760 -24.03 67.76 37.42
C LYS A 760 -25.16 67.92 38.44
N VAL A 761 -26.37 67.47 38.11
CA VAL A 761 -27.53 67.71 38.97
C VAL A 761 -27.71 66.58 39.98
N ILE A 762 -27.53 65.33 39.57
CA ILE A 762 -27.89 64.19 40.39
C ILE A 762 -26.77 63.92 41.38
N LYS A 763 -27.14 63.66 42.64
CA LYS A 763 -26.19 63.38 43.71
C LYS A 763 -25.92 61.88 43.77
N SER A 764 -24.64 61.51 43.67
CA SER A 764 -24.26 60.11 43.68
C SER A 764 -23.98 59.63 45.08
N VAL A 765 -24.33 58.36 45.36
CA VAL A 765 -24.00 57.74 46.63
C VAL A 765 -22.49 57.52 46.68
N GLY A 766 -21.85 57.99 47.74
CA GLY A 766 -20.41 57.93 47.82
C GLY A 766 -19.71 58.98 46.99
N LYS A 767 -20.45 59.89 46.36
CA LYS A 767 -19.89 60.94 45.53
C LYS A 767 -18.98 60.36 44.44
N ILE A 768 -19.45 59.30 43.79
CA ILE A 768 -18.71 58.64 42.72
C ILE A 768 -19.07 59.33 41.41
N GLU A 769 -18.07 59.82 40.69
CA GLU A 769 -18.31 60.44 39.39
C GLU A 769 -18.89 59.41 38.43
N HIS A 770 -20.03 59.74 37.82
CA HIS A 770 -20.65 58.82 36.86
C HIS A 770 -19.71 58.54 35.70
N SER A 771 -19.04 59.57 35.19
CA SER A 771 -18.12 59.40 34.08
C SER A 771 -17.02 58.40 34.42
N PHE A 772 -16.55 58.41 35.68
CA PHE A 772 -15.55 57.44 36.11
C PHE A 772 -16.12 56.02 36.05
N TRP A 773 -17.32 55.84 36.61
CA TRP A 773 -17.93 54.53 36.71
C TRP A 773 -18.05 53.84 35.36
N ARG A 774 -18.54 54.56 34.35
CA ARG A 774 -18.75 53.97 33.04
C ARG A 774 -17.52 53.94 32.16
N SER A 775 -16.39 54.44 32.64
CA SER A 775 -15.17 54.40 31.84
C SER A 775 -14.74 52.94 31.64
N PHE A 776 -14.39 52.60 30.40
CA PHE A 776 -13.83 51.30 30.10
C PHE A 776 -12.67 51.02 31.05
N HIS A 777 -12.62 49.80 31.59
CA HIS A 777 -11.63 49.53 32.65
C HIS A 777 -11.18 48.08 32.66
N THR A 778 -9.88 47.89 32.48
CA THR A 778 -9.17 46.66 32.77
C THR A 778 -8.06 46.97 33.77
N GLU A 779 -7.39 45.93 34.27
CA GLU A 779 -6.24 46.18 35.15
C GLU A 779 -5.21 47.04 34.45
N ARG A 780 -5.19 47.01 33.11
CA ARG A 780 -4.16 47.65 32.32
C ARG A 780 -4.61 48.94 31.63
N LYS A 781 -5.92 49.10 31.41
CA LYS A 781 -6.43 50.29 30.74
C LYS A 781 -7.63 50.89 31.45
N THR A 782 -7.77 52.20 31.30
CA THR A 782 -9.00 52.91 31.64
C THR A 782 -9.23 53.96 30.56
N GLU A 783 -10.34 53.84 29.84
CA GLU A 783 -10.69 54.78 28.79
C GLU A 783 -12.04 55.39 29.07
N PRO A 784 -12.26 56.66 28.68
CA PRO A 784 -13.60 57.23 28.84
C PRO A 784 -14.58 56.49 27.93
N ALA A 785 -15.80 56.33 28.41
CA ALA A 785 -16.82 55.65 27.61
C ALA A 785 -17.09 56.43 26.33
N THR A 786 -17.53 55.71 25.30
CA THR A 786 -17.84 56.36 24.04
C THR A 786 -18.88 55.58 23.26
N GLY A 787 -19.77 56.30 22.59
CA GLY A 787 -20.77 55.70 21.73
C GLY A 787 -21.93 55.05 22.43
N PHE A 788 -22.04 55.22 23.73
CA PHE A 788 -23.05 54.53 24.53
C PHE A 788 -23.75 55.55 25.42
N ILE A 789 -25.07 55.44 25.48
CA ILE A 789 -25.89 56.27 26.35
C ILE A 789 -26.29 55.43 27.55
N ASP A 790 -25.94 55.87 28.75
CA ASP A 790 -26.33 55.15 29.95
C ASP A 790 -27.83 55.33 30.13
N GLY A 791 -28.63 54.48 29.50
CA GLY A 791 -30.08 54.65 29.55
C GLY A 791 -30.61 54.67 30.96
N ASP A 792 -29.94 53.97 31.88
CA ASP A 792 -30.38 53.99 33.28
C ASP A 792 -30.19 55.37 33.88
N LEU A 793 -29.24 56.14 33.37
CA LEU A 793 -29.09 57.53 33.80
C LEU A 793 -30.18 58.39 33.17
N ILE A 794 -30.42 58.19 31.87
CA ILE A 794 -31.48 58.94 31.18
C ILE A 794 -32.83 58.67 31.84
N GLU A 795 -33.12 57.41 32.15
CA GLU A 795 -34.42 57.08 32.74
C GLU A 795 -34.57 57.57 34.18
N SER A 796 -33.51 58.11 34.79
CA SER A 796 -33.62 58.68 36.13
C SER A 796 -34.09 60.14 36.11
N PHE A 797 -34.08 60.79 34.93
CA PHE A 797 -34.62 62.14 34.80
C PHE A 797 -36.06 62.21 35.30
N LEU A 798 -36.83 61.14 35.08
CA LEU A 798 -38.23 61.16 35.49
C LEU A 798 -38.40 61.08 36.99
N ASP A 799 -37.36 60.76 37.75
CA ASP A 799 -37.45 60.59 39.20
C ASP A 799 -36.90 61.76 39.98
N ILE A 800 -36.31 62.77 39.32
CA ILE A 800 -35.69 63.90 40.03
C ILE A 800 -36.75 64.98 40.24
N SER A 801 -36.58 65.76 41.31
CA SER A 801 -37.59 66.76 41.67
C SER A 801 -37.71 67.82 40.57
N ARG A 802 -38.89 68.44 40.49
CA ARG A 802 -39.12 69.45 39.46
C ARG A 802 -38.04 70.52 39.40
N PRO A 803 -37.59 71.11 40.51
CA PRO A 803 -36.52 72.12 40.43
C PRO A 803 -35.31 71.61 39.66
N LYS A 804 -34.98 70.34 39.84
CA LYS A 804 -33.81 69.77 39.20
C LYS A 804 -34.04 69.52 37.72
N MET A 805 -35.27 69.13 37.36
CA MET A 805 -35.62 68.93 35.96
C MET A 805 -35.43 70.22 35.15
N GLN A 806 -35.98 71.34 35.66
CA GLN A 806 -35.89 72.60 34.94
C GLN A 806 -34.44 73.08 34.89
N GLU A 807 -33.68 72.81 35.95
CA GLU A 807 -32.26 73.12 35.95
C GLU A 807 -31.54 72.37 34.84
N VAL A 808 -31.97 71.14 34.57
CA VAL A 808 -31.30 70.31 33.55
C VAL A 808 -31.53 70.88 32.15
N VAL A 809 -32.75 71.36 31.89
CA VAL A 809 -33.12 71.74 30.52
C VAL A 809 -32.69 73.16 30.17
N ALA A 810 -32.13 73.90 31.12
CA ALA A 810 -31.67 75.25 30.84
C ALA A 810 -30.63 75.25 29.74
N ASN A 811 -30.88 76.03 28.69
CA ASN A 811 -29.94 76.23 27.59
C ASN A 811 -29.71 74.96 26.78
N LEU A 812 -30.70 74.06 26.73
CA LEU A 812 -30.56 72.80 26.00
C LEU A 812 -31.20 72.97 24.63
N GLN A 813 -30.43 72.68 23.59
CA GLN A 813 -30.84 72.84 22.20
C GLN A 813 -30.85 71.50 21.47
N TYR A 814 -31.74 71.38 20.48
CA TYR A 814 -31.86 70.19 19.66
C TYR A 814 -31.14 70.46 18.33
N ASP A 815 -30.90 69.40 17.56
CA ASP A 815 -30.20 69.56 16.29
C ASP A 815 -30.70 68.55 15.26
N ASP A 816 -30.30 68.78 14.01
CA ASP A 816 -30.70 67.94 12.87
C ASP A 816 -32.15 67.48 12.95
N GLY A 817 -33.03 68.43 13.25
CA GLY A 817 -34.43 68.10 13.40
C GLY A 817 -35.28 68.92 12.45
N SER A 818 -36.61 68.87 12.60
CA SER A 818 -37.46 69.76 11.84
C SER A 818 -36.99 71.19 12.01
N GLY A 819 -36.76 71.60 13.26
CA GLY A 819 -36.11 72.86 13.58
C GLY A 819 -34.67 72.56 13.91
N MET A 820 -33.75 73.31 13.30
CA MET A 820 -32.33 73.01 13.50
C MET A 820 -31.93 73.27 14.94
N LYS A 821 -32.25 74.45 15.47
CA LYS A 821 -32.08 74.73 16.90
C LYS A 821 -33.44 74.94 17.54
N ARG A 822 -33.70 74.18 18.61
CA ARG A 822 -34.99 74.15 19.28
C ARG A 822 -34.73 73.98 20.78
N GLU A 823 -35.21 74.92 21.59
CA GLU A 823 -34.99 74.86 23.03
C GLU A 823 -35.88 73.81 23.69
N ALA A 824 -35.32 73.09 24.67
CA ALA A 824 -36.04 72.06 25.41
C ALA A 824 -36.65 72.62 26.70
N THR A 825 -37.84 72.13 27.05
CA THR A 825 -38.48 72.42 28.32
C THR A 825 -38.51 71.16 29.19
N ALA A 826 -38.77 71.34 30.49
CA ALA A 826 -38.86 70.20 31.39
C ALA A 826 -39.98 69.24 30.99
N ASP A 827 -41.10 69.77 30.49
CA ASP A 827 -42.18 68.91 30.06
C ASP A 827 -41.85 68.22 28.75
N ASP A 828 -40.97 68.82 27.93
CA ASP A 828 -40.57 68.18 26.69
C ASP A 828 -39.77 66.92 26.95
N LEU A 829 -38.82 66.97 27.89
CA LEU A 829 -37.96 65.81 28.13
C LEU A 829 -38.70 64.69 28.85
N ILE A 830 -39.66 65.04 29.72
CA ILE A 830 -40.43 63.99 30.38
C ILE A 830 -41.13 63.13 29.34
N LYS A 831 -41.60 63.75 28.25
CA LYS A 831 -42.25 62.97 27.21
C LYS A 831 -41.27 62.05 26.49
N VAL A 832 -40.09 62.57 26.14
CA VAL A 832 -39.13 61.75 25.39
C VAL A 832 -38.68 60.57 26.24
N VAL A 833 -38.36 60.83 27.52
CA VAL A 833 -37.87 59.74 28.37
C VAL A 833 -38.95 58.69 28.56
N GLU A 834 -40.21 59.11 28.71
CA GLU A 834 -41.28 58.14 28.89
C GLU A 834 -41.43 57.25 27.66
N GLU A 835 -41.19 57.77 26.45
CA GLU A 835 -41.17 56.90 25.28
C GLU A 835 -39.99 55.94 25.33
N LEU A 836 -38.85 56.38 25.88
CA LEU A 836 -37.69 55.52 25.96
C LEU A 836 -37.87 54.42 27.00
N THR A 837 -38.74 54.63 27.99
CA THR A 837 -39.04 53.59 28.96
C THR A 837 -39.94 52.50 28.40
N ARG A 838 -40.51 52.69 27.22
CA ARG A 838 -41.42 51.74 26.61
C ARG A 838 -40.72 50.69 25.75
N ILE A 839 -39.40 50.74 25.64
CA ILE A 839 -38.68 49.70 24.90
C ILE A 839 -38.45 48.47 25.77
N HIS A 840 -38.81 48.53 27.05
CA HIS A 840 -38.69 47.39 27.96
C HIS A 840 -39.80 47.51 29.02
N THR B 7 20.23 28.54 -4.62
CA THR B 7 20.64 28.18 -3.26
C THR B 7 19.76 28.88 -2.23
N GLU B 8 19.98 28.58 -0.95
CA GLU B 8 19.19 29.17 0.14
C GLU B 8 19.41 30.66 0.27
N SER B 9 20.46 31.20 -0.34
CA SER B 9 20.86 32.59 -0.13
C SER B 9 20.30 33.53 -1.19
N ASP B 10 19.68 33.01 -2.24
CA ASP B 10 19.19 33.80 -3.36
C ASP B 10 17.81 34.36 -3.02
N TRP B 11 17.81 35.37 -2.16
CA TRP B 11 16.57 35.98 -1.68
C TRP B 11 15.96 36.89 -2.73
N GLY B 12 14.64 37.11 -2.59
CA GLY B 12 13.91 38.01 -3.44
C GLY B 12 13.36 37.41 -4.72
N LYS B 13 13.67 36.16 -5.01
CA LYS B 13 13.18 35.49 -6.21
C LYS B 13 12.02 34.54 -5.94
N ARG B 14 12.09 33.72 -4.89
CA ARG B 14 11.05 32.74 -4.63
C ARG B 14 9.70 33.45 -4.49
N CYS B 15 8.64 32.81 -4.96
CA CYS B 15 7.33 33.44 -4.97
C CYS B 15 6.56 33.12 -3.69
N VAL B 16 5.67 34.05 -3.31
CA VAL B 16 4.79 33.84 -2.18
C VAL B 16 3.75 32.76 -2.45
N ASP B 17 3.68 32.27 -3.69
CA ASP B 17 2.84 31.11 -3.98
C ASP B 17 3.18 29.95 -3.06
N LYS B 18 4.43 29.92 -2.59
CA LYS B 18 4.92 28.81 -1.78
C LYS B 18 4.38 28.82 -0.37
N PHE B 19 3.54 29.78 -0.01
CA PHE B 19 2.92 29.84 1.31
C PHE B 19 1.40 29.87 1.15
N ASP B 20 0.73 29.04 1.94
CA ASP B 20 -0.71 29.15 2.12
C ASP B 20 -0.97 30.19 3.20
N ILE B 21 -1.62 31.29 2.84
CA ILE B 21 -1.88 32.35 3.79
C ILE B 21 -3.00 31.91 4.71
N ILE B 22 -2.78 32.02 6.02
CA ILE B 22 -3.79 31.63 6.99
C ILE B 22 -4.66 32.81 7.40
N GLY B 23 -4.06 33.98 7.56
CA GLY B 23 -4.80 35.16 7.94
C GLY B 23 -3.85 36.27 8.32
N ILE B 24 -4.41 37.39 8.73
CA ILE B 24 -3.65 38.57 9.12
C ILE B 24 -3.56 38.60 10.64
N ILE B 25 -2.36 38.31 11.16
CA ILE B 25 -2.20 38.32 12.62
C ILE B 25 -2.23 39.77 13.14
N GLY B 26 -1.57 40.69 12.45
CA GLY B 26 -1.51 42.04 12.98
C GLY B 26 -1.12 43.08 11.94
N GLU B 27 -1.29 44.34 12.32
CA GLU B 27 -0.88 45.47 11.50
C GLU B 27 0.51 45.91 11.94
N GLY B 28 1.41 46.08 10.99
CA GLY B 28 2.78 46.45 11.21
C GLY B 28 3.00 47.91 10.89
N THR B 29 4.24 48.24 10.54
CA THR B 29 4.58 49.61 10.19
C THR B 29 4.58 49.86 8.68
N TYR B 30 5.21 48.96 7.92
CA TYR B 30 5.34 49.13 6.48
C TYR B 30 4.40 48.22 5.71
N GLY B 31 3.53 47.52 6.41
CA GLY B 31 2.56 46.62 5.80
C GLY B 31 2.00 45.71 6.86
N GLN B 32 0.99 44.94 6.46
CA GLN B 32 0.33 44.04 7.38
C GLN B 32 1.17 42.77 7.54
N VAL B 33 1.03 42.14 8.69
CA VAL B 33 1.74 40.91 9.02
C VAL B 33 0.75 39.76 8.92
N TYR B 34 1.12 38.70 8.21
CA TYR B 34 0.23 37.59 7.94
C TYR B 34 0.82 36.28 8.48
N LYS B 35 -0.06 35.40 8.97
CA LYS B 35 0.32 34.04 9.34
C LYS B 35 0.15 33.15 8.13
N ALA B 36 1.12 32.27 7.90
CA ALA B 36 1.10 31.45 6.70
C ALA B 36 1.81 30.13 6.96
N LYS B 37 1.51 29.14 6.12
CA LYS B 37 2.10 27.82 6.21
C LYS B 37 2.88 27.58 4.92
N ASP B 38 4.11 27.09 5.05
CA ASP B 38 4.91 26.74 3.89
C ASP B 38 4.32 25.50 3.24
N LYS B 39 4.07 25.57 1.92
CA LYS B 39 3.42 24.44 1.26
C LYS B 39 4.30 23.21 1.24
N ASP B 40 5.62 23.39 1.17
CA ASP B 40 6.53 22.28 0.98
C ASP B 40 6.88 21.59 2.28
N THR B 41 7.17 22.36 3.34
CA THR B 41 7.64 21.81 4.60
C THR B 41 6.56 21.74 5.68
N GLY B 42 5.51 22.54 5.57
CA GLY B 42 4.50 22.60 6.60
C GLY B 42 4.81 23.55 7.74
N GLU B 43 5.93 24.26 7.69
CA GLU B 43 6.28 25.18 8.76
C GLU B 43 5.33 26.37 8.80
N LEU B 44 5.03 26.85 10.01
CA LEU B 44 4.30 28.10 10.16
C LEU B 44 5.30 29.26 10.15
N VAL B 45 5.00 30.29 9.39
CA VAL B 45 5.83 31.47 9.25
C VAL B 45 4.95 32.69 9.41
N ALA B 46 5.58 33.84 9.61
CA ALA B 46 4.91 35.13 9.64
C ALA B 46 5.48 35.95 8.50
N LEU B 47 4.60 36.47 7.65
CA LEU B 47 4.99 37.23 6.48
C LEU B 47 4.68 38.69 6.73
N LYS B 48 5.69 39.55 6.65
CA LYS B 48 5.50 40.98 6.75
C LYS B 48 5.49 41.55 5.33
N LYS B 49 4.39 42.20 4.96
CA LYS B 49 4.23 42.71 3.60
C LYS B 49 4.94 44.06 3.52
N VAL B 50 5.84 44.20 2.55
CA VAL B 50 6.54 45.45 2.31
C VAL B 50 6.04 45.98 0.97
N ARG B 51 5.44 47.15 0.98
CA ARG B 51 4.89 47.74 -0.23
C ARG B 51 5.77 48.91 -0.63
N LEU B 52 6.32 48.82 -1.83
CA LEU B 52 7.05 49.89 -2.47
C LEU B 52 6.19 50.66 -3.46
N ASP B 53 4.88 50.37 -3.48
CA ASP B 53 4.01 51.03 -4.44
C ASP B 53 3.92 52.52 -4.17
N ASN B 54 3.99 52.95 -2.90
CA ASN B 54 3.86 54.38 -2.62
C ASN B 54 4.98 55.16 -3.31
N GLU B 55 6.21 54.64 -3.26
CA GLU B 55 7.33 55.21 -3.99
C GLU B 55 7.63 56.64 -3.57
N LYS B 56 7.09 57.11 -2.43
CA LYS B 56 7.53 58.41 -1.92
C LYS B 56 9.03 58.41 -1.67
N GLU B 57 9.53 57.33 -1.04
CA GLU B 57 10.96 57.10 -0.88
C GLU B 57 11.29 55.66 -1.28
N GLY B 58 10.44 55.04 -2.09
CA GLY B 58 10.69 53.68 -2.52
C GLY B 58 10.62 52.70 -1.35
N PHE B 59 11.60 51.81 -1.28
CA PHE B 59 11.60 50.77 -0.27
C PHE B 59 11.66 51.40 1.12
N PRO B 60 10.80 50.98 2.06
CA PRO B 60 10.82 51.58 3.40
C PRO B 60 12.12 51.31 4.13
N ILE B 61 12.70 52.34 4.73
CA ILE B 61 13.94 52.16 5.48
C ILE B 61 13.70 51.28 6.70
N THR B 62 12.55 51.44 7.37
CA THR B 62 12.24 50.59 8.51
C THR B 62 12.48 49.12 8.17
N ALA B 63 12.03 48.70 6.99
CA ALA B 63 12.25 47.33 6.56
C ALA B 63 13.72 47.10 6.21
N ILE B 64 14.38 48.10 5.63
CA ILE B 64 15.80 47.97 5.30
C ILE B 64 16.61 47.66 6.55
N ARG B 65 16.29 48.32 7.66
CA ARG B 65 16.99 48.06 8.91
C ARG B 65 16.75 46.63 9.38
N GLU B 66 15.51 46.17 9.27
CA GLU B 66 15.16 44.83 9.73
C GLU B 66 15.87 43.77 8.90
N ILE B 67 16.04 44.01 7.59
CA ILE B 67 16.73 43.06 6.73
C ILE B 67 18.23 43.11 6.97
N LYS B 68 18.77 44.32 7.10
CA LYS B 68 20.21 44.50 7.30
C LYS B 68 20.66 43.90 8.63
N ILE B 69 19.92 44.14 9.70
CA ILE B 69 20.37 43.74 11.03
C ILE B 69 20.03 42.28 11.32
N LEU B 70 18.81 41.85 11.02
CA LEU B 70 18.40 40.52 11.46
C LEU B 70 19.14 39.40 10.72
N ARG B 71 19.69 39.66 9.53
CA ARG B 71 20.55 38.65 8.90
C ARG B 71 21.88 38.51 9.65
N GLN B 72 22.40 39.62 10.18
CA GLN B 72 23.64 39.56 10.95
C GLN B 72 23.42 38.88 12.30
N LEU B 73 22.25 39.08 12.91
CA LEU B 73 21.99 38.66 14.28
C LEU B 73 21.38 37.26 14.32
N ILE B 74 22.06 36.34 14.98
CA ILE B 74 21.60 34.96 15.20
C ILE B 74 21.66 34.67 16.68
N HIS B 75 20.50 34.59 17.34
CA HIS B 75 20.44 34.27 18.75
C HIS B 75 19.12 33.59 19.07
N ARG B 76 19.13 32.78 20.14
CA ARG B 76 17.92 32.06 20.53
C ARG B 76 16.78 33.00 20.87
N SER B 77 17.11 34.18 21.39
CA SER B 77 16.14 35.16 21.84
C SER B 77 15.96 36.30 20.86
N VAL B 78 16.32 36.09 19.61
CA VAL B 78 16.09 37.05 18.53
C VAL B 78 15.30 36.35 17.43
N VAL B 79 14.39 37.08 16.79
CA VAL B 79 13.50 36.48 15.81
C VAL B 79 14.29 36.20 14.54
N ASN B 80 14.16 34.99 14.01
CA ASN B 80 14.94 34.57 12.85
C ASN B 80 14.18 34.92 11.59
N MET B 81 14.72 35.87 10.82
CA MET B 81 14.21 36.13 9.47
C MET B 81 14.69 35.01 8.55
N LYS B 82 13.75 34.29 7.93
CA LYS B 82 14.13 33.13 7.13
C LYS B 82 14.44 33.46 5.68
N GLU B 83 13.66 34.29 5.02
CA GLU B 83 13.91 34.64 3.62
C GLU B 83 13.01 35.81 3.23
N ILE B 84 13.11 36.22 1.98
CA ILE B 84 12.28 37.28 1.42
C ILE B 84 11.71 36.78 0.10
N VAL B 85 10.39 36.91 -0.07
CA VAL B 85 9.69 36.40 -1.24
C VAL B 85 8.85 37.53 -1.84
N THR B 86 8.40 37.31 -3.08
CA THR B 86 7.71 38.33 -3.86
C THR B 86 6.43 37.82 -4.48
N ASP B 87 5.55 38.76 -4.84
CA ASP B 87 4.38 38.49 -5.65
C ASP B 87 4.78 38.15 -7.09
N LYS B 88 3.85 37.50 -7.81
CA LYS B 88 4.09 37.21 -9.21
C LYS B 88 4.27 38.51 -9.97
N GLN B 89 5.41 38.67 -10.67
CA GLN B 89 5.59 39.86 -11.49
C GLN B 89 4.34 40.16 -12.28
N ASP B 90 3.71 39.11 -12.82
CA ASP B 90 2.52 39.24 -13.67
C ASP B 90 2.84 39.93 -14.98
N ALA B 91 4.12 40.23 -15.23
CA ALA B 91 4.56 40.92 -16.42
C ALA B 91 5.99 40.49 -16.75
N LEU B 92 6.27 40.40 -18.04
CA LEU B 92 7.62 40.06 -18.49
C LEU B 92 8.57 41.24 -18.36
N ASP B 93 8.05 42.47 -18.39
CA ASP B 93 8.85 43.69 -18.30
C ASP B 93 8.77 44.34 -16.92
N PHE B 94 9.91 44.75 -16.38
CA PHE B 94 9.91 45.48 -15.11
C PHE B 94 9.40 46.92 -15.37
N LYS B 95 9.42 47.78 -14.36
CA LYS B 95 9.01 49.18 -14.41
C LYS B 95 7.46 49.29 -14.37
N LYS B 96 6.74 48.19 -14.52
CA LYS B 96 5.28 48.12 -14.42
C LYS B 96 4.84 47.31 -13.22
N ASP B 97 5.79 46.72 -12.50
CA ASP B 97 5.53 45.87 -11.34
C ASP B 97 5.35 46.71 -10.09
N LYS B 98 4.21 46.51 -9.41
CA LYS B 98 3.96 47.08 -8.11
C LYS B 98 3.96 45.98 -7.05
N GLY B 99 4.30 44.77 -7.50
CA GLY B 99 4.23 43.64 -6.57
C GLY B 99 5.11 43.88 -5.36
N ALA B 100 4.57 43.53 -4.21
CA ALA B 100 5.23 43.79 -2.94
C ALA B 100 6.16 42.64 -2.58
N PHE B 101 7.00 42.89 -1.59
CA PHE B 101 7.92 41.89 -1.06
C PHE B 101 7.44 41.48 0.33
N TYR B 102 7.75 40.25 0.72
CA TYR B 102 7.33 39.72 2.01
C TYR B 102 8.56 39.23 2.77
N LEU B 103 8.68 39.64 4.03
CA LEU B 103 9.76 39.20 4.91
C LEU B 103 9.28 38.00 5.71
N VAL B 104 9.91 36.85 5.49
CA VAL B 104 9.52 35.62 6.17
C VAL B 104 10.21 35.57 7.53
N PHE B 105 9.43 35.29 8.57
CA PHE B 105 9.93 35.14 9.92
C PHE B 105 9.42 33.84 10.50
N GLU B 106 10.09 33.37 11.55
CA GLU B 106 9.54 32.31 12.35
C GLU B 106 8.27 32.78 13.02
N TYR B 107 7.21 31.99 12.96
CA TYR B 107 5.96 32.34 13.61
C TYR B 107 6.08 32.15 15.12
N MET B 108 5.52 33.09 15.88
CA MET B 108 5.50 33.04 17.34
C MET B 108 4.06 32.96 17.82
N ASP B 109 3.80 32.04 18.76
CA ASP B 109 2.42 31.73 19.13
C ASP B 109 1.69 32.93 19.73
N HIS B 110 2.36 33.68 20.60
CA HIS B 110 1.71 34.76 21.33
C HIS B 110 2.66 35.93 21.49
N ASP B 111 2.10 37.10 21.77
CA ASP B 111 2.86 38.30 22.12
C ASP B 111 2.58 38.66 23.57
N LEU B 112 3.58 39.26 24.22
CA LEU B 112 3.48 39.48 25.66
C LEU B 112 2.30 40.40 26.01
N MET B 113 2.11 41.48 25.26
CA MET B 113 0.98 42.37 25.55
C MET B 113 -0.34 41.62 25.43
N GLY B 114 -0.50 40.86 24.34
CA GLY B 114 -1.70 40.07 24.19
C GLY B 114 -1.96 39.16 25.38
N LEU B 115 -0.91 38.48 25.83
CA LEU B 115 -1.07 37.55 26.95
C LEU B 115 -1.41 38.30 28.23
N LEU B 116 -0.85 39.50 28.39
CA LEU B 116 -1.14 40.30 29.57
C LEU B 116 -2.52 40.93 29.51
N GLU B 117 -2.89 41.51 28.37
CA GLU B 117 -4.19 42.19 28.29
C GLU B 117 -5.33 41.27 28.75
N SER B 118 -5.22 39.95 28.52
CA SER B 118 -6.22 39.06 29.09
C SER B 118 -6.10 39.03 30.61
N GLY B 119 -4.88 39.11 31.13
CA GLY B 119 -4.65 39.28 32.54
C GLY B 119 -4.91 38.08 33.42
N LEU B 120 -5.42 36.98 32.88
CA LEU B 120 -5.54 35.77 33.69
C LEU B 120 -4.30 34.90 33.59
N VAL B 121 -3.23 35.42 33.01
CA VAL B 121 -1.98 34.68 32.94
C VAL B 121 -1.31 34.87 34.30
N HIS B 122 -0.82 33.77 34.87
CA HIS B 122 -0.12 33.83 36.15
C HIS B 122 1.38 33.67 35.93
N PHE B 123 2.15 34.61 36.45
CA PHE B 123 3.61 34.61 36.33
C PHE B 123 4.25 34.48 37.70
N SER B 124 4.86 33.32 37.96
CA SER B 124 5.60 33.09 39.19
C SER B 124 7.01 33.69 39.08
N GLU B 125 7.76 33.63 40.19
CA GLU B 125 9.14 34.12 40.14
C GLU B 125 9.95 33.33 39.12
N ASP B 126 9.86 32.01 39.14
CA ASP B 126 10.64 31.19 38.20
C ASP B 126 10.25 31.45 36.76
N HIS B 127 8.98 31.76 36.50
CA HIS B 127 8.58 32.12 35.14
C HIS B 127 9.25 33.42 34.71
N ILE B 128 9.29 34.40 35.61
CA ILE B 128 9.92 35.68 35.30
C ILE B 128 11.41 35.51 35.10
N LYS B 129 12.06 34.71 35.95
CA LYS B 129 13.49 34.44 35.77
C LYS B 129 13.76 33.91 34.36
N SER B 130 13.02 32.88 33.95
CA SER B 130 13.25 32.29 32.64
C SER B 130 12.97 33.30 31.52
N PHE B 131 11.92 34.10 31.68
CA PHE B 131 11.56 35.10 30.69
C PHE B 131 12.64 36.17 30.60
N MET B 132 12.96 36.82 31.73
CA MET B 132 13.91 37.93 31.71
C MET B 132 15.29 37.50 31.25
N LYS B 133 15.77 36.33 31.70
CA LYS B 133 17.10 35.90 31.30
C LYS B 133 17.24 35.80 29.79
N GLN B 134 16.24 35.23 29.11
CA GLN B 134 16.30 35.14 27.67
C GLN B 134 16.31 36.51 27.03
N LEU B 135 15.47 37.41 27.52
CA LEU B 135 15.40 38.75 26.98
C LEU B 135 16.74 39.46 27.12
N MET B 136 17.33 39.39 28.31
CA MET B 136 18.60 40.06 28.52
C MET B 136 19.71 39.41 27.71
N GLU B 137 19.70 38.08 27.58
CA GLU B 137 20.70 37.42 26.76
C GLU B 137 20.64 37.89 25.32
N GLY B 138 19.43 38.06 24.79
CA GLY B 138 19.30 38.58 23.44
C GLY B 138 19.75 40.02 23.34
N LEU B 139 19.39 40.84 24.32
CA LEU B 139 19.80 42.24 24.29
C LEU B 139 21.32 42.33 24.39
N GLU B 140 21.92 41.50 25.26
CA GLU B 140 23.37 41.46 25.36
C GLU B 140 24.00 41.07 24.04
N TYR B 141 23.45 40.06 23.37
CA TYR B 141 23.96 39.69 22.06
C TYR B 141 23.92 40.88 21.11
N CYS B 142 22.79 41.57 21.08
CA CYS B 142 22.63 42.73 20.21
C CYS B 142 23.53 43.87 20.63
N HIS B 143 23.70 44.10 21.93
CA HIS B 143 24.53 45.20 22.39
C HIS B 143 26.01 44.93 22.17
N LYS B 144 26.45 43.68 22.35
CA LYS B 144 27.83 43.35 22.03
C LYS B 144 28.12 43.59 20.55
N LYS B 145 27.13 43.39 19.69
CA LYS B 145 27.24 43.70 18.27
C LYS B 145 26.97 45.18 17.98
N ASN B 146 26.76 46.00 19.01
CA ASN B 146 26.63 47.45 18.88
C ASN B 146 25.38 47.84 18.09
N PHE B 147 24.25 47.24 18.43
CA PHE B 147 22.97 47.60 17.86
C PHE B 147 22.04 48.04 18.98
N LEU B 148 21.26 49.09 18.76
CA LEU B 148 20.25 49.52 19.72
C LEU B 148 18.85 49.25 19.17
N HIS B 149 18.03 48.55 19.96
CA HIS B 149 16.68 48.24 19.51
C HIS B 149 15.85 49.51 19.35
N ARG B 150 15.86 50.37 20.38
CA ARG B 150 15.26 51.69 20.39
C ARG B 150 13.72 51.65 20.39
N ASP B 151 13.09 50.48 20.45
CA ASP B 151 11.63 50.39 20.57
C ASP B 151 11.23 49.09 21.28
N ILE B 152 11.58 48.96 22.55
CA ILE B 152 11.29 47.76 23.31
C ILE B 152 9.99 48.02 24.07
N LYS B 153 8.94 47.27 23.72
CA LYS B 153 7.65 47.34 24.39
C LYS B 153 7.11 45.93 24.54
N CYS B 154 6.01 45.80 25.30
CA CYS B 154 5.44 44.49 25.53
C CYS B 154 5.01 43.81 24.23
N SER B 155 4.40 44.58 23.33
CA SER B 155 3.95 43.98 22.08
C SER B 155 5.12 43.44 21.26
N ASN B 156 6.32 44.04 21.40
CA ASN B 156 7.45 43.57 20.61
C ASN B 156 8.05 42.26 21.14
N ILE B 157 7.87 41.95 22.43
CA ILE B 157 8.33 40.67 22.96
C ILE B 157 7.38 39.57 22.53
N LEU B 158 7.93 38.48 21.99
CA LEU B 158 7.14 37.37 21.46
C LEU B 158 7.48 36.10 22.22
N LEU B 159 6.46 35.30 22.50
CA LEU B 159 6.59 34.11 23.34
C LEU B 159 5.74 33.00 22.73
N ASN B 160 6.36 31.85 22.46
CA ASN B 160 5.62 30.66 22.08
C ASN B 160 5.49 29.75 23.29
N ASN B 161 4.61 28.76 23.18
CA ASN B 161 4.16 28.04 24.38
C ASN B 161 5.29 27.29 25.07
N SER B 162 6.37 26.97 24.36
CA SER B 162 7.50 26.27 24.97
C SER B 162 8.23 27.10 26.02
N GLY B 163 7.92 28.39 26.16
CA GLY B 163 8.63 29.26 27.06
C GLY B 163 9.77 30.00 26.41
N GLN B 164 9.98 29.81 25.12
CA GLN B 164 11.03 30.51 24.40
C GLN B 164 10.61 31.96 24.20
N ILE B 165 11.52 32.88 24.49
CA ILE B 165 11.28 34.31 24.31
C ILE B 165 12.13 34.76 23.13
N LYS B 166 11.57 35.61 22.27
CA LYS B 166 12.27 36.14 21.13
C LYS B 166 11.93 37.60 20.91
N LEU B 167 12.96 38.45 20.82
CA LEU B 167 12.77 39.87 20.52
C LEU B 167 12.56 40.07 19.02
N ALA B 168 11.77 41.09 18.68
CA ALA B 168 11.37 41.29 17.29
C ALA B 168 11.07 42.76 17.03
N ASP B 169 10.69 43.05 15.79
CA ASP B 169 10.37 44.39 15.32
C ASP B 169 11.55 45.34 15.54
N PHE B 170 12.69 44.96 14.97
CA PHE B 170 13.88 45.81 15.00
C PHE B 170 13.78 46.95 14.00
N GLY B 171 12.58 47.50 13.81
CA GLY B 171 12.40 48.50 12.77
C GLY B 171 13.22 49.75 12.98
N LEU B 172 13.37 50.17 14.24
CA LEU B 172 14.12 51.38 14.57
C LEU B 172 15.56 51.12 14.97
N ALA B 173 16.06 49.89 14.81
CA ALA B 173 17.40 49.57 15.29
C ALA B 173 18.49 50.26 14.46
N ARG B 174 19.51 50.77 15.14
CA ARG B 174 20.63 51.45 14.52
C ARG B 174 21.91 51.14 15.30
N LEU B 175 23.05 51.30 14.62
CA LEU B 175 24.34 51.03 15.23
C LEU B 175 24.72 52.17 16.19
N TYR B 176 25.34 51.81 17.31
CA TYR B 176 25.75 52.76 18.34
C TYR B 176 27.27 52.80 18.34
N ASN B 177 27.83 54.00 18.28
CA ASN B 177 29.28 54.17 18.34
C ASN B 177 29.63 54.93 19.60
N SER B 178 30.46 54.32 20.44
CA SER B 178 30.92 54.95 21.67
C SER B 178 31.96 56.01 21.39
N GLU B 179 32.91 55.73 20.50
CA GLU B 179 33.92 56.71 20.15
C GLU B 179 33.32 57.93 19.47
N GLU B 180 32.57 57.73 18.38
CA GLU B 180 31.95 58.84 17.65
C GLU B 180 30.53 59.04 18.14
N SER B 181 30.28 60.18 18.79
CA SER B 181 28.92 60.53 19.19
C SER B 181 28.12 60.88 17.95
N ARG B 182 26.95 60.27 17.79
CA ARG B 182 26.15 60.49 16.61
C ARG B 182 24.80 61.09 16.95
N PRO B 183 24.36 62.14 16.25
CA PRO B 183 23.04 62.73 16.53
C PRO B 183 21.92 61.75 16.23
N TYR B 184 21.01 61.57 17.17
CA TYR B 184 19.90 60.66 16.95
C TYR B 184 18.50 61.30 16.91
N ASN B 186 15.80 60.85 18.73
CA ASN B 186 15.28 61.27 20.04
C ASN B 186 13.81 61.06 20.37
N LYS B 187 13.02 60.52 19.46
CA LYS B 187 11.65 60.15 19.78
C LYS B 187 11.43 58.73 19.26
N VAL B 188 12.01 57.73 19.91
CA VAL B 188 12.02 56.36 19.38
C VAL B 188 11.18 55.41 20.22
N ILE B 189 11.24 55.47 21.58
CA ILE B 189 10.54 54.48 22.40
C ILE B 189 9.12 54.94 22.78
N THR B 190 8.18 53.98 22.87
CA THR B 190 6.79 54.32 23.22
C THR B 190 6.76 54.93 24.61
N LEU B 191 5.92 55.95 24.79
CA LEU B 191 6.02 56.79 25.97
C LEU B 191 6.13 55.95 27.23
N TRP B 192 5.38 54.86 27.30
CA TRP B 192 5.36 54.04 28.52
C TRP B 192 6.71 53.43 28.82
N TYR B 193 7.49 53.11 27.79
CA TYR B 193 8.78 52.47 27.95
C TYR B 193 9.93 53.39 27.59
N ARG B 194 9.70 54.71 27.61
CA ARG B 194 10.78 55.62 27.20
C ARG B 194 11.60 56.04 28.42
N PRO B 195 12.93 56.09 28.31
CA PRO B 195 13.76 56.43 29.49
C PRO B 195 13.71 57.92 29.78
N PRO B 196 14.06 58.33 31.00
CA PRO B 196 14.02 59.77 31.32
C PRO B 196 14.96 60.59 30.46
N GLU B 197 16.06 59.99 30.01
CA GLU B 197 17.01 60.71 29.16
C GLU B 197 16.34 61.15 27.86
N LEU B 198 15.54 60.28 27.25
CA LEU B 198 14.84 60.65 26.02
C LEU B 198 13.71 61.62 26.27
N LEU B 199 13.02 61.50 27.40
CA LEU B 199 11.98 62.48 27.71
C LEU B 199 12.58 63.88 27.83
N LEU B 200 13.85 63.97 28.20
CA LEU B 200 14.54 65.25 28.28
C LEU B 200 15.23 65.61 26.98
N GLY B 201 14.90 64.93 25.88
CA GLY B 201 15.41 65.30 24.58
C GLY B 201 16.87 65.03 24.39
N GLU B 202 17.39 63.97 25.00
CA GLU B 202 18.81 63.62 24.89
C GLU B 202 19.05 62.85 23.61
N GLU B 203 19.72 63.47 22.65
CA GLU B 203 20.16 62.76 21.47
C GLU B 203 21.43 62.01 21.86
N ARG B 204 22.08 61.36 20.90
CA ARG B 204 23.32 60.63 21.19
C ARG B 204 23.15 59.72 22.41
N TYR B 205 22.00 59.03 22.46
CA TYR B 205 21.69 58.22 23.62
C TYR B 205 22.53 56.94 23.63
N THR B 206 22.67 56.36 24.81
CA THR B 206 23.46 55.15 25.01
C THR B 206 22.58 53.92 24.85
N PRO B 207 23.17 52.73 24.74
CA PRO B 207 22.35 51.52 24.75
C PRO B 207 21.52 51.36 26.02
N ALA B 208 21.81 52.15 27.06
CA ALA B 208 21.07 52.05 28.31
C ALA B 208 19.61 52.41 28.16
N ILE B 209 19.19 52.96 27.01
CA ILE B 209 17.78 53.20 26.78
C ILE B 209 17.01 51.88 26.75
N ASP B 210 17.60 50.86 26.13
CA ASP B 210 16.93 49.57 26.05
C ASP B 210 16.80 48.94 27.42
N VAL B 211 17.80 49.15 28.28
CA VAL B 211 17.75 48.57 29.62
C VAL B 211 16.56 49.14 30.38
N TRP B 212 16.34 50.46 30.28
CA TRP B 212 15.23 51.07 30.98
C TRP B 212 13.90 50.43 30.58
N SER B 213 13.71 50.24 29.28
CA SER B 213 12.49 49.60 28.80
C SER B 213 12.33 48.20 29.37
N CYS B 214 13.40 47.42 29.34
CA CYS B 214 13.35 46.09 29.93
C CYS B 214 13.15 46.17 31.42
N GLY B 215 13.62 47.25 32.05
CA GLY B 215 13.34 47.47 33.46
C GLY B 215 11.86 47.70 33.73
N CYS B 216 11.21 48.51 32.89
CA CYS B 216 9.77 48.72 33.06
C CYS B 216 9.00 47.43 32.88
N ILE B 217 9.49 46.55 31.99
CA ILE B 217 8.86 45.25 31.79
C ILE B 217 9.03 44.40 33.03
N LEU B 218 10.23 44.38 33.60
CA LEU B 218 10.46 43.60 34.82
C LEU B 218 9.43 43.96 35.87
N GLY B 219 9.26 45.26 36.14
CA GLY B 219 8.24 45.66 37.07
C GLY B 219 6.85 45.25 36.65
N GLU B 220 6.56 45.37 35.35
CA GLU B 220 5.24 45.03 34.83
C GLU B 220 4.90 43.55 35.04
N LEU B 221 5.90 42.67 34.93
CA LEU B 221 5.65 41.24 35.09
C LEU B 221 5.27 40.87 36.51
N PHE B 222 5.61 41.70 37.50
CA PHE B 222 5.27 41.42 38.89
C PHE B 222 3.94 42.03 39.30
N THR B 223 3.40 42.97 38.53
CA THR B 223 2.10 43.56 38.81
C THR B 223 1.04 43.24 37.76
N LYS B 224 1.45 42.81 36.56
CA LYS B 224 0.58 42.62 35.41
C LYS B 224 0.05 43.94 34.87
N LYS B 225 0.60 45.07 35.34
CA LYS B 225 0.21 46.41 34.91
C LYS B 225 1.48 47.19 34.58
N PRO B 226 1.55 47.89 33.45
CA PRO B 226 2.72 48.72 33.16
C PRO B 226 2.97 49.72 34.28
N ILE B 227 4.23 50.14 34.40
CA ILE B 227 4.61 50.98 35.54
C ILE B 227 4.33 52.46 35.28
N PHE B 228 4.73 52.99 34.12
CA PHE B 228 4.64 54.41 33.84
C PHE B 228 3.67 54.58 32.69
N GLN B 229 2.41 54.81 33.02
CA GLN B 229 1.35 55.00 32.04
C GLN B 229 0.98 56.47 32.03
N ALA B 230 1.25 57.13 30.91
CA ALA B 230 0.93 58.53 30.75
C ALA B 230 0.65 58.78 29.28
N ASN B 231 0.02 59.92 29.00
CA ASN B 231 -0.32 60.29 27.64
C ASN B 231 0.59 61.36 27.07
N LEU B 232 1.28 62.10 27.94
CA LEU B 232 2.10 63.22 27.50
C LEU B 232 3.48 63.12 28.13
N GLU B 233 4.46 63.67 27.44
CA GLU B 233 5.86 63.52 27.84
C GLU B 233 6.10 64.09 29.24
N LEU B 234 5.42 65.17 29.61
CA LEU B 234 5.61 65.73 30.95
C LEU B 234 5.00 64.82 32.01
N ALA B 235 3.77 64.34 31.77
CA ALA B 235 3.11 63.48 32.76
C ALA B 235 3.92 62.22 33.01
N GLN B 236 4.61 61.71 31.99
CA GLN B 236 5.44 60.54 32.15
C GLN B 236 6.62 60.83 33.06
N LEU B 237 7.30 61.95 32.82
CA LEU B 237 8.42 62.33 33.67
C LEU B 237 7.96 62.48 35.12
N GLU B 238 6.74 62.97 35.32
CA GLU B 238 6.17 63.10 36.66
C GLU B 238 5.99 61.73 37.31
N LEU B 239 5.41 60.78 36.59
CA LEU B 239 5.20 59.45 37.16
C LEU B 239 6.53 58.80 37.50
N ILE B 240 7.47 58.82 36.54
CA ILE B 240 8.81 58.32 36.81
C ILE B 240 9.38 58.99 38.04
N SER B 241 9.20 60.31 38.14
CA SER B 241 9.77 61.05 39.26
C SER B 241 9.10 60.65 40.57
N ARG B 242 7.79 60.40 40.57
CA ARG B 242 7.16 59.98 41.82
C ARG B 242 7.77 58.68 42.35
N LEU B 243 8.32 57.86 41.45
CA LEU B 243 8.87 56.57 41.82
C LEU B 243 10.39 56.59 41.92
N CYS B 244 11.07 57.10 40.90
CA CYS B 244 12.53 57.05 40.84
C CYS B 244 13.21 58.25 41.46
N GLY B 245 12.47 59.30 41.78
CA GLY B 245 13.09 60.55 42.19
C GLY B 245 13.22 61.50 41.02
N SER B 246 13.19 62.79 41.33
CA SER B 246 13.25 63.78 40.28
C SER B 246 14.68 63.88 39.73
N PRO B 247 14.84 64.06 38.42
CA PRO B 247 16.18 64.34 37.88
C PRO B 247 16.76 65.61 38.49
N CYS B 248 17.98 65.48 39.02
CA CYS B 248 18.69 66.61 39.61
C CYS B 248 20.17 66.28 39.59
N PRO B 249 21.05 67.28 39.56
CA PRO B 249 22.49 66.99 39.52
C PRO B 249 22.94 66.10 40.67
N ALA B 250 22.20 66.04 41.77
CA ALA B 250 22.59 65.21 42.89
C ALA B 250 22.75 63.74 42.47
N VAL B 251 21.89 63.27 41.56
CA VAL B 251 21.95 61.90 41.08
C VAL B 251 22.28 61.79 39.61
N TRP B 252 22.31 62.88 38.86
CA TRP B 252 22.47 62.84 37.40
C TRP B 252 23.32 64.05 36.99
N PRO B 253 24.63 63.97 37.18
CA PRO B 253 25.47 65.16 36.98
C PRO B 253 25.25 65.86 35.66
N ASP B 254 24.99 65.10 34.59
CA ASP B 254 24.86 65.65 33.24
C ASP B 254 23.41 66.00 32.89
N VAL B 255 22.51 66.01 33.87
CA VAL B 255 21.12 66.35 33.57
C VAL B 255 21.02 67.79 33.09
N ILE B 256 21.93 68.66 33.57
CA ILE B 256 21.89 70.07 33.17
C ILE B 256 22.20 70.24 31.69
N ARG B 257 22.94 69.30 31.09
CA ARG B 257 23.23 69.44 29.67
C ARG B 257 22.03 69.06 28.80
N LEU B 258 21.03 68.44 29.38
CA LEU B 258 19.94 67.92 28.56
C LEU B 258 19.00 69.08 28.23
N PRO B 259 18.57 69.18 26.97
CA PRO B 259 17.85 70.40 26.55
C PRO B 259 16.68 70.82 27.44
N TYR B 260 15.84 69.88 27.88
CA TYR B 260 14.58 70.24 28.52
C TYR B 260 14.63 70.18 30.06
N PHE B 261 15.83 70.14 30.64
CA PHE B 261 15.92 70.03 32.09
C PHE B 261 15.34 71.27 32.78
N ASN B 262 15.68 72.46 32.30
CA ASN B 262 15.11 73.67 32.88
C ASN B 262 13.64 73.83 32.50
N THR B 263 13.20 73.18 31.42
CA THR B 263 11.81 73.26 30.98
C THR B 263 10.88 72.32 31.74
N MET B 264 11.17 71.01 31.73
CA MET B 264 10.25 69.98 32.21
C MET B 264 10.48 69.62 33.69
N LYS B 265 10.26 70.59 34.57
CA LYS B 265 10.40 70.27 35.99
C LYS B 265 9.17 69.52 36.50
N PRO B 266 9.35 68.47 37.32
CA PRO B 266 8.20 67.85 37.98
C PRO B 266 7.65 68.71 39.11
N LYS B 267 6.46 68.34 39.57
CA LYS B 267 5.77 69.12 40.61
C LYS B 267 6.69 69.40 41.79
N LYS B 268 7.39 68.38 42.26
CA LYS B 268 8.27 68.49 43.40
C LYS B 268 9.64 67.94 43.00
N GLN B 269 10.59 68.03 43.92
CA GLN B 269 11.84 67.28 43.83
C GLN B 269 11.61 66.05 44.69
N TYR B 270 11.06 65.01 44.08
CA TYR B 270 10.66 63.82 44.81
C TYR B 270 11.86 63.01 45.27
N ARG B 271 11.70 62.33 46.39
CA ARG B 271 12.64 61.31 46.81
C ARG B 271 12.28 59.98 46.15
N ARG B 272 13.29 59.13 45.98
CA ARG B 272 13.08 57.81 45.38
C ARG B 272 12.35 56.89 46.35
N ARG B 273 11.29 56.25 45.86
CA ARG B 273 10.49 55.31 46.64
C ARG B 273 10.45 53.92 46.02
N LEU B 274 11.29 53.65 45.00
CA LEU B 274 11.14 52.42 44.23
C LEU B 274 11.11 51.20 45.13
N ARG B 275 11.98 51.14 46.12
CA ARG B 275 12.00 49.99 47.03
C ARG B 275 10.76 49.95 47.92
N GLU B 276 10.14 51.09 48.22
CA GLU B 276 8.95 51.07 49.06
C GLU B 276 7.72 50.62 48.28
N GLU B 277 7.48 51.23 47.11
CA GLU B 277 6.30 50.89 46.34
C GLU B 277 6.41 49.52 45.69
N PHE B 278 7.61 48.91 45.66
CA PHE B 278 7.79 47.56 45.18
C PHE B 278 8.23 46.59 46.28
N SER B 279 7.90 46.87 47.53
CA SER B 279 8.39 46.04 48.63
C SER B 279 7.87 44.60 48.54
N PHE B 280 6.84 44.32 47.75
CA PHE B 280 6.31 42.97 47.61
C PHE B 280 7.10 42.11 46.62
N ILE B 281 8.20 42.62 46.07
CA ILE B 281 9.01 41.89 45.09
C ILE B 281 10.15 41.16 45.80
N PRO B 282 10.51 39.95 45.35
CA PRO B 282 11.66 39.26 45.94
C PRO B 282 12.93 40.12 45.94
N SER B 283 13.75 39.92 46.98
CA SER B 283 14.90 40.79 47.19
C SER B 283 15.86 40.73 45.99
N ALA B 284 16.13 39.53 45.48
CA ALA B 284 17.03 39.40 44.34
C ALA B 284 16.50 40.18 43.14
N ALA B 285 15.18 40.15 42.92
CA ALA B 285 14.60 40.85 41.79
C ALA B 285 14.55 42.36 42.02
N LEU B 286 14.11 42.78 43.21
CA LEU B 286 13.97 44.20 43.47
C LEU B 286 15.26 44.97 43.22
N ASP B 287 16.39 44.42 43.67
CA ASP B 287 17.66 45.10 43.43
C ASP B 287 17.97 45.18 41.93
N LEU B 288 17.59 44.18 41.16
CA LEU B 288 17.76 44.26 39.72
C LEU B 288 16.95 45.42 39.16
N LEU B 289 15.71 45.58 39.64
CA LEU B 289 14.87 46.67 39.17
C LEU B 289 15.48 48.03 39.48
N ASP B 290 15.96 48.21 40.70
CA ASP B 290 16.56 49.49 41.07
C ASP B 290 17.71 49.87 40.16
N HIS B 291 18.54 48.90 39.78
CA HIS B 291 19.65 49.22 38.90
C HIS B 291 19.16 49.47 37.48
N MET B 292 18.15 48.72 37.05
CA MET B 292 17.64 48.92 35.68
C MET B 292 16.89 50.23 35.55
N LEU B 293 16.18 50.63 36.61
CA LEU B 293 15.44 51.90 36.60
C LEU B 293 16.25 53.00 37.26
N THR B 294 17.55 53.02 37.03
CA THR B 294 18.41 54.10 37.46
C THR B 294 18.28 55.27 36.50
N LEU B 295 18.24 56.48 37.05
CA LEU B 295 17.96 57.67 36.24
C LEU B 295 19.09 57.98 35.27
N ASP B 296 20.33 58.04 35.78
CA ASP B 296 21.47 58.44 34.96
C ASP B 296 21.90 57.29 34.07
N PRO B 297 21.82 57.44 32.74
CA PRO B 297 22.19 56.30 31.86
C PRO B 297 23.62 55.84 32.03
N SER B 298 24.49 56.67 32.59
CA SER B 298 25.86 56.26 32.86
C SER B 298 25.98 55.41 34.11
N LYS B 299 25.03 55.52 35.02
CA LYS B 299 24.97 54.70 36.22
C LYS B 299 24.00 53.54 36.06
N ARG B 300 23.21 53.55 34.99
CA ARG B 300 22.29 52.44 34.72
C ARG B 300 23.09 51.21 34.30
N CYS B 301 22.73 50.06 34.85
CA CYS B 301 23.43 48.82 34.58
C CYS B 301 23.33 48.44 33.11
N THR B 302 24.24 47.58 32.67
CA THR B 302 24.25 47.08 31.30
C THR B 302 23.51 45.75 31.22
N ALA B 303 23.29 45.28 30.00
CA ALA B 303 22.68 43.96 29.84
C ALA B 303 23.54 42.87 30.46
N GLU B 304 24.85 42.91 30.21
CA GLU B 304 25.73 41.92 30.82
C GLU B 304 25.63 41.94 32.33
N GLN B 305 25.56 43.14 32.91
CA GLN B 305 25.51 43.24 34.36
C GLN B 305 24.21 42.65 34.90
N THR B 306 23.13 42.73 34.13
CA THR B 306 21.87 42.11 34.56
C THR B 306 22.01 40.59 34.59
N LEU B 307 22.73 40.02 33.63
CA LEU B 307 22.96 38.59 33.62
C LEU B 307 23.87 38.14 34.75
N GLN B 308 24.69 39.03 35.28
CA GLN B 308 25.54 38.73 36.44
C GLN B 308 24.90 39.27 37.71
N SER B 309 23.62 39.03 37.87
CA SER B 309 22.87 39.41 39.06
C SER B 309 22.43 38.18 39.82
N ASP B 310 22.24 38.34 41.13
CA ASP B 310 21.74 37.23 41.94
C ASP B 310 20.43 36.69 41.39
N PHE B 311 19.65 37.53 40.71
CA PHE B 311 18.35 37.11 40.22
C PHE B 311 18.48 36.26 38.96
N LEU B 312 19.35 36.64 38.02
CA LEU B 312 19.43 35.94 36.74
C LEU B 312 20.68 35.09 36.55
N LYS B 313 21.70 35.26 37.39
CA LYS B 313 22.97 34.57 37.16
C LYS B 313 22.79 33.05 37.12
N ASP B 314 22.11 32.48 38.11
CA ASP B 314 22.05 31.05 38.31
C ASP B 314 20.82 30.41 37.70
N VAL B 315 20.04 31.18 36.91
CA VAL B 315 18.93 30.61 36.17
C VAL B 315 19.47 29.62 35.14
N GLU B 316 18.76 28.51 34.95
CA GLU B 316 19.20 27.46 34.05
C GLU B 316 18.42 27.60 32.74
N LEU B 317 19.15 27.77 31.65
CA LEU B 317 18.52 27.93 30.34
C LEU B 317 17.78 26.66 29.92
N SER B 318 18.30 25.49 30.30
CA SER B 318 17.64 24.24 29.94
C SER B 318 16.25 24.12 30.54
N LYS B 319 16.09 24.50 31.81
CA LYS B 319 14.81 24.36 32.52
C LYS B 319 13.90 25.54 32.15
N MET B 320 13.36 25.47 30.93
CA MET B 320 12.61 26.59 30.36
C MET B 320 11.50 27.09 31.28
N ALA B 321 10.83 26.17 32.00
CA ALA B 321 9.73 26.54 32.88
C ALA B 321 8.77 27.49 32.17
N PRO B 322 7.86 26.96 31.34
CA PRO B 322 6.92 27.83 30.61
C PRO B 322 5.83 28.37 31.48
N PRO B 323 5.37 29.60 31.25
CA PRO B 323 4.23 30.12 32.01
C PRO B 323 2.97 29.31 31.73
N ASP B 324 2.21 29.03 32.79
CA ASP B 324 0.95 28.29 32.62
C ASP B 324 -0.07 29.17 31.92
N LEU B 325 -0.54 28.74 30.76
CA LEU B 325 -1.50 29.50 29.99
C LEU B 325 -2.84 28.78 30.00
N PRO B 326 -3.93 29.45 30.35
CA PRO B 326 -5.22 28.75 30.42
C PRO B 326 -5.75 28.46 29.03
N HIS B 327 -6.04 27.20 28.77
CA HIS B 327 -6.64 26.78 27.50
C HIS B 327 -7.93 25.97 27.66
N TRP B 328 -8.23 25.44 28.85
CA TRP B 328 -9.52 24.82 29.16
C TRP B 328 -9.97 25.27 30.55
N GLN B 329 -11.29 25.44 30.71
CA GLN B 329 -11.96 25.94 31.91
C GLN B 329 -11.79 27.46 32.01
N ASP B 330 -11.02 28.08 31.10
CA ASP B 330 -11.01 29.53 30.98
C ASP B 330 -12.30 30.03 30.33
N CYS B 331 -12.82 29.28 29.37
CA CYS B 331 -14.00 29.70 28.63
C CYS B 331 -15.20 29.91 29.54
N HIS B 332 -15.53 28.93 30.38
CA HIS B 332 -16.63 29.07 31.32
C HIS B 332 -16.08 29.32 32.72
N GLU B 333 -16.38 30.49 33.27
CA GLU B 333 -15.85 30.90 34.57
C GLU B 333 -16.39 29.99 35.67
N LEU B 334 -15.49 29.47 36.50
CA LEU B 334 -15.89 28.50 37.52
C LEU B 334 -16.88 29.12 38.50
N TRP B 335 -18.00 28.44 38.70
CA TRP B 335 -19.04 28.93 39.58
C TRP B 335 -18.55 28.84 41.03
N THR C 24 22.76 30.01 3.37
CA THR C 24 22.75 31.06 4.38
C THR C 24 23.08 32.42 3.77
N LYS C 25 24.36 32.66 3.45
CA LYS C 25 24.80 33.91 2.84
C LYS C 25 25.40 33.70 1.45
N PRO C 26 25.20 34.65 0.53
CA PRO C 26 25.67 34.46 -0.84
C PRO C 26 27.17 34.70 -0.99
N CYS C 27 27.72 34.16 -2.08
CA CYS C 27 29.12 34.35 -2.41
C CYS C 27 29.26 35.55 -3.36
N TRP C 28 30.08 36.53 -2.98
CA TRP C 28 30.22 37.75 -3.76
C TRP C 28 31.61 37.94 -4.38
N TYR C 29 32.35 36.86 -4.62
CA TYR C 29 33.69 37.00 -5.16
C TYR C 29 33.92 36.06 -6.33
N TRP C 30 34.51 36.60 -7.39
CA TRP C 30 34.82 35.88 -8.61
C TRP C 30 36.33 35.88 -8.84
N ASP C 31 36.77 35.04 -9.76
CA ASP C 31 38.16 35.00 -10.22
C ASP C 31 38.32 35.97 -11.39
N LYS C 32 39.50 36.60 -11.47
CA LYS C 32 39.78 37.51 -12.58
C LYS C 32 39.37 36.90 -13.90
N LYS C 33 39.68 35.62 -14.08
CA LYS C 33 39.33 34.92 -15.32
C LYS C 33 37.84 34.92 -15.58
N ASP C 34 37.03 35.00 -14.52
CA ASP C 34 35.58 34.95 -14.71
C ASP C 34 35.04 36.25 -15.29
N LEU C 35 35.76 37.37 -15.15
CA LEU C 35 35.28 38.64 -15.66
C LEU C 35 35.22 38.70 -17.18
N ALA C 36 35.83 37.72 -17.86
CA ALA C 36 35.71 37.62 -19.31
C ALA C 36 34.33 37.18 -19.75
N HIS C 37 33.44 36.89 -18.80
CA HIS C 37 32.12 36.35 -19.09
C HIS C 37 31.02 37.10 -18.36
N THR C 38 31.21 38.39 -18.11
CA THR C 38 30.10 39.19 -17.63
C THR C 38 29.09 39.33 -18.77
N PRO C 39 27.82 39.57 -18.45
CA PRO C 39 26.85 39.87 -19.52
C PRO C 39 27.35 40.94 -20.47
N SER C 40 27.99 41.98 -19.94
CA SER C 40 28.47 43.06 -20.78
C SER C 40 29.44 42.53 -21.83
N GLN C 41 30.38 41.67 -21.42
CA GLN C 41 31.34 41.11 -22.37
C GLN C 41 30.64 40.32 -23.47
N LEU C 42 29.67 39.50 -23.10
CA LEU C 42 29.05 38.58 -24.04
C LEU C 42 28.06 39.26 -24.98
N GLU C 43 27.69 40.51 -24.74
CA GLU C 43 26.91 41.28 -25.70
C GLU C 43 27.78 42.10 -26.63
N GLY C 44 29.09 41.83 -26.68
CA GLY C 44 29.99 42.48 -27.61
C GLY C 44 30.76 43.64 -27.06
N LEU C 45 30.62 43.93 -25.78
CA LEU C 45 31.43 44.95 -25.13
C LEU C 45 32.84 44.41 -24.88
N ASP C 46 33.86 45.19 -25.21
CA ASP C 46 35.21 44.69 -25.03
C ASP C 46 35.69 44.95 -23.61
N PRO C 47 36.75 44.27 -23.17
CA PRO C 47 37.17 44.42 -21.76
C PRO C 47 37.52 45.85 -21.39
N ALA C 48 38.22 46.56 -22.27
CA ALA C 48 38.59 47.94 -21.95
C ALA C 48 37.35 48.78 -21.72
N THR C 49 36.32 48.61 -22.54
CA THR C 49 35.12 49.42 -22.43
C THR C 49 34.37 49.14 -21.13
N GLU C 50 34.21 47.86 -20.75
CA GLU C 50 33.53 47.59 -19.48
C GLU C 50 34.34 48.15 -18.30
N ALA C 51 35.66 48.02 -18.35
CA ALA C 51 36.48 48.61 -17.29
C ALA C 51 36.26 50.12 -17.24
N ARG C 52 36.21 50.77 -18.39
CA ARG C 52 35.95 52.21 -18.44
C ARG C 52 34.58 52.52 -17.87
N TYR C 53 33.55 51.79 -18.29
CA TYR C 53 32.21 52.03 -17.76
C TYR C 53 32.18 51.89 -16.24
N ARG C 54 32.90 50.89 -15.71
CA ARG C 54 32.94 50.71 -14.27
C ARG C 54 33.59 51.89 -13.58
N ARG C 55 34.74 52.35 -14.11
CA ARG C 55 35.39 53.51 -13.53
C ARG C 55 34.45 54.72 -13.52
N GLU C 56 33.82 54.98 -14.68
CA GLU C 56 32.93 56.14 -14.80
C GLU C 56 31.75 56.04 -13.85
N GLY C 57 31.12 54.86 -13.81
CA GLY C 57 29.99 54.68 -12.91
C GLY C 57 30.38 54.82 -11.45
N ALA C 58 31.51 54.22 -11.07
CA ALA C 58 31.98 54.35 -9.69
C ALA C 58 32.29 55.82 -9.37
N ARG C 59 33.07 56.48 -10.23
CA ARG C 59 33.43 57.86 -9.98
C ARG C 59 32.22 58.77 -10.00
N PHE C 60 31.23 58.48 -10.84
CA PHE C 60 29.94 59.18 -10.77
C PHE C 60 29.34 59.05 -9.37
N ILE C 61 29.20 57.83 -8.89
CA ILE C 61 28.68 57.61 -7.53
C ILE C 61 29.51 58.39 -6.52
N PHE C 62 30.83 58.26 -6.62
CA PHE C 62 31.73 58.92 -5.69
C PHE C 62 31.53 60.43 -5.70
N ASP C 63 31.52 61.02 -6.90
CA ASP C 63 31.42 62.47 -7.01
C ASP C 63 30.05 62.96 -6.56
N VAL C 64 28.98 62.29 -6.99
CA VAL C 64 27.64 62.70 -6.60
C VAL C 64 27.50 62.72 -5.07
N GLY C 65 27.85 61.60 -4.43
CA GLY C 65 27.68 61.52 -3.00
C GLY C 65 28.56 62.47 -2.24
N THR C 66 29.77 62.73 -2.77
CA THR C 66 30.65 63.70 -2.13
C THR C 66 30.04 65.10 -2.16
N ARG C 67 29.44 65.48 -3.29
CA ARG C 67 28.77 66.78 -3.36
C ARG C 67 27.65 66.86 -2.31
N LEU C 68 26.95 65.76 -2.08
CA LEU C 68 25.86 65.74 -1.12
C LEU C 68 26.33 65.62 0.32
N GLY C 69 27.64 65.50 0.55
CA GLY C 69 28.16 65.44 1.91
C GLY C 69 28.05 64.09 2.56
N LEU C 70 28.15 63.01 1.80
CA LEU C 70 27.92 61.68 2.32
C LEU C 70 29.18 61.05 2.91
N HIS C 71 28.98 60.29 3.99
CA HIS C 71 30.02 59.51 4.63
C HIS C 71 30.69 58.55 3.64
N TYR C 72 31.96 58.24 3.90
CA TYR C 72 32.72 57.44 2.94
C TYR C 72 32.17 56.02 2.83
N ASP C 73 31.68 55.46 3.94
CA ASP C 73 31.06 54.14 3.87
C ASP C 73 29.89 54.13 2.89
N THR C 74 29.09 55.20 2.90
CA THR C 74 27.92 55.26 2.03
C THR C 74 28.34 55.29 0.55
N LEU C 75 29.39 56.03 0.22
CA LEU C 75 29.88 56.05 -1.15
C LEU C 75 30.33 54.67 -1.59
N ALA C 76 31.13 54.00 -0.74
CA ALA C 76 31.65 52.69 -1.09
C ALA C 76 30.54 51.66 -1.24
N THR C 77 29.59 51.67 -0.30
CA THR C 77 28.48 50.72 -0.39
C THR C 77 27.74 50.86 -1.72
N GLY C 78 27.47 52.10 -2.14
CA GLY C 78 26.88 52.31 -3.44
C GLY C 78 27.74 51.76 -4.56
N ILE C 79 29.05 51.94 -4.45
CA ILE C 79 29.96 51.45 -5.48
C ILE C 79 29.99 49.92 -5.50
N ILE C 80 29.95 49.29 -4.32
CA ILE C 80 29.98 47.83 -4.28
C ILE C 80 28.70 47.27 -4.88
N TYR C 81 27.55 47.86 -4.56
CA TYR C 81 26.31 47.49 -5.25
C TYR C 81 26.46 47.62 -6.75
N PHE C 82 26.98 48.77 -7.21
CA PHE C 82 27.13 49.01 -8.64
C PHE C 82 28.01 47.93 -9.27
N HIS C 83 29.18 47.67 -8.69
CA HIS C 83 30.06 46.66 -9.23
C HIS C 83 29.37 45.30 -9.27
N ARG C 84 28.71 44.92 -8.17
CA ARG C 84 28.02 43.63 -8.15
C ARG C 84 26.92 43.58 -9.20
N PHE C 85 26.16 44.66 -9.34
CA PHE C 85 25.05 44.69 -10.27
C PHE C 85 25.49 44.24 -11.66
N TYR C 86 26.59 44.78 -12.17
CA TYR C 86 26.99 44.50 -13.54
C TYR C 86 27.78 43.21 -13.67
N MET C 87 27.79 42.38 -12.62
CA MET C 87 28.09 40.97 -12.77
C MET C 87 26.85 40.17 -13.16
N PHE C 88 25.66 40.76 -13.04
CA PHE C 88 24.42 40.08 -13.39
C PHE C 88 23.67 40.73 -14.55
N HIS C 89 24.08 41.92 -15.00
CA HIS C 89 23.38 42.62 -16.06
C HIS C 89 24.39 43.25 -17.00
N SER C 90 23.93 43.63 -18.19
CA SER C 90 24.78 44.20 -19.21
C SER C 90 24.67 45.72 -19.20
N PHE C 91 25.81 46.39 -19.41
CA PHE C 91 25.79 47.84 -19.50
C PHE C 91 24.95 48.34 -20.67
N LYS C 92 24.71 47.52 -21.69
CA LYS C 92 23.93 47.96 -22.84
C LYS C 92 22.43 48.02 -22.58
N GLN C 93 21.92 47.27 -21.60
CA GLN C 93 20.50 47.26 -21.28
C GLN C 93 20.15 48.12 -20.07
N PHE C 94 21.11 48.40 -19.20
CA PHE C 94 20.89 49.24 -18.02
C PHE C 94 21.86 50.41 -18.04
N PRO C 95 21.42 51.64 -18.36
CA PRO C 95 22.36 52.77 -18.40
C PRO C 95 23.09 52.92 -17.07
N ARG C 96 24.39 53.19 -17.15
CA ARG C 96 25.22 53.04 -15.95
C ARG C 96 24.95 54.14 -14.94
N TYR C 97 24.75 55.38 -15.40
CA TYR C 97 24.57 56.47 -14.44
C TYR C 97 23.24 56.37 -13.71
N VAL C 98 22.22 55.83 -14.36
CA VAL C 98 20.98 55.55 -13.64
C VAL C 98 21.24 54.51 -12.55
N THR C 99 21.87 53.40 -12.95
CA THR C 99 22.26 52.38 -11.97
C THR C 99 23.08 52.98 -10.85
N GLY C 100 24.11 53.76 -11.19
CA GLY C 100 24.91 54.41 -10.17
C GLY C 100 24.07 55.22 -9.20
N ALA C 101 23.23 56.09 -9.75
CA ALA C 101 22.36 56.92 -8.89
C ALA C 101 21.50 56.06 -7.98
N CYS C 102 20.90 55.00 -8.53
CA CYS C 102 20.05 54.12 -7.73
C CYS C 102 20.84 53.47 -6.60
N CYS C 103 22.04 52.96 -6.92
CA CYS C 103 22.86 52.32 -5.89
C CYS C 103 23.10 53.27 -4.72
N LEU C 104 23.51 54.50 -5.01
CA LEU C 104 23.75 55.47 -3.95
C LEU C 104 22.50 55.71 -3.13
N PHE C 105 21.35 55.84 -3.80
CA PHE C 105 20.09 56.05 -3.09
C PHE C 105 19.87 54.98 -2.03
N LEU C 106 19.92 53.71 -2.44
CA LEU C 106 19.76 52.63 -1.49
C LEU C 106 20.90 52.62 -0.48
N ALA C 107 22.13 52.81 -0.96
CA ALA C 107 23.29 52.84 -0.07
C ALA C 107 23.04 53.80 1.07
N GLY C 108 22.45 54.96 0.77
CA GLY C 108 22.13 55.92 1.80
C GLY C 108 21.16 55.37 2.83
N LYS C 109 20.12 54.69 2.38
CA LYS C 109 19.18 54.11 3.34
C LYS C 109 19.81 52.97 4.13
N VAL C 110 20.65 52.17 3.48
CA VAL C 110 21.29 51.05 4.18
C VAL C 110 22.22 51.58 5.27
N GLU C 111 23.05 52.56 4.92
CA GLU C 111 24.08 53.07 5.83
C GLU C 111 23.59 54.21 6.72
N GLU C 112 22.29 54.51 6.72
CA GLU C 112 21.69 55.53 7.58
C GLU C 112 22.28 56.92 7.34
N THR C 113 22.56 57.23 6.08
CA THR C 113 22.90 58.59 5.65
C THR C 113 21.96 58.92 4.49
N PRO C 114 20.65 58.91 4.74
CA PRO C 114 19.69 58.90 3.64
C PRO C 114 19.64 60.21 2.88
N LYS C 115 19.25 60.12 1.62
CA LYS C 115 19.00 61.29 0.79
C LYS C 115 17.73 61.06 -0.01
N LYS C 116 17.03 62.15 -0.32
CA LYS C 116 15.84 62.06 -1.15
C LYS C 116 16.26 61.84 -2.61
N CYS C 117 15.48 61.02 -3.32
CA CYS C 117 15.83 60.73 -4.71
C CYS C 117 15.93 62.01 -5.54
N LYS C 118 15.04 62.97 -5.31
CA LYS C 118 15.09 64.21 -6.09
C LYS C 118 16.43 64.93 -5.90
N ASP C 119 17.02 64.85 -4.70
CA ASP C 119 18.28 65.53 -4.46
C ASP C 119 19.43 64.84 -5.20
N ILE C 120 19.41 63.52 -5.29
CA ILE C 120 20.46 62.82 -6.03
C ILE C 120 20.36 63.20 -7.51
N ILE C 121 19.14 63.28 -8.04
CA ILE C 121 18.97 63.65 -9.44
C ILE C 121 19.52 65.06 -9.67
N LYS C 122 19.13 66.00 -8.81
CA LYS C 122 19.62 67.37 -8.92
C LYS C 122 21.13 67.40 -9.04
N THR C 123 21.82 66.69 -8.14
CA THR C 123 23.28 66.68 -8.18
C THR C 123 23.78 65.98 -9.42
N ALA C 124 23.14 64.87 -9.81
CA ALA C 124 23.57 64.16 -11.01
C ALA C 124 23.45 65.05 -12.24
N ARG C 125 22.42 65.88 -12.30
CA ARG C 125 22.27 66.80 -13.42
C ARG C 125 23.36 67.86 -13.41
N SER C 126 23.72 68.35 -12.22
CA SER C 126 24.77 69.35 -12.13
C SER C 126 26.08 68.80 -12.69
N LEU C 127 26.36 67.52 -12.46
CA LEU C 127 27.65 66.96 -12.81
C LEU C 127 27.66 66.30 -14.19
N LEU C 128 26.51 65.91 -14.72
CA LEU C 128 26.44 65.27 -16.03
C LEU C 128 26.13 66.30 -17.11
N ASN C 129 26.71 66.11 -18.29
CA ASN C 129 26.41 66.97 -19.42
C ASN C 129 25.01 66.59 -19.93
N ASP C 130 24.63 67.12 -21.09
CA ASP C 130 23.29 66.87 -21.61
C ASP C 130 23.17 65.47 -22.17
N VAL C 131 24.19 64.99 -22.89
CA VAL C 131 24.15 63.64 -23.45
C VAL C 131 24.06 62.61 -22.33
N GLN C 132 24.96 62.73 -21.35
CA GLN C 132 25.00 61.75 -20.27
C GLN C 132 23.69 61.72 -19.51
N PHE C 133 23.17 62.89 -19.17
CA PHE C 133 21.89 62.93 -18.46
C PHE C 133 20.76 62.36 -19.31
N GLY C 134 20.99 62.14 -20.61
CA GLY C 134 19.98 61.50 -21.42
C GLY C 134 19.61 60.11 -20.94
N GLN C 135 20.56 59.41 -20.29
CA GLN C 135 20.28 58.07 -19.80
C GLN C 135 19.08 58.04 -18.86
N PHE C 136 18.84 59.12 -18.13
CA PHE C 136 17.73 59.19 -17.19
C PHE C 136 16.39 59.36 -17.88
N GLY C 137 16.37 59.53 -19.19
CA GLY C 137 15.13 59.58 -19.92
C GLY C 137 14.26 60.78 -19.56
N ASP C 138 12.96 60.64 -19.81
CA ASP C 138 12.05 61.76 -19.67
C ASP C 138 11.73 62.05 -18.22
N ASP C 139 11.77 61.04 -17.36
CA ASP C 139 11.50 61.18 -15.93
C ASP C 139 12.67 60.58 -15.18
N PRO C 140 13.68 61.38 -14.84
CA PRO C 140 14.83 60.82 -14.11
C PRO C 140 14.43 60.13 -12.82
N LYS C 141 13.69 60.82 -11.94
CA LYS C 141 13.32 60.24 -10.66
C LYS C 141 12.64 58.88 -10.83
N GLU C 142 11.69 58.78 -11.75
CA GLU C 142 10.98 57.52 -11.92
C GLU C 142 11.91 56.40 -12.37
N GLU C 143 12.79 56.69 -13.32
CA GLU C 143 13.71 55.66 -13.82
C GLU C 143 14.59 55.11 -12.70
N VAL C 144 14.98 55.96 -11.76
CA VAL C 144 15.84 55.52 -10.66
C VAL C 144 15.02 54.72 -9.64
N MET C 145 13.87 55.26 -9.23
CA MET C 145 13.04 54.57 -8.24
C MET C 145 12.63 53.19 -8.73
N VAL C 146 12.31 53.07 -10.03
CA VAL C 146 11.88 51.79 -10.58
C VAL C 146 12.97 50.74 -10.47
N LEU C 147 14.23 51.15 -10.63
CA LEU C 147 15.32 50.18 -10.65
C LEU C 147 15.59 49.61 -9.26
N GLU C 148 15.11 50.28 -8.21
CA GLU C 148 15.39 49.80 -6.85
C GLU C 148 14.96 48.35 -6.66
N ARG C 149 13.82 47.97 -7.25
CA ARG C 149 13.37 46.60 -7.12
C ARG C 149 14.40 45.64 -7.72
N ILE C 150 14.87 45.94 -8.92
CA ILE C 150 15.82 45.06 -9.59
C ILE C 150 17.12 44.97 -8.79
N LEU C 151 17.61 46.11 -8.30
CA LEU C 151 18.85 46.11 -7.53
C LEU C 151 18.74 45.22 -6.30
N LEU C 152 17.67 45.38 -5.52
CA LEU C 152 17.49 44.59 -4.31
C LEU C 152 17.46 43.11 -4.62
N GLN C 153 16.73 42.71 -5.65
CA GLN C 153 16.72 41.30 -6.03
C GLN C 153 18.10 40.87 -6.54
N THR C 154 18.80 41.77 -7.24
CA THR C 154 20.10 41.41 -7.80
C THR C 154 21.11 41.15 -6.70
N ILE C 155 21.16 42.01 -5.67
CA ILE C 155 22.11 41.85 -4.58
C ILE C 155 21.56 40.88 -3.53
N LYS C 156 20.47 40.20 -3.85
CA LYS C 156 19.97 39.12 -3.01
C LYS C 156 19.72 39.62 -1.58
N PHE C 157 19.37 40.90 -1.45
CA PHE C 157 19.06 41.54 -0.17
C PHE C 157 20.18 41.36 0.86
N ASP C 158 21.41 41.17 0.39
CA ASP C 158 22.57 41.16 1.28
C ASP C 158 23.05 42.61 1.37
N LEU C 159 22.42 43.37 2.27
CA LEU C 159 22.66 44.81 2.33
C LEU C 159 23.92 45.14 3.12
N GLN C 160 24.28 44.31 4.09
CA GLN C 160 25.46 44.57 4.91
C GLN C 160 26.72 44.40 4.09
N VAL C 161 27.58 45.43 4.11
CA VAL C 161 28.84 45.40 3.39
C VAL C 161 29.93 45.99 4.26
N GLU C 162 31.08 45.34 4.26
CA GLU C 162 32.29 45.78 4.95
C GLU C 162 33.27 46.31 3.91
N HIS C 163 34.10 47.27 4.32
CA HIS C 163 34.96 47.98 3.40
C HIS C 163 36.40 48.00 3.92
N PRO C 164 37.38 48.12 3.02
CA PRO C 164 38.77 48.11 3.47
C PRO C 164 39.10 49.17 4.53
N TYR C 165 38.31 50.25 4.59
CA TYR C 165 38.64 51.34 5.51
C TYR C 165 38.73 50.86 6.95
N GLN C 166 37.68 50.17 7.43
CA GLN C 166 37.65 49.79 8.84
C GLN C 166 38.82 48.89 9.20
N PHE C 167 39.29 48.08 8.27
CA PHE C 167 40.43 47.20 8.55
C PHE C 167 41.74 47.97 8.49
N LEU C 168 41.84 48.92 7.56
CA LEU C 168 43.01 49.79 7.53
C LEU C 168 43.23 50.45 8.89
N LEU C 169 42.16 50.87 9.55
CA LEU C 169 42.29 51.53 10.85
C LEU C 169 42.47 50.52 11.97
N LYS C 170 41.70 49.43 11.97
CA LYS C 170 41.85 48.43 13.03
C LYS C 170 43.29 47.91 13.08
N TYR C 171 43.90 47.70 11.90
CA TYR C 171 45.26 47.18 11.87
C TYR C 171 46.29 48.26 12.19
N ALA C 172 46.09 49.48 11.68
CA ALA C 172 47.02 50.56 11.98
C ALA C 172 47.07 50.86 13.47
N LYS C 173 45.93 50.73 14.16
CA LYS C 173 45.93 51.01 15.60
C LYS C 173 46.90 50.11 16.34
N GLN C 174 47.14 48.91 15.81
CA GLN C 174 48.05 47.95 16.44
C GLN C 174 49.50 48.16 16.05
N LEU C 175 49.77 49.14 15.19
CA LEU C 175 51.14 49.52 14.87
C LEU C 175 51.58 50.57 15.89
N LYS C 176 52.79 50.40 16.41
CA LYS C 176 53.36 51.36 17.36
C LYS C 176 54.75 51.74 16.87
N GLY C 177 55.02 53.04 16.86
CA GLY C 177 56.27 53.56 16.36
C GLY C 177 56.15 55.05 16.07
N ASP C 178 56.96 55.51 15.13
CA ASP C 178 56.95 56.90 14.71
C ASP C 178 55.54 57.32 14.30
N LYS C 179 54.93 58.22 15.07
CA LYS C 179 53.56 58.63 14.77
C LYS C 179 53.43 59.13 13.33
N ASN C 180 54.45 59.86 12.86
CA ASN C 180 54.37 60.53 11.56
C ASN C 180 54.55 59.56 10.41
N LYS C 181 55.42 58.56 10.56
CA LYS C 181 55.59 57.57 9.51
C LYS C 181 54.35 56.70 9.37
N ILE C 182 53.72 56.33 10.49
CA ILE C 182 52.50 55.52 10.42
C ILE C 182 51.35 56.33 9.83
N GLN C 183 51.23 57.61 10.16
CA GLN C 183 50.15 58.40 9.59
C GLN C 183 50.35 58.59 8.09
N LYS C 184 51.59 58.76 7.63
CA LYS C 184 51.83 58.82 6.19
C LYS C 184 51.43 57.50 5.51
N LEU C 185 51.73 56.37 6.15
CA LEU C 185 51.30 55.08 5.60
C LEU C 185 49.79 55.03 5.51
N VAL C 186 49.09 55.43 6.57
CA VAL C 186 47.63 55.35 6.58
C VAL C 186 47.03 56.19 5.45
N GLN C 187 47.43 57.46 5.37
CA GLN C 187 46.85 58.32 4.34
C GLN C 187 47.16 57.80 2.94
N MET C 188 48.38 57.33 2.72
CA MET C 188 48.72 56.81 1.40
C MET C 188 47.90 55.56 1.08
N ALA C 189 47.73 54.67 2.07
CA ALA C 189 46.91 53.49 1.84
C ALA C 189 45.43 53.86 1.65
N TRP C 190 44.94 54.83 2.43
CA TRP C 190 43.56 55.28 2.28
C TRP C 190 43.28 55.75 0.86
N THR C 191 44.18 56.55 0.29
CA THR C 191 44.01 56.98 -1.10
C THR C 191 43.95 55.78 -2.04
N PHE C 192 44.77 54.76 -1.78
CA PHE C 192 44.72 53.57 -2.61
C PHE C 192 43.38 52.86 -2.49
N VAL C 193 42.78 52.86 -1.29
CA VAL C 193 41.45 52.28 -1.14
C VAL C 193 40.44 53.04 -2.00
N ASN C 194 40.45 54.36 -1.90
CA ASN C 194 39.53 55.16 -2.71
C ASN C 194 39.68 54.83 -4.20
N ASP C 195 40.91 54.58 -4.64
CA ASP C 195 41.16 54.30 -6.04
C ASP C 195 40.74 52.89 -6.44
N SER C 196 40.81 51.94 -5.51
CA SER C 196 40.44 50.56 -5.83
C SER C 196 38.94 50.39 -6.00
N LEU C 197 38.13 51.35 -5.54
CA LEU C 197 36.69 51.27 -5.77
C LEU C 197 36.34 51.37 -7.24
N CYS C 198 37.19 52.02 -8.04
CA CYS C 198 36.99 52.11 -9.47
C CYS C 198 37.27 50.80 -10.19
N THR C 199 37.74 49.78 -9.47
CA THR C 199 38.13 48.51 -10.07
C THR C 199 37.25 47.37 -9.57
N THR C 200 37.49 46.21 -10.17
CA THR C 200 36.81 44.97 -9.82
C THR C 200 37.47 44.25 -8.65
N LEU C 201 38.44 44.88 -7.98
CA LEU C 201 39.02 44.26 -6.80
C LEU C 201 37.96 44.04 -5.73
N SER C 202 37.01 44.97 -5.64
CA SER C 202 35.87 44.81 -4.73
C SER C 202 35.18 43.48 -4.96
N LEU C 203 35.33 42.91 -6.16
CA LEU C 203 34.70 41.65 -6.54
C LEU C 203 35.65 40.46 -6.49
N GLN C 204 36.96 40.67 -6.35
CA GLN C 204 37.89 39.56 -6.34
C GLN C 204 38.38 39.17 -4.96
N TRP C 205 38.50 40.13 -4.04
CA TRP C 205 39.14 39.86 -2.76
C TRP C 205 38.35 40.52 -1.65
N GLU C 206 38.24 39.82 -0.53
CA GLU C 206 37.57 40.36 0.64
C GLU C 206 38.22 41.68 1.05
N PRO C 207 37.48 42.57 1.71
CA PRO C 207 38.07 43.87 2.08
C PRO C 207 39.27 43.75 2.99
N GLU C 208 39.28 42.80 3.92
CA GLU C 208 40.42 42.64 4.81
C GLU C 208 41.71 42.52 4.01
N ILE C 209 41.69 41.74 2.92
CA ILE C 209 42.88 41.58 2.10
C ILE C 209 43.24 42.91 1.44
N ILE C 210 42.23 43.63 0.95
CA ILE C 210 42.47 44.92 0.34
C ILE C 210 43.19 45.85 1.31
N ALA C 211 42.69 45.93 2.56
CA ALA C 211 43.30 46.80 3.55
C ALA C 211 44.77 46.44 3.74
N VAL C 212 45.07 45.15 3.85
CA VAL C 212 46.45 44.72 3.96
C VAL C 212 47.22 45.07 2.69
N ALA C 213 46.62 44.76 1.53
CA ALA C 213 47.30 45.01 0.27
C ALA C 213 47.70 46.48 0.15
N VAL C 214 46.82 47.39 0.56
CA VAL C 214 47.14 48.80 0.44
C VAL C 214 48.18 49.21 1.47
N MET C 215 48.16 48.61 2.66
CA MET C 215 49.25 48.83 3.61
C MET C 215 50.58 48.35 3.01
N TYR C 216 50.56 47.13 2.46
CA TYR C 216 51.73 46.56 1.82
C TYR C 216 52.26 47.46 0.71
N LEU C 217 51.36 48.03 -0.09
CA LEU C 217 51.80 48.90 -1.19
C LEU C 217 52.39 50.20 -0.66
N ALA C 218 51.69 50.87 0.27
CA ALA C 218 52.22 52.09 0.85
C ALA C 218 53.58 51.85 1.50
N GLY C 219 53.75 50.69 2.15
CA GLY C 219 55.03 50.38 2.77
C GLY C 219 56.18 50.33 1.78
N ARG C 220 55.98 49.61 0.67
CA ARG C 220 57.03 49.54 -0.34
C ARG C 220 57.35 50.93 -0.88
N LEU C 221 56.33 51.74 -1.12
CA LEU C 221 56.56 53.06 -1.70
C LEU C 221 57.26 53.99 -0.72
N CYS C 222 56.97 53.86 0.58
CA CYS C 222 57.58 54.70 1.59
C CYS C 222 58.87 54.13 2.17
N LYS C 223 59.36 52.99 1.67
CA LYS C 223 60.55 52.35 2.20
C LYS C 223 60.43 52.16 3.71
N PHE C 224 59.24 51.73 4.15
CA PHE C 224 58.98 51.36 5.54
C PHE C 224 58.99 49.84 5.66
N GLU C 225 59.46 49.34 6.78
CA GLU C 225 59.43 47.90 7.10
C GLU C 225 58.43 47.67 8.23
N ILE C 226 57.18 47.46 7.85
CA ILE C 226 56.07 47.49 8.80
C ILE C 226 56.26 46.52 9.96
N GLN C 227 56.93 45.39 9.72
CA GLN C 227 57.03 44.39 10.78
C GLN C 227 57.56 45.00 12.06
N GLU C 228 58.47 45.97 11.95
CA GLU C 228 59.08 46.57 13.14
C GLU C 228 58.02 47.19 14.05
N TRP C 229 56.91 47.66 13.49
CA TRP C 229 55.85 48.26 14.28
C TRP C 229 54.87 47.25 14.86
N THR C 230 54.99 45.97 14.49
CA THR C 230 54.05 44.97 14.96
C THR C 230 54.49 44.42 16.33
N SER C 231 53.61 43.65 16.96
CA SER C 231 53.98 42.96 18.19
C SER C 231 54.96 41.82 17.93
N LYS C 232 55.25 41.53 16.66
CA LYS C 232 56.13 40.43 16.26
C LYS C 232 57.16 40.99 15.29
N PRO C 233 58.11 41.79 15.81
CA PRO C 233 58.99 42.57 14.92
C PRO C 233 59.96 41.73 14.09
N MET C 234 60.08 40.44 14.37
CA MET C 234 60.95 39.55 13.60
C MET C 234 60.12 38.59 12.76
N TYR C 235 58.81 38.86 12.67
CA TYR C 235 57.88 38.13 11.83
C TYR C 235 57.82 38.91 10.52
N ARG C 236 58.64 38.50 9.53
CA ARG C 236 58.80 39.31 8.34
C ARG C 236 57.47 39.46 7.60
N ARG C 237 56.61 38.45 7.68
CA ARG C 237 55.27 38.52 7.09
C ARG C 237 54.36 39.21 8.09
N TRP C 238 54.41 40.54 8.08
CA TRP C 238 53.73 41.29 9.13
C TRP C 238 52.21 41.10 9.07
N TRP C 239 51.66 40.89 7.87
CA TRP C 239 50.21 40.84 7.70
C TRP C 239 49.58 39.55 8.23
N GLU C 240 50.34 38.45 8.34
CA GLU C 240 49.73 37.17 8.68
C GLU C 240 49.04 37.20 10.03
N GLN C 241 49.48 38.08 10.93
CA GLN C 241 48.82 38.22 12.23
C GLN C 241 47.52 39.00 12.11
N PHE C 242 47.30 39.69 11.00
CA PHE C 242 46.04 40.38 10.73
C PHE C 242 45.09 39.56 9.87
N VAL C 243 45.60 38.97 8.80
CA VAL C 243 44.80 38.24 7.83
C VAL C 243 45.48 36.91 7.59
N GLN C 244 44.86 35.82 8.03
CA GLN C 244 45.48 34.52 7.88
C GLN C 244 45.33 34.04 6.44
N ASP C 245 46.32 33.26 5.98
CA ASP C 245 46.25 32.54 4.72
C ASP C 245 46.29 33.44 3.50
N VAL C 246 47.13 34.46 3.49
CA VAL C 246 47.21 35.36 2.35
C VAL C 246 48.56 35.15 1.65
N PRO C 247 48.56 34.69 0.40
CA PRO C 247 49.81 34.58 -0.33
C PRO C 247 50.30 35.96 -0.73
N VAL C 248 51.63 36.12 -0.74
CA VAL C 248 52.19 37.40 -1.18
C VAL C 248 51.75 37.66 -2.62
N ASP C 249 51.74 36.59 -3.43
CA ASP C 249 51.28 36.66 -4.81
C ASP C 249 49.95 37.37 -4.89
N VAL C 250 49.02 37.04 -4.00
CA VAL C 250 47.72 37.72 -4.00
C VAL C 250 47.91 39.21 -3.77
N LEU C 251 48.66 39.58 -2.73
CA LEU C 251 48.91 40.98 -2.46
C LEU C 251 49.57 41.68 -3.65
N GLU C 252 50.51 41.00 -4.30
CA GLU C 252 51.19 41.61 -5.44
C GLU C 252 50.22 41.82 -6.59
N ASP C 253 49.35 40.84 -6.84
CA ASP C 253 48.34 40.99 -7.88
C ASP C 253 47.47 42.21 -7.61
N ILE C 254 47.08 42.42 -6.35
CA ILE C 254 46.27 43.58 -6.02
C ILE C 254 47.06 44.86 -6.22
N CYS C 255 48.29 44.92 -5.71
CA CYS C 255 49.12 46.11 -5.87
C CYS C 255 49.32 46.43 -7.35
N HIS C 256 49.68 45.41 -8.14
CA HIS C 256 49.89 45.62 -9.57
C HIS C 256 48.65 46.23 -10.21
N GLN C 257 47.46 45.75 -9.82
CA GLN C 257 46.24 46.29 -10.39
C GLN C 257 46.00 47.73 -9.96
N ILE C 258 46.34 48.10 -8.73
CA ILE C 258 46.18 49.51 -8.33
C ILE C 258 47.15 50.39 -9.11
N LEU C 259 48.41 49.96 -9.21
CA LEU C 259 49.37 50.76 -9.96
C LEU C 259 49.04 50.77 -11.45
N ASP C 260 48.41 49.72 -11.97
CA ASP C 260 48.01 49.73 -13.37
C ASP C 260 47.04 50.88 -13.64
N LEU C 261 46.10 51.09 -12.73
CA LEU C 261 45.15 52.20 -12.87
C LEU C 261 45.88 53.53 -12.82
N TYR C 262 46.91 53.64 -11.99
CA TYR C 262 47.66 54.88 -11.88
C TYR C 262 48.43 55.16 -13.16
N SER C 263 49.00 54.13 -13.78
CA SER C 263 49.73 54.34 -15.03
C SER C 263 48.79 54.62 -16.18
N GLN C 264 47.63 53.96 -16.21
CA GLN C 264 46.68 54.16 -17.32
C GLN C 264 46.26 55.63 -17.39
N GLY C 265 46.32 56.36 -16.26
CA GLY C 265 46.05 57.78 -16.25
C GLY C 265 47.31 58.62 -16.42
N LYS C 266 47.18 59.91 -16.11
CA LYS C 266 48.30 60.85 -16.01
C LYS C 266 48.74 61.02 -14.56
N GLN C 267 47.87 60.69 -13.61
CA GLN C 267 48.14 60.81 -12.20
C GLN C 267 49.24 59.85 -11.75
N GLN C 268 49.97 60.25 -10.70
CA GLN C 268 51.10 59.49 -10.18
C GLN C 268 50.82 59.11 -8.73
N MET C 269 51.68 58.25 -8.18
CA MET C 269 51.51 57.78 -6.82
C MET C 269 51.49 58.98 -5.87
N PRO C 270 50.67 58.96 -4.82
CA PRO C 270 50.51 60.19 -4.01
C PRO C 270 51.78 60.66 -3.30
N HIS C 271 52.50 59.75 -2.63
CA HIS C 271 53.72 60.08 -1.87
C HIS C 271 53.73 61.51 -1.34
N MET D 5 10.76 -2.22 -62.69
CA MET D 5 11.70 -1.08 -62.48
C MET D 5 10.97 0.26 -62.57
N SER D 6 11.61 1.29 -62.03
CA SER D 6 11.10 2.64 -62.00
C SER D 6 12.03 3.55 -62.80
N TYR D 7 11.44 4.60 -63.38
CA TYR D 7 12.16 5.49 -64.28
C TYR D 7 11.97 6.92 -63.84
N ASN D 8 13.08 7.62 -63.64
CA ASN D 8 13.03 8.96 -63.10
C ASN D 8 14.07 9.86 -63.75
N TYR D 9 13.87 11.15 -63.56
CA TYR D 9 14.59 12.23 -64.23
C TYR D 9 14.93 13.26 -63.15
N VAL D 10 16.18 13.71 -63.14
CA VAL D 10 16.67 14.61 -62.10
C VAL D 10 17.34 15.81 -62.76
N VAL D 11 16.84 17.01 -62.45
CA VAL D 11 17.40 18.24 -62.99
C VAL D 11 17.75 19.18 -61.85
N THR D 12 18.69 20.08 -62.14
CA THR D 12 19.04 21.17 -61.24
C THR D 12 18.14 22.37 -61.54
N ALA D 13 17.47 22.86 -60.50
CA ALA D 13 16.69 24.09 -60.61
C ALA D 13 17.46 25.33 -60.17
N GLN D 14 18.28 25.21 -59.13
CA GLN D 14 19.18 26.28 -58.72
C GLN D 14 20.55 25.67 -58.47
N LYS D 15 21.57 26.23 -59.10
CA LYS D 15 22.90 25.67 -58.98
C LYS D 15 23.46 25.88 -57.58
N PRO D 16 24.47 25.10 -57.21
CA PRO D 16 25.09 25.30 -55.90
C PRO D 16 25.54 26.74 -55.70
N THR D 17 25.19 27.31 -54.54
CA THR D 17 25.52 28.69 -54.22
C THR D 17 26.61 28.82 -53.18
N ALA D 18 26.82 27.79 -52.36
CA ALA D 18 27.79 27.88 -51.27
C ALA D 18 29.21 27.84 -51.81
N VAL D 19 30.05 28.70 -51.24
CA VAL D 19 31.46 28.77 -51.62
C VAL D 19 32.23 27.72 -50.82
N ASN D 20 32.91 26.82 -51.54
CA ASN D 20 33.68 25.76 -50.93
C ASN D 20 35.18 26.03 -50.96
N GLY D 21 35.61 26.99 -51.76
CA GLY D 21 37.01 27.41 -51.79
C GLY D 21 37.20 28.42 -52.89
N CYS D 22 38.27 29.21 -52.76
CA CYS D 22 38.53 30.25 -53.73
C CYS D 22 40.00 30.64 -53.71
N VAL D 23 40.56 30.84 -54.91
CA VAL D 23 41.97 31.14 -55.09
C VAL D 23 42.11 32.36 -56.00
N THR D 24 43.30 32.94 -55.99
CA THR D 24 43.65 34.03 -56.89
C THR D 24 44.93 33.65 -57.63
N GLY D 25 45.14 34.31 -58.77
CA GLY D 25 46.32 34.05 -59.57
C GLY D 25 46.19 34.64 -60.95
N HIS D 26 46.93 34.07 -61.89
CA HIS D 26 47.03 34.57 -63.28
C HIS D 26 46.76 33.42 -64.23
N PHE D 27 45.48 33.04 -64.34
CA PHE D 27 45.04 31.85 -65.05
C PHE D 27 44.61 32.11 -66.48
N THR D 28 43.83 33.16 -66.71
CA THR D 28 43.35 33.44 -68.06
C THR D 28 44.41 34.14 -68.90
N SER D 29 45.19 35.02 -68.28
CA SER D 29 46.29 35.71 -68.93
C SER D 29 47.31 36.04 -67.86
N ALA D 30 48.58 36.09 -68.24
CA ALA D 30 49.61 36.48 -67.29
C ALA D 30 49.40 37.89 -66.76
N GLU D 31 48.54 38.67 -67.42
CA GLU D 31 48.29 40.06 -67.06
C GLU D 31 47.08 40.17 -66.15
N ASP D 32 46.02 39.42 -66.45
CA ASP D 32 44.80 39.50 -65.66
C ASP D 32 45.04 39.01 -64.24
N LEU D 33 44.31 39.58 -63.29
CA LEU D 33 44.24 39.05 -61.94
C LEU D 33 42.91 38.32 -61.82
N ASN D 34 42.97 37.02 -61.59
CA ASN D 34 41.78 36.18 -61.58
C ASN D 34 41.35 35.84 -60.16
N LEU D 35 40.06 35.57 -60.01
CA LEU D 35 39.51 34.97 -58.80
C LEU D 35 38.69 33.77 -59.23
N LEU D 36 39.12 32.56 -58.85
CA LEU D 36 38.38 31.35 -59.16
C LEU D 36 37.64 30.92 -57.90
N ILE D 37 36.31 30.85 -57.99
CA ILE D 37 35.44 30.47 -56.88
C ILE D 37 34.90 29.08 -57.21
N ALA D 38 34.98 28.16 -56.25
CA ALA D 38 34.51 26.80 -56.43
C ALA D 38 33.25 26.53 -55.62
N LYS D 39 32.17 26.22 -56.32
CA LYS D 39 30.95 25.62 -55.79
C LYS D 39 30.98 24.12 -56.09
N ASN D 40 30.13 23.38 -55.38
CA ASN D 40 30.29 21.93 -55.30
C ASN D 40 30.67 21.30 -56.64
N THR D 41 29.87 21.52 -57.68
CA THR D 41 30.17 21.00 -59.02
C THR D 41 30.49 22.10 -60.01
N ARG D 42 30.45 23.37 -59.60
CA ARG D 42 30.61 24.51 -60.50
C ARG D 42 31.90 25.27 -60.21
N LEU D 43 32.64 25.61 -61.25
CA LEU D 43 33.81 26.47 -61.17
C LEU D 43 33.49 27.80 -61.86
N GLU D 44 33.70 28.89 -61.13
CA GLU D 44 33.45 30.24 -61.64
C GLU D 44 34.78 30.99 -61.75
N ILE D 45 35.03 31.56 -62.92
CA ILE D 45 36.26 32.32 -63.17
C ILE D 45 35.88 33.79 -63.33
N TYR D 46 36.54 34.66 -62.57
CA TYR D 46 36.31 36.09 -62.59
C TYR D 46 37.63 36.82 -62.85
N VAL D 47 37.52 38.09 -63.21
CA VAL D 47 38.68 38.97 -63.34
C VAL D 47 38.50 40.18 -62.44
N VAL D 48 39.57 40.56 -61.75
CA VAL D 48 39.52 41.62 -60.75
C VAL D 48 39.62 42.98 -61.44
N THR D 49 38.67 43.85 -61.12
CA THR D 49 38.65 45.24 -61.55
C THR D 49 38.72 46.12 -60.31
N ALA D 50 38.66 47.44 -60.51
CA ALA D 50 38.53 48.35 -59.38
C ALA D 50 37.08 48.46 -58.91
N GLU D 51 36.14 47.88 -59.65
CA GLU D 51 34.71 47.99 -59.39
C GLU D 51 34.15 46.79 -58.64
N GLY D 52 34.64 45.60 -58.97
CA GLY D 52 34.12 44.36 -58.47
C GLY D 52 34.74 43.22 -59.25
N LEU D 53 33.94 42.23 -59.60
CA LEU D 53 34.40 41.06 -60.33
C LEU D 53 33.76 41.05 -61.71
N ARG D 54 34.57 40.77 -62.73
CA ARG D 54 34.04 40.61 -64.09
C ARG D 54 34.01 39.13 -64.44
N PRO D 55 32.84 38.55 -64.67
CA PRO D 55 32.78 37.13 -65.03
C PRO D 55 33.33 36.92 -66.43
N VAL D 56 33.94 35.75 -66.65
CA VAL D 56 34.53 35.45 -67.94
C VAL D 56 34.04 34.11 -68.45
N LYS D 57 33.89 33.13 -67.54
CA LYS D 57 33.53 31.79 -67.95
C LYS D 57 33.08 31.00 -66.73
N GLU D 58 32.10 30.13 -66.92
CA GLU D 58 31.71 29.17 -65.90
C GLU D 58 31.54 27.79 -66.53
N VAL D 59 32.09 26.78 -65.88
CA VAL D 59 31.98 25.40 -66.34
C VAL D 59 31.43 24.53 -65.22
N GLY D 60 30.81 23.43 -65.62
CA GLY D 60 30.47 22.36 -64.70
C GLY D 60 31.42 21.19 -64.90
N MET D 61 31.66 20.46 -63.82
CA MET D 61 32.50 19.27 -63.82
C MET D 61 31.72 18.07 -63.31
N TYR D 62 32.10 16.90 -63.81
CA TYR D 62 31.46 15.64 -63.42
C TYR D 62 32.12 15.09 -62.16
N GLY D 63 31.99 15.89 -61.09
CA GLY D 63 32.69 15.58 -59.85
C GLY D 63 32.58 16.70 -58.82
N LYS D 64 32.71 16.34 -57.55
CA LYS D 64 32.80 17.32 -56.47
C LYS D 64 34.22 17.84 -56.36
N ILE D 65 34.38 19.17 -56.36
CA ILE D 65 35.71 19.77 -56.32
C ILE D 65 36.24 19.66 -54.88
N ALA D 66 37.32 18.90 -54.70
CA ALA D 66 37.97 18.74 -53.40
C ALA D 66 39.18 19.65 -53.26
N VAL D 67 40.06 19.66 -54.25
CA VAL D 67 41.25 20.51 -54.25
C VAL D 67 41.19 21.45 -55.44
N MET D 68 41.60 22.70 -55.24
CA MET D 68 41.68 23.68 -56.30
C MET D 68 42.84 24.61 -56.00
N GLU D 69 43.85 24.63 -56.87
CA GLU D 69 45.05 25.43 -56.65
C GLU D 69 45.62 25.89 -57.98
N LEU D 70 46.19 27.10 -57.98
CA LEU D 70 46.84 27.65 -59.15
C LEU D 70 48.35 27.56 -58.97
N PHE D 71 49.04 27.13 -60.03
CA PHE D 71 50.50 27.01 -60.00
C PHE D 71 51.01 27.32 -61.39
N ARG D 72 52.29 27.64 -61.49
CA ARG D 72 52.91 28.06 -62.75
C ARG D 72 54.27 27.39 -62.88
N PRO D 73 54.35 26.26 -63.58
CA PRO D 73 55.62 25.54 -63.65
C PRO D 73 56.64 26.25 -64.53
N LYS D 74 57.91 26.00 -64.21
CA LYS D 74 59.00 26.58 -64.98
C LYS D 74 58.77 26.36 -66.46
N GLY D 75 58.72 27.46 -67.22
CA GLY D 75 58.49 27.42 -68.64
C GLY D 75 57.11 27.84 -69.13
N GLU D 76 56.13 28.03 -68.25
CA GLU D 76 54.78 28.40 -68.67
C GLU D 76 54.55 29.90 -68.74
N SER D 77 53.66 30.29 -69.67
CA SER D 77 53.33 31.70 -69.87
C SER D 77 52.46 32.25 -68.74
N LYS D 78 51.59 31.42 -68.18
CA LYS D 78 50.58 31.86 -67.23
C LYS D 78 50.24 30.70 -66.32
N ASP D 79 49.45 30.96 -65.29
CA ASP D 79 49.16 29.94 -64.30
C ASP D 79 48.30 28.83 -64.89
N LEU D 80 48.55 27.61 -64.43
CA LEU D 80 47.71 26.47 -64.69
C LEU D 80 46.91 26.13 -63.44
N LEU D 81 45.81 25.42 -63.63
CA LEU D 81 44.88 25.10 -62.54
C LEU D 81 44.90 23.60 -62.27
N PHE D 82 45.04 23.24 -61.00
CA PHE D 82 44.92 21.85 -60.57
C PHE D 82 43.61 21.64 -59.80
N ILE D 83 42.92 20.55 -60.10
CA ILE D 83 41.68 20.19 -59.40
C ILE D 83 41.64 18.68 -59.17
N LEU D 84 41.21 18.30 -57.96
CA LEU D 84 40.98 16.92 -57.56
C LEU D 84 39.58 16.77 -57.01
N THR D 85 38.84 15.77 -57.50
CA THR D 85 37.47 15.56 -57.04
C THR D 85 37.41 14.56 -55.88
N ALA D 86 36.23 14.49 -55.26
CA ALA D 86 36.00 13.58 -54.13
C ALA D 86 35.98 12.13 -54.56
N LYS D 87 35.72 11.84 -55.83
CA LYS D 87 35.90 10.49 -56.35
C LYS D 87 37.33 10.28 -56.85
N TYR D 88 38.22 11.21 -56.52
CA TYR D 88 39.65 11.08 -56.77
C TYR D 88 39.99 11.25 -58.26
N ASN D 89 39.20 12.06 -58.98
CA ASN D 89 39.51 12.44 -60.34
C ASN D 89 40.43 13.67 -60.31
N ALA D 90 41.65 13.52 -60.83
CA ALA D 90 42.62 14.59 -60.88
C ALA D 90 42.75 15.09 -62.32
N CYS D 91 43.14 16.36 -62.45
CA CYS D 91 43.38 16.94 -63.77
C CYS D 91 44.11 18.26 -63.60
N ILE D 92 44.85 18.63 -64.64
CA ILE D 92 45.46 19.95 -64.75
C ILE D 92 44.83 20.65 -65.94
N LEU D 93 44.40 21.89 -65.74
CA LEU D 93 43.59 22.61 -66.71
C LEU D 93 44.30 23.88 -67.18
N GLU D 94 44.03 24.24 -68.43
CA GLU D 94 44.54 25.47 -69.02
C GLU D 94 43.39 26.28 -69.60
N TYR D 95 43.43 27.59 -69.40
CA TYR D 95 42.52 28.51 -70.06
C TYR D 95 43.09 28.87 -71.42
N LYS D 96 42.28 28.70 -72.47
CA LYS D 96 42.71 29.03 -73.82
C LYS D 96 41.57 29.71 -74.56
N GLN D 97 41.84 30.90 -75.09
CA GLN D 97 40.82 31.71 -75.74
C GLN D 97 41.33 32.22 -77.06
N SER D 98 40.54 32.04 -78.12
CA SER D 98 40.85 32.51 -79.46
C SER D 98 39.68 33.38 -79.91
N GLY D 99 39.81 34.69 -79.75
CA GLY D 99 38.69 35.58 -80.02
C GLY D 99 37.60 35.34 -78.99
N GLU D 100 36.40 35.03 -79.45
CA GLU D 100 35.28 34.76 -78.54
C GLU D 100 35.18 33.30 -78.13
N SER D 101 35.96 32.40 -78.73
CA SER D 101 35.84 30.98 -78.44
C SER D 101 36.66 30.68 -77.19
N ILE D 102 35.97 30.36 -76.09
CA ILE D 102 36.61 30.02 -74.83
C ILE D 102 36.48 28.53 -74.62
N ASP D 103 37.61 27.89 -74.32
CA ASP D 103 37.66 26.47 -74.02
C ASP D 103 38.58 26.31 -72.81
N ILE D 104 38.34 25.24 -72.05
CA ILE D 104 39.19 24.87 -70.94
C ILE D 104 39.81 23.53 -71.31
N ILE D 105 41.13 23.51 -71.41
CA ILE D 105 41.86 22.38 -71.96
C ILE D 105 42.33 21.46 -70.84
N THR D 106 42.22 20.16 -71.07
CA THR D 106 42.68 19.15 -70.12
C THR D 106 44.12 18.79 -70.47
N ARG D 107 45.06 19.31 -69.69
CA ARG D 107 46.48 19.08 -69.96
C ARG D 107 46.96 17.75 -69.38
N ALA D 108 46.39 17.32 -68.26
CA ALA D 108 46.72 16.04 -67.63
C ALA D 108 45.50 15.56 -66.87
N HIS D 109 45.33 14.24 -66.79
CA HIS D 109 44.19 13.71 -66.06
C HIS D 109 44.38 12.24 -65.71
N GLY D 110 43.67 11.83 -64.66
CA GLY D 110 43.69 10.46 -64.19
C GLY D 110 42.98 10.36 -62.86
N ASN D 111 42.80 9.13 -62.39
CA ASN D 111 42.17 8.85 -61.11
C ASN D 111 43.24 8.37 -60.13
N VAL D 112 43.35 9.05 -58.99
CA VAL D 112 44.46 8.84 -58.07
C VAL D 112 44.08 7.97 -56.88
N GLN D 113 42.97 7.25 -56.95
CA GLN D 113 42.54 6.40 -55.84
C GLN D 113 43.48 5.23 -55.65
N ASP D 114 43.75 4.89 -54.39
CA ASP D 114 44.57 3.74 -54.04
C ASP D 114 43.67 2.55 -53.73
N ARG D 115 44.10 1.36 -54.16
CA ARG D 115 43.28 0.18 -53.86
C ARG D 115 43.06 0.03 -52.36
N ILE D 116 44.09 0.31 -51.55
CA ILE D 116 44.03 0.11 -50.10
C ILE D 116 44.50 1.38 -49.40
N GLY D 117 43.68 1.86 -48.47
CA GLY D 117 44.01 3.02 -47.67
C GLY D 117 42.83 3.43 -46.81
N ARG D 118 43.09 4.10 -45.68
CA ARG D 118 42.01 4.60 -44.83
C ARG D 118 41.81 6.08 -45.11
N PRO D 119 40.66 6.52 -45.61
CA PRO D 119 40.43 7.95 -45.81
C PRO D 119 40.67 8.71 -44.51
N SER D 120 41.37 9.83 -44.60
CA SER D 120 41.83 10.53 -43.42
C SER D 120 40.67 11.26 -42.74
N GLU D 121 40.82 11.49 -41.43
CA GLU D 121 39.76 12.11 -40.66
C GLU D 121 39.51 13.54 -41.10
N THR D 122 40.57 14.32 -41.31
CA THR D 122 40.44 15.72 -41.70
C THR D 122 40.33 15.91 -43.22
N GLY D 123 40.03 14.85 -43.97
CA GLY D 123 39.66 14.98 -45.36
C GLY D 123 40.85 15.17 -46.28
N ILE D 124 40.54 15.22 -47.58
CA ILE D 124 41.58 15.37 -48.59
C ILE D 124 42.29 16.71 -48.41
N ILE D 125 43.62 16.68 -48.49
CA ILE D 125 44.43 17.88 -48.52
C ILE D 125 45.31 17.85 -49.76
N GLY D 126 45.42 18.98 -50.45
CA GLY D 126 46.28 19.10 -51.61
C GLY D 126 47.21 20.30 -51.56
N ILE D 127 48.49 20.09 -51.86
CA ILE D 127 49.50 21.15 -51.84
C ILE D 127 50.46 20.96 -53.00
N ILE D 128 51.10 22.07 -53.40
CA ILE D 128 52.04 22.08 -54.50
C ILE D 128 53.33 22.76 -54.07
N ASP D 129 54.46 22.23 -54.53
CA ASP D 129 55.77 22.77 -54.18
C ASP D 129 55.86 24.23 -54.60
N PRO D 130 56.55 25.09 -53.85
CA PRO D 130 56.70 26.48 -54.31
C PRO D 130 57.39 26.57 -55.66
N GLU D 131 58.31 25.65 -55.93
CA GLU D 131 58.99 25.55 -57.21
C GLU D 131 58.23 24.68 -58.20
N CYS D 132 56.98 24.34 -57.88
CA CYS D 132 56.12 23.58 -58.78
C CYS D 132 56.84 22.36 -59.34
N ARG D 133 57.53 21.64 -58.44
CA ARG D 133 58.16 20.39 -58.80
C ARG D 133 57.23 19.20 -58.66
N MET D 134 56.25 19.29 -57.76
CA MET D 134 55.40 18.14 -57.49
C MET D 134 54.10 18.63 -56.88
N ILE D 135 53.11 17.74 -56.91
CA ILE D 135 51.84 17.92 -56.21
C ILE D 135 51.80 16.92 -55.07
N GLY D 136 51.55 17.40 -53.86
CA GLY D 136 51.37 16.55 -52.69
C GLY D 136 49.89 16.30 -52.41
N LEU D 137 49.56 15.06 -52.10
CA LEU D 137 48.19 14.68 -51.77
C LEU D 137 48.16 13.89 -50.47
N ARG D 138 47.30 14.30 -49.55
CA ARG D 138 47.02 13.53 -48.33
C ARG D 138 45.61 12.95 -48.49
N LEU D 139 45.53 11.73 -48.99
CA LEU D 139 44.25 11.06 -49.19
C LEU D 139 43.91 10.07 -48.09
N TYR D 140 44.92 9.39 -47.53
CA TYR D 140 44.70 8.31 -46.58
C TYR D 140 45.58 8.50 -45.35
N ASP D 141 45.10 8.02 -44.21
CA ASP D 141 45.92 8.00 -43.02
C ASP D 141 47.20 7.21 -43.30
N GLY D 142 48.33 7.76 -42.89
CA GLY D 142 49.59 7.05 -42.98
C GLY D 142 50.22 7.00 -44.36
N LEU D 143 49.68 7.71 -45.34
CA LEU D 143 50.25 7.72 -46.68
C LEU D 143 50.28 9.14 -47.24
N PHE D 144 51.31 9.44 -48.01
CA PHE D 144 51.49 10.72 -48.68
C PHE D 144 51.75 10.42 -50.15
N LYS D 145 50.88 10.92 -51.02
CA LYS D 145 50.96 10.66 -52.46
C LYS D 145 51.63 11.83 -53.16
N VAL D 146 52.56 11.54 -54.05
CA VAL D 146 53.31 12.56 -54.77
C VAL D 146 53.05 12.42 -56.26
N ILE D 147 52.55 13.48 -56.86
CA ILE D 147 52.48 13.62 -58.33
C ILE D 147 53.58 14.51 -58.75
N PRO D 148 54.64 14.04 -59.43
CA PRO D 148 55.71 14.91 -59.89
C PRO D 148 55.23 15.79 -61.05
N LEU D 149 55.63 17.06 -61.03
CA LEU D 149 55.23 18.00 -62.07
C LEU D 149 56.27 17.95 -63.19
N ASP D 150 56.29 16.79 -63.84
CA ASP D 150 57.07 16.56 -65.04
C ASP D 150 56.28 16.99 -66.26
N ARG D 151 56.99 17.41 -67.30
CA ARG D 151 56.33 17.85 -68.53
C ARG D 151 55.54 16.71 -69.15
N ASP D 152 56.07 15.49 -69.07
CA ASP D 152 55.50 14.31 -69.71
C ASP D 152 54.46 13.58 -68.87
N ASN D 153 54.31 13.94 -67.60
CA ASN D 153 53.44 13.20 -66.68
C ASN D 153 51.99 13.55 -66.99
N LYS D 154 51.57 13.17 -68.20
CA LYS D 154 50.24 13.50 -68.67
C LYS D 154 49.15 12.63 -68.07
N GLU D 155 49.50 11.49 -67.49
CA GLU D 155 48.53 10.65 -66.78
C GLU D 155 48.51 10.92 -65.28
N LEU D 156 49.31 11.86 -64.79
CA LEU D 156 49.36 12.18 -63.37
C LEU D 156 49.68 10.92 -62.56
N LYS D 157 50.71 10.21 -62.98
CA LYS D 157 51.19 9.05 -62.24
C LYS D 157 51.80 9.50 -60.91
N ALA D 158 51.66 8.64 -59.89
CA ALA D 158 52.09 9.02 -58.56
C ALA D 158 52.58 7.81 -57.78
N PHE D 159 53.35 8.09 -56.74
CA PHE D 159 53.88 7.10 -55.82
C PHE D 159 53.55 7.56 -54.40
N ASN D 160 53.47 6.61 -53.48
CA ASN D 160 53.17 6.91 -52.08
C ASN D 160 54.43 6.83 -51.24
N ILE D 161 54.57 7.74 -50.28
CA ILE D 161 55.61 7.69 -49.26
C ILE D 161 54.95 7.27 -47.95
N ARG D 162 55.50 6.23 -47.32
CA ARG D 162 54.94 5.79 -46.04
C ARG D 162 55.14 6.87 -44.99
N LEU D 163 54.10 7.12 -44.19
CA LEU D 163 54.11 8.16 -43.17
C LEU D 163 53.81 7.57 -41.80
N GLU D 164 54.71 7.81 -40.84
CA GLU D 164 54.53 7.28 -39.50
C GLU D 164 53.38 7.95 -38.77
N GLU D 165 53.25 9.27 -38.90
CA GLU D 165 52.21 10.01 -38.17
C GLU D 165 50.89 9.73 -38.88
N LEU D 166 50.09 8.84 -38.30
CA LEU D 166 48.90 8.38 -39.01
C LEU D 166 47.84 9.45 -39.06
N HIS D 167 47.67 10.19 -37.96
CA HIS D 167 46.59 11.16 -37.82
C HIS D 167 47.18 12.55 -38.00
N VAL D 168 47.09 13.07 -39.23
CA VAL D 168 47.60 14.38 -39.56
C VAL D 168 46.45 15.39 -39.56
N ILE D 169 46.70 16.57 -38.99
CA ILE D 169 45.71 17.63 -38.92
C ILE D 169 45.77 18.53 -40.15
N ASP D 170 46.96 19.04 -40.48
CA ASP D 170 47.14 19.91 -41.64
C ASP D 170 48.59 19.85 -42.10
N VAL D 171 48.81 20.14 -43.39
CA VAL D 171 50.14 20.11 -43.97
C VAL D 171 50.25 21.18 -45.05
N LYS D 172 51.47 21.71 -45.22
CA LYS D 172 51.78 22.70 -46.26
C LYS D 172 53.22 22.47 -46.71
N PHE D 173 53.50 22.82 -47.97
CA PHE D 173 54.89 22.89 -48.45
C PHE D 173 55.52 24.21 -48.00
N LEU D 174 56.76 24.13 -47.53
CA LEU D 174 57.39 25.33 -46.97
C LEU D 174 58.18 26.11 -48.01
N TYR D 175 58.33 27.41 -47.73
CA TYR D 175 59.09 28.33 -48.55
C TYR D 175 60.50 28.48 -48.01
N GLY D 176 61.43 28.82 -48.90
CA GLY D 176 62.77 29.13 -48.49
C GLY D 176 63.59 27.93 -48.11
N CYS D 177 63.31 26.77 -48.70
CA CYS D 177 64.01 25.53 -48.41
C CYS D 177 64.67 25.05 -49.70
N GLN D 178 65.92 24.59 -49.59
CA GLN D 178 66.61 24.14 -50.79
C GLN D 178 65.96 22.89 -51.38
N ALA D 179 65.40 22.04 -50.53
CA ALA D 179 64.71 20.86 -50.97
C ALA D 179 63.23 21.02 -50.69
N PRO D 180 62.38 20.26 -51.36
CA PRO D 180 60.95 20.30 -51.03
C PRO D 180 60.72 19.89 -49.59
N THR D 181 60.05 20.76 -48.83
CA THR D 181 59.85 20.54 -47.41
C THR D 181 58.36 20.64 -47.11
N ILE D 182 57.85 19.67 -46.35
CA ILE D 182 56.48 19.69 -45.87
C ILE D 182 56.53 19.96 -44.37
N CYS D 183 55.64 20.81 -43.89
CA CYS D 183 55.49 21.12 -42.48
C CYS D 183 54.04 20.82 -42.09
N PHE D 184 53.87 20.02 -41.04
CA PHE D 184 52.52 19.58 -40.69
C PHE D 184 52.35 19.44 -39.19
N VAL D 185 51.11 19.65 -38.76
CA VAL D 185 50.67 19.34 -37.40
C VAL D 185 49.99 17.99 -37.41
N TYR D 186 50.37 17.12 -36.48
CA TYR D 186 49.80 15.78 -36.39
C TYR D 186 49.41 15.53 -34.94
N GLN D 187 48.58 14.51 -34.76
CA GLN D 187 48.08 14.14 -33.45
C GLN D 187 48.45 12.70 -33.15
N ASP D 188 49.04 12.49 -32.00
CA ASP D 188 49.36 11.17 -31.47
C ASP D 188 48.85 11.19 -30.03
N PRO D 189 49.01 10.12 -29.26
CA PRO D 189 48.51 10.15 -27.88
C PRO D 189 49.16 11.20 -27.00
N GLN D 190 50.29 11.77 -27.42
CA GLN D 190 51.04 12.70 -26.58
C GLN D 190 50.62 14.15 -26.76
N GLY D 191 49.57 14.42 -27.51
CA GLY D 191 49.16 15.76 -27.84
C GLY D 191 49.31 16.04 -29.32
N ARG D 192 49.36 17.31 -29.66
CA ARG D 192 49.60 17.72 -31.04
C ARG D 192 50.98 18.35 -31.15
N HIS D 193 51.68 18.02 -32.24
CA HIS D 193 53.04 18.45 -32.46
C HIS D 193 53.18 18.87 -33.92
N VAL D 194 54.13 19.76 -34.19
CA VAL D 194 54.45 20.20 -35.55
C VAL D 194 55.80 19.59 -35.93
N LYS D 195 55.87 19.02 -37.13
CA LYS D 195 57.06 18.29 -37.58
C LYS D 195 57.32 18.65 -39.04
N THR D 196 58.56 18.40 -39.49
CA THR D 196 58.93 18.64 -40.87
C THR D 196 59.57 17.40 -41.47
N TYR D 197 59.38 17.23 -42.78
CA TYR D 197 60.06 16.21 -43.56
C TYR D 197 60.51 16.84 -44.88
N GLU D 198 61.52 16.25 -45.51
CA GLU D 198 61.91 16.60 -46.86
C GLU D 198 61.48 15.49 -47.83
N VAL D 199 61.06 15.90 -49.02
CA VAL D 199 60.54 14.99 -50.04
C VAL D 199 61.56 14.93 -51.18
N SER D 200 62.07 13.74 -51.46
CA SER D 200 63.03 13.52 -52.55
C SER D 200 62.31 12.79 -53.68
N LEU D 201 62.08 13.50 -54.80
CA LEU D 201 61.48 12.88 -55.96
C LEU D 201 62.36 11.80 -56.57
N ARG D 202 63.68 11.93 -56.40
CA ARG D 202 64.60 10.97 -56.98
C ARG D 202 64.55 9.64 -56.24
N GLU D 203 64.59 9.68 -54.90
CA GLU D 203 64.53 8.47 -54.11
C GLU D 203 63.11 7.97 -53.87
N LYS D 204 62.11 8.84 -54.04
CA LYS D 204 60.72 8.49 -53.73
C LYS D 204 60.57 8.13 -52.25
N GLU D 205 61.07 8.99 -51.38
CA GLU D 205 60.89 8.81 -49.95
C GLU D 205 61.16 10.13 -49.22
N PHE D 206 60.89 10.12 -47.91
CA PHE D 206 61.19 11.25 -47.05
C PHE D 206 62.65 11.21 -46.57
N ASN D 207 63.20 12.40 -46.32
CA ASN D 207 64.46 12.56 -45.60
C ASN D 207 64.23 13.46 -44.40
N LYS D 208 65.21 13.45 -43.49
CA LYS D 208 65.12 14.24 -42.26
C LYS D 208 64.77 15.70 -42.55
N GLY D 209 63.90 16.26 -41.72
CA GLY D 209 63.40 17.59 -41.98
C GLY D 209 64.32 18.68 -41.47
N PRO D 210 64.12 19.91 -41.95
CA PRO D 210 65.04 21.00 -41.58
C PRO D 210 65.00 21.37 -40.10
N TRP D 211 63.86 21.26 -39.42
CA TRP D 211 63.82 21.58 -38.00
C TRP D 211 63.02 20.55 -37.22
N LYS D 212 63.35 20.45 -35.93
CA LYS D 212 62.87 19.42 -35.03
C LYS D 212 61.40 19.59 -34.69
N GLN D 213 60.81 18.51 -34.19
CA GLN D 213 59.41 18.54 -33.82
C GLN D 213 59.27 19.48 -32.63
N GLU D 214 58.19 20.22 -32.58
CA GLU D 214 57.85 21.01 -31.41
C GLU D 214 56.43 20.68 -30.98
N ASN D 215 56.22 20.60 -29.68
CA ASN D 215 54.88 20.42 -29.15
C ASN D 215 54.10 21.70 -29.34
N VAL D 216 52.88 21.60 -29.88
CA VAL D 216 52.07 22.76 -30.20
C VAL D 216 50.73 22.63 -29.48
N GLU D 217 49.95 23.69 -29.58
CA GLU D 217 48.65 23.76 -28.92
C GLU D 217 47.82 22.51 -29.25
N ALA D 218 47.05 22.05 -28.27
CA ALA D 218 46.25 20.86 -28.48
C ALA D 218 45.22 21.04 -29.58
N GLU D 219 44.77 22.28 -29.80
CA GLU D 219 43.81 22.59 -30.86
C GLU D 219 44.48 23.29 -32.05
N ALA D 220 45.73 22.94 -32.33
CA ALA D 220 46.38 23.43 -33.54
C ALA D 220 45.55 23.02 -34.75
N SER D 221 45.03 24.02 -35.47
CA SER D 221 44.05 23.76 -36.53
C SER D 221 44.67 23.86 -37.92
N MET D 222 45.51 24.86 -38.15
CA MET D 222 45.95 25.20 -39.49
C MET D 222 47.42 25.54 -39.51
N VAL D 223 48.04 25.24 -40.65
CA VAL D 223 49.44 25.51 -40.91
C VAL D 223 49.53 26.56 -42.01
N ILE D 224 50.33 27.59 -41.79
CA ILE D 224 50.56 28.64 -42.78
C ILE D 224 52.02 28.60 -43.17
N ALA D 225 52.30 28.40 -44.45
CA ALA D 225 53.66 28.49 -44.97
C ALA D 225 53.94 29.97 -45.27
N VAL D 226 54.89 30.54 -44.55
CA VAL D 226 55.22 31.96 -44.67
C VAL D 226 56.22 32.14 -45.81
N PRO D 227 56.11 33.20 -46.62
CA PRO D 227 56.96 33.32 -47.81
C PRO D 227 58.41 33.60 -47.43
N GLU D 228 59.26 33.62 -48.45
CA GLU D 228 60.69 33.57 -48.22
C GLU D 228 61.23 34.75 -47.40
N PRO D 229 60.70 35.98 -47.46
CA PRO D 229 61.29 37.04 -46.64
C PRO D 229 61.45 36.66 -45.17
N PHE D 230 60.45 36.00 -44.58
CA PHE D 230 60.55 35.44 -43.24
C PHE D 230 60.89 33.96 -43.24
N GLY D 231 60.13 33.17 -44.00
CA GLY D 231 60.29 31.73 -44.02
C GLY D 231 59.60 31.08 -42.84
N GLY D 232 59.59 29.75 -42.86
CA GLY D 232 59.02 29.02 -41.74
C GLY D 232 57.52 28.86 -41.87
N ALA D 233 56.86 28.66 -40.73
CA ALA D 233 55.42 28.41 -40.71
C ALA D 233 54.76 29.07 -39.51
N ILE D 234 53.46 29.32 -39.65
CA ILE D 234 52.62 29.80 -38.56
C ILE D 234 51.56 28.75 -38.29
N ILE D 235 51.28 28.50 -37.02
CA ILE D 235 50.31 27.49 -36.59
C ILE D 235 49.17 28.21 -35.89
N ILE D 236 47.95 28.06 -36.41
CA ILE D 236 46.77 28.69 -35.85
C ILE D 236 46.08 27.69 -34.93
N GLY D 237 45.74 28.14 -33.72
CA GLY D 237 45.04 27.29 -32.78
C GLY D 237 43.72 27.86 -32.30
N GLN D 238 43.27 27.40 -31.13
CA GLN D 238 42.07 27.94 -30.50
C GLN D 238 42.40 29.14 -29.61
N GLU D 239 43.52 29.06 -28.88
CA GLU D 239 43.93 30.11 -27.96
C GLU D 239 45.19 30.86 -28.38
N SER D 240 46.06 30.26 -29.19
CA SER D 240 47.37 30.83 -29.46
C SER D 240 47.74 30.70 -30.93
N ILE D 241 48.59 31.63 -31.38
CA ILE D 241 49.21 31.61 -32.70
C ILE D 241 50.72 31.53 -32.50
N THR D 242 51.37 30.59 -33.18
CA THR D 242 52.79 30.35 -33.00
C THR D 242 53.52 30.39 -34.33
N TYR D 243 54.79 30.81 -34.30
CA TYR D 243 55.67 30.82 -35.47
C TYR D 243 56.82 29.88 -35.19
N HIS D 244 57.12 29.00 -36.14
CA HIS D 244 58.22 28.05 -36.02
C HIS D 244 59.13 28.20 -37.23
N ASN D 245 60.44 28.30 -36.99
CA ASN D 245 61.42 28.30 -38.09
C ASN D 245 62.79 27.97 -37.49
N GLY D 246 63.14 26.70 -37.50
CA GLY D 246 64.42 26.29 -36.98
C GLY D 246 64.60 26.71 -35.54
N ASP D 247 65.55 27.62 -35.31
CA ASP D 247 65.86 28.08 -33.97
C ASP D 247 64.86 29.13 -33.47
N LYS D 248 64.14 29.80 -34.36
CA LYS D 248 63.22 30.85 -33.95
C LYS D 248 61.89 30.27 -33.48
N TYR D 249 61.37 30.81 -32.38
CA TYR D 249 60.07 30.42 -31.84
C TYR D 249 59.38 31.64 -31.27
N LEU D 250 58.17 31.91 -31.76
CA LEU D 250 57.32 32.97 -31.22
C LEU D 250 55.94 32.38 -30.92
N ALA D 251 55.25 32.98 -29.96
CA ALA D 251 53.90 32.56 -29.62
C ALA D 251 53.15 33.76 -29.05
N ILE D 252 52.04 34.13 -29.69
CA ILE D 252 51.14 35.16 -29.19
C ILE D 252 49.81 34.52 -28.87
N ALA D 253 49.24 34.87 -27.72
CA ALA D 253 47.98 34.29 -27.24
C ALA D 253 47.05 35.41 -26.77
N PRO D 254 46.59 36.25 -27.70
CA PRO D 254 45.72 37.35 -27.31
C PRO D 254 44.37 36.83 -26.86
N PRO D 255 43.79 37.41 -25.82
CA PRO D 255 42.52 36.86 -25.29
C PRO D 255 41.38 36.89 -26.29
N ILE D 256 41.51 37.65 -27.38
CA ILE D 256 40.38 37.93 -28.25
C ILE D 256 39.99 36.71 -29.07
N ILE D 257 40.99 35.95 -29.54
CA ILE D 257 40.69 34.84 -30.44
C ILE D 257 40.10 33.64 -29.72
N LYS D 258 40.33 33.51 -28.42
CA LYS D 258 39.76 32.41 -27.67
C LYS D 258 38.23 32.42 -27.71
N GLN D 259 37.63 33.59 -27.91
CA GLN D 259 36.16 33.68 -27.90
C GLN D 259 35.52 32.87 -29.02
N SER D 260 36.15 32.79 -30.18
CA SER D 260 35.57 32.05 -31.30
C SER D 260 36.68 31.40 -32.11
N THR D 261 36.44 30.15 -32.51
CA THR D 261 37.45 29.40 -33.25
C THR D 261 37.79 30.05 -34.57
N ILE D 262 39.09 30.14 -34.87
CA ILE D 262 39.55 30.66 -36.15
C ILE D 262 39.60 29.50 -37.14
N VAL D 263 39.02 29.71 -38.32
CA VAL D 263 38.82 28.62 -39.27
C VAL D 263 39.50 28.85 -40.62
N CYS D 264 39.75 30.07 -41.05
CA CYS D 264 40.36 30.30 -42.36
C CYS D 264 41.42 31.39 -42.26
N HIS D 265 42.33 31.38 -43.25
CA HIS D 265 43.42 32.35 -43.36
C HIS D 265 43.70 32.65 -44.83
N ASN D 266 44.36 33.80 -45.07
CA ASN D 266 44.84 34.12 -46.41
C ASN D 266 45.98 35.13 -46.33
N ARG D 267 46.95 34.99 -47.23
CA ARG D 267 48.10 35.88 -47.29
C ARG D 267 47.69 37.15 -48.01
N VAL D 268 48.05 38.30 -47.44
CA VAL D 268 47.71 39.60 -48.02
C VAL D 268 48.91 40.11 -48.79
N ASP D 269 50.01 40.34 -48.06
CA ASP D 269 51.23 40.88 -48.64
C ASP D 269 52.12 39.73 -49.10
N PRO D 270 52.51 39.67 -50.38
CA PRO D 270 53.39 38.58 -50.80
C PRO D 270 54.65 38.40 -49.95
N ASN D 271 55.19 39.48 -49.38
CA ASN D 271 56.36 39.32 -48.51
C ASN D 271 56.02 38.51 -47.26
N GLY D 272 54.74 38.42 -46.90
CA GLY D 272 54.32 37.71 -45.71
C GLY D 272 54.15 38.55 -44.47
N SER D 273 54.16 39.87 -44.62
CA SER D 273 54.03 40.76 -43.46
C SER D 273 52.64 40.73 -42.85
N ARG D 274 51.60 40.55 -43.65
CA ARG D 274 50.23 40.61 -43.15
C ARG D 274 49.40 39.47 -43.70
N TYR D 275 48.55 38.90 -42.83
CA TYR D 275 47.62 37.84 -43.17
C TYR D 275 46.23 38.21 -42.66
N LEU D 276 45.20 37.64 -43.30
CA LEU D 276 43.83 37.77 -42.82
C LEU D 276 43.41 36.48 -42.12
N LEU D 277 42.58 36.62 -41.07
CA LEU D 277 42.04 35.50 -40.32
C LEU D 277 40.55 35.70 -40.10
N GLY D 278 39.78 34.61 -40.21
CA GLY D 278 38.37 34.65 -39.91
C GLY D 278 37.97 33.55 -38.94
N ASP D 279 36.93 33.83 -38.14
CA ASP D 279 36.49 32.89 -37.11
C ASP D 279 34.99 32.64 -37.25
N MET D 280 34.49 31.69 -36.45
CA MET D 280 33.13 31.21 -36.62
C MET D 280 32.09 32.29 -36.31
N GLU D 281 32.40 33.26 -35.46
CA GLU D 281 31.43 34.31 -35.20
C GLU D 281 31.42 35.38 -36.30
N GLY D 282 32.20 35.17 -37.36
CA GLY D 282 32.24 36.08 -38.49
C GLY D 282 33.27 37.18 -38.39
N ARG D 283 34.06 37.21 -37.33
CA ARG D 283 35.01 38.30 -37.13
C ARG D 283 36.17 38.18 -38.11
N LEU D 284 36.72 39.33 -38.49
CA LEU D 284 37.81 39.42 -39.44
C LEU D 284 39.00 40.08 -38.76
N PHE D 285 40.12 39.37 -38.73
CA PHE D 285 41.34 39.88 -38.09
C PHE D 285 42.45 40.10 -39.11
N MET D 286 43.42 40.91 -38.71
CA MET D 286 44.67 41.10 -39.43
C MET D 286 45.81 40.56 -38.57
N LEU D 287 46.57 39.62 -39.11
CA LEU D 287 47.75 39.08 -38.45
C LEU D 287 48.99 39.76 -39.01
N LEU D 288 49.77 40.39 -38.13
CA LEU D 288 50.88 41.24 -38.53
C LEU D 288 52.18 40.58 -38.10
N LEU D 289 53.12 40.44 -39.04
CA LEU D 289 54.44 39.91 -38.74
C LEU D 289 55.42 41.08 -38.70
N GLU D 290 55.88 41.44 -37.50
CA GLU D 290 56.77 42.58 -37.34
C GLU D 290 58.20 42.14 -37.63
N LYS D 291 58.79 42.74 -38.65
CA LYS D 291 60.12 42.36 -39.10
C LYS D 291 61.18 43.09 -38.28
N GLU D 292 62.35 42.46 -38.19
CA GLU D 292 63.53 43.08 -37.61
C GLU D 292 64.71 42.78 -38.52
N GLU D 293 65.32 43.82 -39.07
CA GLU D 293 66.49 43.64 -39.92
C GLU D 293 67.71 43.51 -39.01
N GLN D 294 68.54 42.51 -39.28
CA GLN D 294 69.75 42.32 -38.51
C GLN D 294 70.88 43.15 -39.13
N MET D 295 71.95 43.31 -38.36
CA MET D 295 73.11 44.02 -38.91
C MET D 295 73.65 43.27 -40.12
N ASP D 296 73.28 41.98 -40.24
CA ASP D 296 73.66 41.15 -41.38
C ASP D 296 73.05 41.60 -42.69
N GLY D 297 72.03 42.47 -42.67
CA GLY D 297 71.18 42.66 -43.81
C GLY D 297 70.03 41.67 -43.89
N THR D 298 70.06 40.62 -43.07
CA THR D 298 69.04 39.59 -43.04
C THR D 298 67.92 40.01 -42.09
N VAL D 299 66.70 39.58 -42.39
CA VAL D 299 65.51 39.95 -41.62
C VAL D 299 65.05 38.75 -40.81
N THR D 300 64.80 38.98 -39.52
CA THR D 300 64.22 37.97 -38.64
C THR D 300 62.86 38.47 -38.18
N LEU D 301 62.02 37.53 -37.74
CA LEU D 301 60.69 37.89 -37.25
C LEU D 301 60.79 38.29 -35.78
N LYS D 302 60.44 39.55 -35.49
CA LYS D 302 60.57 40.06 -34.13
C LYS D 302 59.34 39.74 -33.29
N ASP D 303 58.14 39.91 -33.84
CA ASP D 303 56.94 39.75 -33.03
C ASP D 303 55.72 39.53 -33.92
N LEU D 304 54.63 39.10 -33.28
CA LEU D 304 53.34 38.91 -33.94
C LEU D 304 52.30 39.80 -33.28
N ARG D 305 51.38 40.32 -34.09
CA ARG D 305 50.29 41.17 -33.61
C ARG D 305 49.01 40.79 -34.32
N VAL D 306 47.89 40.93 -33.62
CA VAL D 306 46.55 40.67 -34.18
C VAL D 306 45.70 41.92 -33.97
N GLU D 307 45.02 42.36 -35.04
CA GLU D 307 44.17 43.53 -34.99
C GLU D 307 42.80 43.17 -35.56
N LEU D 308 41.75 43.50 -34.81
CA LEU D 308 40.39 43.26 -35.26
C LEU D 308 40.01 44.30 -36.31
N LEU D 309 39.54 43.82 -37.47
CA LEU D 309 39.13 44.71 -38.54
C LEU D 309 37.64 44.99 -38.52
N GLY D 310 36.83 43.96 -38.29
CA GLY D 310 35.38 44.15 -38.32
C GLY D 310 34.66 42.82 -38.37
N GLU D 311 33.50 42.84 -39.02
CA GLU D 311 32.64 41.67 -39.13
C GLU D 311 32.33 41.39 -40.59
N THR D 312 32.41 40.12 -40.96
CA THR D 312 32.03 39.65 -42.28
C THR D 312 31.06 38.49 -42.12
N SER D 313 30.57 37.97 -43.25
CA SER D 313 29.85 36.72 -43.23
C SER D 313 30.78 35.59 -42.77
N ILE D 314 30.21 34.63 -42.06
CA ILE D 314 30.99 33.47 -41.60
C ILE D 314 31.70 32.88 -42.82
N ALA D 315 33.03 32.86 -42.78
CA ALA D 315 33.83 32.60 -43.96
C ALA D 315 34.32 31.16 -43.99
N GLU D 316 34.05 30.47 -45.10
CA GLU D 316 34.73 29.21 -45.35
C GLU D 316 36.16 29.47 -45.80
N CYS D 317 36.36 30.46 -46.66
CA CYS D 317 37.66 30.83 -47.16
C CYS D 317 37.68 32.32 -47.45
N LEU D 318 38.83 32.95 -47.19
CA LEU D 318 39.07 34.33 -47.55
C LEU D 318 40.08 34.40 -48.70
N THR D 319 40.03 35.49 -49.46
CA THR D 319 41.09 35.76 -50.42
C THR D 319 41.18 37.26 -50.65
N TYR D 320 42.36 37.83 -50.40
CA TYR D 320 42.60 39.24 -50.68
C TYR D 320 42.80 39.41 -52.18
N LEU D 321 42.14 40.40 -52.76
CA LEU D 321 42.26 40.66 -54.19
C LEU D 321 43.26 41.80 -54.40
N ASP D 322 42.84 43.04 -54.17
CA ASP D 322 43.78 44.15 -54.35
C ASP D 322 43.09 45.43 -53.92
N ASN D 323 43.91 46.41 -53.54
CA ASN D 323 43.43 47.76 -53.23
C ASN D 323 42.43 47.75 -52.09
N GLY D 324 42.63 46.85 -51.13
CA GLY D 324 41.80 46.77 -49.94
C GLY D 324 40.53 45.97 -50.10
N VAL D 325 40.35 45.29 -51.22
CA VAL D 325 39.11 44.55 -51.50
C VAL D 325 39.36 43.07 -51.21
N VAL D 326 38.44 42.46 -50.47
CA VAL D 326 38.56 41.05 -50.07
C VAL D 326 37.28 40.31 -50.45
N PHE D 327 37.43 39.11 -50.99
CA PHE D 327 36.29 38.24 -51.27
C PHE D 327 36.07 37.29 -50.09
N VAL D 328 34.83 37.28 -49.59
CA VAL D 328 34.45 36.45 -48.46
C VAL D 328 33.59 35.31 -49.03
N GLY D 329 34.18 34.12 -49.11
CA GLY D 329 33.46 32.95 -49.59
C GLY D 329 32.83 32.18 -48.45
N SER D 330 31.51 32.21 -48.38
CA SER D 330 30.76 31.66 -47.26
C SER D 330 29.96 30.45 -47.69
N ARG D 331 29.94 29.43 -46.84
CA ARG D 331 29.13 28.25 -47.06
C ARG D 331 27.85 28.26 -46.24
N LEU D 332 27.81 29.02 -45.14
CA LEU D 332 26.63 29.12 -44.29
C LEU D 332 25.76 30.34 -44.60
N GLY D 333 26.34 31.40 -45.16
CA GLY D 333 25.59 32.61 -45.45
C GLY D 333 26.01 33.27 -46.75
N ASP D 334 25.56 34.50 -46.97
CA ASP D 334 25.86 35.20 -48.21
C ASP D 334 27.36 35.47 -48.33
N SER D 335 27.90 35.29 -49.53
CA SER D 335 29.28 35.66 -49.81
C SER D 335 29.36 37.17 -50.06
N GLN D 336 30.59 37.70 -50.07
CA GLN D 336 30.73 39.14 -50.07
C GLN D 336 31.97 39.62 -50.83
N LEU D 337 31.89 40.87 -51.26
CA LEU D 337 33.06 41.73 -51.52
C LEU D 337 33.08 42.79 -50.43
N VAL D 338 34.23 42.97 -49.78
CA VAL D 338 34.33 43.97 -48.73
C VAL D 338 35.56 44.84 -48.94
N LYS D 339 35.46 46.10 -48.49
CA LYS D 339 36.53 47.07 -48.56
C LYS D 339 37.15 47.25 -47.18
N LEU D 340 38.48 47.13 -47.11
CA LEU D 340 39.25 47.37 -45.90
C LEU D 340 39.81 48.79 -45.97
N ASN D 341 39.48 49.60 -44.96
CA ASN D 341 39.91 50.99 -44.91
C ASN D 341 41.05 51.15 -43.91
N VAL D 342 41.90 52.16 -44.15
CA VAL D 342 42.99 52.45 -43.23
C VAL D 342 42.46 53.09 -41.95
N ASP D 343 41.44 53.95 -42.07
CA ASP D 343 40.80 54.55 -40.91
C ASP D 343 39.50 53.82 -40.63
N SER D 344 39.21 53.62 -39.35
CA SER D 344 37.97 53.00 -38.92
C SER D 344 36.80 53.98 -39.11
N ASN D 345 35.60 53.43 -39.20
CA ASN D 345 34.41 54.26 -39.30
C ASN D 345 33.94 54.64 -37.89
N GLU D 346 32.76 55.26 -37.80
CA GLU D 346 32.29 55.77 -36.52
C GLU D 346 32.01 54.65 -35.52
N GLN D 347 31.89 53.41 -35.98
CA GLN D 347 31.61 52.28 -35.10
C GLN D 347 32.86 51.55 -34.64
N GLY D 348 34.04 51.95 -35.10
CA GLY D 348 35.27 51.26 -34.80
C GLY D 348 35.68 50.24 -35.84
N SER D 349 34.92 50.12 -36.92
CA SER D 349 35.14 49.10 -37.93
C SER D 349 35.99 49.63 -39.07
N TYR D 350 36.88 48.77 -39.58
CA TYR D 350 37.68 49.07 -40.75
C TYR D 350 37.13 48.40 -42.02
N VAL D 351 35.98 47.73 -41.91
CA VAL D 351 35.44 46.89 -42.97
C VAL D 351 34.11 47.48 -43.44
N VAL D 352 33.95 47.59 -44.77
CA VAL D 352 32.71 48.09 -45.36
C VAL D 352 32.31 47.17 -46.50
N ALA D 353 31.08 46.66 -46.45
CA ALA D 353 30.60 45.74 -47.47
C ALA D 353 30.44 46.46 -48.79
N MET D 354 30.91 45.84 -49.86
CA MET D 354 30.71 46.35 -51.22
C MET D 354 29.55 45.64 -51.90
N GLU D 355 29.66 44.33 -52.08
CA GLU D 355 28.62 43.55 -52.74
C GLU D 355 28.24 42.34 -51.89
N THR D 356 27.06 41.81 -52.18
CA THR D 356 26.54 40.63 -51.50
C THR D 356 26.08 39.64 -52.56
N PHE D 357 26.63 38.43 -52.50
CA PHE D 357 26.32 37.36 -53.43
C PHE D 357 25.36 36.39 -52.75
N THR D 358 24.19 36.20 -53.34
CA THR D 358 23.18 35.34 -52.73
C THR D 358 23.73 33.95 -52.51
N ASN D 359 23.56 33.43 -51.29
CA ASN D 359 23.88 32.04 -50.97
C ASN D 359 22.68 31.47 -50.22
N LEU D 360 22.02 30.49 -50.83
CA LEU D 360 20.94 29.79 -50.14
C LEU D 360 21.43 28.94 -48.99
N GLY D 361 22.74 28.86 -48.78
CA GLY D 361 23.30 28.23 -47.60
C GLY D 361 22.75 26.85 -47.38
N PRO D 362 23.01 26.30 -46.18
CA PRO D 362 22.32 25.06 -45.79
C PRO D 362 20.82 25.28 -45.81
N ILE D 363 20.12 24.47 -46.58
CA ILE D 363 18.66 24.47 -46.60
C ILE D 363 18.22 23.38 -45.61
N VAL D 364 17.89 23.78 -44.38
CA VAL D 364 17.57 22.78 -43.38
C VAL D 364 16.16 22.23 -43.61
N ASP D 365 15.26 23.06 -44.13
CA ASP D 365 13.89 22.67 -44.40
C ASP D 365 13.32 23.66 -45.41
N MET D 366 12.18 23.31 -46.00
CA MET D 366 11.53 24.22 -46.92
C MET D 366 10.11 23.73 -47.19
N CYS D 367 9.26 24.65 -47.64
CA CYS D 367 7.89 24.32 -48.02
C CYS D 367 7.48 25.17 -49.22
N VAL D 368 6.50 24.66 -49.98
CA VAL D 368 5.99 25.33 -51.17
C VAL D 368 4.60 25.86 -50.87
N VAL D 369 4.35 27.12 -51.22
CA VAL D 369 3.09 27.79 -50.94
C VAL D 369 2.79 28.77 -52.06
N ASP D 370 1.50 28.81 -52.46
CA ASP D 370 1.06 29.76 -53.48
C ASP D 370 0.68 31.06 -52.80
N LEU D 371 1.69 31.90 -52.54
CA LEU D 371 1.44 33.14 -51.80
C LEU D 371 0.48 34.03 -52.58
N GLU D 372 0.49 33.95 -53.90
CA GLU D 372 -0.35 34.79 -54.73
C GLU D 372 -1.68 34.10 -55.05
N ARG D 373 -1.94 32.96 -54.40
CA ARG D 373 -3.13 32.14 -54.63
C ARG D 373 -3.35 31.86 -56.12
N GLN D 374 -2.26 31.74 -56.84
CA GLN D 374 -2.23 31.46 -58.28
C GLN D 374 -1.60 30.08 -58.48
N GLY D 375 -1.62 29.60 -59.72
CA GLY D 375 -1.01 28.30 -59.91
C GLY D 375 0.49 28.28 -59.77
N GLN D 376 1.11 29.45 -59.69
CA GLN D 376 2.54 29.57 -59.53
C GLN D 376 2.89 29.53 -58.05
N GLY D 377 3.83 28.67 -57.69
CA GLY D 377 4.19 28.41 -56.31
C GLY D 377 5.52 29.05 -55.97
N GLN D 378 5.65 29.50 -54.73
CA GLN D 378 6.90 30.04 -54.22
C GLN D 378 7.47 29.08 -53.18
N LEU D 379 8.80 28.97 -53.15
CA LEU D 379 9.50 28.09 -52.23
C LEU D 379 10.10 28.91 -51.10
N VAL D 380 9.71 28.59 -49.87
CA VAL D 380 10.20 29.28 -48.67
C VAL D 380 11.09 28.32 -47.89
N THR D 381 12.36 28.69 -47.74
CA THR D 381 13.36 27.83 -47.12
C THR D 381 13.81 28.33 -45.76
N CYS D 382 14.27 27.41 -44.93
CA CYS D 382 15.09 27.71 -43.77
C CYS D 382 16.56 27.58 -44.20
N SER D 383 17.26 28.71 -44.29
CA SER D 383 18.59 28.74 -44.88
C SER D 383 19.59 29.37 -43.91
N GLY D 384 20.83 28.85 -43.98
CA GLY D 384 21.92 29.39 -43.19
C GLY D 384 21.96 28.85 -41.77
N ALA D 385 22.92 29.40 -41.02
CA ALA D 385 23.13 29.00 -39.64
C ALA D 385 23.66 30.20 -38.87
N PHE D 386 23.43 30.18 -37.55
CA PHE D 386 23.94 31.21 -36.64
C PHE D 386 23.48 32.58 -37.14
N LYS D 387 24.36 33.59 -37.17
CA LYS D 387 23.91 34.94 -37.50
C LYS D 387 23.47 35.06 -38.96
N GLU D 388 23.84 34.09 -39.80
CA GLU D 388 23.45 34.11 -41.20
C GLU D 388 22.06 33.52 -41.42
N GLY D 389 21.43 33.01 -40.36
CA GLY D 389 20.14 32.37 -40.52
C GLY D 389 19.13 33.26 -41.20
N SER D 390 18.26 32.64 -41.98
CA SER D 390 17.33 33.40 -42.80
C SER D 390 16.24 32.49 -43.34
N LEU D 391 15.14 33.10 -43.73
CA LEU D 391 14.18 32.50 -44.64
C LEU D 391 14.48 33.04 -46.04
N ARG D 392 14.24 32.21 -47.03
CA ARG D 392 14.35 32.63 -48.43
C ARG D 392 13.05 32.30 -49.13
N ILE D 393 12.48 33.30 -49.80
CA ILE D 393 11.31 33.09 -50.66
C ILE D 393 11.81 33.16 -52.09
N ILE D 394 11.58 32.08 -52.83
CA ILE D 394 12.14 31.86 -54.14
C ILE D 394 10.97 31.70 -55.08
N ARG D 395 10.96 32.48 -56.14
CA ARG D 395 9.87 32.44 -57.10
C ARG D 395 10.50 32.20 -58.45
N ASN D 396 9.78 31.49 -59.31
CA ASN D 396 10.16 31.44 -60.71
C ASN D 396 9.66 32.76 -61.30
N GLY D 397 10.54 33.48 -61.99
CA GLY D 397 10.20 34.78 -62.51
C GLY D 397 9.59 34.73 -63.89
N ILE D 398 9.16 35.90 -64.35
CA ILE D 398 8.61 36.04 -65.69
C ILE D 398 9.12 37.33 -66.31
N GLN D 408 16.06 34.84 -67.88
CA GLN D 408 15.46 33.83 -67.01
C GLN D 408 16.32 33.65 -65.75
N LYS D 409 15.71 33.88 -64.59
CA LYS D 409 16.37 33.76 -63.30
C LYS D 409 15.31 33.51 -62.24
N LEU D 410 15.77 33.12 -61.05
CA LEU D 410 14.92 33.01 -59.87
C LEU D 410 15.03 34.32 -59.09
N HIS D 411 13.89 34.90 -58.73
CA HIS D 411 13.89 36.09 -57.88
C HIS D 411 13.82 35.61 -56.44
N ILE D 412 14.75 36.10 -55.62
CA ILE D 412 14.96 35.58 -54.28
C ILE D 412 14.86 36.75 -53.31
N ARG D 413 13.85 36.68 -52.45
CA ARG D 413 13.69 37.63 -51.37
C ARG D 413 14.31 37.04 -50.11
N THR D 414 15.05 37.85 -49.38
CA THR D 414 15.79 37.37 -48.21
C THR D 414 15.21 37.98 -46.94
N VAL D 415 14.98 37.12 -45.94
CA VAL D 415 14.41 37.52 -44.66
C VAL D 415 15.37 37.13 -43.55
N PRO D 416 16.23 38.03 -43.08
CA PRO D 416 17.22 37.66 -42.07
C PRO D 416 16.58 37.37 -40.71
N LEU D 417 17.12 36.34 -40.04
CA LEU D 417 16.70 35.95 -38.70
C LEU D 417 17.80 36.11 -37.66
N TYR D 418 19.07 36.11 -38.06
CA TYR D 418 20.22 36.26 -37.16
C TYR D 418 20.29 35.15 -36.12
N GLU D 419 19.60 34.04 -36.38
CA GLU D 419 19.71 32.85 -35.56
C GLU D 419 19.43 31.66 -36.47
N SER D 420 19.76 30.48 -35.99
CA SER D 420 19.70 29.30 -36.84
C SER D 420 18.26 28.87 -37.06
N PRO D 421 17.75 28.87 -38.29
CA PRO D 421 16.42 28.32 -38.56
C PRO D 421 16.51 26.82 -38.83
N ARG D 422 15.57 26.06 -38.26
CA ARG D 422 15.68 24.60 -38.35
C ARG D 422 14.55 23.96 -39.13
N LYS D 423 13.30 24.32 -38.87
CA LYS D 423 12.17 23.76 -39.61
C LYS D 423 11.14 24.86 -39.84
N ILE D 424 10.34 24.69 -40.90
CA ILE D 424 9.34 25.66 -41.28
C ILE D 424 8.04 24.95 -41.62
N CYS D 425 6.92 25.60 -41.32
CA CYS D 425 5.61 25.06 -41.59
C CYS D 425 4.65 26.21 -41.88
N TYR D 426 3.80 25.99 -42.88
CA TYR D 426 2.87 27.02 -43.33
C TYR D 426 1.47 26.71 -42.80
N GLN D 427 0.83 27.71 -42.23
CA GLN D 427 -0.53 27.60 -41.67
C GLN D 427 -1.37 28.62 -42.43
N GLU D 428 -2.18 28.15 -43.38
CA GLU D 428 -2.95 29.08 -44.20
C GLU D 428 -3.97 29.84 -43.37
N VAL D 429 -4.63 29.15 -42.43
CA VAL D 429 -5.72 29.77 -41.68
C VAL D 429 -5.26 31.08 -41.06
N SER D 430 -4.02 31.15 -40.60
CA SER D 430 -3.48 32.33 -39.93
C SER D 430 -2.64 33.21 -40.84
N GLN D 431 -2.56 32.90 -42.13
CA GLN D 431 -1.74 33.67 -43.08
C GLN D 431 -0.33 33.87 -42.53
N CYS D 432 0.24 32.80 -41.99
CA CYS D 432 1.55 32.90 -41.36
C CYS D 432 2.25 31.56 -41.44
N PHE D 433 3.56 31.60 -41.20
CA PHE D 433 4.42 30.44 -41.13
C PHE D 433 4.81 30.17 -39.68
N GLY D 434 4.96 28.89 -39.35
CA GLY D 434 5.66 28.49 -38.14
C GLY D 434 7.10 28.13 -38.48
N VAL D 435 8.02 28.64 -37.67
CA VAL D 435 9.44 28.36 -37.86
C VAL D 435 10.08 28.03 -36.53
N LEU D 436 10.73 26.87 -36.46
CA LEU D 436 11.56 26.49 -35.33
C LEU D 436 12.96 27.07 -35.53
N SER D 437 13.55 27.59 -34.47
CA SER D 437 14.86 28.23 -34.56
C SER D 437 15.61 28.05 -33.25
N SER D 438 16.93 28.18 -33.34
CA SER D 438 17.76 28.12 -32.14
C SER D 438 18.88 29.15 -32.24
N ARG D 439 19.18 29.77 -31.11
CA ARG D 439 20.22 30.77 -30.97
C ARG D 439 21.21 30.34 -29.91
N ILE D 440 22.43 30.83 -30.02
CA ILE D 440 23.50 30.46 -29.11
C ILE D 440 23.59 31.52 -28.02
N GLU D 441 23.46 31.10 -26.77
CA GLU D 441 23.79 31.93 -25.63
C GLU D 441 24.97 31.27 -24.91
N VAL D 442 25.62 32.05 -24.07
CA VAL D 442 26.84 31.62 -23.41
C VAL D 442 26.71 31.79 -21.91
N GLN D 443 27.22 30.82 -21.17
CA GLN D 443 27.21 30.89 -19.71
C GLN D 443 27.95 32.13 -19.23
N ASP D 444 27.28 32.92 -18.40
CA ASP D 444 27.81 34.18 -17.91
C ASP D 444 27.92 34.14 -16.38
N THR D 445 28.45 35.23 -15.83
CA THR D 445 28.73 35.32 -14.41
C THR D 445 27.47 35.39 -13.55
N SER D 446 26.30 35.62 -14.15
CA SER D 446 25.06 35.65 -13.38
C SER D 446 24.52 34.25 -13.07
N GLY D 447 25.14 33.20 -13.61
CA GLY D 447 24.60 31.86 -13.55
C GLY D 447 23.72 31.49 -14.72
N GLY D 448 23.07 32.48 -15.34
CA GLY D 448 22.29 32.27 -16.53
C GLY D 448 23.15 32.30 -17.78
N THR D 449 22.53 32.74 -18.88
CA THR D 449 23.21 32.85 -20.16
C THR D 449 22.84 34.17 -20.81
N THR D 450 23.65 34.57 -21.78
CA THR D 450 23.50 35.83 -22.47
C THR D 450 23.62 35.60 -23.97
N ALA D 451 22.74 36.23 -24.74
CA ALA D 451 22.77 36.09 -26.18
C ALA D 451 23.91 36.92 -26.75
N LEU D 452 24.65 36.35 -27.69
CA LEU D 452 25.81 37.04 -28.25
C LEU D 452 25.40 38.24 -29.09
N ARG D 453 24.15 38.28 -29.54
CA ARG D 453 23.63 39.34 -30.39
C ARG D 453 22.11 39.23 -30.39
N PRO D 454 21.41 40.31 -30.69
CA PRO D 454 19.95 40.23 -30.85
C PRO D 454 19.59 39.47 -32.12
N SER D 455 18.45 38.80 -32.09
CA SER D 455 18.00 38.02 -33.24
C SER D 455 16.48 37.88 -33.17
N ALA D 456 15.94 37.12 -34.13
CA ALA D 456 14.50 37.11 -34.34
C ALA D 456 13.71 36.77 -33.09
N SER D 457 14.13 35.77 -32.34
CA SER D 457 13.38 35.32 -31.17
C SER D 457 13.51 36.24 -29.96
N THR D 458 14.45 37.19 -29.99
CA THR D 458 14.62 38.13 -28.90
C THR D 458 14.04 39.50 -29.22
N GLN D 459 13.87 39.81 -30.50
CA GLN D 459 13.31 41.06 -30.96
C GLN D 459 11.86 40.89 -31.40
N ALA D 460 11.21 39.82 -30.94
CA ALA D 460 9.83 39.57 -31.32
C ALA D 460 8.89 40.55 -30.63
N LEU D 461 7.81 40.88 -31.34
CA LEU D 461 6.80 41.80 -30.83
C LEU D 461 6.14 41.25 -29.57
N SER D 462 5.56 40.06 -29.67
CA SER D 462 5.03 39.33 -28.52
C SER D 462 5.92 38.12 -28.26
N SER D 463 6.02 37.72 -26.99
CA SER D 463 6.90 36.62 -26.66
C SER D 463 6.34 35.84 -25.48
N SER D 464 6.82 34.62 -25.32
CA SER D 464 6.39 33.75 -24.23
C SER D 464 7.46 32.71 -23.97
N VAL D 465 7.43 32.12 -22.77
CA VAL D 465 8.40 31.13 -22.34
C VAL D 465 7.64 29.96 -21.74
N SER D 466 8.00 28.76 -22.13
CA SER D 466 7.32 27.57 -21.65
C SER D 466 7.44 27.46 -20.14
N SER D 467 6.32 27.22 -19.47
CA SER D 467 6.28 27.01 -18.04
C SER D 467 5.98 25.56 -17.69
N SER D 468 6.22 24.66 -18.64
CA SER D 468 5.89 23.27 -18.45
C SER D 468 6.66 22.72 -17.26
N LYS D 469 5.97 21.97 -16.42
CA LYS D 469 6.58 21.36 -15.24
C LYS D 469 6.87 19.88 -15.42
N LEU D 470 6.63 19.34 -16.62
CA LEU D 470 6.67 17.89 -16.82
C LEU D 470 7.98 17.27 -16.32
N PHE D 471 9.12 17.85 -16.70
CA PHE D 471 10.40 17.33 -16.26
C PHE D 471 10.79 17.84 -14.89
N SER D 472 10.15 18.93 -14.42
CA SER D 472 10.29 19.43 -13.07
C SER D 472 11.72 19.33 -12.56
N SER D 473 11.91 18.81 -11.35
CA SER D 473 13.25 18.62 -10.78
C SER D 473 13.74 17.18 -10.90
N SER D 474 13.00 16.34 -11.63
CA SER D 474 13.38 14.94 -11.78
C SER D 474 14.83 14.78 -12.23
N THR D 475 15.22 15.55 -13.23
CA THR D 475 16.60 15.51 -13.71
C THR D 475 17.48 16.28 -12.72
N ALA D 476 18.60 15.68 -12.33
CA ALA D 476 19.51 16.36 -11.41
C ALA D 476 20.17 17.51 -12.16
N PRO D 477 20.33 18.67 -11.53
CA PRO D 477 20.92 19.80 -12.25
C PRO D 477 22.33 19.47 -12.70
N HIS D 478 22.65 19.90 -13.92
CA HIS D 478 23.93 19.59 -14.54
C HIS D 478 24.92 20.73 -14.36
N GLU D 479 26.19 20.37 -14.43
CA GLU D 479 27.27 21.30 -14.13
C GLU D 479 27.42 22.28 -15.29
N THR D 480 27.49 23.57 -14.96
CA THR D 480 27.68 24.63 -15.95
C THR D 480 28.96 25.38 -15.63
N SER D 481 29.75 25.65 -16.66
CA SER D 481 30.99 26.38 -16.55
C SER D 481 30.89 27.66 -17.37
N PHE D 482 31.42 28.75 -16.83
CA PHE D 482 31.34 30.03 -17.54
C PHE D 482 32.00 29.91 -18.91
N GLY D 483 31.33 30.44 -19.93
CA GLY D 483 31.86 30.47 -21.27
C GLY D 483 31.34 29.38 -22.19
N GLU D 484 30.72 28.33 -21.64
CA GLU D 484 30.19 27.26 -22.49
C GLU D 484 28.96 27.73 -23.24
N GLU D 485 28.81 27.22 -24.46
CA GLU D 485 27.67 27.55 -25.31
C GLU D 485 26.50 26.62 -25.03
N VAL D 486 25.29 27.14 -25.22
CA VAL D 486 24.06 26.35 -25.14
C VAL D 486 23.12 26.83 -26.24
N GLU D 487 22.26 25.93 -26.70
CA GLU D 487 21.25 26.26 -27.70
C GLU D 487 19.93 26.56 -27.00
N VAL D 488 19.27 27.63 -27.44
CA VAL D 488 17.95 28.01 -26.96
C VAL D 488 17.00 27.94 -28.15
N HIS D 489 15.95 27.12 -28.03
CA HIS D 489 15.05 26.85 -29.12
C HIS D 489 13.75 27.61 -28.94
N ASN D 490 13.20 28.09 -30.05
CA ASN D 490 12.00 28.92 -30.03
C ASN D 490 11.11 28.51 -31.18
N LEU D 491 9.81 28.79 -31.03
CA LEU D 491 8.87 28.74 -32.13
C LEU D 491 8.52 30.16 -32.54
N LEU D 492 8.74 30.49 -33.81
CA LEU D 492 8.46 31.81 -34.34
C LEU D 492 7.20 31.76 -35.20
N ILE D 493 6.31 32.73 -35.01
CA ILE D 493 5.14 32.92 -35.85
C ILE D 493 5.43 34.13 -36.75
N ILE D 494 5.38 33.94 -38.07
CA ILE D 494 5.88 34.93 -39.02
C ILE D 494 4.80 35.20 -40.09
N ASP D 495 4.50 36.47 -40.33
CA ASP D 495 3.49 36.85 -41.32
C ASP D 495 3.91 36.50 -42.75
N GLN D 496 2.94 36.03 -43.55
CA GLN D 496 3.23 35.49 -44.87
C GLN D 496 3.51 36.55 -45.93
N HIS D 497 3.16 37.80 -45.68
CA HIS D 497 3.39 38.89 -46.63
C HIS D 497 4.50 39.83 -46.20
N THR D 498 4.53 40.20 -44.92
CA THR D 498 5.54 41.11 -44.41
C THR D 498 6.71 40.37 -43.80
N PHE D 499 6.49 39.14 -43.33
CA PHE D 499 7.51 38.37 -42.62
C PHE D 499 7.97 39.07 -41.36
N GLU D 500 7.06 39.80 -40.73
CA GLU D 500 7.29 40.28 -39.37
C GLU D 500 7.14 39.11 -38.40
N VAL D 501 8.02 39.07 -37.40
CA VAL D 501 7.91 38.07 -36.34
C VAL D 501 6.84 38.52 -35.36
N LEU D 502 5.68 37.88 -35.44
CA LEU D 502 4.52 38.25 -34.64
C LEU D 502 4.61 37.70 -33.23
N HIS D 503 5.19 36.51 -33.05
CA HIS D 503 5.28 35.92 -31.73
C HIS D 503 6.54 35.04 -31.66
N ALA D 504 7.15 35.00 -30.48
CA ALA D 504 8.28 34.13 -30.20
C ALA D 504 7.96 33.32 -28.95
N HIS D 505 7.98 32.00 -29.07
CA HIS D 505 7.81 31.11 -27.93
C HIS D 505 9.14 30.46 -27.64
N GLN D 506 9.63 30.61 -26.40
CA GLN D 506 10.88 30.00 -25.99
C GLN D 506 10.57 28.71 -25.25
N PHE D 507 11.25 27.63 -25.63
CA PHE D 507 11.01 26.34 -25.03
C PHE D 507 11.86 26.19 -23.76
N LEU D 508 11.70 25.06 -23.09
CA LEU D 508 12.35 24.85 -21.82
C LEU D 508 13.86 24.86 -21.97
N GLN D 509 14.54 25.15 -20.87
CA GLN D 509 15.99 25.07 -20.84
C GLN D 509 16.45 23.68 -21.24
N ASN D 510 17.37 23.63 -22.20
CA ASN D 510 17.92 22.39 -22.72
C ASN D 510 16.92 21.58 -23.53
N GLU D 511 15.82 22.20 -23.96
CA GLU D 511 14.83 21.54 -24.80
C GLU D 511 15.09 21.94 -26.26
N TYR D 512 15.27 20.94 -27.12
CA TYR D 512 15.45 21.17 -28.54
C TYR D 512 14.12 20.94 -29.25
N ALA D 513 13.77 21.85 -30.15
CA ALA D 513 12.62 21.68 -31.01
C ALA D 513 13.09 20.99 -32.28
N LEU D 514 12.53 19.82 -32.57
CA LEU D 514 13.00 18.99 -33.66
C LEU D 514 12.01 18.85 -34.80
N SER D 515 10.71 19.01 -34.52
CA SER D 515 9.69 18.74 -35.52
C SER D 515 8.51 19.69 -35.34
N LEU D 516 7.84 20.01 -36.45
CA LEU D 516 6.78 20.98 -36.44
C LEU D 516 5.75 20.62 -37.50
N VAL D 517 4.46 20.72 -37.15
CA VAL D 517 3.39 20.53 -38.11
C VAL D 517 2.31 21.59 -37.89
N SER D 518 1.53 21.83 -38.95
CA SER D 518 0.33 22.65 -38.91
C SER D 518 -0.81 21.82 -39.47
N CYS D 519 -1.88 21.63 -38.69
CA CYS D 519 -2.94 20.76 -39.13
C CYS D 519 -4.16 20.89 -38.22
N LYS D 520 -5.28 20.35 -38.70
CA LYS D 520 -6.47 20.09 -37.89
C LYS D 520 -6.45 18.62 -37.52
N LEU D 521 -6.94 18.31 -36.32
CA LEU D 521 -6.97 16.93 -35.84
C LEU D 521 -8.35 16.54 -35.35
N GLY D 522 -8.68 15.26 -35.52
CA GLY D 522 -9.91 14.73 -34.98
C GLY D 522 -11.13 15.50 -35.45
N LYS D 523 -12.02 15.79 -34.51
CA LYS D 523 -13.21 16.61 -34.77
C LYS D 523 -13.03 18.05 -34.31
N ASP D 524 -11.79 18.47 -34.06
CA ASP D 524 -11.50 19.84 -33.66
C ASP D 524 -11.28 20.71 -34.89
N PRO D 525 -12.10 21.73 -35.13
CA PRO D 525 -11.92 22.57 -36.33
C PRO D 525 -10.76 23.54 -36.22
N ASN D 526 -10.25 23.77 -35.02
CA ASN D 526 -9.16 24.73 -34.84
C ASN D 526 -7.88 24.18 -35.45
N THR D 527 -7.13 25.05 -36.10
CA THR D 527 -5.86 24.68 -36.74
C THR D 527 -4.70 25.05 -35.82
N TYR D 528 -3.87 24.07 -35.51
CA TYR D 528 -2.82 24.22 -34.52
C TYR D 528 -1.43 24.14 -35.12
N PHE D 529 -0.47 24.73 -34.39
CA PHE D 529 0.94 24.46 -34.57
C PHE D 529 1.34 23.43 -33.50
N ILE D 530 1.92 22.32 -33.92
CA ILE D 530 2.35 21.26 -33.03
C ILE D 530 3.84 21.07 -33.20
N VAL D 531 4.56 21.00 -32.09
CA VAL D 531 6.01 20.91 -32.08
C VAL D 531 6.42 19.68 -31.29
N GLY D 532 7.36 18.91 -31.83
CA GLY D 532 7.93 17.76 -31.14
C GLY D 532 9.36 18.07 -30.69
N THR D 533 9.65 17.75 -29.43
CA THR D 533 10.87 18.20 -28.79
C THR D 533 11.65 17.05 -28.19
N ALA D 534 12.88 17.37 -27.77
CA ALA D 534 13.77 16.42 -27.12
C ALA D 534 14.57 17.16 -26.06
N MET D 535 14.69 16.55 -24.88
CA MET D 535 15.53 17.09 -23.82
C MET D 535 16.97 16.63 -24.03
N VAL D 536 17.86 17.59 -24.27
CA VAL D 536 19.24 17.32 -24.65
C VAL D 536 20.13 17.64 -23.46
N TYR D 537 20.82 16.64 -22.94
CA TYR D 537 21.81 16.84 -21.90
C TYR D 537 23.17 16.35 -22.39
N PRO D 538 24.25 17.04 -22.03
CA PRO D 538 25.58 16.69 -22.58
C PRO D 538 26.04 15.27 -22.21
N GLU D 539 25.39 14.60 -21.26
CA GLU D 539 25.81 13.27 -20.85
C GLU D 539 25.14 12.14 -21.61
N GLU D 540 23.88 12.31 -22.00
CA GLU D 540 23.11 11.22 -22.60
C GLU D 540 23.47 11.17 -24.07
N ALA D 541 23.93 10.00 -24.54
CA ALA D 541 24.14 9.85 -25.97
C ALA D 541 22.81 9.92 -26.71
N GLU D 542 21.73 9.45 -26.09
CA GLU D 542 20.42 9.44 -26.71
C GLU D 542 19.42 10.06 -25.75
N PRO D 543 18.63 11.02 -26.21
CA PRO D 543 17.64 11.66 -25.32
C PRO D 543 16.64 10.65 -24.80
N LYS D 544 16.27 10.80 -23.52
CA LYS D 544 15.30 9.91 -22.91
C LYS D 544 14.04 10.65 -22.48
N GLN D 545 13.98 11.97 -22.67
CA GLN D 545 12.80 12.76 -22.31
C GLN D 545 12.42 13.67 -23.47
N GLY D 546 11.13 13.95 -23.60
CA GLY D 546 10.67 14.82 -24.67
C GLY D 546 9.20 15.16 -24.53
N ARG D 547 8.78 16.12 -25.37
CA ARG D 547 7.41 16.61 -25.39
C ARG D 547 6.86 16.72 -26.80
N ILE D 548 5.55 16.58 -26.90
CA ILE D 548 4.77 17.06 -28.05
C ILE D 548 3.87 18.17 -27.53
N VAL D 549 3.99 19.36 -28.13
CA VAL D 549 3.28 20.55 -27.67
C VAL D 549 2.34 21.02 -28.77
N VAL D 550 1.10 21.33 -28.40
CA VAL D 550 0.09 21.81 -29.33
C VAL D 550 -0.18 23.28 -29.04
N PHE D 551 0.00 24.13 -30.04
CA PHE D 551 -0.20 25.57 -29.91
C PHE D 551 -1.34 26.00 -30.81
N GLN D 552 -2.06 27.06 -30.41
CA GLN D 552 -3.01 27.75 -31.27
C GLN D 552 -2.62 29.22 -31.36
N TYR D 553 -2.43 29.71 -32.58
CA TYR D 553 -2.22 31.14 -32.81
C TYR D 553 -3.56 31.73 -33.25
N SER D 554 -4.18 32.53 -32.38
CA SER D 554 -5.46 33.16 -32.70
C SER D 554 -5.48 34.55 -32.07
N ASP D 555 -5.94 35.54 -32.83
CA ASP D 555 -6.05 36.90 -32.34
C ASP D 555 -4.70 37.41 -31.83
N GLY D 556 -3.67 37.21 -32.64
CA GLY D 556 -2.37 37.77 -32.34
C GLY D 556 -1.65 37.15 -31.17
N LYS D 557 -2.18 36.10 -30.56
CA LYS D 557 -1.55 35.49 -29.41
C LYS D 557 -1.46 33.98 -29.58
N LEU D 558 -0.39 33.41 -29.02
CA LEU D 558 -0.16 31.97 -29.05
C LEU D 558 -0.59 31.36 -27.73
N GLN D 559 -1.55 30.44 -27.78
CA GLN D 559 -2.03 29.77 -26.59
C GLN D 559 -1.55 28.33 -26.63
N THR D 560 -0.96 27.89 -25.53
CA THR D 560 -0.54 26.51 -25.41
C THR D 560 -1.79 25.68 -25.18
N VAL D 561 -2.09 24.79 -26.10
CA VAL D 561 -3.36 24.06 -26.00
C VAL D 561 -3.18 22.78 -25.20
N ALA D 562 -2.08 22.07 -25.42
CA ALA D 562 -1.89 20.79 -24.76
C ALA D 562 -0.44 20.36 -24.88
N GLU D 563 -0.02 19.53 -23.95
CA GLU D 563 1.32 18.97 -23.95
C GLU D 563 1.20 17.48 -23.63
N LYS D 564 1.96 16.68 -24.37
CA LYS D 564 2.03 15.24 -24.20
C LYS D 564 3.47 14.86 -23.94
N GLU D 565 3.71 14.14 -22.84
CA GLU D 565 5.07 13.73 -22.52
C GLU D 565 5.42 12.44 -23.26
N VAL D 566 6.66 12.36 -23.73
CA VAL D 566 7.18 11.15 -24.36
C VAL D 566 8.57 10.89 -23.78
N LYS D 567 9.03 9.65 -23.95
CA LYS D 567 10.29 9.19 -23.37
C LYS D 567 11.40 9.17 -24.41
N GLY D 568 11.56 10.24 -25.17
CA GLY D 568 12.59 10.29 -26.20
C GLY D 568 12.42 11.50 -27.08
N ALA D 569 13.20 11.53 -28.16
CA ALA D 569 13.25 12.67 -29.06
C ALA D 569 12.20 12.50 -30.13
N VAL D 570 11.41 13.55 -30.35
CA VAL D 570 10.34 13.53 -31.36
C VAL D 570 10.97 14.02 -32.66
N TYR D 571 11.66 13.11 -33.35
CA TYR D 571 12.42 13.49 -34.52
C TYR D 571 11.52 13.93 -35.68
N SER D 572 10.29 13.39 -35.75
CA SER D 572 9.44 13.70 -36.89
C SER D 572 7.97 13.55 -36.55
N MET D 573 7.14 14.39 -37.17
CA MET D 573 5.69 14.30 -37.05
C MET D 573 5.06 14.57 -38.41
N VAL D 574 3.85 14.08 -38.60
CA VAL D 574 3.10 14.36 -39.82
C VAL D 574 1.61 14.07 -39.55
N GLU D 575 0.75 14.88 -40.16
CA GLU D 575 -0.69 14.66 -40.06
C GLU D 575 -1.07 13.43 -40.87
N PHE D 576 -1.93 12.59 -40.27
CA PHE D 576 -2.26 11.27 -40.82
C PHE D 576 -3.75 11.01 -40.62
N ASN D 577 -4.55 11.31 -41.63
CA ASN D 577 -5.99 11.09 -41.61
C ASN D 577 -6.60 11.60 -40.31
N GLY D 578 -6.36 12.87 -40.03
CA GLY D 578 -6.89 13.48 -38.84
C GLY D 578 -6.23 13.05 -37.55
N LYS D 579 -5.24 12.16 -37.61
CA LYS D 579 -4.48 11.73 -36.45
C LYS D 579 -3.04 12.24 -36.58
N LEU D 580 -2.35 12.27 -35.44
CA LEU D 580 -0.98 12.78 -35.40
C LEU D 580 -0.02 11.58 -35.38
N LEU D 581 0.79 11.48 -36.42
CA LEU D 581 1.80 10.44 -36.53
C LEU D 581 3.14 11.03 -36.12
N ALA D 582 3.74 10.47 -35.07
CA ALA D 582 4.99 10.97 -34.53
C ALA D 582 5.95 9.81 -34.31
N SER D 583 7.24 10.12 -34.40
CA SER D 583 8.33 9.17 -34.17
C SER D 583 9.10 9.60 -32.93
N ILE D 584 9.22 8.70 -31.96
CA ILE D 584 9.99 8.93 -30.75
C ILE D 584 11.11 7.91 -30.69
N ASN D 585 12.34 8.36 -30.95
CA ASN D 585 13.51 7.46 -30.99
C ASN D 585 13.24 6.29 -31.93
N SER D 586 13.18 5.07 -31.41
CA SER D 586 12.87 3.90 -32.24
C SER D 586 11.37 3.74 -32.50
N THR D 587 10.52 4.27 -31.63
CA THR D 587 9.08 4.06 -31.74
C THR D 587 8.43 4.97 -32.78
N VAL D 588 7.45 4.43 -33.50
CA VAL D 588 6.58 5.22 -34.38
C VAL D 588 5.15 5.08 -33.84
N ARG D 589 4.55 6.21 -33.40
CA ARG D 589 3.27 6.19 -32.72
C ARG D 589 2.22 6.96 -33.52
N LEU D 590 0.97 6.53 -33.37
CA LEU D 590 -0.18 7.22 -33.94
C LEU D 590 -1.04 7.71 -32.79
N TYR D 591 -1.21 9.03 -32.71
CA TYR D 591 -1.98 9.65 -31.65
C TYR D 591 -3.35 10.09 -32.17
N GLU D 592 -4.37 9.96 -31.32
CA GLU D 592 -5.69 10.49 -31.58
C GLU D 592 -5.92 11.73 -30.71
N TRP D 593 -6.74 12.64 -31.22
CA TRP D 593 -7.05 13.91 -30.57
C TRP D 593 -8.43 13.80 -29.94
N THR D 594 -8.49 13.79 -28.60
CA THR D 594 -9.74 13.53 -27.93
C THR D 594 -10.63 14.77 -27.96
N THR D 595 -11.89 14.58 -27.56
CA THR D 595 -12.80 15.71 -27.38
C THR D 595 -12.43 16.57 -26.19
N GLU D 596 -11.52 16.11 -25.32
CA GLU D 596 -10.98 16.92 -24.23
C GLU D 596 -9.69 17.64 -24.63
N LYS D 597 -9.37 17.70 -25.92
CA LYS D 597 -8.19 18.40 -26.43
C LYS D 597 -6.89 17.91 -25.78
N GLU D 598 -6.68 16.58 -25.81
CA GLU D 598 -5.42 15.99 -25.40
C GLU D 598 -5.13 14.77 -26.29
N LEU D 599 -3.84 14.44 -26.43
CA LEU D 599 -3.41 13.36 -27.31
C LEU D 599 -3.45 12.02 -26.59
N ARG D 600 -3.97 11.01 -27.29
CA ARG D 600 -4.10 9.64 -26.76
C ARG D 600 -3.50 8.64 -27.74
N THR D 601 -2.66 7.76 -27.22
CA THR D 601 -1.99 6.77 -28.07
C THR D 601 -2.98 5.72 -28.57
N GLU D 602 -2.92 5.43 -29.87
CA GLU D 602 -3.74 4.37 -30.47
C GLU D 602 -2.92 3.11 -30.71
N CYS D 603 -1.83 3.23 -31.46
CA CYS D 603 -1.00 2.08 -31.81
C CYS D 603 0.45 2.52 -31.94
N ASN D 604 1.35 1.55 -31.79
CA ASN D 604 2.79 1.79 -31.80
C ASN D 604 3.47 0.78 -32.72
N HIS D 605 4.62 1.18 -33.25
CA HIS D 605 5.50 0.30 -34.01
C HIS D 605 6.92 0.51 -33.51
N TYR D 606 7.61 -0.59 -33.17
CA TYR D 606 8.88 -0.48 -32.47
C TYR D 606 10.10 -0.96 -33.26
N ASN D 607 9.93 -1.54 -34.44
CA ASN D 607 11.07 -2.15 -35.15
C ASN D 607 11.83 -1.08 -35.95
N ASN D 608 12.53 -0.22 -35.21
CA ASN D 608 13.39 0.78 -35.82
C ASN D 608 14.61 1.03 -34.93
N ILE D 609 15.70 1.44 -35.57
CA ILE D 609 16.86 1.89 -34.81
C ILE D 609 16.71 3.36 -34.42
N MET D 610 16.48 4.21 -35.42
CA MET D 610 16.16 5.61 -35.15
C MET D 610 15.23 6.10 -36.26
N ALA D 611 13.98 6.41 -35.89
CA ALA D 611 12.95 6.79 -36.85
C ALA D 611 13.07 8.28 -37.12
N LEU D 612 13.98 8.62 -38.04
CA LEU D 612 14.33 10.01 -38.24
C LEU D 612 13.35 10.72 -39.16
N TYR D 613 12.76 10.03 -40.14
CA TYR D 613 11.97 10.68 -41.16
C TYR D 613 10.67 9.93 -41.43
N LEU D 614 9.59 10.69 -41.60
CA LEU D 614 8.26 10.15 -41.86
C LEU D 614 7.61 10.84 -43.04
N LYS D 615 6.91 10.07 -43.87
CA LYS D 615 6.04 10.62 -44.91
C LYS D 615 4.82 9.70 -45.02
N THR D 616 3.72 10.23 -45.53
CA THR D 616 2.49 9.46 -45.63
C THR D 616 1.79 9.64 -46.97
N LYS D 617 0.92 8.67 -47.29
CA LYS D 617 0.02 8.74 -48.44
C LYS D 617 -1.10 7.74 -48.17
N GLY D 618 -2.32 8.24 -47.98
CA GLY D 618 -3.41 7.35 -47.61
C GLY D 618 -3.15 6.75 -46.23
N ASP D 619 -3.36 5.44 -46.11
CA ASP D 619 -3.06 4.73 -44.88
C ASP D 619 -1.65 4.15 -44.86
N PHE D 620 -0.80 4.52 -45.82
CA PHE D 620 0.57 4.03 -45.91
C PHE D 620 1.54 5.04 -45.29
N ILE D 621 2.60 4.51 -44.68
CA ILE D 621 3.62 5.33 -44.02
C ILE D 621 5.00 4.86 -44.49
N LEU D 622 5.85 5.81 -44.85
CA LEU D 622 7.24 5.55 -45.19
C LEU D 622 8.13 6.08 -44.07
N VAL D 623 8.91 5.19 -43.46
CA VAL D 623 9.74 5.52 -42.30
C VAL D 623 11.20 5.52 -42.72
N GLY D 624 11.91 6.59 -42.40
CA GLY D 624 13.34 6.69 -42.68
C GLY D 624 14.15 6.48 -41.41
N ASP D 625 15.10 5.56 -41.49
CA ASP D 625 15.88 5.14 -40.34
C ASP D 625 17.33 5.59 -40.51
N LEU D 626 18.04 5.64 -39.39
CA LEU D 626 19.42 6.12 -39.41
C LEU D 626 20.32 5.20 -40.22
N MET D 627 20.19 3.89 -40.04
CA MET D 627 21.04 2.93 -40.75
C MET D 627 20.26 1.85 -41.49
N ARG D 628 18.95 1.74 -41.30
CA ARG D 628 18.20 0.63 -41.88
C ARG D 628 17.36 1.08 -43.07
N SER D 629 17.77 2.14 -43.76
CA SER D 629 17.13 2.57 -45.00
C SER D 629 15.68 2.91 -44.70
N VAL D 630 14.70 2.39 -45.46
CA VAL D 630 13.31 2.79 -45.35
C VAL D 630 12.43 1.56 -45.14
N LEU D 631 11.34 1.77 -44.41
CA LEU D 631 10.35 0.72 -44.14
C LEU D 631 8.99 1.27 -44.55
N LEU D 632 8.20 0.44 -45.24
CA LEU D 632 6.84 0.80 -45.60
C LEU D 632 5.90 0.21 -44.55
N LEU D 633 5.29 1.08 -43.75
CA LEU D 633 4.25 0.68 -42.82
C LEU D 633 2.89 0.92 -43.46
N ALA D 634 1.88 0.26 -42.91
CA ALA D 634 0.50 0.54 -43.27
C ALA D 634 -0.35 0.50 -42.01
N TYR D 635 -1.25 1.48 -41.90
CA TYR D 635 -2.24 1.48 -40.85
C TYR D 635 -3.39 0.57 -41.27
N LYS D 636 -3.73 -0.39 -40.43
CA LYS D 636 -4.84 -1.28 -40.75
C LYS D 636 -6.01 -0.83 -39.89
N PRO D 637 -6.91 -0.01 -40.42
CA PRO D 637 -7.93 0.57 -39.54
C PRO D 637 -8.84 -0.46 -38.89
N MET D 638 -9.06 -1.61 -39.53
CA MET D 638 -9.94 -2.59 -38.93
C MET D 638 -9.43 -3.12 -37.60
N GLU D 639 -8.12 -3.08 -37.38
CA GLU D 639 -7.54 -3.58 -36.15
C GLU D 639 -7.05 -2.46 -35.25
N GLY D 640 -6.75 -1.29 -35.81
CA GLY D 640 -6.28 -0.18 -35.01
C GLY D 640 -4.83 -0.35 -34.62
N ASN D 641 -3.99 -0.64 -35.61
CA ASN D 641 -2.58 -0.90 -35.35
C ASN D 641 -1.83 -0.78 -36.68
N PHE D 642 -0.53 -1.02 -36.63
CA PHE D 642 0.30 -0.99 -37.82
C PHE D 642 0.56 -2.42 -38.30
N GLU D 643 0.92 -2.53 -39.58
CA GLU D 643 1.40 -3.78 -40.16
C GLU D 643 2.59 -3.43 -41.04
N GLU D 644 3.67 -4.20 -40.92
CA GLU D 644 4.83 -4.01 -41.78
C GLU D 644 4.54 -4.56 -43.16
N ILE D 645 4.70 -3.72 -44.18
CA ILE D 645 4.43 -4.12 -45.56
C ILE D 645 5.72 -4.60 -46.23
N ALA D 646 6.75 -3.76 -46.25
CA ALA D 646 7.98 -4.11 -46.96
C ALA D 646 9.12 -3.25 -46.44
N ARG D 647 10.31 -3.83 -46.34
CA ARG D 647 11.50 -3.13 -45.87
C ARG D 647 12.61 -3.22 -46.91
N ASP D 648 13.41 -2.16 -47.01
CA ASP D 648 14.61 -2.17 -47.84
C ASP D 648 15.75 -2.66 -46.96
N PHE D 649 16.16 -3.91 -47.14
CA PHE D 649 17.11 -4.49 -46.20
C PHE D 649 18.52 -3.94 -46.38
N ASN D 650 18.87 -3.41 -47.56
CA ASN D 650 20.19 -2.81 -47.73
C ASN D 650 20.42 -1.70 -46.71
N PRO D 651 21.56 -1.65 -46.03
CA PRO D 651 21.80 -0.62 -45.00
C PRO D 651 22.27 0.67 -45.63
N ASN D 652 21.47 1.72 -45.49
CA ASN D 652 21.80 3.04 -46.03
C ASN D 652 21.59 4.06 -44.94
N TRP D 653 22.53 4.99 -44.78
CA TRP D 653 22.37 6.11 -43.88
C TRP D 653 21.46 7.14 -44.56
N MET D 654 20.33 7.45 -43.94
CA MET D 654 19.33 8.30 -44.56
C MET D 654 19.47 9.76 -44.14
N SER D 655 19.26 10.66 -45.11
CA SER D 655 19.19 12.09 -44.86
C SER D 655 17.80 12.68 -45.13
N ALA D 656 16.99 11.99 -45.91
CA ALA D 656 15.64 12.43 -46.23
C ALA D 656 14.94 11.35 -47.04
N VAL D 657 13.62 11.27 -46.96
CA VAL D 657 12.84 10.32 -47.72
C VAL D 657 11.66 11.05 -48.35
N GLU D 658 11.02 10.38 -49.30
CA GLU D 658 9.80 10.90 -49.90
C GLU D 658 9.08 9.74 -50.59
N ILE D 659 7.75 9.86 -50.67
CA ILE D 659 6.91 8.92 -51.38
C ILE D 659 6.64 9.51 -52.77
N LEU D 660 6.95 8.74 -53.82
CA LEU D 660 6.67 9.18 -55.18
C LEU D 660 5.27 8.80 -55.62
N ASP D 661 4.88 7.55 -55.39
CA ASP D 661 3.53 7.09 -55.69
C ASP D 661 3.28 5.83 -54.86
N ASP D 662 2.14 5.18 -55.07
CA ASP D 662 1.76 4.08 -54.21
C ASP D 662 2.79 2.95 -54.21
N ASP D 663 3.69 2.93 -55.19
CA ASP D 663 4.65 1.86 -55.32
C ASP D 663 6.11 2.29 -55.26
N ASN D 664 6.43 3.54 -55.57
CA ASN D 664 7.81 4.01 -55.60
C ASN D 664 8.11 4.88 -54.39
N PHE D 665 9.31 4.71 -53.83
CA PHE D 665 9.76 5.45 -52.66
C PHE D 665 11.16 5.99 -52.91
N LEU D 666 11.37 7.25 -52.60
CA LEU D 666 12.60 7.96 -52.92
C LEU D 666 13.39 8.22 -51.64
N GLY D 667 14.70 8.03 -51.71
CA GLY D 667 15.56 8.21 -50.56
C GLY D 667 16.85 8.91 -50.93
N ALA D 668 17.46 9.53 -49.92
CA ALA D 668 18.73 10.22 -50.07
C ALA D 668 19.70 9.76 -48.99
N GLU D 669 20.92 9.45 -49.39
CA GLU D 669 21.93 8.87 -48.50
C GLU D 669 22.99 9.90 -48.14
N ASN D 670 23.65 9.65 -47.01
CA ASN D 670 24.74 10.50 -46.58
C ASN D 670 25.95 10.42 -47.51
N ALA D 671 25.93 9.52 -48.49
CA ALA D 671 26.99 9.38 -49.47
C ALA D 671 26.76 10.27 -50.68
N PHE D 672 25.76 11.16 -50.62
CA PHE D 672 25.38 12.02 -51.73
C PHE D 672 24.73 11.22 -52.86
N ASN D 673 24.00 10.16 -52.51
CA ASN D 673 23.35 9.33 -53.50
C ASN D 673 21.83 9.43 -53.35
N LEU D 674 21.12 9.18 -54.44
CA LEU D 674 19.67 9.09 -54.44
C LEU D 674 19.32 7.66 -54.85
N PHE D 675 18.34 7.06 -54.18
CA PHE D 675 17.92 5.72 -54.59
C PHE D 675 16.40 5.63 -54.53
N VAL D 676 15.85 4.74 -55.36
CA VAL D 676 14.42 4.50 -55.42
C VAL D 676 14.19 3.01 -55.26
N CYS D 677 13.44 2.63 -54.23
CA CYS D 677 13.03 1.25 -54.02
C CYS D 677 11.52 1.17 -54.17
N GLN D 678 11.03 0.02 -54.62
CA GLN D 678 9.61 -0.17 -54.86
C GLN D 678 9.19 -1.56 -54.39
N LYS D 679 7.88 -1.69 -54.12
CA LYS D 679 7.33 -3.02 -53.87
C LYS D 679 7.60 -3.92 -55.06
N ASP D 680 8.00 -5.16 -54.76
CA ASP D 680 8.47 -6.07 -55.80
C ASP D 680 7.31 -6.59 -56.64
N SER D 681 6.19 -6.95 -56.01
CA SER D 681 4.99 -7.36 -56.75
C SER D 681 5.32 -8.51 -57.70
N ALA D 682 6.25 -9.37 -57.31
CA ALA D 682 6.61 -10.53 -58.10
C ALA D 682 6.95 -11.71 -57.19
N ALA D 683 6.83 -12.91 -57.75
CA ALA D 683 7.07 -14.21 -57.13
C ALA D 683 5.96 -14.68 -56.19
N THR D 684 4.91 -13.89 -55.98
CA THR D 684 3.79 -14.27 -55.12
C THR D 684 4.21 -14.99 -53.84
N THR D 685 5.25 -14.51 -53.19
CA THR D 685 5.76 -15.09 -51.95
C THR D 685 5.67 -14.04 -50.84
N ASP D 686 5.25 -14.47 -49.64
CA ASP D 686 5.13 -13.49 -48.57
C ASP D 686 6.49 -12.92 -48.17
N GLU D 687 7.55 -13.72 -48.31
CA GLU D 687 8.88 -13.24 -47.98
C GLU D 687 9.38 -12.25 -49.03
N GLU D 688 9.14 -12.54 -50.31
CA GLU D 688 9.53 -11.64 -51.39
C GLU D 688 8.68 -10.37 -51.40
N ARG D 689 7.39 -10.47 -51.06
CA ARG D 689 6.57 -9.25 -50.97
C ARG D 689 7.15 -8.27 -49.95
N GLN D 690 7.62 -8.79 -48.82
CA GLN D 690 8.17 -7.93 -47.77
C GLN D 690 9.54 -7.38 -48.11
N HIS D 691 10.07 -7.69 -49.29
CA HIS D 691 11.37 -7.21 -49.74
C HIS D 691 11.17 -6.01 -50.67
N LEU D 692 11.64 -4.84 -50.25
CA LEU D 692 11.69 -3.65 -51.09
C LEU D 692 12.97 -3.67 -51.92
N GLN D 693 12.83 -3.62 -53.22
CA GLN D 693 13.99 -3.74 -54.11
C GLN D 693 14.48 -2.37 -54.55
N GLU D 694 15.76 -2.10 -54.32
CA GLU D 694 16.42 -0.87 -54.78
C GLU D 694 16.56 -0.95 -56.30
N VAL D 695 15.70 -0.23 -57.02
CA VAL D 695 15.67 -0.30 -58.48
C VAL D 695 16.29 0.91 -59.14
N GLY D 696 16.52 2.00 -58.42
CA GLY D 696 17.13 3.19 -58.97
C GLY D 696 18.29 3.66 -58.12
N LEU D 697 19.44 3.92 -58.74
CA LEU D 697 20.63 4.37 -58.04
C LEU D 697 21.22 5.53 -58.83
N PHE D 698 21.61 6.59 -58.14
CA PHE D 698 22.10 7.80 -58.82
C PHE D 698 22.93 8.61 -57.85
N HIS D 699 24.16 8.91 -58.25
CA HIS D 699 25.03 9.77 -57.45
C HIS D 699 24.64 11.22 -57.72
N LEU D 700 24.02 11.85 -56.74
CA LEU D 700 23.58 13.24 -56.91
C LEU D 700 24.75 14.19 -56.81
N GLY D 701 25.63 13.98 -55.84
CA GLY D 701 26.70 14.90 -55.56
C GLY D 701 26.35 15.98 -54.57
N GLU D 702 25.11 16.02 -54.09
CA GLU D 702 24.64 17.01 -53.13
C GLU D 702 24.07 16.28 -51.92
N PHE D 703 23.97 16.99 -50.79
CA PHE D 703 23.43 16.45 -49.56
C PHE D 703 22.00 16.95 -49.39
N VAL D 704 21.04 16.03 -49.50
CA VAL D 704 19.62 16.39 -49.50
C VAL D 704 19.12 16.43 -48.07
N ASN D 705 18.66 17.60 -47.63
CA ASN D 705 18.08 17.73 -46.31
C ASN D 705 16.57 17.54 -46.31
N VAL D 706 15.89 17.89 -47.40
CA VAL D 706 14.43 17.95 -47.39
C VAL D 706 13.88 17.60 -48.76
N PHE D 707 12.90 16.69 -48.81
CA PHE D 707 12.12 16.45 -50.01
C PHE D 707 10.76 17.13 -49.83
N CYS D 708 10.22 17.65 -50.93
CA CYS D 708 9.02 18.48 -50.88
C CYS D 708 8.27 18.39 -52.20
N HIS D 709 7.02 17.92 -52.13
CA HIS D 709 6.18 17.85 -53.31
C HIS D 709 5.75 19.26 -53.74
N GLY D 710 5.85 19.56 -55.02
CA GLY D 710 5.42 20.84 -55.54
C GLY D 710 6.23 21.23 -56.77
N SER D 711 5.87 22.37 -57.35
CA SER D 711 6.60 22.89 -58.51
C SER D 711 6.55 24.41 -58.50
N LEU D 712 7.64 25.03 -59.00
CA LEU D 712 7.73 26.49 -59.06
C LEU D 712 7.22 27.07 -60.37
N VAL D 713 7.04 26.26 -61.40
CA VAL D 713 6.46 26.73 -62.66
C VAL D 713 4.95 26.82 -62.53
N MET D 714 4.37 27.79 -63.22
CA MET D 714 2.92 27.97 -63.21
C MET D 714 2.20 26.70 -63.62
N GLN D 715 1.16 26.35 -62.87
CA GLN D 715 0.37 25.16 -63.10
C GLN D 715 -0.99 25.64 -63.60
N ASN D 716 -1.26 25.40 -64.88
CA ASN D 716 -2.53 25.79 -65.49
C ASN D 716 -3.54 24.66 -65.35
N LEU D 717 -4.73 25.00 -64.86
CA LEU D 717 -5.72 23.97 -64.60
C LEU D 717 -6.10 23.20 -65.85
N GLY D 718 -5.77 23.70 -67.04
CA GLY D 718 -6.02 22.95 -68.25
C GLY D 718 -5.05 21.80 -68.39
N GLU D 719 -5.55 20.68 -68.89
CA GLU D 719 -4.78 19.45 -68.96
C GLU D 719 -3.76 19.53 -70.09
N THR D 720 -2.47 19.46 -69.75
CA THR D 720 -1.38 19.39 -70.71
C THR D 720 -0.70 18.03 -70.59
N SER D 721 -0.50 17.37 -71.73
CA SER D 721 0.22 16.09 -71.70
C SER D 721 1.71 16.38 -71.62
N THR D 722 2.23 16.48 -70.40
CA THR D 722 3.66 16.62 -70.22
C THR D 722 4.31 15.23 -70.24
N PRO D 723 5.53 15.11 -70.75
CA PRO D 723 6.22 13.81 -70.66
C PRO D 723 6.49 13.39 -69.22
N THR D 724 6.85 14.35 -68.38
CA THR D 724 7.14 14.07 -66.98
C THR D 724 5.86 13.88 -66.18
N GLN D 725 5.92 12.99 -65.19
CA GLN D 725 4.82 12.74 -64.28
C GLN D 725 5.33 12.95 -62.85
N GLY D 726 4.64 13.82 -62.10
CA GLY D 726 5.04 14.12 -60.74
C GLY D 726 6.07 15.23 -60.66
N SER D 727 6.27 15.73 -59.45
CA SER D 727 7.27 16.78 -59.21
C SER D 727 7.66 16.83 -57.74
N VAL D 728 8.93 16.58 -57.44
CA VAL D 728 9.47 16.68 -56.10
C VAL D 728 10.66 17.63 -56.10
N LEU D 729 10.62 18.65 -55.25
CA LEU D 729 11.76 19.53 -55.03
C LEU D 729 12.59 19.06 -53.85
N PHE D 730 13.88 19.37 -53.87
CA PHE D 730 14.73 19.06 -52.73
C PHE D 730 15.76 20.16 -52.52
N GLY D 731 16.04 20.43 -51.24
CA GLY D 731 17.01 21.42 -50.84
C GLY D 731 18.23 20.71 -50.27
N THR D 732 19.39 21.35 -50.39
CA THR D 732 20.64 20.71 -50.03
C THR D 732 21.50 21.65 -49.20
N VAL D 733 22.63 21.10 -48.74
CA VAL D 733 23.54 21.80 -47.85
C VAL D 733 24.25 22.94 -48.58
N ASN D 734 24.50 22.77 -49.87
CA ASN D 734 25.20 23.76 -50.66
C ASN D 734 24.27 24.78 -51.30
N GLY D 735 22.98 24.76 -50.95
CA GLY D 735 22.04 25.67 -51.52
C GLY D 735 21.43 25.19 -52.82
N MET D 736 22.01 24.17 -53.44
CA MET D 736 21.44 23.59 -54.65
C MET D 736 20.01 23.16 -54.40
N ILE D 737 19.11 23.56 -55.30
CA ILE D 737 17.74 23.09 -55.32
C ILE D 737 17.55 22.28 -56.59
N GLY D 738 17.00 21.08 -56.44
CA GLY D 738 16.80 20.18 -57.57
C GLY D 738 15.35 19.74 -57.66
N LEU D 739 15.09 18.92 -58.68
CA LEU D 739 13.75 18.43 -58.95
C LEU D 739 13.83 17.01 -59.45
N VAL D 740 12.95 16.17 -58.93
CA VAL D 740 12.83 14.77 -59.31
C VAL D 740 11.46 14.56 -59.95
N THR D 741 11.43 13.79 -61.04
CA THR D 741 10.17 13.44 -61.66
C THR D 741 10.33 12.07 -62.31
N SER D 742 9.19 11.40 -62.50
CA SER D 742 9.17 10.06 -63.07
C SER D 742 8.82 10.12 -64.54
N LEU D 743 9.17 9.05 -65.26
CA LEU D 743 9.00 8.99 -66.70
C LEU D 743 8.24 7.74 -67.08
N SER D 744 7.63 7.77 -68.26
CA SER D 744 7.07 6.55 -68.84
C SER D 744 8.22 5.74 -69.42
N GLU D 745 8.03 4.41 -69.46
CA GLU D 745 9.09 3.56 -69.97
C GLU D 745 9.52 4.01 -71.35
N SER D 746 8.56 4.44 -72.18
CA SER D 746 8.91 4.95 -73.50
C SER D 746 9.90 6.11 -73.37
N TRP D 747 9.66 7.00 -72.39
CA TRP D 747 10.49 8.18 -72.26
C TRP D 747 11.87 7.89 -71.67
N TYR D 748 11.96 7.03 -70.66
CA TYR D 748 13.27 6.72 -70.08
C TYR D 748 14.23 6.25 -71.16
N ASN D 749 13.80 5.27 -71.96
CA ASN D 749 14.67 4.69 -72.97
C ASN D 749 15.20 5.72 -73.96
N LEU D 750 14.34 6.61 -74.45
CA LEU D 750 14.84 7.65 -75.35
C LEU D 750 15.91 8.49 -74.66
N LEU D 751 15.59 9.01 -73.47
CA LEU D 751 16.50 9.92 -72.76
C LEU D 751 17.79 9.22 -72.38
N LEU D 752 17.71 7.94 -72.00
CA LEU D 752 18.91 7.18 -71.67
C LEU D 752 19.79 7.01 -72.89
N ASP D 753 19.18 6.68 -74.03
CA ASP D 753 19.91 6.54 -75.28
C ASP D 753 20.65 7.83 -75.63
N MET D 754 20.02 8.99 -75.38
CA MET D 754 20.66 10.26 -75.71
C MET D 754 21.86 10.53 -74.80
N GLN D 755 21.75 10.14 -73.53
CA GLN D 755 22.89 10.31 -72.62
C GLN D 755 24.12 9.60 -73.17
N ASN D 756 23.99 8.32 -73.49
CA ASN D 756 25.11 7.58 -74.06
C ASN D 756 25.62 8.23 -75.34
N ARG D 757 24.73 8.85 -76.12
CA ARG D 757 25.14 9.60 -77.31
C ARG D 757 25.82 10.91 -76.94
N LEU D 758 25.20 11.65 -76.02
CA LEU D 758 25.76 12.94 -75.61
C LEU D 758 27.13 12.78 -74.99
N ASN D 759 27.34 11.68 -74.26
CA ASN D 759 28.62 11.48 -73.58
C ASN D 759 29.77 11.30 -74.56
N LYS D 760 29.51 10.74 -75.74
CA LYS D 760 30.55 10.60 -76.75
C LYS D 760 30.90 11.95 -77.38
N VAL D 761 29.94 12.87 -77.41
CA VAL D 761 30.11 14.13 -78.14
C VAL D 761 30.73 15.22 -77.27
N ILE D 762 30.28 15.32 -76.01
CA ILE D 762 30.63 16.45 -75.16
C ILE D 762 31.99 16.19 -74.50
N LYS D 763 32.84 17.20 -74.52
CA LYS D 763 34.15 17.13 -73.88
C LYS D 763 33.97 17.62 -72.44
N SER D 764 34.27 16.77 -71.47
CA SER D 764 34.11 17.15 -70.08
C SER D 764 35.41 17.75 -69.54
N VAL D 765 35.26 18.68 -68.59
CA VAL D 765 36.43 19.28 -67.96
C VAL D 765 37.18 18.20 -67.20
N GLY D 766 38.48 18.08 -67.45
CA GLY D 766 39.26 17.02 -66.87
C GLY D 766 39.05 15.67 -67.51
N LYS D 767 38.23 15.61 -68.57
CA LYS D 767 37.96 14.37 -69.29
C LYS D 767 37.49 13.27 -68.33
N ILE D 768 36.54 13.64 -67.47
CA ILE D 768 35.95 12.71 -66.51
C ILE D 768 34.76 12.01 -67.17
N GLU D 769 34.78 10.68 -67.18
CA GLU D 769 33.68 9.90 -67.73
C GLU D 769 32.40 10.16 -66.95
N HIS D 770 31.35 10.53 -67.67
CA HIS D 770 30.07 10.85 -67.03
C HIS D 770 29.50 9.65 -66.29
N SER D 771 29.55 8.47 -66.90
CA SER D 771 28.99 7.28 -66.27
C SER D 771 29.62 7.03 -64.91
N PHE D 772 30.92 7.31 -64.78
CA PHE D 772 31.59 7.18 -63.48
C PHE D 772 31.03 8.19 -62.48
N TRP D 773 30.92 9.45 -62.90
CA TRP D 773 30.49 10.52 -61.99
C TRP D 773 29.14 10.21 -61.37
N ARG D 774 28.15 9.82 -62.17
CA ARG D 774 26.81 9.58 -61.67
C ARG D 774 26.63 8.16 -61.11
N SER D 775 27.67 7.33 -61.12
CA SER D 775 27.60 6.01 -60.52
C SER D 775 27.45 6.10 -59.00
N PHE D 776 26.54 5.29 -58.46
CA PHE D 776 26.38 5.14 -57.02
C PHE D 776 27.72 4.88 -56.34
N HIS D 777 27.97 5.56 -55.23
CA HIS D 777 29.28 5.46 -54.59
C HIS D 777 29.21 5.75 -53.11
N THR D 778 29.60 4.76 -52.30
CA THR D 778 29.94 4.91 -50.90
C THR D 778 31.40 4.51 -50.73
N GLU D 779 31.94 4.70 -49.52
CA GLU D 779 33.30 4.21 -49.30
C GLU D 779 33.41 2.72 -49.59
N ARG D 780 32.29 1.99 -49.52
CA ARG D 780 32.28 0.53 -49.63
C ARG D 780 31.76 0.01 -50.95
N LYS D 781 30.89 0.75 -51.64
CA LYS D 781 30.35 0.28 -52.90
C LYS D 781 30.42 1.34 -53.98
N THR D 782 30.56 0.87 -55.21
CA THR D 782 30.41 1.69 -56.41
C THR D 782 29.60 0.83 -57.36
N GLU D 783 28.40 1.30 -57.69
CA GLU D 783 27.50 0.62 -58.61
C GLU D 783 27.16 1.56 -59.74
N PRO D 784 26.93 1.04 -60.95
CA PRO D 784 26.51 1.92 -62.04
C PRO D 784 25.13 2.48 -61.75
N ALA D 785 24.91 3.72 -62.14
CA ALA D 785 23.60 4.33 -61.94
C ALA D 785 22.56 3.56 -62.74
N THR D 786 21.33 3.57 -62.25
CA THR D 786 20.24 2.88 -62.92
C THR D 786 18.93 3.57 -62.54
N GLY D 787 18.03 3.68 -63.52
CA GLY D 787 16.72 4.24 -63.28
C GLY D 787 16.65 5.74 -63.19
N PHE D 788 17.72 6.45 -63.53
CA PHE D 788 17.76 7.90 -63.38
C PHE D 788 18.32 8.55 -64.64
N ILE D 789 17.67 9.63 -65.06
CA ILE D 789 18.14 10.42 -66.19
C ILE D 789 18.76 11.70 -65.65
N ASP D 790 20.03 11.92 -65.98
CA ASP D 790 20.72 13.14 -65.58
C ASP D 790 20.15 14.30 -66.38
N GLY D 791 19.08 14.90 -65.88
CA GLY D 791 18.40 15.95 -66.63
C GLY D 791 19.32 17.09 -67.00
N ASP D 792 20.35 17.34 -66.19
CA ASP D 792 21.30 18.39 -66.52
C ASP D 792 22.09 18.05 -67.78
N LEU D 793 22.29 16.76 -68.04
CA LEU D 793 22.94 16.33 -69.29
C LEU D 793 21.99 16.45 -70.47
N ILE D 794 20.74 16.00 -70.31
CA ILE D 794 19.77 16.12 -71.38
C ILE D 794 19.62 17.59 -71.80
N GLU D 795 19.53 18.48 -70.82
CA GLU D 795 19.32 19.90 -71.11
C GLU D 795 20.54 20.57 -71.72
N SER D 796 21.69 19.90 -71.79
CA SER D 796 22.84 20.48 -72.48
C SER D 796 22.81 20.18 -73.97
N PHE D 797 21.97 19.25 -74.41
CA PHE D 797 21.78 19.03 -75.84
C PHE D 797 21.42 20.32 -76.57
N LEU D 798 20.68 21.20 -75.91
CA LEU D 798 20.27 22.45 -76.53
C LEU D 798 21.41 23.45 -76.69
N ASP D 799 22.54 23.25 -76.02
CA ASP D 799 23.63 24.22 -76.04
C ASP D 799 24.80 23.81 -76.93
N ILE D 800 24.78 22.62 -77.53
CA ILE D 800 25.88 22.17 -78.39
C ILE D 800 25.62 22.66 -79.81
N SER D 801 26.70 22.86 -80.57
CA SER D 801 26.59 23.43 -81.90
C SER D 801 25.76 22.53 -82.80
N ARG D 802 25.15 23.13 -83.82
CA ARG D 802 24.33 22.36 -84.75
C ARG D 802 25.07 21.12 -85.28
N PRO D 803 26.33 21.21 -85.68
CA PRO D 803 27.03 20.00 -86.15
C PRO D 803 26.98 18.84 -85.16
N LYS D 804 27.15 19.13 -83.86
CA LYS D 804 27.19 18.06 -82.88
C LYS D 804 25.80 17.49 -82.62
N MET D 805 24.77 18.34 -82.67
CA MET D 805 23.40 17.84 -82.57
C MET D 805 23.12 16.81 -83.65
N GLN D 806 23.53 17.09 -84.89
CA GLN D 806 23.31 16.16 -85.98
C GLN D 806 24.11 14.88 -85.77
N GLU D 807 25.30 14.99 -85.18
CA GLU D 807 26.04 13.78 -84.80
C GLU D 807 25.29 12.96 -83.77
N VAL D 808 24.59 13.62 -82.84
CA VAL D 808 23.93 12.90 -81.75
C VAL D 808 22.80 12.03 -82.28
N VAL D 809 22.03 12.54 -83.25
CA VAL D 809 20.84 11.84 -83.73
C VAL D 809 21.13 10.81 -84.80
N ALA D 810 22.38 10.66 -85.21
CA ALA D 810 22.72 9.69 -86.25
C ALA D 810 22.26 8.29 -85.85
N ASN D 811 21.50 7.64 -86.74
CA ASN D 811 21.01 6.28 -86.57
C ASN D 811 20.01 6.17 -85.42
N LEU D 812 19.37 7.27 -85.06
CA LEU D 812 18.39 7.32 -83.99
C LEU D 812 16.99 7.36 -84.59
N GLN D 813 16.08 6.54 -84.08
CA GLN D 813 14.70 6.51 -84.56
C GLN D 813 13.86 7.23 -83.51
N TYR D 814 12.99 8.11 -83.97
CA TYR D 814 12.19 8.99 -83.11
C TYR D 814 10.75 8.52 -83.08
N ASP D 815 10.31 8.00 -81.93
CA ASP D 815 8.92 7.63 -81.78
C ASP D 815 8.10 8.92 -81.75
N ASP D 816 7.06 8.99 -82.57
CA ASP D 816 6.26 10.20 -82.70
C ASP D 816 5.03 10.18 -81.80
N GLY D 817 4.87 9.16 -80.97
CA GLY D 817 3.68 9.01 -80.18
C GLY D 817 2.49 8.45 -80.94
N SER D 818 2.55 8.47 -82.26
CA SER D 818 1.53 7.85 -83.10
C SER D 818 1.95 6.46 -83.51
N GLY D 819 2.82 5.83 -82.71
CA GLY D 819 3.28 4.50 -83.00
C GLY D 819 4.24 4.42 -84.17
N MET D 820 4.59 5.54 -84.77
CA MET D 820 5.49 5.59 -85.92
C MET D 820 6.85 6.11 -85.45
N LYS D 821 7.88 5.32 -85.68
CA LYS D 821 9.26 5.68 -85.37
C LYS D 821 10.01 5.88 -86.69
N ARG D 822 10.68 7.02 -86.81
CA ARG D 822 11.32 7.46 -88.04
C ARG D 822 12.64 8.12 -87.68
N GLU D 823 13.60 8.10 -88.62
CA GLU D 823 14.88 8.74 -88.37
C GLU D 823 14.65 10.07 -87.69
N ALA D 824 15.41 10.32 -86.63
CA ALA D 824 15.21 11.49 -85.80
C ALA D 824 16.04 12.63 -86.36
N THR D 825 15.47 13.82 -86.30
CA THR D 825 16.17 15.03 -86.72
C THR D 825 16.55 15.84 -85.49
N ALA D 826 17.52 16.74 -85.68
CA ALA D 826 17.91 17.63 -84.61
C ALA D 826 16.72 18.43 -84.12
N ASP D 827 15.78 18.73 -85.02
CA ASP D 827 14.59 19.48 -84.66
C ASP D 827 13.61 18.64 -83.86
N ASP D 828 13.61 17.32 -84.06
CA ASP D 828 12.73 16.45 -83.27
C ASP D 828 13.14 16.44 -81.80
N LEU D 829 14.45 16.31 -81.52
CA LEU D 829 14.93 16.26 -80.15
C LEU D 829 14.92 17.64 -79.49
N ILE D 830 15.16 18.70 -80.25
CA ILE D 830 15.11 20.06 -79.69
C ILE D 830 13.72 20.35 -79.16
N LYS D 831 12.67 19.86 -79.82
CA LYS D 831 11.32 20.03 -79.28
C LYS D 831 11.18 19.25 -77.97
N VAL D 832 11.69 18.02 -77.94
CA VAL D 832 11.56 17.18 -76.76
C VAL D 832 12.31 17.79 -75.58
N VAL D 833 13.57 18.19 -75.80
CA VAL D 833 14.36 18.73 -74.70
C VAL D 833 13.77 20.05 -74.21
N GLU D 834 13.30 20.89 -75.13
CA GLU D 834 12.69 22.15 -74.74
C GLU D 834 11.44 21.92 -73.89
N GLU D 835 10.72 20.82 -74.15
CA GLU D 835 9.61 20.46 -73.28
C GLU D 835 10.09 20.09 -71.89
N LEU D 836 11.28 19.48 -71.79
CA LEU D 836 11.80 19.08 -70.49
C LEU D 836 12.34 20.25 -69.69
N THR D 837 12.72 21.35 -70.35
CA THR D 837 13.18 22.51 -69.59
C THR D 837 12.01 23.28 -68.96
N ARG D 838 10.77 22.95 -69.31
CA ARG D 838 9.62 23.69 -68.80
C ARG D 838 9.06 23.12 -67.50
N ILE D 839 9.66 22.04 -66.98
CA ILE D 839 9.21 21.50 -65.70
C ILE D 839 9.81 22.20 -64.50
N HIS D 840 10.73 23.15 -64.72
CA HIS D 840 11.39 23.84 -63.63
C HIS D 840 11.72 25.28 -64.00
N THR E 7 9.86 -28.06 -18.05
CA THR E 7 11.20 -27.64 -17.65
C THR E 7 11.85 -26.83 -18.77
N GLU E 8 13.04 -26.29 -18.50
CA GLU E 8 13.77 -25.48 -19.46
C GLU E 8 14.21 -26.26 -20.69
N SER E 9 14.21 -27.60 -20.63
CA SER E 9 14.80 -28.41 -21.68
C SER E 9 13.80 -28.91 -22.72
N ASP E 10 12.49 -28.76 -22.46
CA ASP E 10 11.47 -29.38 -23.28
C ASP E 10 11.19 -28.47 -24.48
N TRP E 11 12.11 -28.49 -25.44
CA TRP E 11 12.00 -27.65 -26.62
C TRP E 11 10.96 -28.21 -27.59
N GLY E 12 10.41 -27.32 -28.43
CA GLY E 12 9.47 -27.69 -29.46
C GLY E 12 8.02 -27.74 -29.02
N LYS E 13 7.74 -27.53 -27.73
CA LYS E 13 6.39 -27.63 -27.19
C LYS E 13 5.75 -26.25 -26.98
N ARG E 14 6.49 -25.33 -26.38
CA ARG E 14 5.97 -24.00 -26.08
C ARG E 14 5.58 -23.28 -27.36
N CYS E 15 4.51 -22.49 -27.28
CA CYS E 15 3.97 -21.83 -28.46
C CYS E 15 4.60 -20.47 -28.66
N VAL E 16 4.68 -20.05 -29.92
CA VAL E 16 5.22 -18.73 -30.24
C VAL E 16 4.29 -17.60 -29.80
N ASP E 17 3.08 -17.93 -29.34
CA ASP E 17 2.22 -16.92 -28.72
C ASP E 17 2.92 -16.24 -27.54
N LYS E 18 3.85 -16.95 -26.90
CA LYS E 18 4.56 -16.42 -25.75
C LYS E 18 5.55 -15.34 -26.12
N PHE E 19 5.63 -15.00 -27.41
CA PHE E 19 6.46 -13.90 -27.89
C PHE E 19 5.59 -12.88 -28.59
N ASP E 20 5.79 -11.61 -28.25
CA ASP E 20 5.22 -10.49 -28.99
C ASP E 20 6.18 -10.15 -30.13
N ILE E 21 5.72 -10.30 -31.37
CA ILE E 21 6.54 -10.03 -32.52
C ILE E 21 6.71 -8.52 -32.70
N ILE E 22 7.95 -8.07 -32.84
CA ILE E 22 8.21 -6.65 -33.08
C ILE E 22 8.31 -6.35 -34.57
N GLY E 23 8.95 -7.21 -35.34
CA GLY E 23 9.06 -6.97 -36.77
C GLY E 23 10.06 -7.93 -37.39
N ILE E 24 10.27 -7.73 -38.69
CA ILE E 24 11.17 -8.58 -39.46
C ILE E 24 12.50 -7.82 -39.58
N ILE E 25 13.50 -8.27 -38.81
CA ILE E 25 14.82 -7.67 -38.88
C ILE E 25 15.53 -8.05 -40.18
N GLY E 26 15.41 -9.30 -40.60
CA GLY E 26 16.11 -9.74 -41.80
C GLY E 26 15.50 -10.97 -42.41
N GLU E 27 15.94 -11.26 -43.63
CA GLU E 27 15.54 -12.45 -44.38
C GLU E 27 16.59 -13.53 -44.17
N GLY E 28 16.17 -14.74 -43.85
CA GLY E 28 17.08 -15.82 -43.53
C GLY E 28 17.27 -16.79 -44.67
N THR E 29 17.71 -18.00 -44.33
CA THR E 29 17.92 -19.05 -45.32
C THR E 29 16.73 -19.96 -45.45
N TYR E 30 16.19 -20.39 -44.32
CA TYR E 30 15.06 -21.31 -44.24
C TYR E 30 13.79 -20.60 -43.81
N GLY E 31 13.83 -19.28 -43.72
CA GLY E 31 12.69 -18.50 -43.29
C GLY E 31 13.15 -17.10 -42.92
N GLN E 32 12.17 -16.28 -42.59
CA GLN E 32 12.45 -14.90 -42.19
C GLN E 32 12.88 -14.87 -40.72
N VAL E 33 13.69 -13.87 -40.38
CA VAL E 33 14.18 -13.66 -39.03
C VAL E 33 13.42 -12.48 -38.41
N TYR E 34 12.88 -12.67 -37.21
CA TYR E 34 12.05 -11.66 -36.56
C TYR E 34 12.62 -11.28 -35.19
N LYS E 35 12.45 -10.01 -34.83
CA LYS E 35 12.72 -9.52 -33.48
C LYS E 35 11.45 -9.59 -32.66
N ALA E 36 11.56 -10.06 -31.41
CA ALA E 36 10.39 -10.22 -30.57
C ALA E 36 10.77 -10.10 -29.10
N LYS E 37 9.76 -9.85 -28.27
CA LYS E 37 9.91 -9.74 -26.83
C LYS E 37 9.11 -10.84 -26.15
N ASP E 38 9.76 -11.53 -25.21
CA ASP E 38 9.06 -12.51 -24.39
C ASP E 38 8.10 -11.78 -23.47
N LYS E 39 6.84 -12.20 -23.47
CA LYS E 39 5.84 -11.51 -22.67
C LYS E 39 6.11 -11.68 -21.19
N ASP E 40 6.68 -12.82 -20.80
CA ASP E 40 6.86 -13.12 -19.38
C ASP E 40 8.08 -12.43 -18.82
N THR E 41 9.21 -12.45 -19.54
CA THR E 41 10.46 -11.92 -19.00
C THR E 41 10.78 -10.51 -19.50
N GLY E 42 10.21 -10.08 -20.63
CA GLY E 42 10.54 -8.80 -21.19
C GLY E 42 11.81 -8.80 -22.01
N GLU E 43 12.48 -9.94 -22.13
CA GLU E 43 13.71 -10.03 -22.90
C GLU E 43 13.44 -9.88 -24.39
N LEU E 44 14.37 -9.23 -25.08
CA LEU E 44 14.35 -9.15 -26.53
C LEU E 44 15.03 -10.39 -27.10
N VAL E 45 14.40 -11.02 -28.08
CA VAL E 45 14.90 -12.25 -28.67
C VAL E 45 14.84 -12.09 -30.19
N ALA E 46 15.51 -12.99 -30.88
CA ALA E 46 15.45 -13.09 -32.33
C ALA E 46 14.88 -14.46 -32.71
N LEU E 47 13.85 -14.44 -33.55
CA LEU E 47 13.16 -15.66 -33.97
C LEU E 47 13.51 -15.95 -35.41
N LYS E 48 14.04 -17.13 -35.68
CA LYS E 48 14.25 -17.59 -37.04
C LYS E 48 13.08 -18.51 -37.41
N LYS E 49 12.37 -18.16 -38.47
CA LYS E 49 11.20 -18.95 -38.88
C LYS E 49 11.70 -20.15 -39.68
N VAL E 50 11.30 -21.34 -39.27
CA VAL E 50 11.61 -22.57 -39.99
C VAL E 50 10.32 -23.18 -40.48
N ARG E 51 10.21 -23.37 -41.78
CA ARG E 51 9.01 -23.86 -42.42
C ARG E 51 9.23 -25.28 -42.92
N LEU E 52 8.42 -26.22 -42.44
CA LEU E 52 8.45 -27.59 -42.96
C LEU E 52 7.34 -27.84 -43.96
N ASP E 53 6.63 -26.78 -44.37
CA ASP E 53 5.51 -26.95 -45.28
C ASP E 53 5.96 -27.42 -46.68
N ASN E 54 7.17 -27.05 -47.13
CA ASN E 54 7.56 -27.45 -48.48
C ASN E 54 7.54 -28.97 -48.64
N GLU E 55 7.99 -29.70 -47.61
CA GLU E 55 7.91 -31.15 -47.56
C GLU E 55 8.68 -31.83 -48.68
N LYS E 56 9.54 -31.08 -49.38
CA LYS E 56 10.49 -31.70 -50.31
C LYS E 56 11.45 -32.61 -49.56
N GLU E 57 12.02 -32.10 -48.47
CA GLU E 57 12.86 -32.86 -47.56
C GLU E 57 12.51 -32.57 -46.11
N GLY E 58 11.29 -32.09 -45.86
CA GLY E 58 10.88 -31.82 -44.50
C GLY E 58 11.71 -30.71 -43.87
N PHE E 59 12.13 -30.95 -42.64
CA PHE E 59 12.85 -29.92 -41.89
C PHE E 59 14.15 -29.58 -42.62
N PRO E 60 14.44 -28.30 -42.82
CA PRO E 60 15.66 -27.94 -43.56
C PRO E 60 16.89 -28.42 -42.82
N ILE E 61 17.82 -29.05 -43.56
CA ILE E 61 19.04 -29.51 -42.93
C ILE E 61 19.81 -28.33 -42.36
N THR E 62 19.77 -27.18 -43.05
CA THR E 62 20.42 -25.97 -42.57
C THR E 62 20.04 -25.70 -41.11
N ALA E 63 18.74 -25.81 -40.81
CA ALA E 63 18.28 -25.57 -39.44
C ALA E 63 18.72 -26.71 -38.52
N ILE E 64 18.71 -27.93 -39.02
CA ILE E 64 19.16 -29.07 -38.21
C ILE E 64 20.60 -28.85 -37.76
N ARG E 65 21.46 -28.34 -38.66
CA ARG E 65 22.82 -28.03 -38.25
C ARG E 65 22.85 -26.94 -37.18
N GLU E 66 22.06 -25.89 -37.36
CA GLU E 66 22.07 -24.79 -36.40
C GLU E 66 21.57 -25.25 -35.04
N ILE E 67 20.60 -26.16 -35.00
CA ILE E 67 20.11 -26.64 -33.72
C ILE E 67 21.09 -27.60 -33.10
N LYS E 68 21.61 -28.53 -33.91
CA LYS E 68 22.53 -29.54 -33.42
C LYS E 68 23.82 -28.90 -32.93
N ILE E 69 24.36 -27.94 -33.68
CA ILE E 69 25.66 -27.40 -33.33
C ILE E 69 25.53 -26.32 -32.26
N LEU E 70 24.56 -25.42 -32.38
CA LEU E 70 24.50 -24.31 -31.43
C LEU E 70 24.07 -24.76 -30.03
N ARG E 71 23.35 -25.88 -29.90
CA ARG E 71 23.10 -26.41 -28.56
C ARG E 71 24.36 -26.96 -27.93
N GLN E 72 25.25 -27.55 -28.73
CA GLN E 72 26.51 -28.07 -28.19
C GLN E 72 27.45 -26.95 -27.80
N LEU E 73 27.50 -25.88 -28.57
CA LEU E 73 28.50 -24.84 -28.40
C LEU E 73 27.96 -23.75 -27.46
N ILE E 74 28.65 -23.56 -26.34
CA ILE E 74 28.34 -22.53 -25.37
C ILE E 74 29.58 -21.67 -25.22
N HIS E 75 29.53 -20.44 -25.71
CA HIS E 75 30.66 -19.53 -25.57
C HIS E 75 30.13 -18.10 -25.57
N ARG E 76 30.89 -17.20 -24.94
CA ARG E 76 30.46 -15.80 -24.91
C ARG E 76 30.40 -15.21 -26.31
N SER E 77 31.22 -15.73 -27.22
CA SER E 77 31.31 -15.24 -28.59
C SER E 77 30.56 -16.13 -29.58
N VAL E 78 29.61 -16.93 -29.11
CA VAL E 78 28.74 -17.72 -29.96
C VAL E 78 27.31 -17.36 -29.61
N VAL E 79 26.45 -17.30 -30.62
CA VAL E 79 25.08 -16.87 -30.38
C VAL E 79 24.33 -17.95 -29.62
N ASN E 80 23.66 -17.56 -28.55
CA ASN E 80 23.00 -18.51 -27.67
C ASN E 80 21.61 -18.77 -28.23
N MET E 81 21.39 -19.98 -28.74
CA MET E 81 20.04 -20.42 -29.06
C MET E 81 19.31 -20.69 -27.76
N LYS E 82 18.21 -19.98 -27.53
CA LYS E 82 17.56 -20.09 -26.24
C LYS E 82 16.59 -21.25 -26.22
N GLU E 83 15.78 -21.39 -27.27
CA GLU E 83 14.81 -22.48 -27.36
C GLU E 83 14.21 -22.48 -28.76
N ILE E 84 13.27 -23.40 -28.97
CA ILE E 84 12.54 -23.55 -30.22
C ILE E 84 11.05 -23.60 -29.89
N VAL E 85 10.25 -22.80 -30.60
CA VAL E 85 8.81 -22.72 -30.35
C VAL E 85 8.07 -22.93 -31.67
N THR E 86 6.76 -23.17 -31.56
CA THR E 86 5.94 -23.55 -32.68
C THR E 86 4.70 -22.67 -32.77
N ASP E 87 4.10 -22.63 -33.96
CA ASP E 87 2.80 -22.02 -34.14
C ASP E 87 1.75 -22.82 -33.36
N LYS E 88 0.62 -22.19 -33.06
CA LYS E 88 -0.39 -22.92 -32.32
C LYS E 88 -0.89 -24.09 -33.14
N GLN E 89 -0.51 -25.31 -32.75
CA GLN E 89 -0.96 -26.55 -33.39
C GLN E 89 -2.38 -26.85 -32.94
N ASP E 90 -3.34 -26.14 -33.55
CA ASP E 90 -4.72 -26.28 -33.12
C ASP E 90 -5.40 -27.51 -33.71
N ALA E 91 -4.92 -28.02 -34.84
CA ALA E 91 -5.54 -29.18 -35.44
C ALA E 91 -5.32 -30.37 -34.52
N LEU E 92 -6.34 -31.22 -34.40
CA LEU E 92 -6.22 -32.39 -33.54
C LEU E 92 -5.35 -33.47 -34.15
N ASP E 93 -5.31 -33.54 -35.47
CA ASP E 93 -4.55 -34.56 -36.17
C ASP E 93 -3.21 -33.94 -36.55
N PHE E 94 -2.13 -34.67 -36.30
CA PHE E 94 -0.82 -34.21 -36.71
C PHE E 94 -0.69 -34.20 -38.22
N LYS E 95 -1.53 -34.95 -38.93
CA LYS E 95 -1.48 -34.91 -40.38
C LYS E 95 -2.01 -33.59 -40.93
N LYS E 96 -2.80 -32.85 -40.14
CA LYS E 96 -3.33 -31.59 -40.62
C LYS E 96 -2.44 -30.42 -40.21
N ASP E 97 -1.44 -30.66 -39.36
CA ASP E 97 -0.58 -29.60 -38.87
C ASP E 97 0.39 -29.19 -39.96
N LYS E 98 0.38 -27.90 -40.31
CA LYS E 98 1.39 -27.32 -41.19
C LYS E 98 2.16 -26.19 -40.52
N GLY E 99 1.86 -25.93 -39.25
CA GLY E 99 2.47 -24.79 -38.57
C GLY E 99 3.98 -24.92 -38.46
N ALA E 100 4.66 -23.79 -38.59
CA ALA E 100 6.11 -23.72 -38.60
C ALA E 100 6.69 -23.64 -37.18
N PHE E 101 8.01 -23.82 -37.10
CA PHE E 101 8.78 -23.73 -35.86
C PHE E 101 9.65 -22.48 -35.90
N TYR E 102 9.98 -21.94 -34.73
CA TYR E 102 10.81 -20.75 -34.63
C TYR E 102 11.99 -21.02 -33.73
N LEU E 103 13.19 -20.69 -34.20
CA LEU E 103 14.41 -20.84 -33.42
C LEU E 103 14.65 -19.54 -32.66
N VAL E 104 14.59 -19.59 -31.34
CA VAL E 104 14.76 -18.42 -30.51
C VAL E 104 16.25 -18.21 -30.26
N PHE E 105 16.72 -16.99 -30.46
CA PHE E 105 18.11 -16.60 -30.23
C PHE E 105 18.12 -15.36 -29.35
N GLU E 106 19.26 -15.11 -28.69
CA GLU E 106 19.47 -13.82 -28.04
C GLU E 106 19.50 -12.72 -29.11
N TYR E 107 18.78 -11.62 -28.87
CA TYR E 107 18.80 -10.53 -29.84
C TYR E 107 20.13 -9.79 -29.75
N MET E 108 20.67 -9.42 -30.90
CA MET E 108 21.91 -8.66 -31.00
C MET E 108 21.58 -7.31 -31.62
N ASP E 109 22.07 -6.23 -31.00
CA ASP E 109 21.63 -4.90 -31.40
C ASP E 109 22.03 -4.60 -32.84
N HIS E 110 23.25 -4.96 -33.23
CA HIS E 110 23.73 -4.61 -34.56
C HIS E 110 24.57 -5.73 -35.15
N ASP E 111 24.71 -5.68 -36.47
CA ASP E 111 25.61 -6.54 -37.21
C ASP E 111 26.72 -5.66 -37.75
N LEU E 112 27.90 -6.23 -37.92
CA LEU E 112 29.05 -5.43 -38.29
C LEU E 112 28.83 -4.79 -39.66
N MET E 113 28.24 -5.53 -40.60
CA MET E 113 28.03 -4.98 -41.94
C MET E 113 27.17 -3.72 -41.91
N GLY E 114 26.05 -3.77 -41.19
CA GLY E 114 25.19 -2.61 -41.09
C GLY E 114 25.94 -1.38 -40.60
N LEU E 115 26.74 -1.56 -39.55
CA LEU E 115 27.46 -0.44 -38.96
C LEU E 115 28.48 0.13 -39.94
N LEU E 116 29.09 -0.74 -40.74
CA LEU E 116 30.10 -0.30 -41.68
C LEU E 116 29.47 0.44 -42.85
N GLU E 117 28.41 -0.13 -43.42
CA GLU E 117 27.76 0.51 -44.57
C GLU E 117 27.38 1.95 -44.24
N SER E 118 27.08 2.23 -42.96
CA SER E 118 26.82 3.60 -42.53
C SER E 118 28.06 4.47 -42.71
N GLY E 119 29.23 3.95 -42.32
CA GLY E 119 30.48 4.63 -42.58
C GLY E 119 30.85 5.73 -41.64
N LEU E 120 30.01 6.06 -40.65
CA LEU E 120 30.39 7.02 -39.63
C LEU E 120 31.00 6.38 -38.40
N VAL E 121 31.09 5.04 -38.37
CA VAL E 121 31.66 4.35 -37.22
C VAL E 121 33.18 4.49 -37.27
N HIS E 122 33.77 4.83 -36.13
CA HIS E 122 35.21 4.93 -35.99
C HIS E 122 35.73 3.76 -35.17
N PHE E 123 36.69 3.03 -35.71
CA PHE E 123 37.28 1.88 -35.04
C PHE E 123 38.73 2.20 -34.72
N SER E 124 39.03 2.42 -33.44
CA SER E 124 40.40 2.69 -33.01
C SER E 124 41.17 1.37 -32.92
N GLU E 125 42.46 1.46 -32.60
CA GLU E 125 43.24 0.24 -32.42
C GLU E 125 42.66 -0.62 -31.30
N ASP E 126 42.38 -0.01 -30.15
CA ASP E 126 41.90 -0.78 -29.00
C ASP E 126 40.56 -1.45 -29.25
N HIS E 127 39.66 -0.79 -30.01
CA HIS E 127 38.39 -1.42 -30.32
C HIS E 127 38.61 -2.65 -31.19
N ILE E 128 39.53 -2.56 -32.16
CA ILE E 128 39.81 -3.70 -33.00
C ILE E 128 40.40 -4.83 -32.18
N LYS E 129 41.33 -4.51 -31.27
CA LYS E 129 41.87 -5.53 -30.38
C LYS E 129 40.75 -6.26 -29.64
N SER E 130 39.86 -5.51 -29.00
CA SER E 130 38.78 -6.13 -28.24
C SER E 130 37.87 -6.93 -29.14
N PHE E 131 37.58 -6.42 -30.34
CA PHE E 131 36.73 -7.14 -31.29
C PHE E 131 37.40 -8.42 -31.74
N MET E 132 38.62 -8.32 -32.27
CA MET E 132 39.26 -9.51 -32.83
C MET E 132 39.47 -10.59 -31.78
N LYS E 133 39.90 -10.21 -30.59
CA LYS E 133 40.14 -11.23 -29.57
C LYS E 133 38.86 -12.01 -29.28
N GLN E 134 37.72 -11.32 -29.21
CA GLN E 134 36.46 -12.02 -29.00
C GLN E 134 36.16 -12.95 -30.17
N LEU E 135 36.34 -12.46 -31.40
CA LEU E 135 36.01 -13.26 -32.58
C LEU E 135 36.90 -14.49 -32.65
N MET E 136 38.21 -14.30 -32.49
CA MET E 136 39.15 -15.41 -32.52
C MET E 136 38.93 -16.36 -31.34
N GLU E 137 38.66 -15.82 -30.15
CA GLU E 137 38.37 -16.71 -29.03
C GLU E 137 37.14 -17.56 -29.33
N GLY E 138 36.11 -16.96 -29.94
CA GLY E 138 34.96 -17.73 -30.35
C GLY E 138 35.31 -18.74 -31.43
N LEU E 139 36.15 -18.33 -32.38
CA LEU E 139 36.54 -19.23 -33.46
C LEU E 139 37.38 -20.40 -32.95
N GLU E 140 38.35 -20.14 -32.07
CA GLU E 140 39.14 -21.25 -31.54
C GLU E 140 38.26 -22.24 -30.78
N TYR E 141 37.30 -21.74 -30.01
CA TYR E 141 36.38 -22.63 -29.31
C TYR E 141 35.71 -23.59 -30.29
N CYS E 142 35.20 -23.06 -31.40
CA CYS E 142 34.56 -23.91 -32.39
C CYS E 142 35.58 -24.85 -33.04
N HIS E 143 36.80 -24.38 -33.28
CA HIS E 143 37.80 -25.24 -33.90
C HIS E 143 38.27 -26.34 -32.97
N LYS E 144 38.43 -26.02 -31.68
CA LYS E 144 38.77 -27.06 -30.71
C LYS E 144 37.65 -28.11 -30.60
N LYS E 145 36.39 -27.70 -30.83
CA LYS E 145 35.28 -28.65 -30.91
C LYS E 145 35.15 -29.30 -32.29
N ASN E 146 36.11 -29.03 -33.19
CA ASN E 146 36.18 -29.65 -34.52
C ASN E 146 34.97 -29.27 -35.37
N PHE E 147 34.62 -27.98 -35.36
CA PHE E 147 33.57 -27.43 -36.19
C PHE E 147 34.13 -26.33 -37.08
N LEU E 148 33.68 -26.31 -38.34
CA LEU E 148 34.04 -25.25 -39.28
C LEU E 148 32.80 -24.41 -39.55
N HIS E 149 32.93 -23.09 -39.42
CA HIS E 149 31.78 -22.23 -39.72
C HIS E 149 31.43 -22.28 -41.20
N ARG E 150 32.43 -22.14 -42.06
CA ARG E 150 32.35 -22.29 -43.50
C ARG E 150 31.61 -21.14 -44.17
N ASP E 151 31.16 -20.11 -43.43
CA ASP E 151 30.54 -18.94 -44.05
C ASP E 151 30.70 -17.71 -43.15
N ILE E 152 31.94 -17.26 -42.99
CA ILE E 152 32.22 -16.14 -42.11
C ILE E 152 32.23 -14.86 -42.93
N LYS E 153 31.29 -13.96 -42.64
CA LYS E 153 31.18 -12.67 -43.31
C LYS E 153 30.82 -11.61 -42.27
N CYS E 154 30.88 -10.36 -42.71
CA CYS E 154 30.55 -9.25 -41.80
C CYS E 154 29.13 -9.35 -41.29
N SER E 155 28.18 -9.70 -42.16
CA SER E 155 26.80 -9.83 -41.74
C SER E 155 26.64 -10.92 -40.67
N ASN E 156 27.44 -11.99 -40.74
CA ASN E 156 27.32 -13.07 -39.77
C ASN E 156 27.97 -12.70 -38.42
N ILE E 157 28.91 -11.76 -38.42
CA ILE E 157 29.41 -11.22 -37.15
C ILE E 157 28.37 -10.26 -36.58
N LEU E 158 28.04 -10.43 -35.30
CA LEU E 158 27.04 -9.63 -34.62
C LEU E 158 27.66 -8.92 -33.42
N LEU E 159 27.18 -7.71 -33.16
CA LEU E 159 27.70 -6.84 -32.12
C LEU E 159 26.54 -6.17 -31.41
N ASN E 160 26.48 -6.31 -30.08
CA ASN E 160 25.50 -5.59 -29.28
C ASN E 160 26.16 -4.36 -28.66
N ASN E 161 25.33 -3.47 -28.09
CA ASN E 161 25.86 -2.17 -27.68
C ASN E 161 26.89 -2.30 -26.58
N SER E 162 26.85 -3.38 -25.80
CA SER E 162 27.81 -3.57 -24.72
C SER E 162 29.23 -3.78 -25.25
N GLY E 163 29.40 -4.03 -26.54
CA GLY E 163 30.71 -4.33 -27.09
C GLY E 163 31.03 -5.81 -27.19
N GLN E 164 30.11 -6.68 -26.81
CA GLN E 164 30.31 -8.12 -26.96
C GLN E 164 30.12 -8.51 -28.42
N ILE E 165 31.01 -9.36 -28.93
CA ILE E 165 30.94 -9.83 -30.31
C ILE E 165 30.43 -11.28 -30.25
N LYS E 166 29.54 -11.65 -31.16
CA LYS E 166 29.03 -13.01 -31.20
C LYS E 166 28.90 -13.45 -32.65
N LEU E 167 29.49 -14.61 -32.97
CA LEU E 167 29.36 -15.19 -34.30
C LEU E 167 28.02 -15.92 -34.41
N ALA E 168 27.47 -15.96 -35.62
CA ALA E 168 26.12 -16.49 -35.80
C ALA E 168 25.93 -17.09 -37.19
N ASP E 169 24.72 -17.59 -37.41
CA ASP E 169 24.32 -18.25 -38.66
C ASP E 169 25.22 -19.44 -38.97
N PHE E 170 25.25 -20.39 -38.03
CA PHE E 170 26.00 -21.63 -38.22
C PHE E 170 25.27 -22.59 -39.16
N GLY E 171 24.59 -22.04 -40.18
CA GLY E 171 23.79 -22.87 -41.05
C GLY E 171 24.60 -23.86 -41.87
N LEU E 172 25.77 -23.45 -42.33
CA LEU E 172 26.62 -24.30 -43.15
C LEU E 172 27.68 -25.03 -42.33
N ALA E 173 27.63 -24.92 -41.00
CA ALA E 173 28.68 -25.46 -40.14
C ALA E 173 28.71 -26.98 -40.21
N ARG E 174 29.93 -27.52 -40.22
CA ARG E 174 30.14 -28.95 -40.35
C ARG E 174 31.26 -29.41 -39.44
N LEU E 175 31.24 -30.70 -39.10
CA LEU E 175 32.30 -31.32 -38.32
C LEU E 175 33.49 -31.62 -39.22
N TYR E 176 34.70 -31.40 -38.71
CA TYR E 176 35.92 -31.62 -39.46
C TYR E 176 36.71 -32.76 -38.85
N ASN E 177 37.05 -33.75 -39.68
CA ASN E 177 37.90 -34.87 -39.28
C ASN E 177 39.14 -34.82 -40.16
N SER E 178 40.33 -34.80 -39.54
CA SER E 178 41.54 -34.79 -40.35
C SER E 178 41.79 -36.16 -40.96
N GLU E 179 41.70 -37.22 -40.16
CA GLU E 179 41.78 -38.57 -40.69
C GLU E 179 40.51 -38.87 -41.50
N GLU E 180 40.60 -39.86 -42.39
CA GLU E 180 39.49 -40.29 -43.24
C GLU E 180 38.78 -39.06 -43.81
N SER E 181 39.58 -38.23 -44.50
CA SER E 181 39.05 -37.03 -45.11
C SER E 181 38.17 -37.36 -46.31
N ARG E 182 36.93 -36.86 -46.29
CA ARG E 182 35.89 -37.09 -47.28
C ARG E 182 35.39 -35.79 -47.88
N PRO E 183 34.97 -35.80 -49.15
CA PRO E 183 34.59 -34.56 -49.82
C PRO E 183 33.44 -33.84 -49.11
N TYR E 184 33.60 -32.54 -48.93
CA TYR E 184 32.63 -31.67 -48.28
C TYR E 184 32.02 -30.80 -49.39
N ASN E 186 31.65 -27.69 -51.59
CA ASN E 186 32.75 -26.79 -51.95
C ASN E 186 32.29 -25.35 -52.18
N LYS E 187 33.22 -24.40 -52.01
CA LYS E 187 32.96 -22.99 -52.31
C LYS E 187 31.81 -22.46 -51.45
N VAL E 188 31.86 -22.81 -50.15
CA VAL E 188 30.78 -22.47 -49.24
C VAL E 188 30.81 -21.00 -48.82
N ILE E 189 32.00 -20.40 -48.67
CA ILE E 189 32.11 -19.06 -48.11
C ILE E 189 31.78 -18.02 -49.16
N THR E 190 31.17 -16.90 -48.73
CA THR E 190 30.80 -15.83 -49.67
C THR E 190 32.04 -15.28 -50.34
N LEU E 191 31.90 -14.95 -51.63
CA LEU E 191 33.07 -14.70 -52.47
C LEU E 191 34.05 -13.72 -51.84
N TRP E 192 33.54 -12.63 -51.24
CA TRP E 192 34.47 -11.60 -50.78
C TRP E 192 35.39 -12.10 -49.69
N TYR E 193 34.94 -13.07 -48.89
CA TYR E 193 35.75 -13.57 -47.79
C TYR E 193 36.23 -15.01 -48.02
N ARG E 194 36.34 -15.45 -49.28
CA ARG E 194 36.73 -16.84 -49.56
C ARG E 194 38.23 -16.98 -49.74
N PRO E 195 38.82 -18.06 -49.20
CA PRO E 195 40.29 -18.25 -49.31
C PRO E 195 40.69 -18.75 -50.69
N PRO E 196 41.96 -18.63 -51.06
CA PRO E 196 42.37 -19.10 -52.39
C PRO E 196 42.20 -20.59 -52.61
N GLU E 197 42.34 -21.42 -51.57
CA GLU E 197 42.22 -22.86 -51.77
C GLU E 197 40.83 -23.23 -52.29
N LEU E 198 39.78 -22.57 -51.78
CA LEU E 198 38.43 -22.89 -52.23
C LEU E 198 38.18 -22.36 -53.64
N LEU E 199 38.77 -21.21 -53.99
CA LEU E 199 38.64 -20.70 -55.35
C LEU E 199 39.30 -21.63 -56.35
N LEU E 200 40.35 -22.34 -55.94
CA LEU E 200 41.04 -23.29 -56.78
C LEU E 200 40.44 -24.68 -56.65
N GLY E 201 39.23 -24.78 -56.12
CA GLY E 201 38.49 -26.04 -56.11
C GLY E 201 38.91 -27.08 -55.10
N GLU E 202 39.24 -26.69 -53.87
CA GLU E 202 39.64 -27.65 -52.83
C GLU E 202 38.38 -28.26 -52.24
N GLU E 203 38.15 -29.56 -52.53
CA GLU E 203 36.97 -30.26 -52.04
C GLU E 203 37.09 -30.64 -50.56
N ARG E 204 38.27 -31.05 -50.11
CA ARG E 204 38.52 -31.37 -48.72
C ARG E 204 39.38 -30.25 -48.15
N TYR E 205 38.81 -29.43 -47.28
CA TYR E 205 39.51 -28.25 -46.78
C TYR E 205 39.66 -28.27 -45.27
N THR E 206 40.63 -27.49 -44.81
CA THR E 206 40.97 -27.38 -43.39
C THR E 206 40.16 -26.27 -42.74
N PRO E 207 40.17 -26.21 -41.40
CA PRO E 207 39.56 -25.06 -40.72
C PRO E 207 40.19 -23.73 -41.08
N ALA E 208 41.36 -23.73 -41.73
CA ALA E 208 42.02 -22.48 -42.07
C ALA E 208 41.19 -21.63 -43.02
N ILE E 209 40.11 -22.18 -43.56
CA ILE E 209 39.19 -21.38 -44.36
C ILE E 209 38.56 -20.28 -43.51
N ASP E 210 38.19 -20.62 -42.27
CA ASP E 210 37.59 -19.61 -41.38
C ASP E 210 38.62 -18.56 -40.98
N VAL E 211 39.88 -18.95 -40.81
CA VAL E 211 40.91 -17.98 -40.43
C VAL E 211 41.05 -16.94 -41.53
N TRP E 212 41.08 -17.38 -42.79
CA TRP E 212 41.21 -16.45 -43.90
C TRP E 212 40.08 -15.43 -43.87
N SER E 213 38.86 -15.89 -43.61
CA SER E 213 37.73 -14.96 -43.55
C SER E 213 37.97 -13.88 -42.50
N CYS E 214 38.40 -14.30 -41.32
CA CYS E 214 38.66 -13.34 -40.25
C CYS E 214 39.84 -12.44 -40.58
N GLY E 215 40.80 -12.93 -41.37
CA GLY E 215 41.85 -12.06 -41.85
C GLY E 215 41.32 -10.95 -42.73
N CYS E 216 40.39 -11.30 -43.63
CA CYS E 216 39.77 -10.28 -44.47
C CYS E 216 39.00 -9.27 -43.64
N ILE E 217 38.36 -9.73 -42.55
CA ILE E 217 37.63 -8.83 -41.68
C ILE E 217 38.60 -7.92 -40.93
N LEU E 218 39.70 -8.48 -40.44
CA LEU E 218 40.70 -7.65 -39.76
C LEU E 218 41.14 -6.49 -40.63
N GLY E 219 41.55 -6.77 -41.86
CA GLY E 219 41.96 -5.70 -42.76
C GLY E 219 40.85 -4.69 -43.00
N GLU E 220 39.63 -5.18 -43.21
CA GLU E 220 38.50 -4.29 -43.45
C GLU E 220 38.30 -3.34 -42.28
N LEU E 221 38.61 -3.78 -41.06
CA LEU E 221 38.47 -2.92 -39.89
C LEU E 221 39.49 -1.79 -39.83
N PHE E 222 40.62 -1.89 -40.53
CA PHE E 222 41.57 -0.80 -40.55
C PHE E 222 41.36 0.16 -41.73
N THR E 223 40.59 -0.25 -42.74
CA THR E 223 40.31 0.62 -43.88
C THR E 223 38.84 1.02 -43.99
N LYS E 224 37.92 0.31 -43.33
CA LYS E 224 36.48 0.47 -43.46
C LYS E 224 35.95 0.02 -44.82
N LYS E 225 36.78 -0.62 -45.65
CA LYS E 225 36.35 -1.10 -46.96
C LYS E 225 36.85 -2.54 -47.10
N PRO E 226 36.00 -3.48 -47.56
CA PRO E 226 36.50 -4.86 -47.75
C PRO E 226 37.73 -4.91 -48.62
N ILE E 227 38.52 -5.95 -48.47
CA ILE E 227 39.80 -6.01 -49.15
C ILE E 227 39.65 -6.55 -50.57
N PHE E 228 38.88 -7.63 -50.73
CA PHE E 228 38.74 -8.30 -52.02
C PHE E 228 37.28 -8.23 -52.46
N GLN E 229 36.98 -7.27 -53.30
CA GLN E 229 35.64 -7.06 -53.86
C GLN E 229 35.68 -7.51 -55.32
N ALA E 230 34.97 -8.59 -55.61
CA ALA E 230 34.94 -9.15 -56.96
C ALA E 230 33.59 -9.81 -57.21
N ASN E 231 33.31 -10.08 -58.49
CA ASN E 231 32.05 -10.67 -58.90
C ASN E 231 32.14 -12.11 -59.37
N LEU E 232 33.31 -12.56 -59.82
CA LEU E 232 33.51 -13.93 -60.30
C LEU E 232 34.80 -14.48 -59.70
N GLU E 233 34.87 -15.80 -59.61
CA GLU E 233 35.99 -16.43 -58.91
C GLU E 233 37.33 -16.02 -59.50
N LEU E 234 37.41 -15.85 -60.82
CA LEU E 234 38.70 -15.48 -61.40
C LEU E 234 39.12 -14.07 -60.98
N ALA E 235 38.18 -13.11 -61.03
CA ALA E 235 38.51 -11.75 -60.64
C ALA E 235 38.94 -11.67 -59.18
N GLN E 236 38.35 -12.50 -58.33
CA GLN E 236 38.72 -12.52 -56.91
C GLN E 236 40.13 -13.06 -56.73
N LEU E 237 40.43 -14.20 -57.37
CA LEU E 237 41.77 -14.76 -57.29
C LEU E 237 42.81 -13.76 -57.77
N GLU E 238 42.46 -12.96 -58.77
CA GLU E 238 43.37 -11.93 -59.28
C GLU E 238 43.64 -10.87 -58.22
N LEU E 239 42.59 -10.40 -57.54
CA LEU E 239 42.79 -9.42 -56.48
C LEU E 239 43.66 -9.99 -55.37
N ILE E 240 43.34 -11.21 -54.92
CA ILE E 240 44.16 -11.86 -53.91
C ILE E 240 45.62 -11.92 -54.35
N SER E 241 45.84 -12.25 -55.62
CA SER E 241 47.21 -12.40 -56.11
C SER E 241 47.96 -11.08 -56.07
N ARG E 242 47.28 -9.98 -56.42
CA ARG E 242 47.94 -8.68 -56.45
C ARG E 242 48.49 -8.29 -55.09
N LEU E 243 47.88 -8.77 -54.03
CA LEU E 243 48.23 -8.42 -52.66
C LEU E 243 49.09 -9.48 -51.99
N CYS E 244 48.66 -10.75 -52.05
CA CYS E 244 49.30 -11.83 -51.34
C CYS E 244 50.37 -12.53 -52.16
N GLY E 245 50.47 -12.25 -53.44
CA GLY E 245 51.32 -13.01 -54.33
C GLY E 245 50.53 -14.09 -55.02
N SER E 246 50.95 -14.44 -56.22
CA SER E 246 50.18 -15.42 -56.98
C SER E 246 50.37 -16.81 -56.37
N PRO E 247 49.32 -17.62 -56.30
CA PRO E 247 49.50 -19.01 -55.89
C PRO E 247 50.49 -19.70 -56.80
N CYS E 248 51.52 -20.28 -56.21
CA CYS E 248 52.55 -20.99 -56.95
C CYS E 248 53.24 -21.94 -55.98
N PRO E 249 53.79 -23.04 -56.47
CA PRO E 249 54.44 -24.00 -55.56
C PRO E 249 55.55 -23.39 -54.72
N ALA E 250 56.14 -22.27 -55.16
CA ALA E 250 57.25 -21.68 -54.40
C ALA E 250 56.86 -21.40 -52.96
N VAL E 251 55.61 -20.97 -52.75
CA VAL E 251 55.11 -20.65 -51.42
C VAL E 251 54.00 -21.59 -50.97
N TRP E 252 53.51 -22.46 -51.84
CA TRP E 252 52.34 -23.30 -51.59
C TRP E 252 52.62 -24.63 -52.28
N PRO E 253 53.47 -25.48 -51.69
CA PRO E 253 53.95 -26.67 -52.42
C PRO E 253 52.85 -27.52 -53.02
N ASP E 254 51.70 -27.63 -52.36
CA ASP E 254 50.62 -28.52 -52.77
C ASP E 254 49.58 -27.83 -53.65
N VAL E 255 49.87 -26.61 -54.13
CA VAL E 255 48.89 -25.91 -54.97
C VAL E 255 48.66 -26.67 -56.27
N ILE E 256 49.68 -27.38 -56.74
CA ILE E 256 49.62 -28.11 -57.99
C ILE E 256 48.60 -29.23 -57.96
N ARG E 257 48.24 -29.73 -56.77
CA ARG E 257 47.22 -30.76 -56.69
C ARG E 257 45.81 -30.23 -56.89
N LEU E 258 45.64 -28.91 -56.89
CA LEU E 258 44.30 -28.31 -56.88
C LEU E 258 43.71 -28.31 -58.29
N PRO E 259 42.43 -28.70 -58.44
CA PRO E 259 41.86 -28.82 -59.79
C PRO E 259 42.04 -27.61 -60.69
N TYR E 260 41.82 -26.40 -60.18
CA TYR E 260 41.83 -25.20 -61.00
C TYR E 260 43.15 -24.44 -60.95
N PHE E 261 44.22 -25.08 -60.48
CA PHE E 261 45.48 -24.37 -60.39
C PHE E 261 45.93 -23.88 -61.76
N ASN E 262 45.86 -24.75 -62.77
CA ASN E 262 46.19 -24.36 -64.14
C ASN E 262 45.07 -23.61 -64.84
N THR E 263 43.82 -23.84 -64.45
CA THR E 263 42.70 -23.18 -65.13
C THR E 263 42.68 -21.70 -64.76
N MET E 264 42.63 -21.42 -63.46
CA MET E 264 42.50 -20.05 -62.97
C MET E 264 43.89 -19.46 -62.67
N LYS E 265 44.71 -19.36 -63.71
CA LYS E 265 46.00 -18.73 -63.50
C LYS E 265 45.77 -17.23 -63.38
N PRO E 266 46.46 -16.55 -62.47
CA PRO E 266 46.34 -15.09 -62.42
C PRO E 266 47.04 -14.46 -63.61
N LYS E 267 46.68 -13.19 -63.86
CA LYS E 267 47.22 -12.47 -65.01
C LYS E 267 48.74 -12.53 -65.03
N LYS E 268 49.38 -12.32 -63.88
CA LYS E 268 50.82 -12.35 -63.73
C LYS E 268 51.16 -13.31 -62.61
N GLN E 269 52.45 -13.52 -62.39
CA GLN E 269 52.95 -14.17 -61.17
C GLN E 269 53.40 -13.03 -60.25
N TYR E 270 52.44 -12.50 -59.47
CA TYR E 270 52.69 -11.34 -58.62
C TYR E 270 53.51 -11.71 -57.39
N ARG E 271 54.32 -10.77 -56.92
CA ARG E 271 54.96 -10.89 -55.63
C ARG E 271 54.01 -10.37 -54.53
N ARG E 272 54.27 -10.81 -53.30
CA ARG E 272 53.48 -10.38 -52.16
C ARG E 272 53.79 -8.92 -51.84
N ARG E 273 52.75 -8.09 -51.74
CA ARG E 273 52.92 -6.68 -51.41
C ARG E 273 52.18 -6.29 -50.14
N LEU E 274 51.65 -7.27 -49.41
CA LEU E 274 50.72 -6.99 -48.30
C LEU E 274 51.30 -5.97 -47.32
N ARG E 275 52.55 -6.15 -46.92
CA ARG E 275 53.13 -5.24 -45.94
C ARG E 275 53.26 -3.83 -46.48
N GLU E 276 53.41 -3.69 -47.79
CA GLU E 276 53.53 -2.37 -48.41
C GLU E 276 52.18 -1.71 -48.49
N GLU E 277 51.16 -2.45 -48.94
CA GLU E 277 49.85 -1.85 -49.16
C GLU E 277 49.13 -1.54 -47.84
N PHE E 278 49.56 -2.14 -46.73
CA PHE E 278 48.98 -1.87 -45.41
C PHE E 278 49.96 -1.19 -44.47
N SER E 279 50.88 -0.41 -45.02
CA SER E 279 51.97 0.13 -44.21
C SER E 279 51.49 1.01 -43.07
N PHE E 280 50.24 1.50 -43.13
CA PHE E 280 49.68 2.32 -42.07
C PHE E 280 49.09 1.53 -40.91
N ILE E 281 49.25 0.21 -40.89
CA ILE E 281 48.69 -0.59 -39.80
C ILE E 281 49.74 -0.75 -38.71
N PRO E 282 49.35 -0.71 -37.44
CA PRO E 282 50.32 -0.95 -36.37
C PRO E 282 51.04 -2.27 -36.58
N SER E 283 52.33 -2.27 -36.23
CA SER E 283 53.19 -3.41 -36.56
C SER E 283 52.66 -4.70 -35.93
N ALA E 284 52.21 -4.64 -34.68
CA ALA E 284 51.70 -5.83 -34.03
C ALA E 284 50.50 -6.39 -34.81
N ALA E 285 49.63 -5.51 -35.30
CA ALA E 285 48.46 -5.96 -36.04
C ALA E 285 48.84 -6.42 -37.44
N LEU E 286 49.67 -5.63 -38.12
CA LEU E 286 50.11 -6.01 -39.47
C LEU E 286 50.71 -7.41 -39.47
N ASP E 287 51.49 -7.71 -38.43
CA ASP E 287 52.08 -9.04 -38.31
C ASP E 287 51.00 -10.12 -38.21
N LEU E 288 49.89 -9.80 -37.53
CA LEU E 288 48.76 -10.73 -37.49
C LEU E 288 48.12 -10.88 -38.87
N LEU E 289 47.91 -9.77 -39.57
CA LEU E 289 47.27 -9.82 -40.87
C LEU E 289 48.08 -10.67 -41.85
N ASP E 290 49.39 -10.47 -41.85
CA ASP E 290 50.25 -11.19 -42.78
C ASP E 290 50.08 -12.69 -42.62
N HIS E 291 49.97 -13.17 -41.38
CA HIS E 291 49.84 -14.59 -41.11
C HIS E 291 48.45 -15.12 -41.43
N MET E 292 47.40 -14.35 -41.14
CA MET E 292 46.06 -14.83 -41.41
C MET E 292 45.81 -14.91 -42.91
N LEU E 293 46.40 -13.99 -43.68
CA LEU E 293 46.29 -13.98 -45.14
C LEU E 293 47.48 -14.64 -45.80
N THR E 294 47.97 -15.72 -45.21
CA THR E 294 48.97 -16.56 -45.85
C THR E 294 48.26 -17.47 -46.83
N LEU E 295 48.84 -17.62 -48.03
CA LEU E 295 48.11 -18.31 -49.10
C LEU E 295 47.92 -19.79 -48.78
N ASP E 296 48.99 -20.48 -48.39
CA ASP E 296 48.93 -21.92 -48.19
C ASP E 296 48.21 -22.25 -46.89
N PRO E 297 47.09 -22.96 -46.92
CA PRO E 297 46.37 -23.24 -45.66
C PRO E 297 47.19 -24.01 -44.64
N SER E 298 48.23 -24.73 -45.07
CA SER E 298 49.09 -25.43 -44.11
C SER E 298 50.12 -24.51 -43.47
N LYS E 299 50.40 -23.35 -44.07
CA LYS E 299 51.26 -22.35 -43.45
C LYS E 299 50.50 -21.21 -42.79
N ARG E 300 49.20 -21.08 -43.08
CA ARG E 300 48.39 -20.07 -42.43
C ARG E 300 48.21 -20.40 -40.95
N CYS E 301 48.31 -19.38 -40.11
CA CYS E 301 48.18 -19.57 -38.68
C CYS E 301 46.77 -20.06 -38.32
N THR E 302 46.66 -20.62 -37.14
CA THR E 302 45.41 -21.13 -36.59
C THR E 302 44.74 -20.06 -35.74
N ALA E 303 43.52 -20.36 -35.29
CA ALA E 303 42.85 -19.44 -34.37
C ALA E 303 43.65 -19.28 -33.08
N GLU E 304 44.11 -20.41 -32.53
CA GLU E 304 44.90 -20.35 -31.29
C GLU E 304 46.13 -19.48 -31.46
N GLN E 305 46.79 -19.57 -32.62
CA GLN E 305 48.01 -18.82 -32.84
C GLN E 305 47.78 -17.32 -32.88
N THR E 306 46.62 -16.87 -33.34
CA THR E 306 46.32 -15.44 -33.34
C THR E 306 46.18 -14.90 -31.92
N LEU E 307 45.59 -15.70 -31.02
CA LEU E 307 45.47 -15.29 -29.63
C LEU E 307 46.83 -15.20 -28.96
N GLN E 308 47.85 -15.87 -29.51
CA GLN E 308 49.22 -15.76 -29.06
C GLN E 308 50.04 -14.85 -29.97
N SER E 309 49.49 -13.69 -30.33
CA SER E 309 50.18 -12.71 -31.16
C SER E 309 50.41 -11.44 -30.33
N ASP E 310 51.46 -10.71 -30.69
CA ASP E 310 51.71 -9.45 -29.98
C ASP E 310 50.51 -8.53 -30.02
N PHE E 311 49.64 -8.69 -31.03
CA PHE E 311 48.48 -7.80 -31.15
C PHE E 311 47.40 -8.14 -30.14
N LEU E 312 47.10 -9.42 -29.94
CA LEU E 312 45.98 -9.84 -29.11
C LEU E 312 46.39 -10.48 -27.80
N LYS E 313 47.66 -10.87 -27.65
CA LYS E 313 48.07 -11.71 -26.53
C LYS E 313 47.66 -11.11 -25.19
N ASP E 314 47.94 -9.83 -24.98
CA ASP E 314 47.72 -9.18 -23.69
C ASP E 314 46.44 -8.35 -23.64
N VAL E 315 45.60 -8.40 -24.67
CA VAL E 315 44.32 -7.71 -24.61
C VAL E 315 43.47 -8.32 -23.49
N GLU E 316 42.82 -7.46 -22.70
CA GLU E 316 42.00 -7.89 -21.58
C GLU E 316 40.53 -7.63 -21.87
N LEU E 317 39.73 -8.70 -21.76
CA LEU E 317 38.30 -8.62 -22.01
C LEU E 317 37.60 -7.69 -21.04
N SER E 318 38.13 -7.55 -19.82
CA SER E 318 37.49 -6.70 -18.82
C SER E 318 37.32 -5.28 -19.35
N LYS E 319 38.39 -4.71 -19.93
CA LYS E 319 38.33 -3.41 -20.58
C LYS E 319 37.64 -3.56 -21.95
N MET E 320 36.32 -3.80 -21.90
CA MET E 320 35.60 -4.08 -23.15
C MET E 320 35.89 -3.04 -24.21
N ALA E 321 36.02 -1.77 -23.81
CA ALA E 321 36.24 -0.69 -24.75
C ALA E 321 35.25 -0.88 -25.89
N PRO E 322 34.00 -0.48 -25.73
CA PRO E 322 33.02 -0.65 -26.81
C PRO E 322 33.33 0.27 -27.97
N PRO E 323 33.18 -0.21 -29.20
CA PRO E 323 33.44 0.66 -30.36
C PRO E 323 32.53 1.88 -30.32
N ASP E 324 33.08 3.02 -30.72
CA ASP E 324 32.32 4.26 -30.70
C ASP E 324 31.14 4.20 -31.65
N LEU E 325 29.94 4.29 -31.10
CA LEU E 325 28.72 4.24 -31.88
C LEU E 325 28.03 5.59 -31.83
N PRO E 326 27.73 6.21 -32.97
CA PRO E 326 27.11 7.55 -32.94
C PRO E 326 25.63 7.48 -32.60
N HIS E 327 25.22 8.25 -31.59
CA HIS E 327 23.82 8.37 -31.22
C HIS E 327 23.29 9.80 -31.12
N TRP E 328 24.14 10.83 -31.08
CA TRP E 328 23.65 12.20 -31.18
C TRP E 328 24.58 12.98 -32.09
N GLN E 329 24.01 13.95 -32.81
CA GLN E 329 24.63 14.81 -33.82
C GLN E 329 24.78 14.01 -35.12
N ASP E 330 24.42 12.72 -35.12
CA ASP E 330 24.31 11.96 -36.37
C ASP E 330 23.05 12.38 -37.14
N CYS E 331 21.97 12.67 -36.42
CA CYS E 331 20.71 13.03 -37.06
C CYS E 331 20.83 14.33 -37.87
N HIS E 332 21.25 15.42 -37.23
CA HIS E 332 21.44 16.69 -37.91
C HIS E 332 22.93 16.98 -38.06
N GLU E 333 23.38 17.07 -39.32
CA GLU E 333 24.79 17.30 -39.60
C GLU E 333 25.24 18.66 -39.08
N LEU E 334 26.33 18.66 -38.31
CA LEU E 334 26.82 19.89 -37.70
C LEU E 334 27.25 20.87 -38.79
N TRP E 335 26.69 22.07 -38.74
CA TRP E 335 26.97 23.08 -39.74
C TRP E 335 28.38 23.63 -39.56
N THR F 24 19.43 -27.55 -18.31
CA THR F 24 20.01 -27.19 -19.61
C THR F 24 19.59 -28.20 -20.66
N LYS F 25 20.11 -29.45 -20.55
CA LYS F 25 19.80 -30.51 -21.49
C LYS F 25 18.89 -31.54 -20.82
N PRO F 26 17.95 -32.14 -21.53
CA PRO F 26 17.00 -33.04 -20.87
C PRO F 26 17.65 -34.38 -20.54
N CYS F 27 17.04 -35.07 -19.59
CA CYS F 27 17.53 -36.38 -19.14
C CYS F 27 16.88 -37.47 -19.97
N TRP F 28 17.70 -38.31 -20.60
CA TRP F 28 17.21 -39.34 -21.52
C TRP F 28 17.41 -40.76 -20.97
N TYR F 29 17.44 -40.93 -19.65
CA TYR F 29 17.67 -42.23 -19.06
C TYR F 29 16.64 -42.53 -17.99
N TRP F 30 16.06 -43.75 -18.06
CA TRP F 30 15.06 -44.26 -17.14
C TRP F 30 15.60 -45.51 -16.44
N ASP F 31 14.91 -45.93 -15.37
CA ASP F 31 15.23 -47.17 -14.66
C ASP F 31 14.45 -48.33 -15.28
N LYS F 32 15.05 -49.52 -15.34
CA LYS F 32 14.34 -50.66 -15.91
C LYS F 32 12.94 -50.79 -15.32
N LYS F 33 12.82 -50.60 -14.00
CA LYS F 33 11.52 -50.73 -13.36
C LYS F 33 10.50 -49.75 -13.94
N ASP F 34 10.97 -48.64 -14.52
CA ASP F 34 10.04 -47.68 -15.12
C ASP F 34 9.46 -48.16 -16.45
N LEU F 35 10.13 -49.11 -17.13
CA LEU F 35 9.64 -49.58 -18.42
C LEU F 35 8.33 -50.35 -18.32
N ALA F 36 7.92 -50.77 -17.12
CA ALA F 36 6.63 -51.41 -16.92
C ALA F 36 5.48 -50.42 -17.07
N HIS F 37 5.79 -49.14 -17.30
CA HIS F 37 4.81 -48.07 -17.34
C HIS F 37 4.99 -47.18 -18.56
N THR F 38 5.47 -47.73 -19.68
CA THR F 38 5.47 -46.98 -20.90
C THR F 38 4.03 -46.79 -21.37
N PRO F 39 3.77 -45.77 -22.20
CA PRO F 39 2.44 -45.69 -22.82
C PRO F 39 2.00 -47.01 -23.42
N SER F 40 2.94 -47.72 -24.07
CA SER F 40 2.61 -49.00 -24.69
C SER F 40 2.09 -49.99 -23.67
N GLN F 41 2.79 -50.15 -22.54
CA GLN F 41 2.32 -51.08 -21.52
C GLN F 41 0.94 -50.69 -21.00
N LEU F 42 0.73 -49.41 -20.73
CA LEU F 42 -0.50 -48.98 -20.09
C LEU F 42 -1.69 -48.99 -21.02
N GLU F 43 -1.48 -49.17 -22.32
CA GLU F 43 -2.56 -49.43 -23.26
C GLU F 43 -2.83 -50.93 -23.44
N GLY F 44 -2.24 -51.77 -22.60
CA GLY F 44 -2.52 -53.19 -22.62
C GLY F 44 -1.52 -54.06 -23.36
N LEU F 45 -0.44 -53.48 -23.85
CA LEU F 45 0.63 -54.26 -24.44
C LEU F 45 1.46 -54.88 -23.32
N ASP F 46 1.77 -56.17 -23.46
CA ASP F 46 2.48 -56.87 -22.40
C ASP F 46 3.98 -56.69 -22.55
N PRO F 47 4.76 -57.00 -21.51
CA PRO F 47 6.20 -56.70 -21.57
C PRO F 47 6.91 -57.38 -22.74
N ALA F 48 6.58 -58.63 -23.04
CA ALA F 48 7.25 -59.32 -24.15
C ALA F 48 6.97 -58.63 -25.48
N THR F 49 5.72 -58.25 -25.72
CA THR F 49 5.36 -57.71 -27.03
C THR F 49 6.08 -56.39 -27.29
N GLU F 50 6.15 -55.50 -26.30
CA GLU F 50 6.87 -54.25 -26.54
C GLU F 50 8.35 -54.52 -26.81
N ALA F 51 8.94 -55.47 -26.09
CA ALA F 51 10.33 -55.83 -26.37
C ALA F 51 10.50 -56.27 -27.81
N ARG F 52 9.56 -57.09 -28.30
CA ARG F 52 9.60 -57.54 -29.69
C ARG F 52 9.47 -56.36 -30.65
N TYR F 53 8.48 -55.50 -30.43
CA TYR F 53 8.30 -54.35 -31.31
C TYR F 53 9.54 -53.49 -31.35
N ARG F 54 10.23 -53.33 -30.22
CA ARG F 54 11.49 -52.59 -30.22
C ARG F 54 12.55 -53.31 -31.03
N ARG F 55 12.71 -54.62 -30.82
CA ARG F 55 13.65 -55.38 -31.63
C ARG F 55 13.34 -55.25 -33.11
N GLU F 56 12.07 -55.45 -33.47
CA GLU F 56 11.69 -55.39 -34.88
C GLU F 56 11.96 -54.00 -35.45
N GLY F 57 11.57 -52.96 -34.72
CA GLY F 57 11.84 -51.61 -35.19
C GLY F 57 13.32 -51.32 -35.31
N ALA F 58 14.10 -51.72 -34.31
CA ALA F 58 15.54 -51.48 -34.36
C ALA F 58 16.17 -52.18 -35.55
N ARG F 59 15.90 -53.48 -35.71
CA ARG F 59 16.50 -54.23 -36.81
C ARG F 59 16.00 -53.71 -38.16
N PHE F 60 14.74 -53.28 -38.24
CA PHE F 60 14.23 -52.63 -39.45
C PHE F 60 15.07 -51.41 -39.81
N ILE F 61 15.24 -50.48 -38.86
CA ILE F 61 16.10 -49.33 -39.12
C ILE F 61 17.49 -49.81 -39.52
N PHE F 62 18.02 -50.78 -38.78
CA PHE F 62 19.36 -51.29 -39.04
C PHE F 62 19.47 -51.83 -40.47
N ASP F 63 18.54 -52.70 -40.86
CA ASP F 63 18.62 -53.32 -42.18
C ASP F 63 18.37 -52.31 -43.29
N VAL F 64 17.34 -51.46 -43.13
CA VAL F 64 17.06 -50.47 -44.15
C VAL F 64 18.27 -49.59 -44.39
N GLY F 65 18.83 -49.04 -43.32
CA GLY F 65 19.98 -48.16 -43.46
C GLY F 65 21.20 -48.88 -43.97
N THR F 66 21.37 -50.14 -43.59
CA THR F 66 22.47 -50.93 -44.13
C THR F 66 22.32 -51.08 -45.64
N ARG F 67 21.10 -51.39 -46.09
CA ARG F 67 20.83 -51.50 -47.52
C ARG F 67 21.11 -50.18 -48.24
N LEU F 68 20.84 -49.06 -47.60
CA LEU F 68 21.09 -47.76 -48.21
C LEU F 68 22.55 -47.34 -48.14
N GLY F 69 23.42 -48.15 -47.53
CA GLY F 69 24.83 -47.85 -47.48
C GLY F 69 25.22 -46.84 -46.43
N LEU F 70 24.49 -46.80 -45.32
CA LEU F 70 24.66 -45.75 -44.33
C LEU F 70 25.72 -46.05 -43.29
N HIS F 71 26.42 -44.99 -42.87
CA HIS F 71 27.40 -45.04 -41.79
C HIS F 71 26.79 -45.59 -40.51
N TYR F 72 27.63 -46.19 -39.67
CA TYR F 72 27.12 -46.89 -38.49
C TYR F 72 26.51 -45.94 -37.47
N ASP F 73 27.09 -44.75 -37.32
CA ASP F 73 26.51 -43.77 -36.40
C ASP F 73 25.08 -43.43 -36.81
N THR F 74 24.83 -43.31 -38.12
CA THR F 74 23.52 -42.92 -38.60
C THR F 74 22.46 -43.95 -38.24
N LEU F 75 22.78 -45.24 -38.35
CA LEU F 75 21.83 -46.28 -37.98
C LEU F 75 21.46 -46.15 -36.51
N ALA F 76 22.47 -45.99 -35.64
CA ALA F 76 22.21 -45.92 -34.21
C ALA F 76 21.40 -44.68 -33.85
N THR F 77 21.73 -43.52 -34.43
CA THR F 77 20.99 -42.31 -34.12
C THR F 77 19.51 -42.50 -34.42
N GLY F 78 19.19 -43.08 -35.57
CA GLY F 78 17.80 -43.41 -35.85
C GLY F 78 17.21 -44.38 -34.86
N ILE F 79 17.97 -45.39 -34.45
CA ILE F 79 17.45 -46.36 -33.49
C ILE F 79 17.20 -45.69 -32.15
N ILE F 80 18.13 -44.85 -31.70
CA ILE F 80 17.98 -44.20 -30.41
C ILE F 80 16.85 -43.17 -30.45
N TYR F 81 16.71 -42.44 -31.56
CA TYR F 81 15.49 -41.63 -31.72
C TYR F 81 14.26 -42.52 -31.57
N PHE F 82 14.29 -43.67 -32.25
CA PHE F 82 13.16 -44.60 -32.21
C PHE F 82 12.85 -45.06 -30.80
N HIS F 83 13.87 -45.53 -30.06
CA HIS F 83 13.62 -46.02 -28.71
C HIS F 83 13.00 -44.93 -27.84
N ARG F 84 13.54 -43.72 -27.91
CA ARG F 84 13.03 -42.62 -27.09
C ARG F 84 11.57 -42.32 -27.43
N PHE F 85 11.24 -42.32 -28.72
CA PHE F 85 9.87 -42.00 -29.16
C PHE F 85 8.83 -42.80 -28.39
N TYR F 86 9.05 -44.10 -28.25
CA TYR F 86 8.05 -44.97 -27.64
C TYR F 86 8.15 -44.99 -26.13
N MET F 87 8.92 -44.07 -25.55
CA MET F 87 8.75 -43.68 -24.16
C MET F 87 7.68 -42.62 -23.98
N PHE F 88 7.26 -41.97 -25.07
CA PHE F 88 6.26 -40.92 -25.01
C PHE F 88 4.99 -41.29 -25.75
N HIS F 89 5.00 -42.40 -26.50
CA HIS F 89 3.85 -42.81 -27.29
C HIS F 89 3.70 -44.31 -27.22
N SER F 90 2.52 -44.78 -27.64
CA SER F 90 2.19 -46.19 -27.61
C SER F 90 2.42 -46.78 -29.00
N PHE F 91 2.92 -48.02 -29.02
CA PHE F 91 3.07 -48.71 -30.29
C PHE F 91 1.73 -48.89 -31.00
N LYS F 92 0.63 -48.83 -30.26
CA LYS F 92 -0.68 -49.01 -30.86
C LYS F 92 -1.14 -47.78 -31.63
N GLN F 93 -0.59 -46.60 -31.31
CA GLN F 93 -0.98 -45.37 -31.97
C GLN F 93 -0.03 -44.95 -33.09
N PHE F 94 1.22 -45.37 -33.02
CA PHE F 94 2.21 -45.05 -34.04
C PHE F 94 2.76 -46.37 -34.54
N PRO F 95 2.30 -46.86 -35.69
CA PRO F 95 2.85 -48.13 -36.21
C PRO F 95 4.36 -48.00 -36.33
N ARG F 96 5.06 -49.06 -35.92
CA ARG F 96 6.47 -48.92 -35.59
C ARG F 96 7.34 -48.71 -36.81
N TYR F 97 7.04 -49.39 -37.91
CA TYR F 97 7.94 -49.28 -39.07
C TYR F 97 7.84 -47.91 -39.72
N VAL F 98 6.66 -47.26 -39.64
CA VAL F 98 6.56 -45.88 -40.09
C VAL F 98 7.46 -44.99 -39.23
N THR F 99 7.32 -45.10 -37.92
CA THR F 99 8.20 -44.38 -37.00
C THR F 99 9.67 -44.67 -37.31
N GLY F 100 10.01 -45.94 -37.47
CA GLY F 100 11.38 -46.30 -37.81
C GLY F 100 11.89 -45.57 -39.03
N ALA F 101 11.11 -45.62 -40.13
CA ALA F 101 11.53 -44.93 -41.34
C ALA F 101 11.79 -43.46 -41.07
N CYS F 102 10.89 -42.83 -40.31
CA CYS F 102 11.05 -41.42 -39.96
C CYS F 102 12.33 -41.18 -39.16
N CYS F 103 12.58 -42.02 -38.15
CA CYS F 103 13.79 -41.88 -37.35
C CYS F 103 15.04 -41.92 -38.22
N LEU F 104 15.12 -42.91 -39.11
CA LEU F 104 16.28 -42.99 -39.99
C LEU F 104 16.37 -41.76 -40.89
N PHE F 105 15.23 -41.34 -41.45
CA PHE F 105 15.22 -40.16 -42.31
C PHE F 105 15.83 -38.96 -41.61
N LEU F 106 15.33 -38.64 -40.40
CA LEU F 106 15.89 -37.52 -39.66
C LEU F 106 17.34 -37.76 -39.28
N ALA F 107 17.65 -38.98 -38.82
CA ALA F 107 19.02 -39.30 -38.43
C ALA F 107 19.99 -38.97 -39.56
N GLY F 108 19.60 -39.26 -40.80
CA GLY F 108 20.46 -38.94 -41.92
C GLY F 108 20.77 -37.46 -42.03
N LYS F 109 19.75 -36.62 -41.84
CA LYS F 109 19.98 -35.18 -41.89
C LYS F 109 20.82 -34.71 -40.71
N VAL F 110 20.61 -35.31 -39.53
CA VAL F 110 21.38 -34.91 -38.36
C VAL F 110 22.85 -35.26 -38.53
N GLU F 111 23.14 -36.49 -38.95
CA GLU F 111 24.51 -36.99 -39.02
C GLU F 111 25.18 -36.68 -40.35
N GLU F 112 24.57 -35.83 -41.18
CA GLU F 112 25.16 -35.43 -42.46
C GLU F 112 25.40 -36.64 -43.37
N THR F 113 24.49 -37.59 -43.33
CA THR F 113 24.45 -38.69 -44.30
C THR F 113 23.04 -38.78 -44.88
N PRO F 114 22.57 -37.70 -45.52
CA PRO F 114 21.16 -37.63 -45.89
C PRO F 114 20.80 -38.55 -47.04
N LYS F 115 19.53 -38.99 -47.03
CA LYS F 115 18.93 -39.75 -48.10
C LYS F 115 17.53 -39.19 -48.35
N LYS F 116 17.05 -39.35 -49.58
CA LYS F 116 15.70 -38.87 -49.91
C LYS F 116 14.65 -39.79 -49.31
N CYS F 117 13.54 -39.19 -48.88
CA CYS F 117 12.48 -39.98 -48.26
C CYS F 117 12.00 -41.08 -49.19
N LYS F 118 11.93 -40.80 -50.50
CA LYS F 118 11.45 -41.82 -51.45
C LYS F 118 12.35 -43.04 -51.44
N ASP F 119 13.67 -42.85 -51.27
CA ASP F 119 14.58 -43.99 -51.30
C ASP F 119 14.39 -44.87 -50.07
N ILE F 120 14.10 -44.26 -48.91
CA ILE F 120 13.87 -45.04 -47.71
C ILE F 120 12.62 -45.90 -47.86
N ILE F 121 11.55 -45.33 -48.43
CA ILE F 121 10.32 -46.09 -48.63
C ILE F 121 10.58 -47.28 -49.56
N LYS F 122 11.27 -47.03 -50.69
CA LYS F 122 11.58 -48.11 -51.62
C LYS F 122 12.25 -49.27 -50.91
N THR F 123 13.26 -48.96 -50.08
CA THR F 123 13.98 -50.00 -49.38
C THR F 123 13.09 -50.72 -48.37
N ALA F 124 12.23 -49.95 -47.67
CA ALA F 124 11.32 -50.57 -46.72
C ALA F 124 10.34 -51.52 -47.42
N ARG F 125 9.90 -51.16 -48.62
CA ARG F 125 9.00 -52.07 -49.34
C ARG F 125 9.74 -53.36 -49.66
N SER F 126 11.04 -53.24 -49.95
CA SER F 126 11.87 -54.41 -50.21
C SER F 126 11.91 -55.33 -49.00
N LEU F 127 11.96 -54.78 -47.79
CA LEU F 127 12.19 -55.57 -46.58
C LEU F 127 10.91 -55.98 -45.84
N LEU F 128 9.81 -55.26 -46.02
CA LEU F 128 8.57 -55.59 -45.33
C LEU F 128 7.66 -56.41 -46.23
N ASN F 129 6.94 -57.36 -45.62
CA ASN F 129 5.93 -58.11 -46.37
C ASN F 129 4.74 -57.17 -46.61
N ASP F 130 3.64 -57.70 -47.13
CA ASP F 130 2.50 -56.84 -47.45
C ASP F 130 1.76 -56.41 -46.19
N VAL F 131 1.63 -57.30 -45.21
CA VAL F 131 0.98 -56.92 -43.95
C VAL F 131 1.72 -55.77 -43.31
N GLN F 132 3.04 -55.93 -43.18
CA GLN F 132 3.85 -54.93 -42.50
C GLN F 132 3.80 -53.59 -43.22
N PHE F 133 3.98 -53.61 -44.54
CA PHE F 133 3.94 -52.37 -45.30
C PHE F 133 2.57 -51.70 -45.30
N GLY F 134 1.52 -52.42 -44.89
CA GLY F 134 0.21 -51.78 -44.76
C GLY F 134 0.25 -50.60 -43.82
N GLN F 135 1.16 -50.63 -42.84
CA GLN F 135 1.25 -49.52 -41.90
C GLN F 135 1.46 -48.19 -42.61
N PHE F 136 2.11 -48.21 -43.78
CA PHE F 136 2.37 -46.98 -44.53
C PHE F 136 1.17 -46.47 -45.30
N GLY F 137 0.08 -47.20 -45.34
CA GLY F 137 -1.13 -46.68 -45.95
C GLY F 137 -0.99 -46.36 -47.43
N ASP F 138 -1.87 -45.47 -47.89
CA ASP F 138 -1.99 -45.17 -49.32
C ASP F 138 -0.88 -44.25 -49.82
N ASP F 139 -0.33 -43.40 -48.96
CA ASP F 139 0.77 -42.52 -49.34
C ASP F 139 1.87 -42.69 -48.31
N PRO F 140 2.77 -43.67 -48.52
CA PRO F 140 3.85 -43.88 -47.52
C PRO F 140 4.72 -42.66 -47.28
N LYS F 141 5.26 -42.03 -48.33
CA LYS F 141 6.13 -40.88 -48.12
C LYS F 141 5.44 -39.88 -47.18
N GLU F 142 4.14 -39.64 -47.40
CA GLU F 142 3.42 -38.68 -46.58
C GLU F 142 3.32 -39.13 -45.13
N GLU F 143 3.00 -40.40 -44.89
CA GLU F 143 2.89 -40.89 -43.52
C GLU F 143 4.20 -40.69 -42.76
N VAL F 144 5.34 -40.77 -43.46
CA VAL F 144 6.63 -40.55 -42.81
C VAL F 144 6.91 -39.06 -42.61
N MET F 145 6.76 -38.25 -43.66
CA MET F 145 7.08 -36.83 -43.56
C MET F 145 6.23 -36.16 -42.48
N VAL F 146 4.96 -36.56 -42.37
CA VAL F 146 4.06 -35.97 -41.39
C VAL F 146 4.56 -36.22 -39.97
N LEU F 147 5.15 -37.38 -39.73
CA LEU F 147 5.57 -37.76 -38.39
C LEU F 147 6.81 -37.01 -37.94
N GLU F 148 7.57 -36.43 -38.87
CA GLU F 148 8.80 -35.74 -38.50
C GLU F 148 8.55 -34.64 -37.48
N ARG F 149 7.42 -33.93 -37.61
CA ARG F 149 7.10 -32.89 -36.62
C ARG F 149 6.99 -33.49 -35.23
N ILE F 150 6.24 -34.59 -35.11
CA ILE F 150 6.08 -35.22 -33.82
C ILE F 150 7.42 -35.73 -33.31
N LEU F 151 8.21 -36.33 -34.20
CA LEU F 151 9.50 -36.85 -33.79
C LEU F 151 10.35 -35.75 -33.17
N LEU F 152 10.45 -34.61 -33.85
CA LEU F 152 11.27 -33.52 -33.33
C LEU F 152 10.74 -33.00 -32.00
N GLN F 153 9.43 -32.83 -31.87
CA GLN F 153 8.90 -32.38 -30.59
C GLN F 153 9.12 -33.41 -29.51
N THR F 154 9.01 -34.70 -29.85
CA THR F 154 9.19 -35.75 -28.84
C THR F 154 10.64 -35.83 -28.36
N ILE F 155 11.61 -35.76 -29.28
CA ILE F 155 13.01 -35.84 -28.88
C ILE F 155 13.49 -34.47 -28.41
N LYS F 156 12.56 -33.54 -28.22
CA LYS F 156 12.88 -32.25 -27.60
C LYS F 156 14.00 -31.53 -28.33
N PHE F 157 14.09 -31.73 -29.64
CA PHE F 157 15.08 -31.07 -30.48
C PHE F 157 16.49 -31.22 -29.94
N ASP F 158 16.70 -32.23 -29.10
CA ASP F 158 18.05 -32.61 -28.67
C ASP F 158 18.55 -33.63 -29.69
N LEU F 159 19.09 -33.09 -30.80
CA LEU F 159 19.46 -33.93 -31.93
C LEU F 159 20.80 -34.61 -31.74
N GLN F 160 21.71 -34.00 -30.97
CA GLN F 160 23.04 -34.57 -30.83
C GLN F 160 22.95 -35.85 -30.00
N VAL F 161 23.50 -36.95 -30.53
CA VAL F 161 23.50 -38.23 -29.83
C VAL F 161 24.86 -38.89 -30.04
N GLU F 162 25.45 -39.41 -28.95
CA GLU F 162 26.67 -40.19 -29.01
C GLU F 162 26.40 -41.67 -28.76
N HIS F 163 27.29 -42.51 -29.28
CA HIS F 163 27.09 -43.94 -29.29
C HIS F 163 28.28 -44.68 -28.71
N PRO F 164 28.06 -45.89 -28.17
CA PRO F 164 29.15 -46.64 -27.54
C PRO F 164 30.35 -46.85 -28.47
N TYR F 165 30.13 -46.78 -29.78
CA TYR F 165 31.22 -47.09 -30.70
C TYR F 165 32.42 -46.18 -30.45
N GLN F 166 32.20 -44.86 -30.46
CA GLN F 166 33.34 -43.96 -30.38
C GLN F 166 34.12 -44.17 -29.09
N PHE F 167 33.43 -44.57 -28.02
CA PHE F 167 34.12 -44.83 -26.75
C PHE F 167 34.82 -46.18 -26.76
N LEU F 168 34.22 -47.19 -27.39
CA LEU F 168 34.89 -48.47 -27.54
C LEU F 168 36.27 -48.28 -28.18
N LEU F 169 36.36 -47.37 -29.14
CA LEU F 169 37.63 -47.13 -29.83
C LEU F 169 38.55 -46.23 -29.01
N LYS F 170 38.01 -45.15 -28.44
CA LYS F 170 38.84 -44.24 -27.63
C LYS F 170 39.56 -45.02 -26.54
N TYR F 171 38.87 -45.96 -25.90
CA TYR F 171 39.45 -46.73 -24.82
C TYR F 171 40.42 -47.78 -25.36
N ALA F 172 40.08 -48.43 -26.48
CA ALA F 172 40.97 -49.44 -27.04
C ALA F 172 42.31 -48.86 -27.45
N LYS F 173 42.33 -47.63 -27.97
CA LYS F 173 43.61 -47.07 -28.38
C LYS F 173 44.60 -46.99 -27.21
N GLN F 174 44.10 -46.90 -25.98
CA GLN F 174 44.94 -46.82 -24.80
C GLN F 174 45.40 -48.18 -24.29
N LEU F 175 44.97 -49.27 -24.94
CA LEU F 175 45.46 -50.59 -24.60
C LEU F 175 46.72 -50.89 -25.42
N LYS F 176 47.72 -51.47 -24.75
CA LYS F 176 48.96 -51.84 -25.40
C LYS F 176 49.26 -53.29 -25.09
N GLY F 177 49.57 -54.07 -26.11
CA GLY F 177 49.84 -55.47 -25.92
C GLY F 177 49.71 -56.21 -27.25
N ASP F 178 49.35 -57.48 -27.15
CA ASP F 178 49.15 -58.30 -28.33
C ASP F 178 48.11 -57.64 -29.24
N LYS F 179 48.58 -57.13 -30.39
CA LYS F 179 47.68 -56.44 -31.30
C LYS F 179 46.53 -57.33 -31.74
N ASN F 180 46.77 -58.63 -31.92
CA ASN F 180 45.72 -59.52 -32.39
C ASN F 180 44.69 -59.84 -31.31
N LYS F 181 45.12 -60.02 -30.06
CA LYS F 181 44.15 -60.25 -28.99
C LYS F 181 43.30 -59.02 -28.76
N ILE F 182 43.91 -57.83 -28.83
CA ILE F 182 43.17 -56.59 -28.64
C ILE F 182 42.16 -56.41 -29.76
N GLN F 183 42.53 -56.79 -30.99
CA GLN F 183 41.59 -56.66 -32.10
C GLN F 183 40.42 -57.62 -31.95
N LYS F 184 40.67 -58.85 -31.51
CA LYS F 184 39.56 -59.78 -31.29
C LYS F 184 38.61 -59.22 -30.24
N LEU F 185 39.15 -58.58 -29.20
CA LEU F 185 38.31 -57.93 -28.20
C LEU F 185 37.44 -56.86 -28.84
N VAL F 186 38.03 -55.99 -29.67
CA VAL F 186 37.27 -54.89 -30.23
C VAL F 186 36.13 -55.41 -31.10
N GLN F 187 36.43 -56.31 -32.05
CA GLN F 187 35.38 -56.75 -32.95
C GLN F 187 34.24 -57.41 -32.18
N MET F 188 34.57 -58.25 -31.19
CA MET F 188 33.52 -58.89 -30.40
C MET F 188 32.74 -57.84 -29.61
N ALA F 189 33.43 -56.85 -29.06
CA ALA F 189 32.72 -55.78 -28.34
C ALA F 189 31.86 -54.99 -29.32
N TRP F 190 32.40 -54.70 -30.51
CA TRP F 190 31.63 -53.99 -31.52
C TRP F 190 30.34 -54.73 -31.85
N THR F 191 30.43 -56.04 -32.08
CA THR F 191 29.23 -56.82 -32.35
C THR F 191 28.24 -56.71 -31.20
N PHE F 192 28.73 -56.73 -29.95
CA PHE F 192 27.82 -56.60 -28.82
C PHE F 192 27.13 -55.25 -28.84
N VAL F 193 27.83 -54.20 -29.28
CA VAL F 193 27.19 -52.89 -29.40
C VAL F 193 26.07 -52.96 -30.42
N ASN F 194 26.35 -53.52 -31.60
CA ASN F 194 25.33 -53.62 -32.65
C ASN F 194 24.10 -54.37 -32.15
N ASP F 195 24.30 -55.43 -31.37
CA ASP F 195 23.17 -56.20 -30.88
C ASP F 195 22.45 -55.51 -29.73
N SER F 196 23.16 -54.69 -28.95
CA SER F 196 22.53 -54.00 -27.83
C SER F 196 21.56 -52.91 -28.27
N LEU F 197 21.65 -52.46 -29.52
CA LEU F 197 20.73 -51.43 -30.00
C LEU F 197 19.30 -51.91 -30.01
N CYS F 198 19.11 -53.23 -30.11
CA CYS F 198 17.78 -53.83 -30.04
C CYS F 198 17.22 -53.84 -28.63
N THR F 199 17.99 -53.38 -27.64
CA THR F 199 17.54 -53.43 -26.27
C THR F 199 17.32 -52.02 -25.75
N THR F 200 16.76 -51.95 -24.56
CA THR F 200 16.51 -50.69 -23.87
C THR F 200 17.73 -50.19 -23.14
N LEU F 201 18.89 -50.83 -23.35
CA LEU F 201 20.12 -50.36 -22.74
C LEU F 201 20.48 -48.95 -23.20
N SER F 202 20.19 -48.61 -24.47
CA SER F 202 20.42 -47.25 -24.93
C SER F 202 19.74 -46.22 -24.04
N LEU F 203 18.68 -46.64 -23.33
CA LEU F 203 17.89 -45.76 -22.48
C LEU F 203 18.22 -45.90 -21.01
N GLN F 204 19.00 -46.91 -20.62
CA GLN F 204 19.31 -47.14 -19.21
C GLN F 204 20.67 -46.59 -18.81
N TRP F 205 21.62 -46.56 -19.74
CA TRP F 205 23.01 -46.26 -19.42
C TRP F 205 23.63 -45.35 -20.47
N GLU F 206 24.47 -44.44 -19.98
CA GLU F 206 25.25 -43.58 -20.85
C GLU F 206 26.06 -44.45 -21.82
N PRO F 207 26.41 -43.91 -23.00
CA PRO F 207 27.15 -44.76 -23.97
C PRO F 207 28.50 -45.22 -23.44
N GLU F 208 29.21 -44.35 -22.72
CA GLU F 208 30.51 -44.70 -22.17
C GLU F 208 30.41 -46.00 -21.35
N ILE F 209 29.34 -46.13 -20.58
CA ILE F 209 29.15 -47.31 -19.75
C ILE F 209 28.93 -48.55 -20.61
N ILE F 210 28.09 -48.43 -21.65
CA ILE F 210 27.87 -49.57 -22.54
C ILE F 210 29.19 -50.00 -23.16
N ALA F 211 29.98 -49.04 -23.63
CA ALA F 211 31.27 -49.36 -24.24
C ALA F 211 32.14 -50.15 -23.28
N VAL F 212 32.17 -49.74 -22.01
CA VAL F 212 32.93 -50.51 -21.01
C VAL F 212 32.31 -51.89 -20.83
N ALA F 213 30.99 -51.94 -20.69
CA ALA F 213 30.32 -53.22 -20.46
C ALA F 213 30.62 -54.21 -21.58
N VAL F 214 30.60 -53.75 -22.84
CA VAL F 214 30.84 -54.68 -23.94
C VAL F 214 32.30 -55.11 -23.97
N MET F 215 33.23 -54.21 -23.64
CA MET F 215 34.61 -54.63 -23.45
C MET F 215 34.72 -55.65 -22.33
N TYR F 216 34.06 -55.36 -21.22
CA TYR F 216 34.04 -56.26 -20.07
C TYR F 216 33.53 -57.63 -20.46
N LEU F 217 32.47 -57.67 -21.28
CA LEU F 217 31.93 -58.95 -21.71
C LEU F 217 32.90 -59.66 -22.64
N ALA F 218 33.38 -58.95 -23.67
CA ALA F 218 34.34 -59.54 -24.60
C ALA F 218 35.56 -60.06 -23.87
N GLY F 219 36.01 -59.33 -22.84
CA GLY F 219 37.13 -59.82 -22.06
C GLY F 219 36.84 -61.14 -21.39
N ARG F 220 35.67 -61.25 -20.75
CA ARG F 220 35.31 -62.50 -20.08
C ARG F 220 35.22 -63.64 -21.08
N LEU F 221 34.59 -63.42 -22.23
CA LEU F 221 34.39 -64.52 -23.17
C LEU F 221 35.70 -64.97 -23.79
N CYS F 222 36.62 -64.04 -24.04
CA CYS F 222 37.90 -64.35 -24.66
C CYS F 222 38.97 -64.74 -23.65
N LYS F 223 38.60 -64.86 -22.37
CA LYS F 223 39.56 -65.17 -21.31
C LYS F 223 40.72 -64.18 -21.32
N PHE F 224 40.41 -62.89 -21.48
CA PHE F 224 41.42 -61.84 -21.45
C PHE F 224 41.41 -61.09 -20.11
N GLU F 225 42.59 -60.65 -19.70
CA GLU F 225 42.79 -59.84 -18.49
C GLU F 225 43.05 -58.41 -18.95
N ILE F 226 41.98 -57.67 -19.21
CA ILE F 226 42.14 -56.39 -19.90
C ILE F 226 43.09 -55.47 -19.13
N GLN F 227 43.12 -55.60 -17.81
CA GLN F 227 43.95 -54.72 -17.00
C GLN F 227 45.40 -54.70 -17.47
N GLU F 228 45.92 -55.87 -17.88
CA GLU F 228 47.33 -55.97 -18.24
C GLU F 228 47.69 -55.01 -19.37
N TRP F 229 46.75 -54.71 -20.25
CA TRP F 229 47.01 -53.82 -21.37
C TRP F 229 46.90 -52.35 -21.02
N THR F 230 46.46 -52.04 -19.80
CA THR F 230 46.26 -50.66 -19.39
C THR F 230 47.56 -50.06 -18.87
N SER F 231 47.53 -48.75 -18.63
CA SER F 231 48.65 -48.07 -18.00
C SER F 231 48.81 -48.44 -16.53
N LYS F 232 47.87 -49.20 -15.97
CA LYS F 232 47.89 -49.60 -14.56
C LYS F 232 47.65 -51.11 -14.49
N PRO F 233 48.65 -51.90 -14.88
CA PRO F 233 48.41 -53.35 -15.07
C PRO F 233 48.09 -54.12 -13.81
N MET F 234 48.21 -53.51 -12.63
CA MET F 234 47.89 -54.20 -11.39
C MET F 234 46.63 -53.65 -10.73
N TYR F 235 45.88 -52.83 -11.46
CA TYR F 235 44.60 -52.28 -11.02
C TYR F 235 43.47 -53.17 -11.55
N ARG F 236 42.94 -54.05 -10.70
CA ARG F 236 41.98 -55.03 -11.17
C ARG F 236 40.74 -54.37 -11.78
N ARG F 237 40.36 -53.21 -11.26
CA ARG F 237 39.25 -52.45 -11.84
C ARG F 237 39.76 -51.56 -12.96
N TRP F 238 39.94 -52.17 -14.12
CA TRP F 238 40.52 -51.43 -15.24
C TRP F 238 39.56 -50.37 -15.75
N TRP F 239 38.25 -50.64 -15.66
CA TRP F 239 37.28 -49.72 -16.23
C TRP F 239 37.27 -48.38 -15.49
N GLU F 240 37.74 -48.35 -14.25
CA GLU F 240 37.65 -47.11 -13.49
C GLU F 240 38.46 -45.99 -14.12
N GLN F 241 39.53 -46.32 -14.88
CA GLN F 241 40.28 -45.24 -15.51
C GLN F 241 39.61 -44.70 -16.77
N PHE F 242 38.69 -45.43 -17.38
CA PHE F 242 37.97 -44.93 -18.55
C PHE F 242 36.67 -44.28 -18.12
N VAL F 243 35.93 -44.89 -17.21
CA VAL F 243 34.65 -44.37 -16.76
C VAL F 243 34.60 -44.45 -15.24
N GLN F 244 34.57 -43.30 -14.57
CA GLN F 244 34.53 -43.25 -13.12
C GLN F 244 33.14 -43.56 -12.59
N ASP F 245 33.11 -44.13 -11.38
CA ASP F 245 31.88 -44.35 -10.63
C ASP F 245 30.99 -45.39 -11.30
N VAL F 246 31.58 -46.44 -11.84
CA VAL F 246 30.85 -47.54 -12.46
C VAL F 246 31.04 -48.79 -11.60
N PRO F 247 29.99 -49.28 -10.95
CA PRO F 247 30.09 -50.53 -10.18
C PRO F 247 29.96 -51.76 -11.07
N VAL F 248 30.56 -52.86 -10.58
CA VAL F 248 30.48 -54.13 -11.29
C VAL F 248 29.03 -54.54 -11.50
N ASP F 249 28.18 -54.24 -10.51
CA ASP F 249 26.76 -54.59 -10.61
C ASP F 249 26.21 -54.16 -11.96
N VAL F 250 26.51 -52.93 -12.36
CA VAL F 250 25.99 -52.39 -13.62
C VAL F 250 26.54 -53.18 -14.80
N LEU F 251 27.86 -53.35 -14.84
CA LEU F 251 28.46 -54.08 -15.96
C LEU F 251 27.84 -55.48 -16.08
N GLU F 252 27.54 -56.11 -14.95
CA GLU F 252 26.92 -57.43 -15.01
C GLU F 252 25.48 -57.35 -15.49
N ASP F 253 24.73 -56.36 -15.01
CA ASP F 253 23.35 -56.20 -15.49
C ASP F 253 23.35 -55.97 -17.00
N ILE F 254 24.26 -55.15 -17.50
CA ILE F 254 24.35 -54.93 -18.94
C ILE F 254 24.75 -56.21 -19.65
N CYS F 255 25.78 -56.89 -19.15
CA CYS F 255 26.20 -58.14 -19.77
C CYS F 255 25.04 -59.13 -19.80
N HIS F 256 24.31 -59.25 -18.69
CA HIS F 256 23.19 -60.19 -18.64
C HIS F 256 22.17 -59.87 -19.72
N GLN F 257 21.84 -58.59 -19.90
CA GLN F 257 20.83 -58.22 -20.89
C GLN F 257 21.32 -58.50 -22.30
N ILE F 258 22.62 -58.31 -22.57
CA ILE F 258 23.13 -58.60 -23.90
C ILE F 258 23.11 -60.10 -24.18
N LEU F 259 23.55 -60.91 -23.22
CA LEU F 259 23.58 -62.35 -23.43
C LEU F 259 22.18 -62.95 -23.58
N ASP F 260 21.15 -62.32 -23.02
CA ASP F 260 19.79 -62.84 -23.16
C ASP F 260 19.36 -62.92 -24.62
N LEU F 261 19.78 -61.94 -25.44
CA LEU F 261 19.41 -61.96 -26.85
C LEU F 261 19.98 -63.20 -27.55
N TYR F 262 21.19 -63.60 -27.19
CA TYR F 262 21.83 -64.74 -27.84
C TYR F 262 21.15 -66.04 -27.45
N SER F 263 20.74 -66.17 -26.20
CA SER F 263 20.07 -67.40 -25.75
C SER F 263 18.67 -67.50 -26.35
N GLN F 264 17.93 -66.39 -26.38
CA GLN F 264 16.56 -66.39 -26.89
C GLN F 264 16.52 -66.64 -28.40
N GLY F 265 17.46 -66.07 -29.15
CA GLY F 265 17.41 -66.15 -30.59
C GLY F 265 18.04 -67.43 -31.09
N LYS F 266 18.37 -67.44 -32.38
CA LYS F 266 19.10 -68.57 -32.93
C LYS F 266 20.59 -68.32 -32.94
N GLN F 267 21.00 -67.05 -32.98
CA GLN F 267 22.40 -66.70 -32.93
C GLN F 267 22.97 -67.04 -31.56
N GLN F 268 24.24 -67.41 -31.53
CA GLN F 268 24.98 -67.74 -30.32
C GLN F 268 26.15 -66.77 -30.19
N MET F 269 26.83 -66.84 -29.05
CA MET F 269 27.87 -65.86 -28.75
C MET F 269 28.88 -65.82 -29.90
N PRO F 270 29.34 -64.63 -30.29
CA PRO F 270 30.18 -64.54 -31.51
C PRO F 270 31.46 -65.34 -31.48
N HIS F 271 32.20 -65.32 -30.38
CA HIS F 271 33.48 -66.00 -30.28
C HIS F 271 34.25 -66.06 -31.59
N MET G 5 -46.50 -40.33 14.32
CA MET G 5 -47.19 -39.12 13.78
C MET G 5 -47.13 -39.13 12.26
N SER G 6 -46.10 -39.79 11.72
CA SER G 6 -45.97 -39.99 10.29
C SER G 6 -45.98 -41.48 10.04
N TYR G 7 -46.56 -41.87 8.90
CA TYR G 7 -46.81 -43.27 8.56
C TYR G 7 -46.34 -43.49 7.13
N ASN G 8 -45.52 -44.51 6.92
CA ASN G 8 -44.90 -44.68 5.61
C ASN G 8 -44.85 -46.15 5.21
N TYR G 9 -44.65 -46.37 3.91
CA TYR G 9 -44.74 -47.68 3.26
C TYR G 9 -43.56 -47.81 2.31
N VAL G 10 -42.87 -48.94 2.37
CA VAL G 10 -41.67 -49.18 1.59
C VAL G 10 -41.79 -50.53 0.89
N VAL G 11 -41.69 -50.51 -0.45
CA VAL G 11 -41.78 -51.73 -1.23
C VAL G 11 -40.55 -51.86 -2.11
N THR G 12 -40.23 -53.09 -2.46
CA THR G 12 -39.21 -53.38 -3.45
C THR G 12 -39.87 -53.33 -4.82
N ALA G 13 -39.35 -52.47 -5.69
CA ALA G 13 -39.80 -52.45 -7.08
C ALA G 13 -38.89 -53.33 -7.94
N GLN G 14 -37.59 -53.32 -7.63
CA GLN G 14 -36.61 -54.16 -8.28
C GLN G 14 -35.72 -54.79 -7.22
N LYS G 15 -35.57 -56.11 -7.29
CA LYS G 15 -34.78 -56.82 -6.31
C LYS G 15 -33.29 -56.52 -6.49
N PRO G 16 -32.49 -56.80 -5.45
CA PRO G 16 -31.03 -56.65 -5.58
C PRO G 16 -30.48 -57.46 -6.74
N THR G 17 -29.61 -56.82 -7.54
CA THR G 17 -29.03 -57.46 -8.71
C THR G 17 -27.55 -57.81 -8.53
N ALA G 18 -26.85 -57.14 -7.63
CA ALA G 18 -25.43 -57.39 -7.47
C ALA G 18 -25.20 -58.75 -6.81
N VAL G 19 -24.24 -59.50 -7.33
CA VAL G 19 -23.89 -60.80 -6.78
C VAL G 19 -22.87 -60.57 -5.66
N ASN G 20 -23.21 -61.03 -4.46
CA ASN G 20 -22.34 -60.89 -3.30
C ASN G 20 -21.58 -62.15 -2.96
N GLY G 21 -21.94 -63.30 -3.54
CA GLY G 21 -21.16 -64.55 -3.36
C GLY G 21 -21.94 -65.68 -4.03
N CYS G 22 -21.14 -66.74 -4.29
CA CYS G 22 -21.76 -67.88 -4.99
C CYS G 22 -20.98 -69.17 -4.72
N VAL G 23 -21.73 -70.27 -4.53
CA VAL G 23 -21.16 -71.56 -4.20
C VAL G 23 -21.72 -72.61 -5.15
N THR G 24 -21.04 -73.75 -5.21
CA THR G 24 -21.49 -74.90 -5.98
C THR G 24 -21.55 -76.12 -5.06
N GLY G 25 -22.34 -77.10 -5.47
CA GLY G 25 -22.44 -78.32 -4.69
C GLY G 25 -23.63 -79.14 -5.12
N HIS G 26 -24.11 -79.97 -4.18
CA HIS G 26 -25.18 -80.93 -4.43
C HIS G 26 -26.24 -80.72 -3.34
N PHE G 27 -27.01 -79.64 -3.48
CA PHE G 27 -27.92 -79.18 -2.43
C PHE G 27 -29.33 -79.69 -2.64
N THR G 28 -29.85 -79.66 -3.88
CA THR G 28 -31.21 -80.10 -4.12
C THR G 28 -31.30 -81.63 -4.18
N SER G 29 -30.29 -82.28 -4.76
CA SER G 29 -30.23 -83.73 -4.83
C SER G 29 -28.77 -84.16 -4.93
N ALA G 30 -28.48 -85.36 -4.43
CA ALA G 30 -27.11 -85.87 -4.47
C ALA G 30 -26.56 -86.03 -5.88
N GLU G 31 -27.42 -86.02 -6.89
CA GLU G 31 -27.00 -86.21 -8.28
C GLU G 31 -26.85 -84.90 -9.04
N ASP G 32 -27.77 -83.96 -8.88
CA ASP G 32 -27.70 -82.71 -9.62
C ASP G 32 -26.48 -81.89 -9.18
N LEU G 33 -25.99 -81.06 -10.09
CA LEU G 33 -24.98 -80.06 -9.76
C LEU G 33 -25.65 -78.69 -9.67
N ASN G 34 -25.57 -78.08 -8.49
CA ASN G 34 -26.27 -76.84 -8.20
C ASN G 34 -25.36 -75.63 -8.25
N LEU G 35 -25.98 -74.46 -8.47
CA LEU G 35 -25.34 -73.17 -8.29
C LEU G 35 -26.25 -72.32 -7.39
N LEU G 36 -25.77 -71.99 -6.21
CA LEU G 36 -26.48 -71.10 -5.29
C LEU G 36 -25.84 -69.71 -5.38
N ILE G 37 -26.63 -68.73 -5.79
CA ILE G 37 -26.19 -67.34 -5.89
C ILE G 37 -26.87 -66.54 -4.79
N ALA G 38 -26.08 -65.77 -4.07
CA ALA G 38 -26.59 -64.88 -3.03
C ALA G 38 -26.47 -63.46 -3.57
N LYS G 39 -27.61 -62.82 -3.80
CA LYS G 39 -27.69 -61.38 -3.93
C LYS G 39 -28.23 -60.89 -2.59
N ASN G 40 -27.94 -59.63 -2.25
CA ASN G 40 -28.22 -59.17 -0.89
C ASN G 40 -29.64 -59.55 -0.46
N THR G 41 -29.75 -60.48 0.47
CA THR G 41 -30.95 -61.01 1.09
C THR G 41 -31.69 -62.03 0.21
N ARG G 42 -31.27 -62.27 -1.02
CA ARG G 42 -31.98 -63.18 -1.91
C ARG G 42 -31.08 -64.38 -2.15
N LEU G 43 -31.64 -65.58 -2.02
CA LEU G 43 -30.91 -66.80 -2.35
C LEU G 43 -31.55 -67.35 -3.62
N GLU G 44 -30.75 -67.54 -4.65
CA GLU G 44 -31.19 -68.10 -5.92
C GLU G 44 -30.54 -69.47 -6.07
N ILE G 45 -31.37 -70.48 -6.33
CA ILE G 45 -30.92 -71.86 -6.51
C ILE G 45 -31.12 -72.23 -7.96
N TYR G 46 -30.06 -72.72 -8.60
CA TYR G 46 -30.11 -73.16 -9.98
C TYR G 46 -29.63 -74.60 -10.06
N VAL G 47 -29.90 -75.25 -11.19
CA VAL G 47 -29.35 -76.56 -11.48
C VAL G 47 -28.51 -76.43 -12.75
N VAL G 48 -27.31 -76.98 -12.71
CA VAL G 48 -26.37 -76.84 -13.81
C VAL G 48 -26.72 -77.88 -14.85
N THR G 49 -26.92 -77.44 -16.09
CA THR G 49 -27.20 -78.32 -17.21
C THR G 49 -26.05 -78.21 -18.20
N ALA G 50 -26.19 -78.91 -19.32
CA ALA G 50 -25.23 -78.77 -20.40
C ALA G 50 -25.45 -77.51 -21.21
N GLU G 51 -26.57 -76.82 -21.01
CA GLU G 51 -26.93 -75.63 -21.76
C GLU G 51 -26.64 -74.33 -21.03
N GLY G 52 -26.83 -74.31 -19.71
CA GLY G 52 -26.73 -73.11 -18.92
C GLY G 52 -27.25 -73.40 -17.53
N LEU G 53 -28.03 -72.48 -16.98
CA LEU G 53 -28.58 -72.64 -15.64
C LEU G 53 -30.09 -72.77 -15.72
N ARG G 54 -30.62 -73.74 -14.98
CA ARG G 54 -32.07 -73.94 -14.85
C ARG G 54 -32.51 -73.50 -13.46
N PRO G 55 -33.36 -72.49 -13.32
CA PRO G 55 -33.80 -72.06 -11.99
C PRO G 55 -34.67 -73.11 -11.30
N VAL G 56 -34.60 -73.11 -9.96
CA VAL G 56 -35.32 -74.11 -9.18
C VAL G 56 -36.21 -73.48 -8.11
N LYS G 57 -35.70 -72.47 -7.42
CA LYS G 57 -36.40 -71.83 -6.32
C LYS G 57 -35.66 -70.55 -5.98
N GLU G 58 -36.41 -69.54 -5.55
CA GLU G 58 -35.81 -68.36 -4.96
C GLU G 58 -36.56 -68.07 -3.68
N VAL G 59 -35.82 -67.84 -2.61
CA VAL G 59 -36.37 -67.47 -1.32
C VAL G 59 -35.73 -66.16 -0.91
N GLY G 60 -36.44 -65.42 -0.08
CA GLY G 60 -35.89 -64.27 0.60
C GLY G 60 -35.57 -64.63 2.03
N MET G 61 -34.58 -63.95 2.59
CA MET G 61 -34.24 -64.10 3.99
C MET G 61 -34.34 -62.75 4.68
N TYR G 62 -34.70 -62.80 5.96
CA TYR G 62 -34.84 -61.60 6.78
C TYR G 62 -33.48 -61.21 7.39
N GLY G 63 -32.54 -60.89 6.50
CA GLY G 63 -31.17 -60.61 6.87
C GLY G 63 -30.28 -60.47 5.65
N LYS G 64 -29.17 -59.71 5.75
CA LYS G 64 -28.21 -59.64 4.65
C LYS G 64 -27.33 -60.89 4.71
N ILE G 65 -27.19 -61.59 3.59
CA ILE G 65 -26.44 -62.84 3.57
C ILE G 65 -24.95 -62.50 3.59
N ALA G 66 -24.28 -62.85 4.69
CA ALA G 66 -22.86 -62.61 4.89
C ALA G 66 -22.01 -63.84 4.59
N VAL G 67 -22.41 -64.99 5.11
CA VAL G 67 -21.74 -66.25 4.85
C VAL G 67 -22.72 -67.16 4.14
N MET G 68 -22.23 -67.87 3.13
CA MET G 68 -23.02 -68.87 2.42
C MET G 68 -22.07 -70.00 2.05
N GLU G 69 -22.33 -71.19 2.59
CA GLU G 69 -21.41 -72.30 2.41
C GLU G 69 -22.22 -73.60 2.39
N LEU G 70 -21.77 -74.54 1.56
CA LEU G 70 -22.38 -75.86 1.46
C LEU G 70 -21.49 -76.91 2.12
N PHE G 71 -22.13 -77.84 2.82
CA PHE G 71 -21.41 -78.91 3.50
C PHE G 71 -22.30 -80.15 3.56
N ARG G 72 -21.66 -81.30 3.78
CA ARG G 72 -22.34 -82.60 3.81
C ARG G 72 -21.81 -83.44 4.98
N PRO G 73 -22.50 -83.42 6.12
CA PRO G 73 -22.02 -84.21 7.26
C PRO G 73 -22.26 -85.70 7.05
N LYS G 74 -21.40 -86.51 7.65
CA LYS G 74 -21.50 -87.96 7.53
C LYS G 74 -22.90 -88.43 7.84
N GLY G 75 -23.49 -89.17 6.91
CA GLY G 75 -24.83 -89.69 7.07
C GLY G 75 -25.89 -88.97 6.26
N GLU G 76 -25.57 -87.82 5.70
CA GLU G 76 -26.54 -87.09 4.89
C GLU G 76 -26.45 -87.58 3.46
N SER G 77 -27.61 -87.66 2.80
CA SER G 77 -27.62 -88.08 1.40
C SER G 77 -27.11 -86.96 0.50
N LYS G 78 -27.28 -85.71 0.91
CA LYS G 78 -26.99 -84.58 0.05
C LYS G 78 -26.52 -83.40 0.91
N ASP G 79 -26.06 -82.35 0.24
CA ASP G 79 -25.48 -81.21 0.92
C ASP G 79 -26.52 -80.40 1.68
N LEU G 80 -26.09 -79.84 2.81
CA LEU G 80 -26.84 -78.85 3.56
C LEU G 80 -26.22 -77.47 3.35
N LEU G 81 -27.00 -76.44 3.62
CA LEU G 81 -26.59 -75.06 3.41
C LEU G 81 -26.44 -74.35 4.74
N PHE G 82 -25.31 -73.70 4.94
CA PHE G 82 -25.08 -72.83 6.09
C PHE G 82 -25.13 -71.38 5.63
N ILE G 83 -25.85 -70.54 6.38
CA ILE G 83 -25.93 -69.11 6.11
C ILE G 83 -25.85 -68.36 7.43
N LEU G 84 -25.08 -67.28 7.43
CA LEU G 84 -24.98 -66.36 8.56
C LEU G 84 -25.29 -64.96 8.04
N THR G 85 -26.21 -64.27 8.68
CA THR G 85 -26.59 -62.94 8.20
C THR G 85 -25.69 -61.87 8.82
N ALA G 86 -25.82 -60.65 8.29
CA ALA G 86 -25.02 -59.54 8.79
C ALA G 86 -25.38 -59.16 10.22
N LYS G 87 -26.57 -59.51 10.68
CA LYS G 87 -26.96 -59.35 12.08
C LYS G 87 -26.65 -60.58 12.91
N TYR G 88 -25.87 -61.52 12.37
CA TYR G 88 -25.41 -62.70 13.11
C TYR G 88 -26.52 -63.73 13.31
N ASN G 89 -27.47 -63.81 12.38
CA ASN G 89 -28.43 -64.89 12.36
C ASN G 89 -27.83 -66.10 11.65
N ALA G 90 -27.66 -67.20 12.37
CA ALA G 90 -27.11 -68.41 11.79
C ALA G 90 -28.22 -69.43 11.56
N CYS G 91 -28.01 -70.29 10.57
CA CYS G 91 -28.97 -71.35 10.31
C CYS G 91 -28.33 -72.36 9.38
N ILE G 92 -28.80 -73.59 9.47
CA ILE G 92 -28.46 -74.65 8.54
C ILE G 92 -29.74 -75.03 7.82
N LEU G 93 -29.68 -75.08 6.50
CA LEU G 93 -30.88 -75.22 5.69
C LEU G 93 -30.80 -76.52 4.90
N GLU G 94 -31.96 -77.11 4.68
CA GLU G 94 -32.10 -78.31 3.87
C GLU G 94 -33.14 -78.01 2.80
N TYR G 95 -32.84 -78.42 1.58
CA TYR G 95 -33.81 -78.37 0.51
C TYR G 95 -34.66 -79.62 0.56
N LYS G 96 -35.98 -79.45 0.57
CA LYS G 96 -36.89 -80.59 0.58
C LYS G 96 -38.07 -80.30 -0.33
N GLN G 97 -38.31 -81.21 -1.27
CA GLN G 97 -39.35 -81.05 -2.27
C GLN G 97 -40.15 -82.35 -2.37
N SER G 98 -41.48 -82.22 -2.32
CA SER G 98 -42.40 -83.35 -2.44
C SER G 98 -43.38 -83.00 -3.56
N GLY G 99 -43.13 -83.54 -4.75
CA GLY G 99 -43.91 -83.16 -5.93
C GLY G 99 -43.59 -81.74 -6.35
N GLU G 100 -44.63 -80.92 -6.48
CA GLU G 100 -44.44 -79.53 -6.91
C GLU G 100 -44.15 -78.59 -5.75
N SER G 101 -44.31 -79.06 -4.51
CA SER G 101 -44.18 -78.23 -3.33
C SER G 101 -42.71 -78.15 -2.92
N ILE G 102 -42.13 -76.96 -3.04
CA ILE G 102 -40.74 -76.73 -2.66
C ILE G 102 -40.71 -75.98 -1.35
N ASP G 103 -39.92 -76.49 -0.42
CA ASP G 103 -39.72 -75.89 0.88
C ASP G 103 -38.22 -75.86 1.17
N ILE G 104 -37.82 -74.92 2.00
CA ILE G 104 -36.45 -74.90 2.52
C ILE G 104 -36.58 -75.06 4.03
N ILE G 105 -36.07 -76.14 4.54
CA ILE G 105 -36.28 -76.51 5.93
C ILE G 105 -35.13 -75.96 6.75
N THR G 106 -35.46 -75.37 7.89
CA THR G 106 -34.46 -74.86 8.81
C THR G 106 -34.17 -75.95 9.84
N ARG G 107 -33.04 -76.63 9.69
CA ARG G 107 -32.70 -77.73 10.59
C ARG G 107 -32.06 -77.25 11.89
N ALA G 108 -31.38 -76.11 11.85
CA ALA G 108 -30.80 -75.53 13.05
C ALA G 108 -30.79 -74.01 12.88
N HIS G 109 -30.93 -73.30 13.98
CA HIS G 109 -30.92 -71.85 13.88
C HIS G 109 -30.55 -71.28 15.23
N GLY G 110 -30.00 -70.08 15.20
CA GLY G 110 -29.61 -69.36 16.41
C GLY G 110 -28.81 -68.14 16.04
N ASN G 111 -28.60 -67.30 17.04
CA ASN G 111 -27.88 -66.04 16.87
C ASN G 111 -26.53 -66.12 17.58
N VAL G 112 -25.46 -65.85 16.85
CA VAL G 112 -24.11 -66.09 17.35
C VAL G 112 -23.43 -64.79 17.81
N GLN G 113 -24.20 -63.72 18.01
CA GLN G 113 -23.60 -62.46 18.44
C GLN G 113 -23.05 -62.59 19.84
N ASP G 114 -21.87 -62.01 20.07
CA ASP G 114 -21.27 -61.97 21.39
C ASP G 114 -21.57 -60.62 22.04
N ARG G 115 -21.88 -60.66 23.35
CA ARG G 115 -22.17 -59.43 24.06
C ARG G 115 -21.01 -58.44 23.95
N ILE G 116 -19.78 -58.94 24.01
CA ILE G 116 -18.59 -58.10 23.99
C ILE G 116 -17.65 -58.60 22.91
N GLY G 117 -17.23 -57.69 22.04
CA GLY G 117 -16.29 -58.02 20.99
C GLY G 117 -16.09 -56.85 20.03
N ARG G 118 -14.93 -56.79 19.38
CA ARG G 118 -14.66 -55.76 18.40
C ARG G 118 -14.84 -56.34 17.01
N PRO G 119 -15.81 -55.85 16.22
CA PRO G 119 -15.95 -56.37 14.85
C PRO G 119 -14.65 -56.23 14.05
N SER G 120 -14.33 -57.28 13.30
CA SER G 120 -13.03 -57.37 12.66
C SER G 120 -12.95 -56.48 11.43
N GLU G 121 -11.72 -56.08 11.09
CA GLU G 121 -11.50 -55.18 9.97
C GLU G 121 -11.86 -55.83 8.64
N THR G 122 -11.46 -57.08 8.42
CA THR G 122 -11.72 -57.76 7.15
C THR G 122 -13.06 -58.51 7.13
N GLY G 123 -13.95 -58.24 8.09
CA GLY G 123 -15.33 -58.69 8.04
C GLY G 123 -15.57 -60.13 8.47
N ILE G 124 -16.86 -60.49 8.49
CA ILE G 124 -17.26 -61.83 8.92
C ILE G 124 -16.64 -62.85 7.98
N ILE G 125 -16.05 -63.89 8.56
CA ILE G 125 -15.52 -65.01 7.79
C ILE G 125 -16.15 -66.29 8.32
N GLY G 126 -16.59 -67.14 7.40
CA GLY G 126 -17.15 -68.41 7.76
C GLY G 126 -16.50 -69.53 6.97
N ILE G 127 -16.06 -70.56 7.67
CA ILE G 127 -15.39 -71.71 7.06
C ILE G 127 -15.92 -72.95 7.75
N ILE G 128 -15.87 -74.07 7.04
CA ILE G 128 -16.37 -75.33 7.56
C ILE G 128 -15.30 -76.40 7.41
N ASP G 129 -15.20 -77.24 8.42
CA ASP G 129 -14.21 -78.30 8.42
C ASP G 129 -14.42 -79.24 7.25
N PRO G 130 -13.36 -79.78 6.65
CA PRO G 130 -13.53 -80.79 5.60
C PRO G 130 -14.26 -82.03 6.08
N GLU G 131 -14.10 -82.39 7.36
CA GLU G 131 -14.80 -83.50 7.97
C GLU G 131 -16.16 -83.08 8.50
N CYS G 132 -16.59 -81.84 8.22
CA CYS G 132 -17.86 -81.33 8.71
C CYS G 132 -18.02 -81.65 10.19
N ARG G 133 -16.94 -81.42 10.92
CA ARG G 133 -16.90 -81.55 12.37
C ARG G 133 -17.33 -80.26 13.07
N MET G 134 -17.13 -79.11 12.42
CA MET G 134 -17.44 -77.84 13.06
C MET G 134 -17.56 -76.74 12.01
N ILE G 135 -18.18 -75.64 12.44
CA ILE G 135 -18.21 -74.39 11.69
C ILE G 135 -17.32 -73.39 12.41
N GLY G 136 -16.37 -72.80 11.69
CA GLY G 136 -15.54 -71.74 12.23
C GLY G 136 -16.05 -70.38 11.79
N LEU G 137 -16.10 -69.44 12.74
CA LEU G 137 -16.52 -68.08 12.46
C LEU G 137 -15.49 -67.12 13.03
N ARG G 138 -15.04 -66.17 12.22
CA ARG G 138 -14.19 -65.08 12.66
C ARG G 138 -15.09 -63.84 12.65
N LEU G 139 -15.69 -63.54 13.81
CA LEU G 139 -16.58 -62.40 13.93
C LEU G 139 -15.92 -61.20 14.57
N TYR G 140 -15.04 -61.41 15.54
CA TYR G 140 -14.45 -60.33 16.31
C TYR G 140 -12.94 -60.50 16.37
N ASP G 141 -12.25 -59.37 16.47
CA ASP G 141 -10.80 -59.38 16.66
C ASP G 141 -10.44 -60.20 17.89
N GLY G 142 -9.43 -61.05 17.76
CA GLY G 142 -8.93 -61.77 18.90
C GLY G 142 -9.78 -62.92 19.36
N LEU G 143 -10.81 -63.29 18.59
CA LEU G 143 -11.67 -64.39 18.96
C LEU G 143 -11.98 -65.28 17.76
N PHE G 144 -12.07 -66.57 18.04
CA PHE G 144 -12.45 -67.58 17.06
C PHE G 144 -13.60 -68.38 17.65
N LYS G 145 -14.75 -68.35 16.99
CA LYS G 145 -15.97 -69.00 17.47
C LYS G 145 -16.12 -70.35 16.79
N VAL G 146 -16.48 -71.36 17.57
CA VAL G 146 -16.68 -72.71 17.05
C VAL G 146 -18.12 -73.13 17.31
N ILE G 147 -18.83 -73.48 16.24
CA ILE G 147 -20.12 -74.17 16.35
C ILE G 147 -19.85 -75.63 16.05
N PRO G 148 -19.87 -76.53 17.03
CA PRO G 148 -19.64 -77.95 16.73
C PRO G 148 -20.83 -78.54 16.00
N LEU G 149 -20.54 -79.35 14.98
CA LEU G 149 -21.59 -79.92 14.13
C LEU G 149 -22.03 -81.28 14.68
N ASP G 150 -22.67 -81.22 15.85
CA ASP G 150 -23.35 -82.36 16.43
C ASP G 150 -24.76 -82.43 15.86
N ARG G 151 -25.29 -83.65 15.73
CA ARG G 151 -26.63 -83.79 15.16
C ARG G 151 -27.66 -83.09 16.05
N ASP G 152 -27.44 -83.05 17.37
CA ASP G 152 -28.39 -82.48 18.31
C ASP G 152 -28.27 -80.97 18.46
N ASN G 153 -27.23 -80.35 17.90
CA ASN G 153 -26.99 -78.92 18.11
C ASN G 153 -27.90 -78.09 17.19
N LYS G 154 -29.20 -78.21 17.43
CA LYS G 154 -30.18 -77.50 16.60
C LYS G 154 -30.30 -76.03 16.96
N GLU G 155 -29.80 -75.61 18.12
CA GLU G 155 -29.78 -74.20 18.48
C GLU G 155 -28.46 -73.52 18.12
N LEU G 156 -27.52 -74.24 17.52
CA LEU G 156 -26.23 -73.69 17.09
C LEU G 156 -25.52 -72.99 18.25
N LYS G 157 -25.45 -73.68 19.39
CA LYS G 157 -24.68 -73.18 20.52
C LYS G 157 -23.20 -73.21 20.18
N ALA G 158 -22.45 -72.24 20.70
CA ALA G 158 -21.06 -72.11 20.30
C ALA G 158 -20.23 -71.54 21.45
N PHE G 159 -18.92 -71.76 21.31
CA PHE G 159 -17.94 -71.28 22.28
C PHE G 159 -16.86 -70.52 21.54
N ASN G 160 -16.20 -69.61 22.25
CA ASN G 160 -15.11 -68.85 21.67
C ASN G 160 -13.77 -69.39 22.18
N ILE G 161 -12.80 -69.44 21.29
CA ILE G 161 -11.41 -69.72 21.63
C ILE G 161 -10.65 -68.42 21.53
N ARG G 162 -9.90 -68.10 22.59
CA ARG G 162 -9.07 -66.90 22.54
C ARG G 162 -8.09 -67.03 21.39
N LEU G 163 -7.94 -65.95 20.63
CA LEU G 163 -7.08 -65.91 19.46
C LEU G 163 -6.00 -64.90 19.73
N GLU G 164 -4.75 -65.35 19.71
CA GLU G 164 -3.65 -64.47 20.07
C GLU G 164 -3.47 -63.35 19.05
N GLU G 165 -3.54 -63.70 17.78
CA GLU G 165 -3.30 -62.76 16.68
C GLU G 165 -4.53 -61.90 16.48
N LEU G 166 -4.47 -60.64 16.90
CA LEU G 166 -5.68 -59.82 16.93
C LEU G 166 -6.13 -59.45 15.52
N HIS G 167 -5.19 -59.12 14.64
CA HIS G 167 -5.52 -58.61 13.32
C HIS G 167 -5.32 -59.73 12.30
N VAL G 168 -6.39 -60.47 12.04
CA VAL G 168 -6.39 -61.60 11.12
C VAL G 168 -6.96 -61.13 9.78
N ILE G 169 -6.30 -61.55 8.70
CA ILE G 169 -6.72 -61.14 7.36
C ILE G 169 -7.66 -62.15 6.73
N ASP G 170 -7.28 -63.42 6.70
CA ASP G 170 -8.11 -64.44 6.09
C ASP G 170 -7.76 -65.79 6.70
N VAL G 171 -8.73 -66.70 6.68
CA VAL G 171 -8.55 -68.00 7.30
C VAL G 171 -9.29 -69.07 6.50
N LYS G 172 -8.76 -70.29 6.54
CA LYS G 172 -9.36 -71.46 5.92
C LYS G 172 -9.03 -72.67 6.78
N PHE G 173 -9.89 -73.69 6.70
CA PHE G 173 -9.58 -74.99 7.26
C PHE G 173 -8.69 -75.76 6.27
N LEU G 174 -7.66 -76.41 6.78
CA LEU G 174 -6.72 -77.08 5.89
C LEU G 174 -7.18 -78.51 5.59
N TYR G 175 -6.73 -79.02 4.46
CA TYR G 175 -7.02 -80.39 4.02
C TYR G 175 -5.87 -81.31 4.39
N GLY G 176 -6.19 -82.58 4.59
CA GLY G 176 -5.15 -83.57 4.75
C GLY G 176 -4.48 -83.56 6.10
N CYS G 177 -5.21 -83.22 7.16
CA CYS G 177 -4.62 -83.06 8.48
C CYS G 177 -5.15 -84.11 9.45
N GLN G 178 -4.25 -84.54 10.34
CA GLN G 178 -4.57 -85.56 11.31
C GLN G 178 -5.70 -85.10 12.23
N ALA G 179 -5.74 -83.81 12.55
CA ALA G 179 -6.79 -83.17 13.30
C ALA G 179 -7.36 -81.99 12.52
N PRO G 180 -8.54 -81.49 12.90
CA PRO G 180 -9.04 -80.24 12.30
C PRO G 180 -8.08 -79.08 12.54
N THR G 181 -7.64 -78.45 11.46
CA THR G 181 -6.60 -77.42 11.49
C THR G 181 -7.00 -76.18 10.71
N ILE G 182 -6.67 -75.00 11.26
CA ILE G 182 -6.87 -73.73 10.57
C ILE G 182 -5.51 -73.13 10.18
N CYS G 183 -5.48 -72.50 9.01
CA CYS G 183 -4.32 -71.76 8.52
C CYS G 183 -4.76 -70.33 8.21
N PHE G 184 -4.03 -69.33 8.71
CA PHE G 184 -4.47 -67.96 8.53
C PHE G 184 -3.29 -67.02 8.34
N VAL G 185 -3.54 -65.94 7.59
CA VAL G 185 -2.62 -64.82 7.46
C VAL G 185 -3.09 -63.73 8.42
N TYR G 186 -2.16 -63.22 9.21
CA TYR G 186 -2.45 -62.15 10.16
C TYR G 186 -1.40 -61.06 10.02
N GLN G 187 -1.74 -59.89 10.54
CA GLN G 187 -0.86 -58.73 10.47
C GLN G 187 -0.57 -58.21 11.86
N ASP G 188 0.70 -57.98 12.14
CA ASP G 188 1.16 -57.36 13.38
C ASP G 188 2.17 -56.29 12.98
N PRO G 189 2.78 -55.59 13.94
CA PRO G 189 3.73 -54.52 13.56
C PRO G 189 4.95 -55.03 12.81
N GLN G 190 5.24 -56.32 12.87
CA GLN G 190 6.43 -56.89 12.25
C GLN G 190 6.22 -57.30 10.80
N GLY G 191 5.05 -56.98 10.24
CA GLY G 191 4.70 -57.42 8.90
C GLY G 191 3.51 -58.36 8.93
N ARG G 192 3.32 -59.15 7.87
CA ARG G 192 2.28 -60.15 7.82
C ARG G 192 2.88 -61.54 7.87
N HIS G 193 2.16 -62.44 8.52
CA HIS G 193 2.63 -63.81 8.73
C HIS G 193 1.51 -64.81 8.51
N VAL G 194 1.91 -66.02 8.15
CA VAL G 194 1.03 -67.17 8.05
C VAL G 194 1.35 -68.11 9.20
N LYS G 195 0.30 -68.58 9.88
CA LYS G 195 0.43 -69.41 11.07
C LYS G 195 -0.65 -70.48 11.02
N THR G 196 -0.44 -71.55 11.79
CA THR G 196 -1.42 -72.64 11.88
C THR G 196 -1.72 -72.97 13.33
N TYR G 197 -2.96 -73.42 13.58
CA TYR G 197 -3.39 -73.94 14.86
C TYR G 197 -4.21 -75.20 14.64
N GLU G 198 -4.30 -76.03 15.67
CA GLU G 198 -5.22 -77.15 15.71
C GLU G 198 -6.37 -76.83 16.65
N VAL G 199 -7.57 -77.28 16.30
CA VAL G 199 -8.79 -76.97 17.04
C VAL G 199 -9.27 -78.23 17.76
N SER G 200 -9.39 -78.14 19.09
CA SER G 200 -9.85 -79.25 19.92
C SER G 200 -11.26 -78.97 20.42
N LEU G 201 -12.23 -79.72 19.88
CA LEU G 201 -13.61 -79.59 20.36
C LEU G 201 -13.73 -80.08 21.81
N ARG G 202 -12.90 -81.06 22.20
CA ARG G 202 -12.97 -81.60 23.55
C ARG G 202 -12.42 -80.60 24.57
N GLU G 203 -11.24 -80.05 24.29
CA GLU G 203 -10.61 -79.10 25.19
C GLU G 203 -11.12 -77.68 25.00
N LYS G 204 -11.75 -77.38 23.86
CA LYS G 204 -12.23 -76.04 23.55
C LYS G 204 -11.07 -75.03 23.61
N GLU G 205 -9.97 -75.36 22.94
CA GLU G 205 -8.85 -74.44 22.83
C GLU G 205 -8.00 -74.83 21.63
N PHE G 206 -7.06 -73.94 21.27
CA PHE G 206 -6.11 -74.24 20.23
C PHE G 206 -4.93 -75.02 20.78
N ASN G 207 -4.33 -75.86 19.94
CA ASN G 207 -3.07 -76.53 20.22
C ASN G 207 -2.06 -76.11 19.14
N LYS G 208 -0.77 -76.33 19.42
CA LYS G 208 0.25 -75.95 18.45
C LYS G 208 -0.06 -76.57 17.09
N GLY G 209 0.13 -75.79 16.03
CA GLY G 209 -0.29 -76.19 14.70
C GLY G 209 0.74 -77.07 14.02
N PRO G 210 0.30 -77.69 12.91
CA PRO G 210 1.20 -78.65 12.24
C PRO G 210 2.48 -78.05 11.70
N TRP G 211 2.48 -76.80 11.25
CA TRP G 211 3.72 -76.22 10.78
C TRP G 211 3.90 -74.78 11.24
N LYS G 212 5.18 -74.37 11.25
CA LYS G 212 5.64 -73.12 11.80
C LYS G 212 5.19 -71.93 10.94
N GLN G 213 5.37 -70.74 11.52
CA GLN G 213 5.08 -69.51 10.81
C GLN G 213 6.08 -69.21 9.69
N GLU G 214 5.57 -68.53 8.67
CA GLU G 214 6.35 -67.93 7.61
C GLU G 214 5.98 -66.46 7.47
N ASN G 215 6.97 -65.63 7.20
CA ASN G 215 6.71 -64.25 6.81
C ASN G 215 6.17 -64.23 5.38
N VAL G 216 5.14 -63.42 5.15
CA VAL G 216 4.48 -63.38 3.85
C VAL G 216 4.50 -61.95 3.34
N GLU G 217 4.04 -61.78 2.10
CA GLU G 217 3.96 -60.47 1.48
C GLU G 217 3.21 -59.50 2.37
N ALA G 218 3.63 -58.23 2.33
CA ALA G 218 3.03 -57.22 3.19
C ALA G 218 1.54 -57.07 2.91
N GLU G 219 1.12 -57.32 1.66
CA GLU G 219 -0.27 -57.25 1.26
C GLU G 219 -0.87 -58.63 0.98
N ALA G 220 -0.43 -59.66 1.71
CA ALA G 220 -1.05 -60.97 1.60
C ALA G 220 -2.54 -60.87 1.89
N SER G 221 -3.36 -61.22 0.90
CA SER G 221 -4.80 -60.95 0.94
C SER G 221 -5.66 -62.16 1.21
N MET G 222 -5.37 -63.30 0.59
CA MET G 222 -6.31 -64.42 0.58
C MET G 222 -5.59 -65.74 0.82
N VAL G 223 -6.31 -66.67 1.45
CA VAL G 223 -5.80 -68.01 1.74
C VAL G 223 -6.63 -69.01 0.95
N ILE G 224 -5.94 -69.93 0.29
CA ILE G 224 -6.57 -71.01 -0.46
C ILE G 224 -6.13 -72.32 0.20
N ALA G 225 -7.10 -73.10 0.65
CA ALA G 225 -6.81 -74.43 1.19
C ALA G 225 -6.69 -75.41 0.02
N VAL G 226 -5.50 -75.98 -0.16
CA VAL G 226 -5.26 -76.88 -1.28
C VAL G 226 -5.75 -78.27 -0.95
N PRO G 227 -6.40 -78.98 -1.91
CA PRO G 227 -7.04 -80.27 -1.59
C PRO G 227 -6.04 -81.38 -1.31
N GLU G 228 -6.57 -82.57 -1.00
CA GLU G 228 -5.74 -83.60 -0.39
C GLU G 228 -4.53 -84.04 -1.20
N PRO G 229 -4.56 -84.13 -2.54
CA PRO G 229 -3.36 -84.63 -3.22
C PRO G 229 -2.08 -83.89 -2.87
N PHE G 230 -2.14 -82.56 -2.79
CA PHE G 230 -1.02 -81.74 -2.40
C PHE G 230 -1.07 -81.40 -0.92
N GLY G 231 -2.21 -80.88 -0.47
CA GLY G 231 -2.34 -80.40 0.90
C GLY G 231 -1.75 -79.01 1.01
N GLY G 232 -1.90 -78.44 2.19
CA GLY G 232 -1.29 -77.16 2.46
C GLY G 232 -2.16 -76.02 1.97
N ALA G 233 -1.53 -74.86 1.74
CA ALA G 233 -2.26 -73.67 1.37
C ALA G 233 -1.47 -72.82 0.38
N ILE G 234 -2.21 -71.99 -0.36
CA ILE G 234 -1.64 -70.98 -1.25
C ILE G 234 -2.09 -69.61 -0.74
N ILE G 235 -1.16 -68.67 -0.71
CA ILE G 235 -1.42 -67.32 -0.20
C ILE G 235 -1.21 -66.33 -1.32
N ILE G 236 -2.27 -65.60 -1.66
CA ILE G 236 -2.30 -64.65 -2.77
C ILE G 236 -2.04 -63.26 -2.22
N GLY G 237 -1.13 -62.53 -2.86
CA GLY G 237 -0.85 -61.16 -2.49
C GLY G 237 -1.07 -60.20 -3.64
N GLN G 238 -0.39 -59.05 -3.60
CA GLN G 238 -0.39 -58.10 -4.71
C GLN G 238 0.69 -58.43 -5.74
N GLU G 239 1.88 -58.85 -5.27
CA GLU G 239 3.00 -59.13 -6.15
C GLU G 239 3.36 -60.60 -6.26
N SER G 240 3.04 -61.41 -5.27
CA SER G 240 3.54 -62.77 -5.22
C SER G 240 2.45 -63.75 -4.83
N ILE G 241 2.59 -64.98 -5.31
CA ILE G 241 1.76 -66.11 -4.93
C ILE G 241 2.70 -67.16 -4.32
N THR G 242 2.35 -67.63 -3.13
CA THR G 242 3.21 -68.54 -2.38
C THR G 242 2.42 -69.75 -1.93
N TYR G 243 3.12 -70.89 -1.87
CA TYR G 243 2.56 -72.14 -1.38
C TYR G 243 3.30 -72.56 -0.12
N HIS G 244 2.56 -72.95 0.91
CA HIS G 244 3.13 -73.33 2.20
C HIS G 244 2.60 -74.68 2.63
N ASN G 245 3.50 -75.59 3.04
CA ASN G 245 3.06 -76.83 3.66
C ASN G 245 4.24 -77.49 4.39
N GLY G 246 4.30 -77.28 5.70
CA GLY G 246 5.37 -77.86 6.47
C GLY G 246 6.71 -77.38 5.96
N ASP G 247 7.52 -78.30 5.46
CA ASP G 247 8.85 -77.97 4.97
C ASP G 247 8.83 -77.40 3.55
N LYS G 248 7.76 -77.62 2.79
CA LYS G 248 7.68 -77.15 1.42
C LYS G 248 7.25 -75.69 1.34
N TYR G 249 7.93 -74.93 0.48
CA TYR G 249 7.63 -73.52 0.24
C TYR G 249 7.91 -73.21 -1.23
N LEU G 250 6.92 -72.66 -1.92
CA LEU G 250 7.07 -72.19 -3.28
C LEU G 250 6.67 -70.73 -3.35
N ALA G 251 7.24 -70.01 -4.30
CA ALA G 251 6.86 -68.61 -4.49
C ALA G 251 7.08 -68.24 -5.95
N ILE G 252 6.02 -67.83 -6.62
CA ILE G 252 6.09 -67.26 -7.96
C ILE G 252 5.58 -65.83 -7.86
N ALA G 253 6.28 -64.90 -8.49
CA ALA G 253 5.97 -63.47 -8.43
C ALA G 253 5.97 -62.92 -9.85
N PRO G 254 5.02 -63.37 -10.67
CA PRO G 254 4.97 -62.91 -12.07
C PRO G 254 4.58 -61.44 -12.13
N PRO G 255 5.22 -60.66 -13.00
CA PRO G 255 4.97 -59.21 -12.99
C PRO G 255 3.56 -58.83 -13.35
N ILE G 256 2.81 -59.74 -14.01
CA ILE G 256 1.54 -59.34 -14.60
C ILE G 256 0.48 -59.11 -13.53
N ILE G 257 0.52 -59.87 -12.43
CA ILE G 257 -0.52 -59.73 -11.42
C ILE G 257 -0.35 -58.43 -10.63
N LYS G 258 0.86 -57.90 -10.59
CA LYS G 258 1.11 -56.64 -9.88
C LYS G 258 0.28 -55.49 -10.45
N GLN G 259 -0.10 -55.57 -11.72
CA GLN G 259 -0.80 -54.46 -12.37
C GLN G 259 -2.15 -54.19 -11.72
N SER G 260 -2.82 -55.24 -11.26
CA SER G 260 -4.14 -55.12 -10.67
C SER G 260 -4.30 -56.15 -9.55
N THR G 261 -4.90 -55.71 -8.45
CA THR G 261 -5.07 -56.55 -7.28
C THR G 261 -5.95 -57.76 -7.58
N ILE G 262 -5.54 -58.92 -7.08
CA ILE G 262 -6.33 -60.14 -7.20
C ILE G 262 -7.31 -60.19 -6.03
N VAL G 263 -8.58 -60.40 -6.33
CA VAL G 263 -9.62 -60.26 -5.31
C VAL G 263 -10.42 -61.53 -5.06
N CYS G 264 -10.51 -62.41 -6.05
CA CYS G 264 -11.30 -63.62 -5.89
C CYS G 264 -10.55 -64.81 -6.49
N HIS G 265 -10.89 -66.00 -5.99
CA HIS G 265 -10.32 -67.24 -6.47
C HIS G 265 -11.38 -68.34 -6.45
N ASN G 266 -11.13 -69.39 -7.22
CA ASN G 266 -12.00 -70.55 -7.21
C ASN G 266 -11.24 -71.77 -7.73
N ARG G 267 -11.52 -72.92 -7.12
CA ARG G 267 -10.86 -74.17 -7.50
C ARG G 267 -11.55 -74.77 -8.71
N VAL G 268 -10.75 -75.22 -9.68
CA VAL G 268 -11.30 -75.85 -10.87
C VAL G 268 -11.22 -77.38 -10.73
N ASP G 269 -10.01 -77.91 -10.60
CA ASP G 269 -9.82 -79.36 -10.53
C ASP G 269 -9.93 -79.84 -9.10
N PRO G 270 -10.84 -80.75 -8.77
CA PRO G 270 -10.86 -81.31 -7.41
C PRO G 270 -9.52 -81.82 -6.92
N ASN G 271 -8.64 -82.31 -7.80
CA ASN G 271 -7.29 -82.66 -7.35
C ASN G 271 -6.52 -81.43 -6.88
N GLY G 272 -6.93 -80.24 -7.29
CA GLY G 272 -6.25 -79.02 -6.92
C GLY G 272 -5.17 -78.58 -7.87
N SER G 273 -5.11 -79.17 -9.07
CA SER G 273 -4.09 -78.79 -10.03
C SER G 273 -4.33 -77.39 -10.57
N ARG G 274 -5.58 -76.95 -10.66
CA ARG G 274 -5.91 -75.69 -11.32
C ARG G 274 -6.89 -74.86 -10.51
N TYR G 275 -6.65 -73.54 -10.47
CA TYR G 275 -7.52 -72.58 -9.80
C TYR G 275 -7.76 -71.39 -10.74
N LEU G 276 -8.86 -70.67 -10.53
CA LEU G 276 -9.13 -69.43 -11.24
C LEU G 276 -8.85 -68.23 -10.34
N LEU G 277 -8.37 -67.13 -10.95
CA LEU G 277 -8.12 -65.88 -10.24
C LEU G 277 -8.72 -64.71 -11.02
N GLY G 278 -9.31 -63.76 -10.29
CA GLY G 278 -9.83 -62.55 -10.90
C GLY G 278 -9.29 -61.32 -10.19
N ASP G 279 -9.18 -60.23 -10.96
CA ASP G 279 -8.60 -58.99 -10.45
C ASP G 279 -9.51 -57.81 -10.71
N MET G 280 -9.14 -56.66 -10.13
CA MET G 280 -10.00 -55.48 -10.15
C MET G 280 -10.17 -54.92 -11.56
N GLU G 281 -9.19 -55.14 -12.45
CA GLU G 281 -9.30 -54.69 -13.84
C GLU G 281 -10.14 -55.63 -14.69
N GLY G 282 -10.70 -56.69 -14.11
CA GLY G 282 -11.56 -57.62 -14.81
C GLY G 282 -10.85 -58.81 -15.43
N ARG G 283 -9.54 -58.92 -15.28
CA ARG G 283 -8.79 -60.01 -15.89
C ARG G 283 -9.02 -61.32 -15.15
N LEU G 284 -8.96 -62.42 -15.90
CA LEU G 284 -9.16 -63.76 -15.36
C LEU G 284 -7.90 -64.58 -15.61
N PHE G 285 -7.31 -65.11 -14.54
CA PHE G 285 -6.10 -65.89 -14.64
C PHE G 285 -6.37 -67.34 -14.30
N MET G 286 -5.46 -68.20 -14.73
CA MET G 286 -5.44 -69.61 -14.31
C MET G 286 -4.17 -69.83 -13.48
N LEU G 287 -4.35 -70.33 -12.27
CA LEU G 287 -3.24 -70.70 -11.40
C LEU G 287 -3.03 -72.20 -11.49
N LEU G 288 -1.84 -72.62 -11.91
CA LEU G 288 -1.53 -74.02 -12.17
C LEU G 288 -0.49 -74.52 -11.18
N LEU G 289 -0.76 -75.68 -10.58
CA LEU G 289 0.16 -76.35 -9.67
C LEU G 289 0.86 -77.46 -10.46
N GLU G 290 2.16 -77.31 -10.66
CA GLU G 290 2.88 -78.24 -11.52
C GLU G 290 3.15 -79.55 -10.81
N LYS G 291 2.58 -80.62 -11.34
CA LYS G 291 2.73 -81.95 -10.80
C LYS G 291 4.00 -82.57 -11.37
N GLU G 292 4.61 -83.46 -10.59
CA GLU G 292 5.72 -84.29 -11.04
C GLU G 292 5.39 -85.71 -10.60
N GLU G 293 5.29 -86.63 -11.56
CA GLU G 293 4.95 -88.00 -11.25
C GLU G 293 6.17 -88.75 -10.72
N GLN G 294 6.01 -89.35 -9.54
CA GLN G 294 7.07 -90.13 -8.91
C GLN G 294 6.87 -91.62 -9.21
N MET G 295 7.93 -92.39 -8.97
CA MET G 295 7.86 -93.83 -9.20
C MET G 295 6.93 -94.56 -8.24
N ASP G 296 6.73 -94.00 -7.05
CA ASP G 296 5.76 -94.54 -6.10
C ASP G 296 4.34 -94.50 -6.66
N GLY G 297 4.16 -93.82 -7.78
CA GLY G 297 2.87 -93.40 -8.26
C GLY G 297 2.41 -92.06 -7.75
N THR G 298 3.07 -91.51 -6.74
CA THR G 298 2.63 -90.27 -6.12
C THR G 298 3.13 -89.03 -6.85
N VAL G 299 2.37 -87.95 -6.70
CA VAL G 299 2.62 -86.67 -7.34
C VAL G 299 3.13 -85.68 -6.29
N THR G 300 4.20 -84.96 -6.62
CA THR G 300 4.74 -83.89 -5.78
C THR G 300 4.59 -82.55 -6.49
N LEU G 301 4.57 -81.47 -5.72
CA LEU G 301 4.41 -80.12 -6.27
C LEU G 301 5.77 -79.52 -6.64
N LYS G 302 5.98 -79.30 -7.94
CA LYS G 302 7.25 -78.80 -8.46
C LYS G 302 7.30 -77.27 -8.52
N ASP G 303 6.25 -76.64 -9.04
CA ASP G 303 6.25 -75.20 -9.22
C ASP G 303 4.82 -74.70 -9.44
N LEU G 304 4.67 -73.38 -9.41
CA LEU G 304 3.40 -72.73 -9.66
C LEU G 304 3.50 -71.86 -10.91
N ARG G 305 2.39 -71.77 -11.64
CA ARG G 305 2.35 -70.98 -12.86
C ARG G 305 1.06 -70.17 -12.90
N VAL G 306 1.14 -68.99 -13.49
CA VAL G 306 -0.01 -68.11 -13.67
C VAL G 306 -0.13 -67.79 -15.15
N GLU G 307 -1.32 -67.94 -15.70
CA GLU G 307 -1.59 -67.70 -17.11
C GLU G 307 -2.83 -66.84 -17.27
N LEU G 308 -2.72 -65.78 -18.07
CA LEU G 308 -3.86 -64.92 -18.33
C LEU G 308 -4.79 -65.59 -19.33
N LEU G 309 -6.07 -65.66 -19.00
CA LEU G 309 -7.06 -66.21 -19.90
C LEU G 309 -7.77 -65.14 -20.71
N GLY G 310 -8.13 -64.03 -20.08
CA GLY G 310 -8.88 -62.99 -20.77
C GLY G 310 -9.49 -62.02 -19.78
N GLU G 311 -10.65 -61.49 -20.16
CA GLU G 311 -11.36 -60.50 -19.37
C GLU G 311 -12.80 -60.94 -19.13
N THR G 312 -13.29 -60.70 -17.92
CA THR G 312 -14.68 -60.88 -17.54
C THR G 312 -15.17 -59.56 -16.97
N SER G 313 -16.46 -59.49 -16.62
CA SER G 313 -16.90 -58.35 -15.84
C SER G 313 -16.17 -58.40 -14.51
N ILE G 314 -15.85 -57.23 -13.96
CA ILE G 314 -15.11 -57.18 -12.70
C ILE G 314 -15.83 -58.09 -11.73
N ALA G 315 -15.13 -59.13 -11.28
CA ALA G 315 -15.78 -60.25 -10.60
C ALA G 315 -15.64 -60.09 -9.10
N GLU G 316 -16.77 -60.15 -8.39
CA GLU G 316 -16.74 -60.29 -6.95
C GLU G 316 -16.32 -61.71 -6.57
N CYS G 317 -16.86 -62.70 -7.28
CA CYS G 317 -16.59 -64.10 -7.02
C CYS G 317 -16.66 -64.89 -8.32
N LEU G 318 -15.81 -65.91 -8.41
CA LEU G 318 -15.85 -66.89 -9.48
C LEU G 318 -16.33 -68.23 -8.95
N THR G 319 -16.94 -69.03 -9.83
CA THR G 319 -17.22 -70.42 -9.51
C THR G 319 -17.26 -71.20 -10.82
N TYR G 320 -16.41 -72.22 -10.92
CA TYR G 320 -16.37 -73.06 -12.11
C TYR G 320 -17.47 -74.12 -12.09
N LEU G 321 -18.17 -74.25 -13.21
CA LEU G 321 -19.20 -75.25 -13.42
C LEU G 321 -18.62 -76.35 -14.31
N ASP G 322 -19.40 -77.40 -14.56
CA ASP G 322 -18.92 -78.48 -15.41
C ASP G 322 -18.74 -78.02 -16.86
N ASN G 323 -17.88 -78.74 -17.58
CA ASN G 323 -17.70 -78.57 -19.02
C ASN G 323 -17.19 -77.18 -19.41
N GLY G 324 -16.24 -76.64 -18.65
CA GLY G 324 -15.58 -75.42 -19.04
C GLY G 324 -16.37 -74.13 -18.88
N VAL G 325 -17.51 -74.16 -18.20
CA VAL G 325 -18.37 -73.00 -18.05
C VAL G 325 -18.09 -72.38 -16.68
N VAL G 326 -17.93 -71.05 -16.65
CA VAL G 326 -17.65 -70.34 -15.41
C VAL G 326 -18.73 -69.30 -15.17
N PHE G 327 -19.24 -69.25 -13.95
CA PHE G 327 -20.16 -68.19 -13.56
C PHE G 327 -19.34 -67.08 -12.89
N VAL G 328 -19.51 -65.87 -13.41
CA VAL G 328 -18.80 -64.69 -12.92
C VAL G 328 -19.82 -63.84 -12.19
N GLY G 329 -19.70 -63.78 -10.86
CA GLY G 329 -20.58 -62.99 -10.05
C GLY G 329 -20.02 -61.60 -9.83
N SER G 330 -20.69 -60.59 -10.36
CA SER G 330 -20.19 -59.22 -10.34
C SER G 330 -21.06 -58.35 -9.44
N ARG G 331 -20.41 -57.52 -8.62
CA ARG G 331 -21.11 -56.55 -7.80
C ARG G 331 -21.06 -55.16 -8.43
N LEU G 332 -20.07 -54.88 -9.28
CA LEU G 332 -19.94 -53.60 -9.95
C LEU G 332 -20.51 -53.57 -11.36
N GLY G 333 -20.58 -54.71 -12.04
CA GLY G 333 -21.10 -54.75 -13.40
C GLY G 333 -21.95 -55.96 -13.67
N ASP G 334 -22.29 -56.23 -14.93
CA ASP G 334 -23.16 -57.35 -15.22
C ASP G 334 -22.48 -58.66 -14.86
N SER G 335 -23.24 -59.57 -14.24
CA SER G 335 -22.77 -60.92 -14.02
C SER G 335 -22.96 -61.74 -15.30
N GLN G 336 -22.25 -62.85 -15.41
CA GLN G 336 -22.25 -63.57 -16.67
C GLN G 336 -21.90 -65.04 -16.48
N LEU G 337 -22.26 -65.83 -17.50
CA LEU G 337 -21.65 -67.13 -17.75
C LEU G 337 -20.67 -66.98 -18.92
N VAL G 338 -19.47 -67.55 -18.77
CA VAL G 338 -18.45 -67.47 -19.80
C VAL G 338 -17.97 -68.87 -20.15
N LYS G 339 -17.52 -69.01 -21.39
CA LYS G 339 -16.97 -70.26 -21.90
C LYS G 339 -15.45 -70.13 -21.86
N LEU G 340 -14.79 -71.08 -21.20
CA LEU G 340 -13.34 -71.15 -21.20
C LEU G 340 -12.94 -72.14 -22.27
N ASN G 341 -12.18 -71.67 -23.25
CA ASN G 341 -11.80 -72.49 -24.39
C ASN G 341 -10.34 -72.91 -24.31
N VAL G 342 -10.07 -74.08 -24.89
CA VAL G 342 -8.69 -74.52 -25.07
C VAL G 342 -8.05 -73.68 -26.17
N ASP G 343 -8.85 -73.21 -27.12
CA ASP G 343 -8.38 -72.41 -28.24
C ASP G 343 -8.55 -70.92 -27.96
N SER G 344 -7.51 -70.15 -28.29
CA SER G 344 -7.58 -68.70 -28.20
C SER G 344 -8.37 -68.14 -29.39
N ASN G 345 -8.99 -66.97 -29.18
CA ASN G 345 -9.74 -66.35 -30.26
C ASN G 345 -8.86 -65.39 -31.06
N GLU G 346 -9.48 -64.60 -31.94
CA GLU G 346 -8.74 -63.75 -32.86
C GLU G 346 -7.97 -62.64 -32.15
N GLN G 347 -8.34 -62.33 -30.90
CA GLN G 347 -7.65 -61.32 -30.10
C GLN G 347 -6.64 -61.92 -29.14
N GLY G 348 -6.53 -63.26 -29.09
CA GLY G 348 -5.67 -63.95 -28.15
C GLY G 348 -6.35 -64.44 -26.90
N SER G 349 -7.66 -64.27 -26.78
CA SER G 349 -8.39 -64.57 -25.55
C SER G 349 -8.97 -65.98 -25.57
N TYR G 350 -8.97 -66.63 -24.41
CA TYR G 350 -9.57 -67.94 -24.22
C TYR G 350 -10.97 -67.87 -23.62
N VAL G 351 -11.52 -66.66 -23.42
CA VAL G 351 -12.78 -66.46 -22.70
C VAL G 351 -13.81 -65.93 -23.68
N VAL G 352 -15.01 -66.53 -23.65
CA VAL G 352 -16.11 -66.13 -24.53
C VAL G 352 -17.41 -66.05 -23.73
N ALA G 353 -18.08 -64.91 -23.80
CA ALA G 353 -19.31 -64.72 -23.05
C ALA G 353 -20.42 -65.59 -23.61
N MET G 354 -21.14 -66.28 -22.73
CA MET G 354 -22.32 -67.05 -23.10
C MET G 354 -23.58 -66.24 -22.82
N GLU G 355 -23.80 -65.90 -21.56
CA GLU G 355 -24.97 -65.17 -21.12
C GLU G 355 -24.51 -63.97 -20.31
N THR G 356 -25.39 -62.96 -20.26
CA THR G 356 -25.15 -61.73 -19.52
C THR G 356 -26.36 -61.50 -18.64
N PHE G 357 -26.14 -61.42 -17.34
CA PHE G 357 -27.23 -61.21 -16.39
C PHE G 357 -27.21 -59.75 -15.98
N THR G 358 -28.32 -59.06 -16.21
CA THR G 358 -28.36 -57.65 -15.90
C THR G 358 -28.01 -57.44 -14.44
N ASN G 359 -27.09 -56.52 -14.19
CA ASN G 359 -26.78 -56.05 -12.85
C ASN G 359 -26.87 -54.54 -12.92
N LEU G 360 -27.85 -53.96 -12.24
CA LEU G 360 -27.91 -52.51 -12.18
C LEU G 360 -26.73 -51.93 -11.41
N GLY G 361 -25.83 -52.78 -10.91
CA GLY G 361 -24.58 -52.36 -10.32
C GLY G 361 -24.84 -51.33 -9.26
N PRO G 362 -23.78 -50.69 -8.75
CA PRO G 362 -24.01 -49.53 -7.88
C PRO G 362 -24.77 -48.46 -8.64
N ILE G 363 -25.91 -48.04 -8.09
CA ILE G 363 -26.70 -46.95 -8.63
C ILE G 363 -26.21 -45.70 -7.91
N VAL G 364 -25.29 -44.98 -8.54
CA VAL G 364 -24.67 -43.83 -7.89
C VAL G 364 -25.56 -42.59 -7.97
N ASP G 365 -26.39 -42.50 -9.02
CA ASP G 365 -27.32 -41.39 -9.19
C ASP G 365 -28.42 -41.86 -10.13
N MET G 366 -29.51 -41.10 -10.19
CA MET G 366 -30.58 -41.43 -11.12
C MET G 366 -31.54 -40.25 -11.22
N CYS G 367 -32.27 -40.21 -12.33
CA CYS G 367 -33.30 -39.20 -12.55
C CYS G 367 -34.46 -39.81 -13.32
N VAL G 368 -35.64 -39.23 -13.14
CA VAL G 368 -36.87 -39.68 -13.79
C VAL G 368 -37.24 -38.67 -14.87
N VAL G 369 -37.58 -39.17 -16.05
CA VAL G 369 -37.96 -38.33 -17.18
C VAL G 369 -39.04 -39.07 -17.96
N ASP G 370 -40.13 -38.36 -18.26
CA ASP G 370 -41.23 -38.91 -19.07
C ASP G 370 -40.90 -38.57 -20.52
N LEU G 371 -40.04 -39.40 -21.10
CA LEU G 371 -39.54 -39.15 -22.45
C LEU G 371 -40.65 -39.20 -23.48
N GLU G 372 -41.62 -40.08 -23.28
CA GLU G 372 -42.71 -40.28 -24.22
C GLU G 372 -43.93 -39.44 -23.88
N ARG G 373 -43.82 -38.57 -22.88
CA ARG G 373 -44.95 -37.76 -22.45
C ARG G 373 -46.18 -38.64 -22.29
N GLN G 374 -45.99 -39.83 -21.72
CA GLN G 374 -47.05 -40.80 -21.55
C GLN G 374 -47.56 -40.84 -20.12
N GLY G 375 -47.35 -39.76 -19.36
CA GLY G 375 -47.78 -39.74 -17.98
C GLY G 375 -47.11 -40.81 -17.14
N GLN G 376 -46.24 -41.61 -17.76
CA GLN G 376 -45.58 -42.71 -17.06
C GLN G 376 -44.30 -42.28 -16.37
N GLY G 377 -43.21 -42.17 -17.13
CA GLY G 377 -41.91 -41.89 -16.55
C GLY G 377 -40.90 -42.98 -16.82
N GLN G 378 -39.67 -42.58 -17.15
CA GLN G 378 -38.54 -43.47 -17.33
C GLN G 378 -37.47 -43.15 -16.30
N LEU G 379 -36.80 -44.18 -15.81
CA LEU G 379 -35.76 -44.04 -14.80
C LEU G 379 -34.41 -44.23 -15.49
N VAL G 380 -33.58 -43.18 -15.47
CA VAL G 380 -32.26 -43.19 -16.08
C VAL G 380 -31.22 -43.17 -14.97
N THR G 381 -30.43 -44.24 -14.88
CA THR G 381 -29.50 -44.41 -13.77
C THR G 381 -28.06 -44.26 -14.25
N CYS G 382 -27.21 -43.85 -13.31
CA CYS G 382 -25.76 -44.02 -13.44
C CYS G 382 -25.40 -45.33 -12.72
N SER G 383 -25.01 -46.35 -13.49
CA SER G 383 -24.81 -47.67 -12.91
C SER G 383 -23.42 -48.19 -13.21
N GLY G 384 -22.86 -48.90 -12.24
CA GLY G 384 -21.56 -49.52 -12.39
C GLY G 384 -20.42 -48.56 -12.15
N ALA G 385 -19.21 -49.09 -12.31
CA ALA G 385 -18.00 -48.32 -12.10
C ALA G 385 -16.90 -48.88 -13.01
N PHE G 386 -15.91 -48.03 -13.28
CA PHE G 386 -14.74 -48.39 -14.07
C PHE G 386 -15.23 -48.92 -15.42
N LYS G 387 -14.69 -50.03 -15.92
CA LYS G 387 -15.01 -50.48 -17.27
C LYS G 387 -16.46 -50.92 -17.42
N GLU G 388 -17.12 -51.26 -16.31
CA GLU G 388 -18.51 -51.70 -16.31
C GLU G 388 -19.49 -50.55 -16.27
N GLY G 389 -19.02 -49.31 -16.16
CA GLY G 389 -19.90 -48.17 -16.03
C GLY G 389 -20.93 -48.10 -17.14
N SER G 390 -22.11 -47.60 -16.83
CA SER G 390 -23.21 -47.62 -17.80
C SER G 390 -24.31 -46.69 -17.33
N LEU G 391 -25.13 -46.24 -18.28
CA LEU G 391 -26.45 -45.72 -18.00
C LEU G 391 -27.46 -46.83 -18.24
N ARG G 392 -28.53 -46.84 -17.43
CA ARG G 392 -29.61 -47.82 -17.61
C ARG G 392 -30.92 -47.06 -17.71
N ILE G 393 -31.73 -47.40 -18.71
CA ILE G 393 -33.05 -46.82 -18.91
C ILE G 393 -34.08 -47.86 -18.50
N ILE G 394 -34.96 -47.52 -17.54
CA ILE G 394 -35.85 -48.48 -16.91
C ILE G 394 -37.29 -47.99 -17.00
N ARG G 395 -38.17 -48.86 -17.52
CA ARG G 395 -39.59 -48.57 -17.68
C ARG G 395 -40.43 -49.79 -17.36
N ASN G 396 -41.67 -49.54 -16.94
CA ASN G 396 -42.64 -50.60 -16.73
C ASN G 396 -43.23 -51.11 -18.03
N GLY G 397 -43.31 -52.43 -18.17
CA GLY G 397 -43.89 -53.03 -19.36
C GLY G 397 -45.40 -53.09 -19.21
N ILE G 398 -46.11 -52.55 -20.20
CA ILE G 398 -47.55 -52.36 -20.12
C ILE G 398 -48.23 -53.01 -21.32
N LYS G 409 -43.07 -57.12 -15.42
CA LYS G 409 -41.62 -56.96 -15.32
C LYS G 409 -41.16 -55.62 -15.89
N LEU G 410 -39.89 -55.32 -15.65
CA LEU G 410 -39.26 -54.10 -16.13
C LEU G 410 -38.46 -54.30 -17.41
N HIS G 411 -38.60 -53.36 -18.35
CA HIS G 411 -37.76 -53.32 -19.54
C HIS G 411 -36.55 -52.43 -19.27
N ILE G 412 -35.36 -52.94 -19.52
CA ILE G 412 -34.12 -52.26 -19.13
C ILE G 412 -33.22 -52.16 -20.36
N ARG G 413 -32.95 -50.93 -20.79
CA ARG G 413 -31.99 -50.66 -21.86
C ARG G 413 -30.65 -50.26 -21.25
N THR G 414 -29.57 -50.79 -21.82
CA THR G 414 -28.22 -50.58 -21.29
C THR G 414 -27.40 -49.75 -22.27
N VAL G 415 -26.70 -48.75 -21.73
CA VAL G 415 -25.87 -47.84 -22.52
C VAL G 415 -24.45 -47.86 -21.97
N PRO G 416 -23.54 -48.67 -22.51
CA PRO G 416 -22.20 -48.78 -21.91
C PRO G 416 -21.38 -47.49 -22.04
N LEU G 417 -20.64 -47.19 -20.96
CA LEU G 417 -19.75 -46.03 -20.91
C LEU G 417 -18.28 -46.38 -20.75
N TYR G 418 -17.95 -47.54 -20.18
CA TYR G 418 -16.55 -47.96 -20.01
C TYR G 418 -15.76 -47.00 -19.13
N GLU G 419 -16.47 -46.18 -18.37
CA GLU G 419 -15.88 -45.35 -17.33
C GLU G 419 -16.97 -45.13 -16.28
N SER G 420 -16.56 -44.61 -15.13
CA SER G 420 -17.48 -44.51 -14.01
C SER G 420 -18.46 -43.36 -14.21
N PRO G 421 -19.77 -43.62 -14.25
CA PRO G 421 -20.73 -42.51 -14.22
C PRO G 421 -20.99 -42.11 -12.78
N ARG G 422 -21.10 -40.80 -12.56
CA ARG G 422 -21.13 -40.24 -11.21
C ARG G 422 -22.43 -39.49 -10.91
N LYS G 423 -22.87 -38.62 -11.82
CA LYS G 423 -24.11 -37.88 -11.65
C LYS G 423 -24.79 -37.76 -13.01
N ILE G 424 -26.12 -37.62 -12.99
CA ILE G 424 -26.89 -37.45 -14.22
C ILE G 424 -27.94 -36.37 -14.03
N CYS G 425 -28.20 -35.61 -15.09
CA CYS G 425 -29.21 -34.56 -15.08
C CYS G 425 -29.74 -34.41 -16.49
N TYR G 426 -31.06 -34.22 -16.60
CA TYR G 426 -31.74 -34.12 -17.88
C TYR G 426 -32.07 -32.68 -18.21
N GLN G 427 -31.83 -32.31 -19.46
CA GLN G 427 -32.11 -30.97 -19.96
C GLN G 427 -33.06 -31.09 -21.15
N GLU G 428 -34.34 -30.77 -20.92
CA GLU G 428 -35.32 -30.91 -21.99
C GLU G 428 -34.99 -29.98 -23.15
N VAL G 429 -34.59 -28.75 -22.85
CA VAL G 429 -34.34 -27.77 -23.90
C VAL G 429 -33.38 -28.31 -24.95
N SER G 430 -32.35 -29.04 -24.51
CA SER G 430 -31.37 -29.59 -25.43
C SER G 430 -31.64 -31.04 -25.77
N GLN G 431 -32.72 -31.61 -25.25
CA GLN G 431 -33.06 -33.00 -25.53
C GLN G 431 -31.85 -33.91 -25.31
N CYS G 432 -31.18 -33.70 -24.20
CA CYS G 432 -29.96 -34.44 -23.89
C CYS G 432 -29.86 -34.57 -22.38
N PHE G 433 -29.04 -35.52 -21.96
CA PHE G 433 -28.73 -35.73 -20.55
C PHE G 433 -27.33 -35.21 -20.30
N GLY G 434 -27.13 -34.57 -19.15
CA GLY G 434 -25.79 -34.26 -18.68
C GLY G 434 -25.36 -35.33 -17.71
N VAL G 435 -24.13 -35.83 -17.90
CA VAL G 435 -23.60 -36.88 -17.04
C VAL G 435 -22.17 -36.55 -16.68
N LEU G 436 -21.87 -36.55 -15.38
CA LEU G 436 -20.51 -36.46 -14.88
C LEU G 436 -19.91 -37.86 -14.84
N SER G 437 -18.63 -37.97 -15.21
CA SER G 437 -17.98 -39.27 -15.24
C SER G 437 -16.50 -39.11 -14.93
N SER G 438 -15.87 -40.21 -14.52
CA SER G 438 -14.43 -40.23 -14.29
C SER G 438 -13.86 -41.53 -14.82
N ARG G 439 -12.69 -41.42 -15.45
CA ARG G 439 -11.96 -42.56 -15.98
C ARG G 439 -10.57 -42.58 -15.38
N ILE G 440 -9.99 -43.78 -15.27
CA ILE G 440 -8.69 -43.96 -14.65
C ILE G 440 -7.62 -44.03 -15.73
N GLU G 441 -6.64 -43.15 -15.62
CA GLU G 441 -5.40 -43.20 -16.40
C GLU G 441 -4.25 -43.43 -15.42
N VAL G 442 -3.08 -43.79 -15.96
CA VAL G 442 -1.94 -44.14 -15.14
C VAL G 442 -0.75 -43.27 -15.53
N GLN G 443 -0.01 -42.83 -14.52
CA GLN G 443 1.19 -42.05 -14.75
C GLN G 443 2.15 -42.87 -15.59
N ASP G 444 2.60 -42.31 -16.70
CA ASP G 444 3.45 -43.05 -17.63
C ASP G 444 4.81 -42.40 -17.73
N THR G 445 5.69 -43.05 -18.51
CA THR G 445 7.08 -42.65 -18.63
C THR G 445 7.25 -41.32 -19.36
N SER G 446 6.21 -40.83 -20.04
CA SER G 446 6.30 -39.53 -20.69
C SER G 446 6.15 -38.38 -19.72
N GLY G 447 5.86 -38.66 -18.45
CA GLY G 447 5.48 -37.65 -17.50
C GLY G 447 3.99 -37.40 -17.48
N GLY G 448 3.31 -37.65 -18.59
CA GLY G 448 1.88 -37.53 -18.66
C GLY G 448 1.19 -38.78 -18.13
N THR G 449 0.00 -39.05 -18.66
CA THR G 449 -0.76 -40.21 -18.22
C THR G 449 -1.35 -40.89 -19.44
N THR G 450 -1.72 -42.16 -19.25
CA THR G 450 -2.25 -42.98 -20.34
C THR G 450 -3.49 -43.72 -19.85
N ALA G 451 -4.55 -43.67 -20.65
CA ALA G 451 -5.79 -44.34 -20.33
C ALA G 451 -5.66 -45.82 -20.66
N LEU G 452 -6.19 -46.66 -19.78
CA LEU G 452 -6.05 -48.10 -19.95
C LEU G 452 -6.90 -48.63 -21.09
N ARG G 453 -7.92 -47.90 -21.51
CA ARG G 453 -8.87 -48.31 -22.53
C ARG G 453 -9.63 -47.07 -22.99
N PRO G 454 -10.16 -47.04 -24.20
CA PRO G 454 -11.00 -45.91 -24.61
C PRO G 454 -12.34 -45.96 -23.90
N SER G 455 -12.94 -44.78 -23.71
CA SER G 455 -14.23 -44.72 -23.03
C SER G 455 -14.97 -43.45 -23.47
N ALA G 456 -16.14 -43.25 -22.87
CA ALA G 456 -17.09 -42.25 -23.37
C ALA G 456 -16.46 -40.87 -23.48
N SER G 457 -15.66 -40.47 -22.49
CA SER G 457 -15.12 -39.11 -22.49
C SER G 457 -14.05 -38.89 -23.54
N THR G 458 -13.53 -39.95 -24.14
CA THR G 458 -12.57 -39.87 -25.22
C THR G 458 -13.17 -40.22 -26.58
N GLN G 459 -14.30 -40.92 -26.58
CA GLN G 459 -15.01 -41.31 -27.80
C GLN G 459 -16.22 -40.43 -28.07
N ALA G 460 -16.24 -39.22 -27.53
CA ALA G 460 -17.31 -38.27 -27.83
C ALA G 460 -17.16 -37.78 -29.26
N LEU G 461 -18.28 -37.39 -29.87
CA LEU G 461 -18.20 -36.84 -31.23
C LEU G 461 -17.28 -35.63 -31.25
N SER G 462 -17.64 -34.60 -30.48
CA SER G 462 -16.81 -33.43 -30.22
C SER G 462 -16.42 -33.41 -28.76
N SER G 463 -15.28 -32.79 -28.45
CA SER G 463 -14.78 -32.77 -27.09
C SER G 463 -14.05 -31.46 -26.84
N SER G 464 -13.86 -31.17 -25.55
CA SER G 464 -13.19 -29.94 -25.14
C SER G 464 -12.52 -30.19 -23.80
N VAL G 465 -11.58 -29.30 -23.47
CA VAL G 465 -10.81 -29.40 -22.22
C VAL G 465 -10.80 -28.04 -21.55
N SER G 466 -11.04 -28.02 -20.25
CA SER G 466 -11.03 -26.77 -19.50
C SER G 466 -9.66 -26.12 -19.60
N SER G 467 -9.66 -24.83 -19.92
CA SER G 467 -8.44 -24.04 -19.97
C SER G 467 -8.36 -23.07 -18.81
N SER G 468 -9.08 -23.35 -17.74
CA SER G 468 -9.15 -22.42 -16.63
C SER G 468 -7.77 -22.16 -16.05
N LYS G 469 -7.45 -20.87 -15.90
CA LYS G 469 -6.27 -20.43 -15.19
C LYS G 469 -6.64 -19.96 -13.79
N LEU G 470 -7.92 -20.13 -13.42
CA LEU G 470 -8.42 -19.62 -12.14
C LEU G 470 -7.51 -20.10 -11.02
N PHE G 471 -7.21 -21.38 -11.00
CA PHE G 471 -6.20 -21.92 -10.10
C PHE G 471 -4.87 -21.74 -10.83
N SER G 472 -4.13 -20.71 -10.42
CA SER G 472 -2.83 -20.40 -11.00
C SER G 472 -1.88 -21.54 -10.66
N SER G 473 -0.58 -21.31 -10.84
CA SER G 473 0.35 -22.34 -10.39
C SER G 473 0.25 -22.48 -8.89
N SER G 474 -0.21 -21.42 -8.21
CA SER G 474 -0.38 -21.42 -6.76
C SER G 474 0.92 -21.85 -6.06
N THR G 475 1.98 -21.99 -6.84
CA THR G 475 3.29 -22.44 -6.35
C THR G 475 3.14 -23.65 -5.44
N ALA G 476 2.37 -24.63 -5.90
CA ALA G 476 2.15 -25.88 -5.17
C ALA G 476 2.26 -27.07 -6.10
N PRO G 477 3.46 -27.33 -6.64
CA PRO G 477 3.63 -28.50 -7.50
C PRO G 477 3.62 -29.77 -6.65
N HIS G 478 2.94 -30.80 -7.16
CA HIS G 478 2.85 -32.09 -6.49
C HIS G 478 3.60 -33.15 -7.30
N GLU G 479 4.45 -33.91 -6.62
CA GLU G 479 5.33 -34.85 -7.29
C GLU G 479 4.53 -36.08 -7.73
N THR G 480 4.79 -36.55 -8.94
CA THR G 480 4.08 -37.69 -9.52
C THR G 480 5.05 -38.84 -9.74
N SER G 481 4.58 -40.06 -9.49
CA SER G 481 5.38 -41.27 -9.65
C SER G 481 4.79 -42.21 -10.69
N PHE G 482 5.68 -42.82 -11.48
CA PHE G 482 5.25 -43.74 -12.53
C PHE G 482 4.46 -44.89 -11.92
N GLY G 483 3.34 -45.24 -12.55
CA GLY G 483 2.51 -46.34 -12.10
C GLY G 483 1.30 -45.92 -11.28
N GLU G 484 1.30 -44.69 -10.78
CA GLU G 484 0.18 -44.21 -9.97
C GLU G 484 -1.06 -44.01 -10.83
N GLU G 485 -2.22 -44.27 -10.25
CA GLU G 485 -3.50 -44.05 -10.91
C GLU G 485 -3.94 -42.60 -10.69
N VAL G 486 -4.71 -42.07 -11.63
CA VAL G 486 -5.36 -40.77 -11.46
C VAL G 486 -6.76 -40.85 -12.06
N GLU G 487 -7.67 -40.07 -11.51
CA GLU G 487 -9.01 -39.95 -12.07
C GLU G 487 -9.08 -38.71 -12.96
N VAL G 488 -9.68 -38.86 -14.13
CA VAL G 488 -9.94 -37.75 -15.03
C VAL G 488 -11.44 -37.59 -15.15
N HIS G 489 -11.94 -36.41 -14.80
CA HIS G 489 -13.36 -36.16 -14.69
C HIS G 489 -13.87 -35.39 -15.91
N ASN G 490 -15.08 -35.73 -16.34
CA ASN G 490 -15.66 -35.17 -17.54
C ASN G 490 -17.14 -34.91 -17.32
N LEU G 491 -17.67 -33.96 -18.08
CA LEU G 491 -19.11 -33.78 -18.25
C LEU G 491 -19.46 -34.29 -19.64
N LEU G 492 -20.34 -35.28 -19.70
CA LEU G 492 -20.76 -35.88 -20.96
C LEU G 492 -22.15 -35.39 -21.31
N ILE G 493 -22.32 -34.99 -22.56
CA ILE G 493 -23.63 -34.66 -23.12
C ILE G 493 -24.08 -35.82 -23.98
N ILE G 494 -25.27 -36.35 -23.69
CA ILE G 494 -25.76 -37.60 -24.26
C ILE G 494 -27.14 -37.39 -24.84
N ASP G 495 -27.30 -37.76 -26.11
CA ASP G 495 -28.59 -37.61 -26.80
C ASP G 495 -29.63 -38.51 -26.16
N GLN G 496 -30.84 -37.98 -26.00
CA GLN G 496 -31.87 -38.68 -25.23
C GLN G 496 -32.51 -39.82 -26.00
N HIS G 497 -32.27 -39.94 -27.31
CA HIS G 497 -32.85 -41.01 -28.11
C HIS G 497 -31.83 -42.10 -28.45
N THR G 498 -30.65 -41.71 -28.91
CA THR G 498 -29.60 -42.65 -29.27
C THR G 498 -28.60 -42.90 -28.16
N PHE G 499 -28.47 -41.95 -27.22
CA PHE G 499 -27.47 -42.02 -26.15
C PHE G 499 -26.07 -42.07 -26.72
N GLU G 500 -25.89 -41.40 -27.86
CA GLU G 500 -24.57 -41.09 -28.38
C GLU G 500 -23.95 -40.00 -27.51
N VAL G 501 -22.65 -40.11 -27.25
CA VAL G 501 -21.97 -39.08 -26.50
C VAL G 501 -21.76 -37.92 -27.48
N LEU G 502 -22.56 -36.87 -27.35
CA LEU G 502 -22.48 -35.78 -28.32
C LEU G 502 -21.28 -34.89 -28.03
N HIS G 503 -20.96 -34.68 -26.76
CA HIS G 503 -19.82 -33.86 -26.37
C HIS G 503 -19.28 -34.34 -25.04
N ALA G 504 -17.97 -34.25 -24.87
CA ALA G 504 -17.29 -34.56 -23.62
C ALA G 504 -16.41 -33.37 -23.26
N HIS G 505 -16.63 -32.81 -22.08
CA HIS G 505 -15.79 -31.75 -21.55
C HIS G 505 -14.97 -32.33 -20.41
N GLN G 506 -13.65 -32.20 -20.51
CA GLN G 506 -12.73 -32.70 -19.51
C GLN G 506 -12.34 -31.58 -18.56
N PHE G 507 -12.40 -31.86 -17.26
CA PHE G 507 -12.12 -30.86 -16.25
C PHE G 507 -10.61 -30.78 -15.98
N LEU G 508 -10.25 -29.86 -15.09
CA LEU G 508 -8.85 -29.58 -14.85
C LEU G 508 -8.12 -30.79 -14.29
N GLN G 509 -6.79 -30.79 -14.47
CA GLN G 509 -5.94 -31.81 -13.86
C GLN G 509 -6.18 -31.82 -12.36
N ASN G 510 -6.48 -33.00 -11.82
CA ASN G 510 -6.78 -33.22 -10.41
C ASN G 510 -8.09 -32.61 -9.94
N GLU G 511 -8.97 -32.21 -10.85
CA GLU G 511 -10.26 -31.65 -10.47
C GLU G 511 -11.34 -32.72 -10.54
N TYR G 512 -12.08 -32.89 -9.45
CA TYR G 512 -13.20 -33.81 -9.38
C TYR G 512 -14.52 -33.07 -9.59
N ALA G 513 -15.39 -33.65 -10.42
CA ALA G 513 -16.75 -33.16 -10.59
C ALA G 513 -17.64 -33.88 -9.60
N LEU G 514 -18.30 -33.12 -8.71
CA LEU G 514 -19.07 -33.69 -7.62
C LEU G 514 -20.56 -33.44 -7.74
N SER G 515 -20.98 -32.38 -8.44
CA SER G 515 -22.37 -31.98 -8.45
C SER G 515 -22.74 -31.42 -9.82
N LEU G 516 -23.99 -31.63 -10.20
CA LEU G 516 -24.47 -31.28 -11.54
C LEU G 516 -25.94 -30.91 -11.46
N VAL G 517 -26.31 -29.81 -12.13
CA VAL G 517 -27.71 -29.42 -12.28
C VAL G 517 -27.94 -28.90 -13.69
N SER G 518 -29.20 -28.94 -14.11
CA SER G 518 -29.67 -28.33 -15.35
C SER G 518 -30.81 -27.39 -14.98
N CYS G 519 -30.66 -26.11 -15.30
CA CYS G 519 -31.66 -25.15 -14.86
C CYS G 519 -31.46 -23.80 -15.54
N LYS G 520 -32.47 -22.94 -15.38
CA LYS G 520 -32.41 -21.51 -15.68
C LYS G 520 -32.22 -20.76 -14.37
N LEU G 521 -31.48 -19.63 -14.44
CA LEU G 521 -31.21 -18.83 -13.26
C LEU G 521 -31.57 -17.36 -13.52
N GLY G 522 -31.98 -16.68 -12.45
CA GLY G 522 -32.31 -15.26 -12.55
C GLY G 522 -33.38 -15.02 -13.60
N LYS G 523 -33.19 -13.98 -14.40
CA LYS G 523 -34.03 -13.73 -15.57
C LYS G 523 -33.36 -14.18 -16.86
N ASP G 524 -32.36 -15.04 -16.77
CA ASP G 524 -31.64 -15.50 -17.94
C ASP G 524 -32.41 -16.67 -18.56
N PRO G 525 -32.89 -16.53 -19.81
CA PRO G 525 -33.73 -17.59 -20.38
C PRO G 525 -32.96 -18.83 -20.80
N ASN G 526 -31.65 -18.74 -20.93
CA ASN G 526 -30.87 -19.88 -21.38
C ASN G 526 -30.84 -20.95 -20.28
N THR G 527 -30.92 -22.21 -20.69
CA THR G 527 -30.84 -23.33 -19.76
C THR G 527 -29.41 -23.83 -19.75
N TYR G 528 -28.80 -23.86 -18.57
CA TYR G 528 -27.38 -24.14 -18.43
C TYR G 528 -27.17 -25.48 -17.74
N PHE G 529 -26.01 -26.08 -17.99
CA PHE G 529 -25.46 -27.14 -17.18
C PHE G 529 -24.47 -26.51 -16.20
N ILE G 530 -24.67 -26.75 -14.91
CA ILE G 530 -23.81 -26.17 -13.88
C ILE G 530 -23.15 -27.31 -13.13
N VAL G 531 -21.83 -27.20 -12.93
CA VAL G 531 -21.05 -28.25 -12.29
C VAL G 531 -20.29 -27.67 -11.10
N GLY G 532 -20.30 -28.42 -10.00
CA GLY G 532 -19.51 -28.09 -8.83
C GLY G 532 -18.36 -29.08 -8.71
N THR G 533 -17.17 -28.56 -8.46
CA THR G 533 -15.95 -29.34 -8.52
C THR G 533 -15.14 -29.17 -7.25
N ALA G 534 -14.10 -29.99 -7.12
CA ALA G 534 -13.17 -29.93 -5.99
C ALA G 534 -11.77 -30.24 -6.48
N MET G 535 -10.79 -29.46 -6.04
CA MET G 535 -9.39 -29.73 -6.35
C MET G 535 -8.89 -30.76 -5.33
N VAL G 536 -8.57 -31.96 -5.82
CA VAL G 536 -8.27 -33.12 -5.00
C VAL G 536 -6.80 -33.46 -5.09
N TYR G 537 -6.11 -33.36 -3.95
CA TYR G 537 -4.73 -33.81 -3.79
C TYR G 537 -4.66 -34.77 -2.62
N PRO G 538 -3.87 -35.84 -2.70
CA PRO G 538 -3.81 -36.78 -1.57
C PRO G 538 -3.30 -36.14 -0.30
N GLU G 539 -2.68 -34.96 -0.38
CA GLU G 539 -2.10 -34.35 0.80
C GLU G 539 -3.17 -33.68 1.65
N GLU G 540 -4.24 -33.19 1.03
CA GLU G 540 -5.28 -32.48 1.75
C GLU G 540 -6.26 -33.47 2.36
N ALA G 541 -6.46 -33.36 3.68
CA ALA G 541 -7.50 -34.16 4.31
C ALA G 541 -8.87 -33.77 3.79
N GLU G 542 -9.07 -32.48 3.50
CA GLU G 542 -10.31 -31.97 3.02
C GLU G 542 -9.91 -31.00 1.90
N PRO G 543 -10.54 -31.08 0.72
CA PRO G 543 -10.18 -30.14 -0.35
C PRO G 543 -10.37 -28.70 0.10
N LYS G 544 -9.46 -27.83 -0.35
CA LYS G 544 -9.51 -26.43 0.02
C LYS G 544 -9.76 -25.51 -1.17
N GLN G 545 -9.89 -26.06 -2.38
CA GLN G 545 -10.15 -25.27 -3.58
C GLN G 545 -11.25 -25.94 -4.37
N GLY G 546 -12.02 -25.15 -5.10
CA GLY G 546 -13.08 -25.73 -5.91
C GLY G 546 -13.69 -24.70 -6.83
N ARG G 547 -14.54 -25.19 -7.72
CA ARG G 547 -15.18 -24.34 -8.71
C ARG G 547 -16.66 -24.65 -8.82
N ILE G 548 -17.42 -23.62 -9.19
CA ILE G 548 -18.74 -23.78 -9.78
C ILE G 548 -18.64 -23.24 -11.20
N VAL G 549 -18.97 -24.07 -12.18
CA VAL G 549 -18.83 -23.73 -13.60
C VAL G 549 -20.21 -23.81 -14.25
N VAL G 550 -20.52 -22.81 -15.07
CA VAL G 550 -21.79 -22.73 -15.79
C VAL G 550 -21.52 -23.01 -17.27
N PHE G 551 -22.18 -24.02 -17.81
CA PHE G 551 -22.02 -24.44 -19.19
C PHE G 551 -23.32 -24.23 -19.95
N GLN G 552 -23.21 -23.90 -21.24
CA GLN G 552 -24.36 -23.89 -22.15
C GLN G 552 -24.08 -24.83 -23.32
N TYR G 553 -25.02 -25.70 -23.62
CA TYR G 553 -24.93 -26.58 -24.78
C TYR G 553 -25.61 -25.92 -25.97
N SER G 554 -24.82 -25.57 -26.98
CA SER G 554 -25.34 -24.93 -28.18
C SER G 554 -24.62 -25.48 -29.41
N ASP G 555 -25.39 -25.88 -30.42
CA ASP G 555 -24.88 -26.36 -31.70
C ASP G 555 -23.86 -27.48 -31.49
N GLY G 556 -24.24 -28.47 -30.69
CA GLY G 556 -23.42 -29.65 -30.50
C GLY G 556 -22.17 -29.46 -29.68
N LYS G 557 -21.95 -28.28 -29.10
CA LYS G 557 -20.75 -27.98 -28.33
C LYS G 557 -21.12 -27.28 -27.03
N LEU G 558 -20.28 -27.49 -26.01
CA LEU G 558 -20.48 -26.96 -24.67
C LEU G 558 -19.66 -25.68 -24.48
N GLN G 559 -20.33 -24.60 -24.13
CA GLN G 559 -19.71 -23.29 -23.95
C GLN G 559 -19.64 -22.94 -22.47
N THR G 560 -18.44 -22.55 -22.03
CA THR G 560 -18.24 -22.09 -20.65
C THR G 560 -18.73 -20.65 -20.50
N VAL G 561 -19.77 -20.48 -19.70
CA VAL G 561 -20.43 -19.18 -19.57
C VAL G 561 -19.86 -18.37 -18.42
N ALA G 562 -19.58 -19.02 -17.31
CA ALA G 562 -19.14 -18.31 -16.11
C ALA G 562 -18.47 -19.31 -15.18
N GLU G 563 -17.56 -18.79 -14.37
CA GLU G 563 -16.79 -19.60 -13.45
C GLU G 563 -16.72 -18.89 -12.12
N LYS G 564 -16.94 -19.64 -11.05
CA LYS G 564 -16.88 -19.09 -9.70
C LYS G 564 -15.93 -19.93 -8.86
N GLU G 565 -14.97 -19.27 -8.23
CA GLU G 565 -14.03 -19.95 -7.34
C GLU G 565 -14.62 -20.11 -5.94
N VAL G 566 -14.36 -21.26 -5.32
CA VAL G 566 -14.76 -21.51 -3.95
C VAL G 566 -13.60 -22.16 -3.20
N LYS G 567 -13.65 -22.09 -1.88
CA LYS G 567 -12.56 -22.56 -1.02
C LYS G 567 -12.84 -23.93 -0.44
N GLY G 568 -13.26 -24.87 -1.27
CA GLY G 568 -13.63 -26.19 -0.79
C GLY G 568 -14.32 -26.97 -1.89
N ALA G 569 -14.91 -28.09 -1.49
CA ALA G 569 -15.58 -28.98 -2.42
C ALA G 569 -17.04 -28.60 -2.54
N VAL G 570 -17.53 -28.49 -3.77
CA VAL G 570 -18.95 -28.18 -4.01
C VAL G 570 -19.67 -29.52 -4.06
N TYR G 571 -19.98 -30.05 -2.88
CA TYR G 571 -20.53 -31.40 -2.79
C TYR G 571 -21.95 -31.49 -3.37
N SER G 572 -22.73 -30.41 -3.31
CA SER G 572 -24.12 -30.49 -3.75
C SER G 572 -24.63 -29.12 -4.20
N MET G 573 -25.46 -29.13 -5.25
CA MET G 573 -26.10 -27.94 -5.80
C MET G 573 -27.55 -28.26 -6.10
N VAL G 574 -28.39 -27.21 -6.14
CA VAL G 574 -29.81 -27.38 -6.46
C VAL G 574 -30.38 -26.03 -6.89
N GLU G 575 -31.31 -26.06 -7.85
CA GLU G 575 -31.97 -24.83 -8.27
C GLU G 575 -32.90 -24.37 -7.15
N PHE G 576 -32.88 -23.08 -6.88
CA PHE G 576 -33.62 -22.55 -5.73
C PHE G 576 -34.22 -21.19 -6.12
N ASN G 577 -35.46 -21.22 -6.60
CA ASN G 577 -36.21 -20.03 -6.97
C ASN G 577 -35.35 -19.07 -7.79
N GLY G 578 -34.83 -19.58 -8.91
CA GLY G 578 -34.00 -18.77 -9.77
C GLY G 578 -32.64 -18.44 -9.23
N LYS G 579 -32.29 -18.92 -8.04
CA LYS G 579 -30.97 -18.76 -7.47
C LYS G 579 -30.31 -20.13 -7.34
N LEU G 580 -28.98 -20.13 -7.23
CA LEU G 580 -28.21 -21.36 -7.14
C LEU G 580 -27.80 -21.62 -5.70
N LEU G 581 -28.29 -22.71 -5.13
CA LEU G 581 -27.97 -23.12 -3.77
C LEU G 581 -26.89 -24.19 -3.85
N ALA G 582 -25.73 -23.91 -3.25
CA ALA G 582 -24.59 -24.81 -3.29
C ALA G 582 -24.02 -25.00 -1.89
N SER G 583 -23.43 -26.17 -1.67
CA SER G 583 -22.78 -26.51 -0.41
C SER G 583 -21.29 -26.64 -0.68
N ILE G 584 -20.49 -25.85 0.07
CA ILE G 584 -19.03 -25.87 -0.05
C ILE G 584 -18.48 -26.27 1.33
N ASN G 585 -18.00 -27.51 1.44
CA ASN G 585 -17.48 -28.05 2.69
C ASN G 585 -18.50 -27.91 3.82
N SER G 586 -18.20 -27.12 4.86
CA SER G 586 -19.14 -26.89 5.94
C SER G 586 -20.22 -25.88 5.56
N THR G 587 -19.93 -25.01 4.58
CA THR G 587 -20.80 -23.91 4.23
C THR G 587 -21.96 -24.35 3.32
N VAL G 588 -23.12 -23.75 3.55
CA VAL G 588 -24.27 -23.82 2.63
C VAL G 588 -24.52 -22.40 2.14
N ARG G 589 -24.36 -22.19 0.83
CA ARG G 589 -24.37 -20.87 0.23
C ARG G 589 -25.48 -20.75 -0.81
N LEU G 590 -26.02 -19.53 -0.93
CA LEU G 590 -27.02 -19.20 -1.94
C LEU G 590 -26.44 -18.14 -2.87
N TYR G 591 -26.36 -18.46 -4.16
CA TYR G 591 -25.83 -17.57 -5.18
C TYR G 591 -26.97 -16.98 -6.00
N GLU G 592 -26.80 -15.75 -6.44
CA GLU G 592 -27.70 -15.08 -7.38
C GLU G 592 -27.03 -15.01 -8.75
N TRP G 593 -27.85 -15.05 -9.80
CA TRP G 593 -27.37 -15.00 -11.18
C TRP G 593 -27.59 -13.59 -11.70
N THR G 594 -26.50 -12.85 -11.87
CA THR G 594 -26.63 -11.44 -12.18
C THR G 594 -26.96 -11.21 -13.65
N THR G 595 -27.26 -9.95 -13.96
CA THR G 595 -27.44 -9.50 -15.32
C THR G 595 -26.13 -9.53 -16.09
N GLU G 596 -25.00 -9.72 -15.40
CA GLU G 596 -23.68 -9.85 -16.01
C GLU G 596 -23.29 -11.29 -16.27
N LYS G 597 -24.23 -12.23 -16.15
CA LYS G 597 -23.94 -13.66 -16.35
C LYS G 597 -22.79 -14.11 -15.45
N GLU G 598 -22.88 -13.76 -14.17
CA GLU G 598 -21.94 -14.25 -13.16
C GLU G 598 -22.67 -14.44 -11.84
N LEU G 599 -22.14 -15.34 -11.02
CA LEU G 599 -22.75 -15.70 -9.76
C LEU G 599 -22.30 -14.76 -8.65
N ARG G 600 -23.27 -14.32 -7.84
CA ARG G 600 -23.01 -13.41 -6.73
C ARG G 600 -23.61 -13.99 -5.45
N THR G 601 -22.78 -14.07 -4.41
CA THR G 601 -23.21 -14.66 -3.15
C THR G 601 -24.22 -13.74 -2.47
N GLU G 602 -25.31 -14.33 -1.98
CA GLU G 602 -26.31 -13.59 -1.22
C GLU G 602 -26.18 -13.85 0.28
N CYS G 603 -26.24 -15.13 0.69
CA CYS G 603 -26.18 -15.46 2.11
C CYS G 603 -25.58 -16.84 2.32
N ASN G 604 -25.12 -17.08 3.55
CA ASN G 604 -24.42 -18.30 3.93
C ASN G 604 -24.97 -18.89 5.22
N HIS G 605 -24.74 -20.20 5.39
CA HIS G 605 -24.96 -20.94 6.62
C HIS G 605 -23.76 -21.84 6.85
N TYR G 606 -23.20 -21.81 8.07
CA TYR G 606 -21.96 -22.53 8.33
C TYR G 606 -22.06 -23.67 9.33
N ASN G 607 -23.19 -23.84 10.01
CA ASN G 607 -23.26 -24.79 11.11
C ASN G 607 -23.43 -26.22 10.59
N ASN G 608 -22.35 -26.72 9.98
CA ASN G 608 -22.33 -28.08 9.50
C ASN G 608 -20.90 -28.59 9.68
N ILE G 609 -20.77 -29.91 9.82
CA ILE G 609 -19.43 -30.49 9.75
C ILE G 609 -19.03 -30.67 8.30
N MET G 610 -19.88 -31.34 7.52
CA MET G 610 -19.71 -31.44 6.08
C MET G 610 -21.10 -31.53 5.45
N ALA G 611 -21.46 -30.53 4.64
CA ALA G 611 -22.80 -30.42 4.05
C ALA G 611 -22.87 -31.23 2.76
N LEU G 612 -23.18 -32.52 2.88
CA LEU G 612 -23.04 -33.43 1.75
C LEU G 612 -24.22 -33.42 0.80
N TYR G 613 -25.44 -33.24 1.30
CA TYR G 613 -26.64 -33.43 0.51
C TYR G 613 -27.61 -32.29 0.73
N LEU G 614 -28.24 -31.84 -0.37
CA LEU G 614 -29.20 -30.75 -0.33
C LEU G 614 -30.48 -31.14 -1.04
N LYS G 615 -31.60 -30.72 -0.47
CA LYS G 615 -32.90 -30.80 -1.11
C LYS G 615 -33.69 -29.55 -0.70
N THR G 616 -34.63 -29.13 -1.54
CA THR G 616 -35.41 -27.93 -1.26
C THR G 616 -36.88 -28.18 -1.57
N LYS G 617 -37.73 -27.33 -0.99
CA LYS G 617 -39.17 -27.30 -1.28
C LYS G 617 -39.65 -25.92 -0.87
N GLY G 618 -40.04 -25.11 -1.85
CA GLY G 618 -40.36 -23.73 -1.54
C GLY G 618 -39.12 -23.02 -1.06
N ASP G 619 -39.24 -22.26 0.02
CA ASP G 619 -38.09 -21.62 0.65
C ASP G 619 -37.46 -22.47 1.74
N PHE G 620 -37.84 -23.75 1.84
CA PHE G 620 -37.27 -24.65 2.83
C PHE G 620 -36.09 -25.41 2.21
N ILE G 621 -35.07 -25.68 3.02
CA ILE G 621 -33.88 -26.40 2.59
C ILE G 621 -33.62 -27.52 3.58
N LEU G 622 -33.38 -28.73 3.08
CA LEU G 622 -33.00 -29.85 3.91
C LEU G 622 -31.53 -30.14 3.66
N VAL G 623 -30.72 -30.09 4.72
CA VAL G 623 -29.28 -30.26 4.62
C VAL G 623 -28.90 -31.57 5.28
N GLY G 624 -28.18 -32.41 4.55
CA GLY G 624 -27.68 -33.67 5.08
C GLY G 624 -26.20 -33.56 5.38
N ASP G 625 -25.82 -33.94 6.59
CA ASP G 625 -24.46 -33.79 7.07
C ASP G 625 -23.78 -35.14 7.15
N LEU G 626 -22.45 -35.11 7.16
CA LEU G 626 -21.69 -36.36 7.21
C LEU G 626 -21.96 -37.12 8.50
N MET G 627 -21.98 -36.42 9.64
CA MET G 627 -22.18 -37.10 10.91
C MET G 627 -23.32 -36.53 11.75
N ARG G 628 -23.88 -35.38 11.37
CA ARG G 628 -24.86 -34.70 12.21
C ARG G 628 -26.28 -34.87 11.68
N SER G 629 -26.55 -35.98 11.00
CA SER G 629 -27.90 -36.35 10.56
C SER G 629 -28.40 -35.23 9.65
N VAL G 630 -29.59 -34.68 9.88
CA VAL G 630 -30.23 -33.76 8.96
C VAL G 630 -30.65 -32.48 9.68
N LEU G 631 -30.57 -31.36 8.96
CA LEU G 631 -30.94 -30.05 9.46
C LEU G 631 -31.91 -29.38 8.51
N LEU G 632 -32.97 -28.76 9.05
CA LEU G 632 -33.94 -28.00 8.27
C LEU G 632 -33.59 -26.51 8.31
N LEU G 633 -33.22 -25.96 7.16
CA LEU G 633 -33.02 -24.53 6.99
C LEU G 633 -34.25 -23.88 6.38
N ALA G 634 -34.32 -22.55 6.51
CA ALA G 634 -35.32 -21.76 5.81
C ALA G 634 -34.68 -20.49 5.27
N TYR G 635 -35.00 -20.18 4.01
CA TYR G 635 -34.64 -18.90 3.42
C TYR G 635 -35.71 -17.90 3.82
N LYS G 636 -35.30 -16.77 4.39
CA LYS G 636 -36.26 -15.73 4.75
C LYS G 636 -36.11 -14.57 3.78
N PRO G 637 -36.97 -14.49 2.75
CA PRO G 637 -36.76 -13.47 1.71
C PRO G 637 -36.80 -12.08 2.29
N MET G 638 -37.52 -11.90 3.39
CA MET G 638 -37.66 -10.59 3.99
C MET G 638 -36.33 -10.02 4.43
N GLU G 639 -35.37 -10.88 4.76
CA GLU G 639 -34.09 -10.44 5.30
C GLU G 639 -32.90 -10.68 4.39
N GLY G 640 -32.98 -11.65 3.48
CA GLY G 640 -31.85 -11.98 2.63
C GLY G 640 -30.84 -12.83 3.36
N ASN G 641 -31.32 -13.89 4.00
CA ASN G 641 -30.49 -14.74 4.85
C ASN G 641 -31.17 -16.09 5.04
N PHE G 642 -30.51 -16.95 5.82
CA PHE G 642 -31.05 -18.25 6.25
C PHE G 642 -31.52 -18.17 7.70
N GLU G 643 -32.38 -19.11 8.08
CA GLU G 643 -32.76 -19.33 9.47
C GLU G 643 -32.74 -20.82 9.76
N GLU G 644 -32.15 -21.20 10.88
CA GLU G 644 -32.21 -22.59 11.34
C GLU G 644 -33.59 -22.84 11.94
N ILE G 645 -34.31 -23.80 11.37
CA ILE G 645 -35.65 -24.10 11.85
C ILE G 645 -35.62 -25.21 12.89
N ALA G 646 -35.04 -26.36 12.51
CA ALA G 646 -35.05 -27.53 13.38
C ALA G 646 -33.93 -28.46 12.95
N ARG G 647 -33.30 -29.12 13.92
CA ARG G 647 -32.21 -30.05 13.65
C ARG G 647 -32.54 -31.38 14.32
N ASP G 648 -32.11 -32.47 13.67
CA ASP G 648 -32.17 -33.81 14.26
C ASP G 648 -30.87 -34.03 15.02
N PHE G 649 -30.93 -33.97 16.36
CA PHE G 649 -29.69 -33.98 17.12
C PHE G 649 -29.06 -35.38 17.19
N ASN G 650 -29.84 -36.45 17.02
CA ASN G 650 -29.27 -37.79 17.03
C ASN G 650 -28.19 -37.89 15.95
N PRO G 651 -27.00 -38.42 16.26
CA PRO G 651 -25.93 -38.44 15.26
C PRO G 651 -26.09 -39.62 14.31
N ASN G 652 -26.33 -39.32 13.03
CA ASN G 652 -26.48 -40.33 11.99
C ASN G 652 -25.56 -39.94 10.83
N TRP G 653 -24.78 -40.88 10.33
CA TRP G 653 -24.00 -40.63 9.13
C TRP G 653 -24.88 -40.82 7.91
N MET G 654 -25.05 -39.77 7.11
CA MET G 654 -26.04 -39.74 6.05
C MET G 654 -25.45 -40.23 4.73
N SER G 655 -26.26 -40.96 3.97
CA SER G 655 -25.93 -41.38 2.62
C SER G 655 -26.78 -40.72 1.55
N ALA G 656 -27.95 -40.21 1.92
CA ALA G 656 -28.85 -39.49 1.03
C ALA G 656 -30.05 -38.99 1.83
N VAL G 657 -30.66 -37.89 1.40
CA VAL G 657 -31.83 -37.32 2.07
C VAL G 657 -32.89 -37.02 1.02
N GLU G 658 -34.10 -36.77 1.51
CA GLU G 658 -35.20 -36.36 0.65
C GLU G 658 -36.29 -35.73 1.50
N ILE G 659 -37.04 -34.82 0.89
CA ILE G 659 -38.17 -34.16 1.52
C ILE G 659 -39.44 -34.88 1.09
N LEU G 660 -40.25 -35.31 2.06
CA LEU G 660 -41.53 -35.93 1.76
C LEU G 660 -42.66 -34.90 1.66
N ASP G 661 -42.73 -34.00 2.64
CA ASP G 661 -43.68 -32.90 2.62
C ASP G 661 -43.16 -31.84 3.59
N ASP G 662 -43.94 -30.78 3.76
CA ASP G 662 -43.44 -29.62 4.50
C ASP G 662 -43.06 -29.96 5.94
N ASP G 663 -43.49 -31.11 6.47
CA ASP G 663 -43.20 -31.48 7.85
C ASP G 663 -42.41 -32.76 8.00
N ASN G 664 -42.46 -33.68 7.03
CA ASN G 664 -41.79 -34.98 7.13
C ASN G 664 -40.53 -35.00 6.27
N PHE G 665 -39.46 -35.59 6.81
CA PHE G 665 -38.18 -35.69 6.13
C PHE G 665 -37.63 -37.10 6.24
N LEU G 666 -37.14 -37.62 5.13
CA LEU G 666 -36.67 -39.00 5.02
C LEU G 666 -35.15 -39.04 4.90
N GLY G 667 -34.54 -40.01 5.57
CA GLY G 667 -33.09 -40.14 5.53
C GLY G 667 -32.63 -41.58 5.42
N ALA G 668 -31.42 -41.74 4.88
CA ALA G 668 -30.75 -43.02 4.75
C ALA G 668 -29.32 -42.88 5.25
N GLU G 669 -28.91 -43.78 6.13
CA GLU G 669 -27.61 -43.73 6.80
C GLU G 669 -26.70 -44.89 6.37
N ASN G 670 -25.42 -44.72 6.71
CA ASN G 670 -24.42 -45.73 6.38
C ASN G 670 -24.65 -47.08 7.05
N ALA G 671 -25.60 -47.18 7.98
CA ALA G 671 -25.92 -48.45 8.63
C ALA G 671 -27.02 -49.23 7.92
N PHE G 672 -27.43 -48.77 6.74
CA PHE G 672 -28.52 -49.38 5.97
C PHE G 672 -29.88 -49.12 6.60
N ASN G 673 -30.08 -47.97 7.25
CA ASN G 673 -31.35 -47.67 7.90
C ASN G 673 -32.02 -46.48 7.23
N LEU G 674 -33.34 -46.45 7.31
CA LEU G 674 -34.16 -45.34 6.84
C LEU G 674 -34.81 -44.72 8.07
N PHE G 675 -34.82 -43.40 8.15
CA PHE G 675 -35.49 -42.73 9.25
C PHE G 675 -36.23 -41.50 8.74
N VAL G 676 -37.24 -41.08 9.52
CA VAL G 676 -38.10 -39.95 9.19
C VAL G 676 -38.11 -38.99 10.37
N CYS G 677 -37.83 -37.72 10.10
CA CYS G 677 -37.86 -36.67 11.10
C CYS G 677 -39.05 -35.75 10.82
N GLN G 678 -39.61 -35.17 11.89
CA GLN G 678 -40.76 -34.28 11.78
C GLN G 678 -40.61 -33.13 12.76
N LYS G 679 -41.12 -31.95 12.37
CA LYS G 679 -41.28 -30.86 13.31
C LYS G 679 -42.37 -31.24 14.31
N ASP G 680 -42.16 -30.99 15.60
CA ASP G 680 -43.16 -31.40 16.60
C ASP G 680 -44.31 -30.38 16.65
N SER G 681 -44.99 -30.24 15.52
CA SER G 681 -46.21 -29.44 15.40
C SER G 681 -46.05 -27.99 15.86
N ALA G 682 -44.87 -27.42 15.67
CA ALA G 682 -44.60 -26.00 15.94
C ALA G 682 -45.19 -25.56 17.28
N ALA G 683 -44.84 -26.28 18.35
CA ALA G 683 -45.37 -25.99 19.66
C ALA G 683 -44.89 -24.61 20.15
N THR G 684 -45.49 -24.16 21.26
CA THR G 684 -45.23 -22.85 21.85
C THR G 684 -43.83 -22.70 22.44
N THR G 685 -42.98 -23.72 22.38
CA THR G 685 -41.64 -23.63 22.95
C THR G 685 -40.64 -23.57 21.80
N ASP G 686 -39.74 -22.58 21.86
CA ASP G 686 -38.75 -22.42 20.80
C ASP G 686 -37.77 -23.59 20.80
N GLU G 687 -37.56 -24.21 21.96
CA GLU G 687 -36.73 -25.40 22.02
C GLU G 687 -37.41 -26.58 21.35
N GLU G 688 -38.74 -26.71 21.51
CA GLU G 688 -39.41 -27.81 20.84
C GLU G 688 -39.42 -27.61 19.33
N ARG G 689 -39.66 -26.37 18.87
CA ARG G 689 -39.72 -26.12 17.43
C ARG G 689 -38.38 -26.46 16.77
N GLN G 690 -37.27 -26.10 17.42
CA GLN G 690 -35.93 -26.32 16.89
C GLN G 690 -35.50 -27.77 16.95
N HIS G 691 -36.37 -28.64 17.46
CA HIS G 691 -36.12 -30.08 17.58
C HIS G 691 -36.83 -30.85 16.48
N LEU G 692 -36.05 -31.54 15.63
CA LEU G 692 -36.60 -32.51 14.70
C LEU G 692 -36.73 -33.86 15.40
N GLN G 693 -37.95 -34.38 15.44
CA GLN G 693 -38.24 -35.64 16.13
C GLN G 693 -38.26 -36.79 15.12
N GLU G 694 -37.45 -37.81 15.40
CA GLU G 694 -37.45 -39.01 14.58
C GLU G 694 -38.72 -39.82 14.84
N VAL G 695 -39.65 -39.77 13.88
CA VAL G 695 -40.92 -40.47 14.03
C VAL G 695 -40.96 -41.78 13.25
N GLY G 696 -40.01 -42.01 12.34
CA GLY G 696 -39.95 -43.25 11.60
C GLY G 696 -38.59 -43.91 11.60
N LEU G 697 -38.55 -45.21 11.89
CA LEU G 697 -37.31 -45.98 11.90
C LEU G 697 -37.53 -47.30 11.19
N PHE G 698 -36.60 -47.68 10.33
CA PHE G 698 -36.76 -48.90 9.54
C PHE G 698 -35.40 -49.35 9.02
N HIS G 699 -35.04 -50.59 9.31
CA HIS G 699 -33.82 -51.16 8.76
C HIS G 699 -34.10 -51.63 7.33
N LEU G 700 -33.53 -50.92 6.36
CA LEU G 700 -33.75 -51.29 4.96
C LEU G 700 -32.95 -52.50 4.56
N GLY G 701 -31.69 -52.57 4.98
CA GLY G 701 -30.80 -53.62 4.53
C GLY G 701 -30.03 -53.29 3.26
N GLU G 702 -30.27 -52.12 2.67
CA GLU G 702 -29.56 -51.67 1.48
C GLU G 702 -28.94 -50.30 1.76
N PHE G 703 -27.99 -49.94 0.90
CA PHE G 703 -27.26 -48.69 1.00
C PHE G 703 -27.81 -47.72 -0.04
N VAL G 704 -28.50 -46.68 0.41
CA VAL G 704 -29.21 -45.76 -0.47
C VAL G 704 -28.28 -44.65 -0.92
N ASN G 705 -28.04 -44.55 -2.23
CA ASN G 705 -27.23 -43.45 -2.75
C ASN G 705 -28.05 -42.25 -3.20
N VAL G 706 -29.30 -42.45 -3.65
CA VAL G 706 -30.06 -41.38 -4.29
C VAL G 706 -31.55 -41.55 -4.00
N PHE G 707 -32.18 -40.46 -3.53
CA PHE G 707 -33.62 -40.35 -3.42
C PHE G 707 -34.17 -39.49 -4.55
N CYS G 708 -35.34 -39.84 -5.07
CA CYS G 708 -35.86 -39.18 -6.28
C CYS G 708 -37.38 -39.26 -6.34
N HIS G 709 -38.02 -38.09 -6.41
CA HIS G 709 -39.48 -38.02 -6.56
C HIS G 709 -39.92 -38.45 -7.96
N GLY G 710 -40.94 -39.29 -8.01
CA GLY G 710 -41.49 -39.73 -9.28
C GLY G 710 -42.03 -41.14 -9.16
N SER G 711 -42.58 -41.63 -10.27
CA SER G 711 -43.04 -43.02 -10.32
C SER G 711 -42.99 -43.55 -11.74
N LEU G 712 -42.81 -44.87 -11.85
CA LEU G 712 -42.80 -45.56 -13.13
C LEU G 712 -44.19 -46.02 -13.56
N VAL G 713 -45.17 -46.01 -12.66
CA VAL G 713 -46.54 -46.36 -13.00
C VAL G 713 -47.22 -45.19 -13.70
N MET G 714 -48.19 -45.52 -14.56
CA MET G 714 -48.97 -44.54 -15.27
C MET G 714 -49.62 -43.57 -14.29
N GLN G 715 -49.60 -42.28 -14.64
CA GLN G 715 -50.11 -41.20 -13.78
C GLN G 715 -51.39 -40.65 -14.38
N ASN G 716 -52.51 -40.82 -13.67
CA ASN G 716 -53.80 -40.33 -14.15
C ASN G 716 -54.10 -38.90 -13.68
N LEU G 717 -54.58 -38.08 -14.61
CA LEU G 717 -54.98 -36.71 -14.27
C LEU G 717 -56.24 -36.68 -13.42
N GLY G 718 -57.04 -37.75 -13.49
CA GLY G 718 -58.25 -37.82 -12.68
C GLY G 718 -57.93 -38.17 -11.24
N GLU G 719 -58.49 -37.41 -10.32
CA GLU G 719 -58.21 -37.61 -8.90
C GLU G 719 -58.92 -38.85 -8.37
N THR G 720 -58.14 -39.82 -7.91
CA THR G 720 -58.65 -41.01 -7.23
C THR G 720 -58.05 -41.04 -5.83
N SER G 721 -58.89 -41.28 -4.83
CA SER G 721 -58.37 -41.35 -3.47
C SER G 721 -57.66 -42.69 -3.31
N THR G 722 -56.37 -42.70 -3.62
CA THR G 722 -55.52 -43.86 -3.42
C THR G 722 -55.05 -43.87 -1.95
N PRO G 723 -54.86 -45.04 -1.35
CA PRO G 723 -54.33 -45.05 0.02
C PRO G 723 -52.95 -44.40 0.13
N THR G 724 -52.10 -44.62 -0.86
CA THR G 724 -50.76 -44.06 -0.88
C THR G 724 -50.77 -42.60 -1.34
N GLN G 725 -49.94 -41.78 -0.71
CA GLN G 725 -49.75 -40.38 -1.09
C GLN G 725 -48.27 -40.11 -1.29
N GLY G 726 -47.92 -39.56 -2.46
CA GLY G 726 -46.54 -39.29 -2.79
C GLY G 726 -45.86 -40.47 -3.44
N SER G 727 -44.68 -40.21 -4.01
CA SER G 727 -43.90 -41.28 -4.64
C SER G 727 -42.44 -40.86 -4.67
N VAL G 728 -41.60 -41.61 -3.94
CA VAL G 728 -40.16 -41.42 -3.92
C VAL G 728 -39.49 -42.73 -4.29
N LEU G 729 -38.68 -42.69 -5.35
CA LEU G 729 -37.84 -43.82 -5.75
C LEU G 729 -36.45 -43.63 -5.17
N PHE G 730 -35.76 -44.74 -4.91
CA PHE G 730 -34.37 -44.67 -4.46
C PHE G 730 -33.56 -45.83 -5.03
N GLY G 731 -32.29 -45.54 -5.31
CA GLY G 731 -31.35 -46.53 -5.82
C GLY G 731 -30.31 -46.88 -4.76
N THR G 732 -29.77 -48.09 -4.85
CA THR G 732 -28.88 -48.61 -3.82
C THR G 732 -27.62 -49.21 -4.44
N VAL G 733 -26.69 -49.58 -3.55
CA VAL G 733 -25.39 -50.08 -3.99
C VAL G 733 -25.49 -51.46 -4.61
N ASN G 734 -26.45 -52.27 -4.17
CA ASN G 734 -26.62 -53.62 -4.69
C ASN G 734 -27.53 -53.67 -5.91
N GLY G 735 -27.91 -52.51 -6.44
CA GLY G 735 -28.81 -52.45 -7.58
C GLY G 735 -30.28 -52.43 -7.25
N MET G 736 -30.65 -52.76 -6.01
CA MET G 736 -32.04 -52.72 -5.59
C MET G 736 -32.61 -51.31 -5.77
N ILE G 737 -33.79 -51.21 -6.37
CA ILE G 737 -34.54 -49.96 -6.46
C ILE G 737 -35.81 -50.12 -5.62
N GLY G 738 -36.09 -49.14 -4.78
CA GLY G 738 -37.23 -49.17 -3.88
C GLY G 738 -38.16 -47.98 -4.06
N LEU G 739 -39.23 -47.99 -3.26
CA LEU G 739 -40.26 -46.97 -3.30
C LEU G 739 -40.74 -46.67 -1.89
N VAL G 740 -40.82 -45.38 -1.56
CA VAL G 740 -41.33 -44.92 -0.27
C VAL G 740 -42.58 -44.08 -0.53
N THR G 741 -43.60 -44.27 0.30
CA THR G 741 -44.83 -43.49 0.18
C THR G 741 -45.46 -43.35 1.57
N SER G 742 -46.39 -42.40 1.67
CA SER G 742 -47.09 -42.12 2.90
C SER G 742 -48.46 -42.81 2.89
N LEU G 743 -49.00 -43.04 4.09
CA LEU G 743 -50.27 -43.72 4.30
C LEU G 743 -51.13 -42.89 5.24
N SER G 744 -52.44 -43.15 5.21
CA SER G 744 -53.32 -42.57 6.21
C SER G 744 -53.20 -43.34 7.51
N GLU G 745 -53.47 -42.67 8.64
CA GLU G 745 -53.32 -43.34 9.91
C GLU G 745 -54.14 -44.62 9.98
N SER G 746 -55.39 -44.57 9.51
CA SER G 746 -56.23 -45.76 9.50
C SER G 746 -55.61 -46.87 8.66
N TRP G 747 -55.03 -46.50 7.51
CA TRP G 747 -54.46 -47.50 6.63
C TRP G 747 -53.20 -48.11 7.25
N TYR G 748 -52.39 -47.28 7.88
CA TYR G 748 -51.21 -47.79 8.59
C TYR G 748 -51.62 -48.81 9.64
N ASN G 749 -52.57 -48.46 10.51
CA ASN G 749 -52.95 -49.35 11.59
C ASN G 749 -53.39 -50.70 11.05
N LEU G 750 -54.24 -50.68 10.02
CA LEU G 750 -54.65 -51.93 9.38
C LEU G 750 -53.45 -52.69 8.87
N LEU G 751 -52.57 -52.00 8.12
CA LEU G 751 -51.43 -52.68 7.53
C LEU G 751 -50.48 -53.22 8.60
N LEU G 752 -50.27 -52.46 9.67
CA LEU G 752 -49.42 -52.95 10.74
C LEU G 752 -50.06 -54.15 11.42
N ASP G 753 -51.36 -54.06 11.69
CA ASP G 753 -52.07 -55.21 12.25
C ASP G 753 -51.95 -56.43 11.34
N MET G 754 -51.97 -56.21 10.03
CA MET G 754 -51.83 -57.33 9.11
C MET G 754 -50.42 -57.91 9.17
N GLN G 755 -49.41 -57.05 9.31
CA GLN G 755 -48.04 -57.53 9.39
C GLN G 755 -47.86 -58.46 10.60
N ASN G 756 -48.16 -57.94 11.79
CA ASN G 756 -48.03 -58.76 13.00
C ASN G 756 -48.85 -60.02 12.87
N ARG G 757 -49.96 -59.97 12.15
CA ARG G 757 -50.71 -61.18 11.85
C ARG G 757 -49.96 -62.02 10.82
N LEU G 758 -49.45 -61.38 9.76
CA LEU G 758 -48.75 -62.12 8.72
C LEU G 758 -47.51 -62.80 9.28
N ASN G 759 -46.82 -62.14 10.21
CA ASN G 759 -45.57 -62.71 10.73
C ASN G 759 -45.82 -63.98 11.53
N LYS G 760 -46.97 -64.10 12.19
CA LYS G 760 -47.29 -65.32 12.91
C LYS G 760 -47.55 -66.46 11.93
N VAL G 761 -47.97 -66.13 10.72
CA VAL G 761 -48.35 -67.13 9.72
C VAL G 761 -47.17 -67.59 8.89
N ILE G 762 -46.32 -66.66 8.48
CA ILE G 762 -45.31 -66.90 7.46
C ILE G 762 -44.05 -67.48 8.08
N LYS G 763 -43.52 -68.54 7.46
CA LYS G 763 -42.26 -69.13 7.87
C LYS G 763 -41.10 -68.53 7.07
N SER G 764 -40.15 -67.94 7.76
CA SER G 764 -38.98 -67.34 7.13
C SER G 764 -37.85 -68.36 7.04
N VAL G 765 -37.01 -68.22 6.02
CA VAL G 765 -35.82 -69.06 5.94
C VAL G 765 -34.90 -68.71 7.09
N GLY G 766 -34.45 -69.74 7.81
CA GLY G 766 -33.65 -69.54 9.01
C GLY G 766 -34.43 -69.19 10.26
N LYS G 767 -35.77 -69.23 10.20
CA LYS G 767 -36.60 -68.93 11.37
C LYS G 767 -36.21 -67.60 12.00
N ILE G 768 -36.01 -66.58 11.15
CA ILE G 768 -35.62 -65.25 11.60
C ILE G 768 -36.86 -64.40 11.83
N GLU G 769 -36.98 -63.85 13.05
CA GLU G 769 -38.10 -62.97 13.37
C GLU G 769 -38.09 -61.72 12.49
N HIS G 770 -39.23 -61.43 11.86
CA HIS G 770 -39.32 -60.26 10.99
C HIS G 770 -39.07 -58.96 11.75
N SER G 771 -39.66 -58.83 12.93
CA SER G 771 -39.48 -57.62 13.73
C SER G 771 -38.00 -57.37 14.01
N PHE G 772 -37.24 -58.45 14.22
CA PHE G 772 -35.80 -58.31 14.42
C PHE G 772 -35.11 -57.78 13.17
N TRP G 773 -35.38 -58.38 12.02
CA TRP G 773 -34.72 -58.00 10.77
C TRP G 773 -34.93 -56.53 10.46
N ARG G 774 -36.18 -56.05 10.57
CA ARG G 774 -36.48 -54.66 10.22
C ARG G 774 -36.21 -53.69 11.36
N SER G 775 -35.74 -54.17 12.50
CA SER G 775 -35.36 -53.27 13.58
C SER G 775 -34.15 -52.43 13.17
N PHE G 776 -34.23 -51.13 13.43
CA PHE G 776 -33.11 -50.21 13.24
C PHE G 776 -31.85 -50.77 13.89
N HIS G 777 -30.72 -50.66 13.20
CA HIS G 777 -29.51 -51.30 13.71
C HIS G 777 -28.24 -50.62 13.25
N THR G 778 -27.47 -50.13 14.23
CA THR G 778 -26.07 -49.74 14.06
C THR G 778 -25.24 -50.64 14.98
N GLU G 779 -23.92 -50.57 14.86
CA GLU G 779 -23.09 -51.35 15.77
C GLU G 779 -23.34 -51.00 17.24
N ARG G 780 -23.86 -49.80 17.51
CA ARG G 780 -24.00 -49.34 18.88
C ARG G 780 -25.41 -49.36 19.43
N LYS G 781 -26.46 -49.22 18.59
CA LYS G 781 -27.81 -49.27 19.09
C LYS G 781 -28.70 -50.11 18.18
N THR G 782 -29.74 -50.68 18.79
CA THR G 782 -30.78 -51.41 18.07
C THR G 782 -32.15 -51.03 18.64
N GLU G 783 -33.02 -50.47 17.80
CA GLU G 783 -34.37 -50.11 18.20
C GLU G 783 -35.37 -50.76 17.25
N PRO G 784 -36.56 -51.11 17.74
CA PRO G 784 -37.58 -51.68 16.85
C PRO G 784 -38.08 -50.66 15.83
N ALA G 785 -38.43 -51.16 14.65
CA ALA G 785 -38.91 -50.30 13.57
C ALA G 785 -40.19 -49.58 13.99
N THR G 786 -40.39 -48.39 13.44
CA THR G 786 -41.59 -47.62 13.74
C THR G 786 -41.90 -46.68 12.59
N GLY G 787 -43.18 -46.49 12.31
CA GLY G 787 -43.63 -45.58 11.28
C GLY G 787 -43.47 -46.10 9.88
N PHE G 788 -43.13 -47.37 9.72
CA PHE G 788 -42.83 -47.97 8.42
C PHE G 788 -43.54 -49.30 8.26
N ILE G 789 -44.13 -49.50 7.09
CA ILE G 789 -44.76 -50.76 6.72
C ILE G 789 -43.86 -51.47 5.70
N ASP G 790 -43.46 -52.71 6.02
CA ASP G 790 -42.67 -53.51 5.11
C ASP G 790 -43.53 -53.95 3.93
N GLY G 791 -43.57 -53.13 2.88
CA GLY G 791 -44.47 -53.41 1.78
C GLY G 791 -44.28 -54.77 1.14
N ASP G 792 -43.06 -55.28 1.15
CA ASP G 792 -42.82 -56.62 0.61
C ASP G 792 -43.48 -57.68 1.48
N LEU G 793 -43.68 -57.39 2.77
CA LEU G 793 -44.42 -58.31 3.63
C LEU G 793 -45.91 -58.23 3.34
N ILE G 794 -46.45 -57.02 3.24
CA ILE G 794 -47.87 -56.85 2.92
C ILE G 794 -48.18 -57.48 1.57
N GLU G 795 -47.33 -57.26 0.57
CA GLU G 795 -47.60 -57.79 -0.77
C GLU G 795 -47.49 -59.30 -0.85
N SER G 796 -47.05 -59.97 0.22
CA SER G 796 -46.99 -61.43 0.24
C SER G 796 -48.31 -62.07 0.65
N PHE G 797 -49.25 -61.29 1.20
CA PHE G 797 -50.58 -61.82 1.52
C PHE G 797 -51.25 -62.45 0.31
N LEU G 798 -51.01 -61.93 -0.89
CA LEU G 798 -51.67 -62.46 -2.08
C LEU G 798 -51.16 -63.84 -2.46
N ASP G 799 -50.02 -64.28 -1.91
CA ASP G 799 -49.42 -65.54 -2.30
C ASP G 799 -49.64 -66.66 -1.29
N ILE G 800 -50.27 -66.37 -0.17
CA ILE G 800 -50.42 -67.39 0.86
C ILE G 800 -51.69 -68.19 0.59
N SER G 801 -51.67 -69.45 1.03
CA SER G 801 -52.80 -70.33 0.78
C SER G 801 -54.03 -69.82 1.52
N ARG G 802 -55.21 -70.19 1.00
CA ARG G 802 -56.48 -69.76 1.58
C ARG G 802 -56.58 -70.03 3.07
N PRO G 803 -56.21 -71.20 3.59
CA PRO G 803 -56.33 -71.41 5.04
C PRO G 803 -55.69 -70.31 5.86
N LYS G 804 -54.53 -69.83 5.44
CA LYS G 804 -53.80 -68.80 6.17
C LYS G 804 -54.42 -67.42 5.99
N MET G 805 -55.01 -67.13 4.83
CA MET G 805 -55.75 -65.87 4.71
C MET G 805 -56.82 -65.78 5.79
N GLN G 806 -57.51 -66.89 6.07
CA GLN G 806 -58.52 -66.87 7.12
C GLN G 806 -57.90 -66.61 8.48
N GLU G 807 -56.69 -67.15 8.73
CA GLU G 807 -56.01 -66.85 9.98
C GLU G 807 -55.77 -65.35 10.11
N VAL G 808 -55.46 -64.69 9.00
CA VAL G 808 -55.12 -63.27 9.03
C VAL G 808 -56.37 -62.42 9.31
N VAL G 809 -57.49 -62.74 8.67
CA VAL G 809 -58.67 -61.88 8.78
C VAL G 809 -59.54 -62.17 10.00
N ALA G 810 -59.24 -63.23 10.76
CA ALA G 810 -60.01 -63.52 11.96
C ALA G 810 -59.90 -62.34 12.94
N ASN G 811 -61.04 -61.84 13.41
CA ASN G 811 -61.07 -60.82 14.44
C ASN G 811 -60.53 -59.49 13.97
N LEU G 812 -60.55 -59.23 12.67
CA LEU G 812 -59.92 -58.06 12.07
C LEU G 812 -60.96 -56.99 11.75
N GLN G 813 -60.65 -55.74 12.10
CA GLN G 813 -61.51 -54.61 11.85
C GLN G 813 -60.94 -53.77 10.71
N TYR G 814 -61.80 -53.41 9.75
CA TYR G 814 -61.40 -52.64 8.58
C TYR G 814 -62.22 -51.34 8.56
N ASP G 815 -61.57 -50.26 8.14
CA ASP G 815 -62.20 -48.94 8.07
C ASP G 815 -62.64 -48.78 6.62
N ASP G 816 -63.90 -49.14 6.36
CA ASP G 816 -64.48 -49.15 5.02
C ASP G 816 -65.24 -47.84 4.82
N GLY G 817 -64.58 -46.88 4.17
CA GLY G 817 -65.12 -45.56 3.93
C GLY G 817 -64.57 -44.49 4.86
N SER G 818 -65.36 -44.08 5.85
CA SER G 818 -64.90 -43.12 6.85
C SER G 818 -65.72 -43.34 8.12
N GLY G 819 -65.15 -44.05 9.08
CA GLY G 819 -65.78 -44.27 10.35
C GLY G 819 -66.59 -45.55 10.45
N MET G 820 -67.08 -46.07 9.32
CA MET G 820 -67.87 -47.29 9.34
C MET G 820 -66.86 -48.42 9.48
N LYS G 821 -66.83 -49.04 10.65
CA LYS G 821 -65.87 -50.08 10.97
C LYS G 821 -66.59 -51.43 10.94
N ARG G 822 -66.03 -52.38 10.19
CA ARG G 822 -66.64 -53.68 9.98
C ARG G 822 -65.57 -54.76 9.87
N GLU G 823 -65.88 -55.94 10.39
CA GLU G 823 -64.93 -57.04 10.29
C GLU G 823 -64.60 -57.32 8.83
N ALA G 824 -63.32 -57.58 8.58
CA ALA G 824 -62.80 -57.82 7.24
C ALA G 824 -62.85 -59.30 6.86
N THR G 825 -63.07 -59.54 5.58
CA THR G 825 -63.00 -60.86 4.97
C THR G 825 -61.72 -60.95 4.13
N ALA G 826 -61.34 -62.19 3.79
CA ALA G 826 -60.17 -62.38 2.94
C ALA G 826 -60.32 -61.62 1.63
N ASP G 827 -61.54 -61.47 1.14
CA ASP G 827 -61.75 -60.69 -0.08
C ASP G 827 -61.57 -59.19 0.16
N ASP G 828 -61.81 -58.73 1.39
CA ASP G 828 -61.56 -57.33 1.70
C ASP G 828 -60.08 -57.00 1.60
N LEU G 829 -59.23 -57.87 2.17
CA LEU G 829 -57.80 -57.60 2.20
C LEU G 829 -57.14 -57.82 0.86
N ILE G 830 -57.60 -58.80 0.08
CA ILE G 830 -57.06 -58.98 -1.27
C ILE G 830 -57.31 -57.74 -2.10
N LYS G 831 -58.44 -57.07 -1.89
CA LYS G 831 -58.68 -55.79 -2.56
C LYS G 831 -57.68 -54.76 -2.08
N VAL G 832 -57.46 -54.69 -0.76
CA VAL G 832 -56.53 -53.72 -0.20
C VAL G 832 -55.12 -53.99 -0.70
N VAL G 833 -54.67 -55.24 -0.64
CA VAL G 833 -53.30 -55.53 -1.02
C VAL G 833 -53.09 -55.31 -2.51
N GLU G 834 -54.05 -55.74 -3.34
CA GLU G 834 -53.89 -55.59 -4.79
C GLU G 834 -53.85 -54.14 -5.23
N GLU G 835 -54.59 -53.25 -4.55
CA GLU G 835 -54.49 -51.84 -4.89
C GLU G 835 -53.10 -51.30 -4.54
N LEU G 836 -52.48 -51.82 -3.49
CA LEU G 836 -51.16 -51.33 -3.09
C LEU G 836 -50.06 -51.80 -4.04
N THR G 837 -50.27 -52.89 -4.77
CA THR G 837 -49.28 -53.35 -5.72
C THR G 837 -49.23 -52.48 -6.99
N ARG G 838 -50.17 -51.55 -7.14
CA ARG G 838 -50.24 -50.71 -8.33
C ARG G 838 -49.40 -49.45 -8.21
N ILE G 839 -48.73 -49.23 -7.07
CA ILE G 839 -47.88 -48.05 -6.92
C ILE G 839 -46.54 -48.23 -7.60
N HIS G 840 -46.28 -49.42 -8.13
CA HIS G 840 -45.02 -49.69 -8.82
C HIS G 840 -45.31 -50.72 -9.92
N THR H 7 -13.43 -4.84 33.09
CA THR H 7 -12.24 -5.66 33.35
C THR H 7 -12.48 -7.12 32.94
N GLU H 8 -11.43 -7.93 33.08
CA GLU H 8 -11.54 -9.34 32.70
C GLU H 8 -12.49 -10.12 33.60
N SER H 9 -12.82 -9.60 34.78
CA SER H 9 -13.58 -10.33 35.78
C SER H 9 -15.06 -9.97 35.82
N ASP H 10 -15.47 -8.90 35.16
CA ASP H 10 -16.83 -8.36 35.31
C ASP H 10 -17.77 -9.13 34.38
N TRP H 11 -18.12 -10.34 34.82
CA TRP H 11 -18.98 -11.22 34.05
C TRP H 11 -20.44 -10.78 34.18
N GLY H 12 -21.24 -11.18 33.21
CA GLY H 12 -22.66 -10.91 33.25
C GLY H 12 -23.06 -9.56 32.72
N LYS H 13 -22.10 -8.72 32.34
CA LYS H 13 -22.41 -7.37 31.85
C LYS H 13 -22.33 -7.28 30.34
N ARG H 14 -21.25 -7.79 29.74
CA ARG H 14 -21.08 -7.73 28.29
C ARG H 14 -22.20 -8.47 27.58
N CYS H 15 -22.61 -7.91 26.42
CA CYS H 15 -23.75 -8.40 25.69
C CYS H 15 -23.36 -9.44 24.66
N VAL H 16 -24.29 -10.36 24.36
CA VAL H 16 -24.08 -11.37 23.34
C VAL H 16 -24.03 -10.80 21.94
N ASP H 17 -24.33 -9.50 21.76
CA ASP H 17 -24.12 -8.87 20.46
C ASP H 17 -22.68 -9.02 19.97
N LYS H 18 -21.74 -9.21 20.88
CA LYS H 18 -20.33 -9.34 20.55
C LYS H 18 -20.00 -10.68 19.89
N PHE H 19 -20.99 -11.56 19.71
CA PHE H 19 -20.81 -12.84 19.05
C PHE H 19 -21.73 -12.99 17.85
N ASP H 20 -21.20 -13.51 16.75
CA ASP H 20 -22.03 -13.96 15.63
C ASP H 20 -22.47 -15.40 15.88
N ILE H 21 -23.78 -15.61 16.01
CA ILE H 21 -24.30 -16.96 16.22
C ILE H 21 -24.22 -17.74 14.91
N ILE H 22 -23.63 -18.93 14.97
CA ILE H 22 -23.49 -19.75 13.77
C ILE H 22 -24.63 -20.74 13.64
N GLY H 23 -25.09 -21.31 14.74
CA GLY H 23 -26.17 -22.27 14.71
C GLY H 23 -26.28 -22.95 16.05
N ILE H 24 -27.21 -23.90 16.13
CA ILE H 24 -27.46 -24.64 17.36
C ILE H 24 -26.74 -25.98 17.23
N ILE H 25 -25.62 -26.13 17.95
CA ILE H 25 -24.87 -27.37 17.92
C ILE H 25 -25.62 -28.49 18.63
N GLY H 26 -26.27 -28.20 19.75
CA GLY H 26 -26.95 -29.26 20.47
C GLY H 26 -28.00 -28.76 21.41
N GLU H 27 -28.79 -29.70 21.93
CA GLU H 27 -29.79 -29.42 22.96
C GLU H 27 -29.14 -29.62 24.33
N GLY H 28 -29.33 -28.66 25.22
CA GLY H 28 -28.70 -28.68 26.53
C GLY H 28 -29.64 -29.14 27.62
N THR H 29 -29.28 -28.80 28.85
CA THR H 29 -30.09 -29.14 30.01
C THR H 29 -30.96 -27.99 30.46
N TYR H 30 -30.38 -26.79 30.54
CA TYR H 30 -31.05 -25.58 30.97
C TYR H 30 -31.32 -24.64 29.80
N GLY H 31 -31.02 -25.08 28.58
CA GLY H 31 -31.19 -24.25 27.40
C GLY H 31 -30.44 -24.90 26.26
N GLN H 32 -30.58 -24.28 25.09
CA GLN H 32 -29.91 -24.80 23.90
C GLN H 32 -28.45 -24.36 23.87
N VAL H 33 -27.62 -25.18 23.22
CA VAL H 33 -26.19 -24.91 23.09
C VAL H 33 -25.94 -24.44 21.67
N TYR H 34 -25.26 -23.30 21.52
CA TYR H 34 -25.03 -22.69 20.21
C TYR H 34 -23.54 -22.52 19.96
N LYS H 35 -23.15 -22.68 18.69
CA LYS H 35 -21.80 -22.39 18.21
C LYS H 35 -21.76 -20.95 17.74
N ALA H 36 -20.69 -20.23 18.07
CA ALA H 36 -20.63 -18.82 17.72
C ALA H 36 -19.19 -18.37 17.52
N LYS H 37 -19.03 -17.23 16.85
CA LYS H 37 -17.74 -16.62 16.56
C LYS H 37 -17.68 -15.27 17.27
N ASP H 38 -16.56 -15.01 17.96
CA ASP H 38 -16.34 -13.73 18.61
C ASP H 38 -16.06 -12.64 17.58
N LYS H 39 -16.79 -11.53 17.67
CA LYS H 39 -16.65 -10.48 16.65
C LYS H 39 -15.28 -9.79 16.75
N ASP H 40 -14.73 -9.63 17.95
CA ASP H 40 -13.46 -8.90 18.07
C ASP H 40 -12.26 -9.80 17.77
N THR H 41 -12.26 -11.02 18.31
CA THR H 41 -11.10 -11.90 18.23
C THR H 41 -11.18 -12.97 17.15
N GLY H 42 -12.38 -13.34 16.71
CA GLY H 42 -12.54 -14.41 15.75
C GLY H 42 -12.50 -15.79 16.33
N GLU H 43 -12.36 -15.94 17.65
CA GLU H 43 -12.32 -17.26 18.24
C GLU H 43 -13.69 -17.92 18.14
N LEU H 44 -13.70 -19.23 17.94
CA LEU H 44 -14.94 -19.98 18.02
C LEU H 44 -15.22 -20.29 19.48
N VAL H 45 -16.48 -20.09 19.88
CA VAL H 45 -16.90 -20.32 21.26
C VAL H 45 -18.17 -21.15 21.20
N ALA H 46 -18.54 -21.71 22.35
CA ALA H 46 -19.79 -22.43 22.53
C ALA H 46 -20.60 -21.70 23.58
N LEU H 47 -21.85 -21.40 23.25
CA LEU H 47 -22.73 -20.65 24.14
C LEU H 47 -23.82 -21.58 24.66
N LYS H 48 -23.90 -21.70 25.98
CA LYS H 48 -25.00 -22.38 26.66
C LYS H 48 -25.98 -21.32 27.14
N LYS H 49 -27.21 -21.39 26.63
CA LYS H 49 -28.25 -20.42 26.94
C LYS H 49 -28.91 -20.78 28.25
N VAL H 50 -28.97 -19.84 29.17
CA VAL H 50 -29.67 -20.03 30.44
C VAL H 50 -30.83 -19.06 30.45
N ARG H 51 -32.04 -19.59 30.53
CA ARG H 51 -33.27 -18.82 30.50
C ARG H 51 -33.86 -18.81 31.90
N LEU H 52 -34.02 -17.64 32.47
CA LEU H 52 -34.67 -17.47 33.76
C LEU H 52 -36.11 -17.04 33.61
N ASP H 53 -36.65 -17.08 32.40
CA ASP H 53 -38.02 -16.64 32.17
C ASP H 53 -39.03 -17.55 32.85
N ASN H 54 -38.76 -18.85 32.97
CA ASN H 54 -39.74 -19.74 33.58
C ASN H 54 -40.02 -19.33 35.03
N GLU H 55 -38.98 -18.95 35.77
CA GLU H 55 -39.12 -18.39 37.11
C GLU H 55 -39.80 -19.36 38.07
N LYS H 56 -39.85 -20.63 37.70
CA LYS H 56 -40.29 -21.66 38.64
C LYS H 56 -39.39 -21.64 39.87
N GLU H 57 -38.09 -21.62 39.64
CA GLU H 57 -37.08 -21.45 40.68
C GLU H 57 -36.01 -20.45 40.25
N GLY H 58 -36.34 -19.58 39.30
CA GLY H 58 -35.37 -18.58 38.83
C GLY H 58 -34.20 -19.24 38.13
N PHE H 59 -32.99 -18.81 38.46
CA PHE H 59 -31.80 -19.31 37.79
C PHE H 59 -31.65 -20.80 38.06
N PRO H 60 -31.47 -21.62 37.01
CA PRO H 60 -31.39 -23.07 37.21
C PRO H 60 -30.16 -23.46 38.01
N ILE H 61 -30.34 -24.36 38.99
CA ILE H 61 -29.20 -24.79 39.80
C ILE H 61 -28.19 -25.52 38.93
N THR H 62 -28.65 -26.28 37.93
CA THR H 62 -27.73 -26.98 37.05
C THR H 62 -26.65 -26.02 36.54
N ALA H 63 -27.06 -24.83 36.11
CA ALA H 63 -26.10 -23.84 35.65
C ALA H 63 -25.32 -23.24 36.82
N ILE H 64 -26.00 -23.00 37.94
CA ILE H 64 -25.31 -22.47 39.11
C ILE H 64 -24.17 -23.40 39.52
N ARG H 65 -24.43 -24.71 39.50
CA ARG H 65 -23.35 -25.64 39.84
C ARG H 65 -22.21 -25.53 38.83
N GLU H 66 -22.56 -25.45 37.54
CA GLU H 66 -21.53 -25.40 36.51
C GLU H 66 -20.71 -24.12 36.60
N ILE H 67 -21.35 -23.00 36.97
CA ILE H 67 -20.64 -21.73 37.04
C ILE H 67 -19.72 -21.72 38.26
N LYS H 68 -20.24 -22.18 39.39
CA LYS H 68 -19.46 -22.22 40.63
C LYS H 68 -18.26 -23.14 40.50
N ILE H 69 -18.47 -24.33 39.95
CA ILE H 69 -17.41 -25.33 39.95
C ILE H 69 -16.37 -25.03 38.87
N LEU H 70 -16.81 -24.63 37.67
CA LEU H 70 -15.86 -24.47 36.57
C LEU H 70 -14.96 -23.24 36.74
N ARG H 71 -15.42 -22.20 37.44
CA ARG H 71 -14.50 -21.09 37.70
C ARG H 71 -13.38 -21.53 38.64
N GLN H 72 -13.68 -22.45 39.54
CA GLN H 72 -12.67 -22.98 40.44
C GLN H 72 -11.70 -23.89 39.70
N LEU H 73 -12.19 -24.67 38.73
CA LEU H 73 -11.40 -25.72 38.10
C LEU H 73 -10.70 -25.18 36.86
N ILE H 74 -9.38 -25.21 36.88
CA ILE H 74 -8.55 -24.82 35.74
C ILE H 74 -7.64 -26.01 35.45
N HIS H 75 -7.94 -26.73 34.37
CA HIS H 75 -7.10 -27.86 33.96
C HIS H 75 -7.22 -28.00 32.45
N ARG H 76 -6.15 -28.53 31.83
CA ARG H 76 -6.13 -28.65 30.38
C ARG H 76 -7.22 -29.57 29.87
N SER H 77 -7.61 -30.56 30.67
CA SER H 77 -8.60 -31.56 30.28
C SER H 77 -9.97 -31.28 30.89
N VAL H 78 -10.23 -30.05 31.29
CA VAL H 78 -11.54 -29.62 31.78
C VAL H 78 -11.99 -28.48 30.88
N VAL H 79 -13.30 -28.42 30.61
CA VAL H 79 -13.79 -27.44 29.66
C VAL H 79 -13.72 -26.06 30.29
N ASN H 80 -13.14 -25.10 29.56
CA ASN H 80 -12.87 -23.78 30.12
C ASN H 80 -14.05 -22.85 29.85
N MET H 81 -14.75 -22.47 30.92
CA MET H 81 -15.74 -21.40 30.86
C MET H 81 -15.02 -20.05 30.81
N LYS H 82 -15.27 -19.30 29.74
CA LYS H 82 -14.54 -18.06 29.45
C LYS H 82 -15.18 -16.83 30.07
N GLU H 83 -16.49 -16.67 29.93
CA GLU H 83 -17.21 -15.53 30.53
C GLU H 83 -18.69 -15.83 30.42
N ILE H 84 -19.49 -14.87 30.91
CA ILE H 84 -20.95 -14.95 30.87
C ILE H 84 -21.48 -13.64 30.29
N VAL H 85 -22.37 -13.74 29.32
CA VAL H 85 -22.92 -12.58 28.62
C VAL H 85 -24.44 -12.66 28.70
N THR H 86 -25.09 -11.54 28.36
CA THR H 86 -26.53 -11.41 28.55
C THR H 86 -27.17 -10.94 27.24
N ASP H 87 -28.47 -11.21 27.13
CA ASP H 87 -29.25 -10.60 26.06
C ASP H 87 -29.33 -9.09 26.28
N LYS H 88 -29.62 -8.37 25.20
CA LYS H 88 -29.69 -6.92 25.28
C LYS H 88 -30.77 -6.50 26.27
N GLN H 89 -30.36 -5.91 27.38
CA GLN H 89 -31.27 -5.39 28.40
C GLN H 89 -32.08 -4.22 27.88
N ASP H 90 -32.79 -4.41 26.76
CA ASP H 90 -33.48 -3.29 26.13
C ASP H 90 -34.56 -2.69 27.01
N ALA H 91 -35.13 -3.47 27.93
CA ALA H 91 -36.19 -2.94 28.76
C ALA H 91 -35.60 -1.86 29.66
N LEU H 92 -36.36 -0.79 29.88
CA LEU H 92 -35.86 0.28 30.72
C LEU H 92 -35.90 -0.12 32.19
N ASP H 93 -36.84 -0.97 32.55
CA ASP H 93 -37.04 -1.46 33.91
C ASP H 93 -36.53 -2.89 34.00
N PHE H 94 -35.80 -3.20 35.07
CA PHE H 94 -35.31 -4.57 35.26
C PHE H 94 -36.44 -5.55 35.53
N LYS H 95 -37.57 -5.08 36.04
CA LYS H 95 -38.71 -5.95 36.27
C LYS H 95 -39.32 -6.44 34.96
N LYS H 96 -39.03 -5.80 33.84
CA LYS H 96 -39.60 -6.21 32.56
C LYS H 96 -38.64 -7.07 31.75
N ASP H 97 -37.39 -7.14 32.16
CA ASP H 97 -36.38 -7.85 31.40
C ASP H 97 -36.55 -9.34 31.61
N LYS H 98 -36.72 -10.06 30.51
CA LYS H 98 -36.80 -11.52 30.51
C LYS H 98 -35.63 -12.14 29.77
N GLY H 99 -34.69 -11.33 29.30
CA GLY H 99 -33.59 -11.85 28.52
C GLY H 99 -32.77 -12.87 29.29
N ALA H 100 -32.30 -13.89 28.57
CA ALA H 100 -31.55 -15.00 29.13
C ALA H 100 -30.07 -14.65 29.24
N PHE H 101 -29.34 -15.52 29.94
CA PHE H 101 -27.89 -15.41 30.08
C PHE H 101 -27.22 -16.50 29.25
N TYR H 102 -25.98 -16.25 28.83
CA TYR H 102 -25.22 -17.19 28.04
C TYR H 102 -23.87 -17.49 28.69
N LEU H 103 -23.56 -18.78 28.84
CA LEU H 103 -22.27 -19.22 29.35
C LEU H 103 -21.33 -19.51 28.19
N VAL H 104 -20.22 -18.76 28.09
CA VAL H 104 -19.25 -18.91 27.01
C VAL H 104 -18.25 -20.00 27.38
N PHE H 105 -18.01 -20.93 26.45
CA PHE H 105 -17.03 -21.99 26.60
C PHE H 105 -16.13 -22.01 25.38
N GLU H 106 -14.94 -22.59 25.54
CA GLU H 106 -14.10 -22.90 24.39
C GLU H 106 -14.77 -23.95 23.51
N TYR H 107 -14.80 -23.73 22.20
CA TYR H 107 -15.45 -24.66 21.29
C TYR H 107 -14.60 -25.91 21.09
N MET H 108 -15.25 -27.06 21.03
CA MET H 108 -14.61 -28.35 20.79
C MET H 108 -15.18 -28.93 19.50
N ASP H 109 -14.29 -29.40 18.61
CA ASP H 109 -14.72 -29.77 17.27
C ASP H 109 -15.73 -30.92 17.28
N HIS H 110 -15.48 -31.94 18.10
CA HIS H 110 -16.31 -33.13 18.08
C HIS H 110 -16.52 -33.66 19.49
N ASP H 111 -17.55 -34.50 19.65
CA ASP H 111 -17.79 -35.23 20.89
C ASP H 111 -17.60 -36.72 20.61
N LEU H 112 -17.23 -37.47 21.64
CA LEU H 112 -16.87 -38.86 21.44
C LEU H 112 -18.07 -39.68 20.96
N MET H 113 -19.26 -39.42 21.51
CA MET H 113 -20.43 -40.18 21.07
C MET H 113 -20.64 -40.01 19.57
N GLY H 114 -20.52 -38.78 19.08
CA GLY H 114 -20.61 -38.56 17.66
C GLY H 114 -19.57 -39.32 16.85
N LEU H 115 -18.30 -39.23 17.25
CA LEU H 115 -17.25 -39.84 16.44
C LEU H 115 -17.32 -41.37 16.47
N LEU H 116 -17.69 -41.93 17.60
CA LEU H 116 -17.83 -43.38 17.68
C LEU H 116 -19.08 -43.84 16.95
N GLU H 117 -20.20 -43.18 17.18
CA GLU H 117 -21.45 -43.54 16.50
C GLU H 117 -21.22 -43.58 14.99
N SER H 118 -21.55 -44.72 14.40
CA SER H 118 -21.51 -44.91 12.95
C SER H 118 -20.24 -44.32 12.35
N GLY H 119 -19.17 -44.23 13.17
CA GLY H 119 -17.90 -43.75 12.69
C GLY H 119 -16.96 -44.89 12.33
N LEU H 120 -16.32 -44.77 11.17
CA LEU H 120 -15.28 -45.71 10.76
C LEU H 120 -13.93 -45.22 11.25
N VAL H 121 -13.93 -44.85 12.52
CA VAL H 121 -12.75 -44.40 13.24
C VAL H 121 -12.03 -45.60 13.83
N HIS H 122 -10.72 -45.66 13.63
CA HIS H 122 -9.88 -46.68 14.24
C HIS H 122 -9.14 -46.03 15.39
N PHE H 123 -9.23 -46.64 16.56
CA PHE H 123 -8.57 -46.15 17.77
C PHE H 123 -7.45 -47.12 18.05
N SER H 124 -6.21 -46.66 17.89
CA SER H 124 -5.08 -47.50 18.18
C SER H 124 -4.88 -47.59 19.68
N GLU H 125 -3.97 -48.47 20.11
CA GLU H 125 -3.62 -48.50 21.52
C GLU H 125 -3.07 -47.15 21.95
N ASP H 126 -2.16 -46.60 21.13
CA ASP H 126 -1.56 -45.31 21.47
C ASP H 126 -2.61 -44.20 21.52
N HIS H 127 -3.65 -44.29 20.69
CA HIS H 127 -4.72 -43.30 20.75
C HIS H 127 -5.51 -43.43 22.04
N ILE H 128 -5.81 -44.65 22.46
CA ILE H 128 -6.52 -44.82 23.73
C ILE H 128 -5.65 -44.36 24.89
N LYS H 129 -4.36 -44.68 24.86
CA LYS H 129 -3.46 -44.20 25.90
C LYS H 129 -3.52 -42.67 25.99
N SER H 130 -3.35 -41.99 24.86
CA SER H 130 -3.37 -40.53 24.88
C SER H 130 -4.71 -40.00 25.36
N PHE H 131 -5.79 -40.65 24.96
CA PHE H 131 -7.13 -40.26 25.37
C PHE H 131 -7.33 -40.47 26.87
N MET H 132 -7.08 -41.68 27.36
CA MET H 132 -7.36 -41.98 28.76
C MET H 132 -6.50 -41.14 29.70
N LYS H 133 -5.21 -40.97 29.37
CA LYS H 133 -4.34 -40.20 30.26
C LYS H 133 -4.89 -38.79 30.45
N GLN H 134 -5.36 -38.16 29.37
CA GLN H 134 -5.93 -36.83 29.52
C GLN H 134 -7.21 -36.89 30.35
N LEU H 135 -8.08 -37.86 30.06
CA LEU H 135 -9.34 -37.94 30.79
C LEU H 135 -9.11 -38.22 32.27
N MET H 136 -8.25 -39.20 32.58
CA MET H 136 -7.96 -39.51 33.98
C MET H 136 -7.22 -38.36 34.67
N GLU H 137 -6.27 -37.73 33.98
CA GLU H 137 -5.60 -36.57 34.57
C GLU H 137 -6.59 -35.48 34.91
N GLY H 138 -7.59 -35.28 34.05
CA GLY H 138 -8.63 -34.33 34.37
C GLY H 138 -9.48 -34.78 35.54
N LEU H 139 -9.80 -36.07 35.58
CA LEU H 139 -10.64 -36.58 36.67
C LEU H 139 -9.93 -36.51 38.02
N GLU H 140 -8.65 -36.90 38.08
CA GLU H 140 -7.94 -36.81 39.35
C GLU H 140 -7.90 -35.35 39.82
N TYR H 141 -7.71 -34.41 38.90
CA TYR H 141 -7.73 -33.00 39.29
C TYR H 141 -9.05 -32.65 39.94
N CYS H 142 -10.17 -33.03 39.32
CA CYS H 142 -11.48 -32.72 39.88
C CYS H 142 -11.70 -33.43 41.20
N HIS H 143 -11.24 -34.67 41.31
CA HIS H 143 -11.42 -35.39 42.56
C HIS H 143 -10.51 -34.82 43.64
N LYS H 144 -9.30 -34.39 43.26
CA LYS H 144 -8.42 -33.74 44.24
C LYS H 144 -9.07 -32.47 44.78
N LYS H 145 -9.85 -31.76 43.96
CA LYS H 145 -10.60 -30.60 44.44
C LYS H 145 -11.93 -31.00 45.07
N ASN H 146 -12.17 -32.30 45.26
CA ASN H 146 -13.34 -32.82 46.00
C ASN H 146 -14.66 -32.55 45.28
N PHE H 147 -14.69 -32.84 43.98
CA PHE H 147 -15.89 -32.74 43.16
C PHE H 147 -16.21 -34.08 42.53
N LEU H 148 -17.50 -34.40 42.46
CA LEU H 148 -17.99 -35.60 41.79
C LEU H 148 -18.65 -35.17 40.48
N HIS H 149 -18.25 -35.78 39.37
CA HIS H 149 -18.88 -35.41 38.10
C HIS H 149 -20.33 -35.86 38.07
N ARG H 150 -20.60 -37.11 38.40
CA ARG H 150 -21.95 -37.64 38.52
C ARG H 150 -22.70 -37.71 37.20
N ASP H 151 -22.09 -37.35 36.08
CA ASP H 151 -22.73 -37.52 34.79
C ASP H 151 -21.70 -37.71 33.69
N ILE H 152 -20.92 -38.79 33.75
CA ILE H 152 -19.87 -39.05 32.79
C ILE H 152 -20.43 -40.00 31.74
N LYS H 153 -20.52 -39.52 30.50
CA LYS H 153 -20.96 -40.31 29.36
C LYS H 153 -20.07 -39.97 28.18
N CYS H 154 -20.20 -40.73 27.09
CA CYS H 154 -19.39 -40.46 25.92
C CYS H 154 -19.68 -39.06 25.36
N SER H 155 -20.96 -38.68 25.32
CA SER H 155 -21.32 -37.37 24.79
C SER H 155 -20.70 -36.22 25.59
N ASN H 156 -20.50 -36.42 26.91
CA ASN H 156 -19.93 -35.36 27.75
C ASN H 156 -18.42 -35.23 27.58
N ILE H 157 -17.72 -36.26 27.09
CA ILE H 157 -16.31 -36.13 26.73
C ILE H 157 -16.22 -35.39 25.40
N LEU H 158 -15.35 -34.37 25.32
CA LEU H 158 -15.22 -33.54 24.13
C LEU H 158 -13.80 -33.63 23.58
N LEU H 159 -13.69 -33.66 22.26
CA LEU H 159 -12.44 -33.88 21.55
C LEU H 159 -12.36 -32.95 20.36
N ASN H 160 -11.32 -32.12 20.28
CA ASN H 160 -11.02 -31.37 19.07
C ASN H 160 -9.82 -32.01 18.36
N ASN H 161 -9.59 -31.58 17.11
CA ASN H 161 -8.77 -32.36 16.19
C ASN H 161 -7.32 -32.50 16.62
N SER H 162 -6.80 -31.62 17.47
CA SER H 162 -5.42 -31.78 17.94
C SER H 162 -5.23 -33.03 18.79
N GLY H 163 -6.31 -33.68 19.20
CA GLY H 163 -6.25 -34.80 20.11
C GLY H 163 -6.45 -34.44 21.57
N GLN H 164 -6.71 -33.17 21.86
CA GLN H 164 -6.96 -32.75 23.23
C GLN H 164 -8.36 -33.17 23.67
N ILE H 165 -8.45 -33.77 24.86
CA ILE H 165 -9.68 -34.23 25.47
C ILE H 165 -10.05 -33.30 26.62
N LYS H 166 -11.34 -32.99 26.73
CA LYS H 166 -11.86 -32.12 27.79
C LYS H 166 -13.23 -32.65 28.23
N LEU H 167 -13.39 -32.82 29.55
CA LEU H 167 -14.67 -33.21 30.12
C LEU H 167 -15.59 -32.00 30.23
N ALA H 168 -16.90 -32.25 30.19
CA ALA H 168 -17.87 -31.15 30.14
C ALA H 168 -19.17 -31.59 30.81
N ASP H 169 -20.15 -30.69 30.79
CA ASP H 169 -21.46 -30.90 31.42
C ASP H 169 -21.30 -31.14 32.93
N PHE H 170 -20.66 -30.18 33.57
CA PHE H 170 -20.54 -30.20 35.03
C PHE H 170 -21.80 -29.71 35.73
N GLY H 171 -22.95 -29.87 35.08
CA GLY H 171 -24.20 -29.37 35.64
C GLY H 171 -24.62 -30.11 36.90
N LEU H 172 -24.40 -31.42 36.92
CA LEU H 172 -24.81 -32.25 38.05
C LEU H 172 -23.71 -32.46 39.09
N ALA H 173 -22.56 -31.80 38.92
CA ALA H 173 -21.44 -32.02 39.82
C ALA H 173 -21.68 -31.37 41.18
N ARG H 174 -21.21 -32.02 42.23
CA ARG H 174 -21.36 -31.53 43.59
C ARG H 174 -20.09 -31.81 44.38
N LEU H 175 -19.93 -31.08 45.48
CA LEU H 175 -18.78 -31.27 46.37
C LEU H 175 -18.95 -32.56 47.18
N TYR H 176 -17.85 -33.26 47.40
CA TYR H 176 -17.84 -34.51 48.15
C TYR H 176 -17.07 -34.34 49.45
N ASN H 177 -17.69 -34.73 50.57
CA ASN H 177 -17.03 -34.74 51.86
C ASN H 177 -17.05 -36.16 52.44
N SER H 178 -15.87 -36.68 52.75
CA SER H 178 -15.75 -38.02 53.33
C SER H 178 -16.08 -38.04 54.82
N GLU H 179 -15.54 -37.09 55.58
CA GLU H 179 -15.78 -37.06 57.02
C GLU H 179 -17.25 -36.83 57.34
N GLU H 180 -17.91 -35.96 56.58
CA GLU H 180 -19.33 -35.65 56.73
C GLU H 180 -20.13 -36.25 55.58
N SER H 181 -20.65 -37.45 55.79
CA SER H 181 -21.51 -38.05 54.79
C SER H 181 -22.86 -37.33 54.76
N ARG H 182 -23.25 -36.87 53.59
CA ARG H 182 -24.51 -36.18 53.38
C ARG H 182 -25.31 -36.97 52.36
N PRO H 183 -26.62 -37.15 52.57
CA PRO H 183 -27.38 -37.96 51.61
C PRO H 183 -27.32 -37.31 50.23
N TYR H 184 -26.92 -38.09 49.23
CA TYR H 184 -26.85 -37.58 47.88
C TYR H 184 -27.95 -38.27 47.07
N ASN H 186 -29.77 -40.63 44.53
CA ASN H 186 -29.42 -41.99 44.12
C ASN H 186 -29.20 -42.29 42.64
N LYS H 187 -29.89 -41.59 41.75
CA LYS H 187 -29.73 -41.73 40.32
C LYS H 187 -29.01 -40.53 39.73
N VAL H 188 -27.79 -40.74 39.21
CA VAL H 188 -27.06 -39.62 38.64
C VAL H 188 -26.46 -39.88 37.26
N ILE H 189 -25.71 -40.98 37.10
CA ILE H 189 -25.01 -41.23 35.84
C ILE H 189 -25.96 -42.01 34.94
N THR H 190 -25.88 -41.80 33.63
CA THR H 190 -26.79 -42.46 32.70
C THR H 190 -26.64 -43.98 32.82
N LEU H 191 -27.75 -44.69 32.66
CA LEU H 191 -27.83 -46.09 33.07
C LEU H 191 -26.66 -46.92 32.57
N TRP H 192 -26.23 -46.70 31.33
CA TRP H 192 -25.18 -47.53 30.76
C TRP H 192 -23.86 -47.37 31.50
N TYR H 193 -23.62 -46.18 32.04
CA TYR H 193 -22.37 -45.85 32.72
C TYR H 193 -22.57 -45.71 34.21
N ARG H 194 -23.61 -46.33 34.75
CA ARG H 194 -23.88 -46.18 36.17
C ARG H 194 -23.21 -47.30 36.96
N PRO H 195 -22.59 -46.98 38.09
CA PRO H 195 -21.92 -48.03 38.89
C PRO H 195 -22.94 -48.89 39.61
N PRO H 196 -22.55 -50.10 40.01
CA PRO H 196 -23.52 -50.98 40.69
C PRO H 196 -24.02 -50.45 42.00
N GLU H 197 -23.19 -49.72 42.75
CA GLU H 197 -23.62 -49.20 44.05
C GLU H 197 -24.83 -48.29 43.90
N LEU H 198 -24.85 -47.48 42.84
CA LEU H 198 -25.96 -46.57 42.60
C LEU H 198 -27.21 -47.36 42.19
N LEU H 199 -27.01 -48.43 41.43
CA LEU H 199 -28.14 -49.29 41.07
C LEU H 199 -28.74 -49.96 42.30
N LEU H 200 -27.92 -50.22 43.31
CA LEU H 200 -28.35 -50.84 44.55
C LEU H 200 -28.76 -49.83 45.61
N GLY H 201 -29.04 -48.59 45.21
CA GLY H 201 -29.60 -47.59 46.10
C GLY H 201 -28.67 -47.01 47.13
N GLU H 202 -27.38 -46.86 46.81
CA GLU H 202 -26.44 -46.24 47.74
C GLU H 202 -26.58 -44.74 47.58
N GLU H 203 -27.17 -44.07 48.56
CA GLU H 203 -27.37 -42.63 48.48
C GLU H 203 -26.13 -41.82 48.84
N ARG H 204 -25.25 -42.35 49.70
CA ARG H 204 -24.00 -41.69 50.08
C ARG H 204 -22.84 -42.37 49.34
N TYR H 205 -22.51 -41.86 48.16
CA TYR H 205 -21.50 -42.48 47.31
C TYR H 205 -20.16 -41.76 47.27
N THR H 206 -19.14 -42.51 46.84
CA THR H 206 -17.77 -42.06 46.71
C THR H 206 -17.51 -41.50 45.32
N PRO H 207 -16.36 -40.84 45.12
CA PRO H 207 -15.96 -40.46 43.76
C PRO H 207 -15.74 -41.64 42.84
N ALA H 208 -15.67 -42.86 43.38
CA ALA H 208 -15.47 -44.02 42.53
C ALA H 208 -16.61 -44.20 41.53
N ILE H 209 -17.70 -43.47 41.69
CA ILE H 209 -18.78 -43.51 40.71
C ILE H 209 -18.29 -43.02 39.36
N ASP H 210 -17.48 -41.95 39.36
CA ASP H 210 -16.95 -41.44 38.10
C ASP H 210 -15.97 -42.43 37.49
N VAL H 211 -15.20 -43.11 38.34
CA VAL H 211 -14.23 -44.08 37.83
C VAL H 211 -14.92 -45.20 37.08
N TRP H 212 -16.01 -45.72 37.64
CA TRP H 212 -16.75 -46.78 36.95
C TRP H 212 -17.18 -46.32 35.57
N SER H 213 -17.73 -45.11 35.49
CA SER H 213 -18.17 -44.57 34.21
C SER H 213 -17.00 -44.51 33.23
N CYS H 214 -15.84 -44.02 33.69
CA CYS H 214 -14.68 -43.96 32.81
C CYS H 214 -14.16 -45.34 32.46
N GLY H 215 -14.29 -46.31 33.36
CA GLY H 215 -13.96 -47.67 33.01
C GLY H 215 -14.84 -48.20 31.90
N CYS H 216 -16.13 -47.88 31.97
CA CYS H 216 -17.04 -48.26 30.90
C CYS H 216 -16.62 -47.64 29.58
N ILE H 217 -16.08 -46.42 29.62
CA ILE H 217 -15.58 -45.81 28.39
C ILE H 217 -14.32 -46.51 27.91
N LEU H 218 -13.40 -46.84 28.81
CA LEU H 218 -12.19 -47.54 28.41
C LEU H 218 -12.52 -48.78 27.61
N GLY H 219 -13.40 -49.63 28.15
CA GLY H 219 -13.81 -50.81 27.40
C GLY H 219 -14.45 -50.46 26.08
N GLU H 220 -15.28 -49.41 26.07
CA GLU H 220 -15.98 -49.01 24.85
C GLU H 220 -15.01 -48.62 23.75
N LEU H 221 -13.88 -48.01 24.11
CA LEU H 221 -12.90 -47.63 23.10
C LEU H 221 -12.25 -48.82 22.43
N PHE H 222 -12.26 -49.98 23.09
CA PHE H 222 -11.69 -51.18 22.50
C PHE H 222 -12.72 -52.00 21.74
N THR H 223 -14.02 -51.72 21.93
CA THR H 223 -15.06 -52.38 21.14
C THR H 223 -15.83 -51.43 20.24
N LYS H 224 -15.75 -50.11 20.48
CA LYS H 224 -16.51 -49.10 19.75
C LYS H 224 -18.01 -49.20 20.04
N LYS H 225 -18.39 -50.03 21.01
CA LYS H 225 -19.75 -50.27 21.42
C LYS H 225 -19.79 -50.20 22.94
N PRO H 226 -20.76 -49.51 23.56
CA PRO H 226 -20.84 -49.50 25.02
C PRO H 226 -20.89 -50.92 25.56
N ILE H 227 -20.45 -51.07 26.82
CA ILE H 227 -20.31 -52.40 27.38
C ILE H 227 -21.64 -52.90 27.93
N PHE H 228 -22.35 -52.05 28.68
CA PHE H 228 -23.58 -52.43 29.38
C PHE H 228 -24.74 -51.61 28.85
N GLN H 229 -25.48 -52.17 27.91
CA GLN H 229 -26.63 -51.47 27.32
C GLN H 229 -27.92 -52.14 27.78
N ALA H 230 -28.71 -51.42 28.56
CA ALA H 230 -30.01 -51.91 29.02
C ALA H 230 -30.92 -50.71 29.20
N ASN H 231 -32.23 -50.97 29.27
CA ASN H 231 -33.20 -49.90 29.44
C ASN H 231 -33.74 -49.81 30.86
N LEU H 232 -33.51 -50.84 31.68
CA LEU H 232 -34.00 -50.86 33.05
C LEU H 232 -32.87 -51.19 34.01
N GLU H 233 -33.00 -50.64 35.23
CA GLU H 233 -31.91 -50.72 36.19
C GLU H 233 -31.59 -52.16 36.56
N LEU H 234 -32.61 -53.02 36.65
CA LEU H 234 -32.34 -54.41 36.96
C LEU H 234 -31.61 -55.10 35.82
N ALA H 235 -32.06 -54.88 34.58
CA ALA H 235 -31.36 -55.47 33.44
C ALA H 235 -29.92 -55.00 33.36
N GLN H 236 -29.67 -53.75 33.75
CA GLN H 236 -28.30 -53.24 33.78
C GLN H 236 -27.47 -54.01 34.79
N LEU H 237 -27.98 -54.15 36.01
CA LEU H 237 -27.28 -54.92 37.03
C LEU H 237 -27.03 -56.35 36.58
N GLU H 238 -27.98 -56.93 35.85
CA GLU H 238 -27.79 -58.28 35.32
C GLU H 238 -26.63 -58.31 34.34
N LEU H 239 -26.58 -57.35 33.42
CA LEU H 239 -25.50 -57.30 32.45
C LEU H 239 -24.16 -57.12 33.15
N ILE H 240 -24.09 -56.17 34.09
CA ILE H 240 -22.87 -55.96 34.86
C ILE H 240 -22.45 -57.26 35.53
N SER H 241 -23.41 -58.01 36.09
CA SER H 241 -23.08 -59.22 36.82
C SER H 241 -22.51 -60.30 35.89
N ARG H 242 -23.05 -60.43 34.68
CA ARG H 242 -22.57 -61.48 33.78
C ARG H 242 -21.09 -61.34 33.47
N LEU H 243 -20.57 -60.12 33.55
CA LEU H 243 -19.18 -59.82 33.24
C LEU H 243 -18.31 -59.69 34.48
N CYS H 244 -18.76 -58.91 35.46
CA CYS H 244 -17.96 -58.61 36.63
C CYS H 244 -18.15 -59.59 37.78
N GLY H 245 -19.15 -60.45 37.70
CA GLY H 245 -19.56 -61.23 38.84
C GLY H 245 -20.69 -60.56 39.59
N SER H 246 -21.51 -61.37 40.24
CA SER H 246 -22.66 -60.81 40.94
C SER H 246 -22.23 -60.11 42.22
N PRO H 247 -22.87 -59.01 42.59
CA PRO H 247 -22.64 -58.43 43.92
C PRO H 247 -22.96 -59.43 45.01
N CYS H 248 -21.99 -59.66 45.88
CA CYS H 248 -22.17 -60.60 47.00
C CYS H 248 -21.15 -60.25 48.07
N PRO H 249 -21.43 -60.57 49.33
CA PRO H 249 -20.47 -60.19 50.39
C PRO H 249 -19.07 -60.76 50.20
N ALA H 250 -18.93 -61.87 49.47
CA ALA H 250 -17.61 -62.48 49.31
C ALA H 250 -16.61 -61.53 48.65
N VAL H 251 -17.08 -60.72 47.70
CA VAL H 251 -16.21 -59.79 46.97
C VAL H 251 -16.52 -58.35 47.31
N TRP H 252 -17.59 -58.08 48.04
CA TRP H 252 -18.07 -56.72 48.34
C TRP H 252 -18.63 -56.80 49.75
N PRO H 253 -17.77 -56.87 50.77
CA PRO H 253 -18.27 -57.18 52.13
C PRO H 253 -19.42 -56.31 52.59
N ASP H 254 -19.46 -55.05 52.17
CA ASP H 254 -20.44 -54.10 52.67
C ASP H 254 -21.70 -54.01 51.81
N VAL H 255 -21.86 -54.92 50.85
CA VAL H 255 -23.02 -54.84 49.96
C VAL H 255 -24.31 -55.08 50.72
N ILE H 256 -24.28 -55.86 51.80
CA ILE H 256 -25.49 -56.21 52.53
C ILE H 256 -26.15 -54.99 53.16
N ARG H 257 -25.40 -53.91 53.35
CA ARG H 257 -25.95 -52.66 53.85
C ARG H 257 -26.78 -51.90 52.82
N LEU H 258 -26.75 -52.32 51.57
CA LEU H 258 -27.37 -51.54 50.50
C LEU H 258 -28.87 -51.79 50.44
N PRO H 259 -29.67 -50.73 50.29
CA PRO H 259 -31.13 -50.90 50.33
C PRO H 259 -31.66 -52.01 49.44
N TYR H 260 -31.15 -52.13 48.22
CA TYR H 260 -31.71 -53.05 47.24
C TYR H 260 -30.91 -54.33 47.09
N PHE H 261 -30.03 -54.64 48.03
CA PHE H 261 -29.21 -55.83 47.87
C PHE H 261 -30.07 -57.09 47.82
N ASN H 262 -31.05 -57.21 48.73
CA ASN H 262 -31.96 -58.35 48.68
C ASN H 262 -32.98 -58.20 47.56
N THR H 263 -33.28 -56.96 47.17
CA THR H 263 -34.31 -56.71 46.19
C THR H 263 -33.84 -57.04 44.79
N MET H 264 -32.75 -56.42 44.35
CA MET H 264 -32.29 -56.53 42.97
C MET H 264 -31.28 -57.66 42.80
N LYS H 265 -31.75 -58.87 43.05
CA LYS H 265 -30.82 -59.98 42.84
C LYS H 265 -30.69 -60.28 41.35
N PRO H 266 -29.48 -60.59 40.87
CA PRO H 266 -29.33 -61.05 39.49
C PRO H 266 -29.92 -62.44 39.30
N LYS H 267 -30.08 -62.81 38.02
CA LYS H 267 -30.64 -64.12 37.69
C LYS H 267 -29.91 -65.22 38.45
N LYS H 268 -28.58 -65.17 38.44
CA LYS H 268 -27.72 -66.12 39.10
C LYS H 268 -26.71 -65.40 39.98
N GLN H 269 -25.85 -66.18 40.63
CA GLN H 269 -24.62 -65.67 41.26
C GLN H 269 -23.48 -65.93 40.28
N TYR H 270 -23.24 -64.99 39.37
CA TYR H 270 -22.27 -65.18 38.31
C TYR H 270 -20.84 -65.06 38.82
N ARG H 271 -19.93 -65.80 38.18
CA ARG H 271 -18.51 -65.60 38.39
C ARG H 271 -18.02 -64.46 37.49
N ARG H 272 -16.91 -63.85 37.88
CA ARG H 272 -16.33 -62.78 37.08
C ARG H 272 -15.71 -63.37 35.82
N ARG H 273 -16.08 -62.81 34.67
CA ARG H 273 -15.58 -63.25 33.38
C ARG H 273 -14.86 -62.12 32.66
N LEU H 274 -14.62 -61.00 33.35
CA LEU H 274 -14.12 -59.80 32.69
C LEU H 274 -12.83 -60.08 31.92
N ARG H 275 -11.85 -60.72 32.57
CA ARG H 275 -10.61 -60.98 31.85
C ARG H 275 -10.85 -61.97 30.71
N GLU H 276 -11.86 -62.83 30.84
CA GLU H 276 -12.14 -63.78 29.78
C GLU H 276 -12.83 -63.10 28.61
N GLU H 277 -13.87 -62.32 28.88
CA GLU H 277 -14.62 -61.70 27.78
C GLU H 277 -13.90 -60.53 27.13
N PHE H 278 -12.84 -60.00 27.75
CA PHE H 278 -12.01 -58.97 27.13
C PHE H 278 -10.60 -59.47 26.83
N SER H 279 -10.43 -60.77 26.59
CA SER H 279 -9.08 -61.30 26.42
C SER H 279 -8.34 -60.68 25.24
N PHE H 280 -9.06 -60.02 24.32
CA PHE H 280 -8.43 -59.41 23.16
C PHE H 280 -7.83 -58.05 23.45
N ILE H 281 -7.84 -57.59 24.71
CA ILE H 281 -7.29 -56.29 25.08
C ILE H 281 -5.85 -56.47 25.54
N PRO H 282 -4.96 -55.53 25.23
CA PRO H 282 -3.58 -55.62 25.72
C PRO H 282 -3.50 -55.80 27.23
N SER H 283 -2.47 -56.53 27.68
CA SER H 283 -2.38 -56.90 29.08
C SER H 283 -2.36 -55.69 30.00
N ALA H 284 -1.57 -54.66 29.65
CA ALA H 284 -1.52 -53.47 30.49
C ALA H 284 -2.88 -52.82 30.61
N ALA H 285 -3.64 -52.80 29.51
CA ALA H 285 -4.95 -52.16 29.54
C ALA H 285 -5.96 -53.02 30.28
N LEU H 286 -5.98 -54.33 29.99
CA LEU H 286 -6.93 -55.23 30.64
C LEU H 286 -6.81 -55.12 32.16
N ASP H 287 -5.59 -55.05 32.67
CA ASP H 287 -5.40 -54.91 34.11
C ASP H 287 -6.04 -53.62 34.62
N LEU H 288 -5.98 -52.55 33.83
CA LEU H 288 -6.65 -51.31 34.18
C LEU H 288 -8.17 -51.49 34.19
N LEU H 289 -8.71 -52.12 33.14
CA LEU H 289 -10.15 -52.29 33.05
C LEU H 289 -10.67 -53.13 34.22
N ASP H 290 -9.97 -54.21 34.55
CA ASP H 290 -10.40 -55.08 35.64
C ASP H 290 -10.53 -54.28 36.93
N HIS H 291 -9.59 -53.37 37.18
CA HIS H 291 -9.62 -52.59 38.42
C HIS H 291 -10.70 -51.51 38.39
N MET H 292 -10.90 -50.86 37.24
CA MET H 292 -11.90 -49.79 37.19
C MET H 292 -13.31 -50.36 37.33
N LEU H 293 -13.55 -51.54 36.80
CA LEU H 293 -14.84 -52.22 36.87
C LEU H 293 -14.88 -53.22 38.03
N THR H 294 -14.27 -52.86 39.14
CA THR H 294 -14.39 -53.60 40.38
C THR H 294 -15.70 -53.23 41.06
N LEU H 295 -16.40 -54.25 41.59
CA LEU H 295 -17.74 -54.02 42.09
C LEU H 295 -17.74 -53.14 43.34
N ASP H 296 -16.91 -53.47 44.32
CA ASP H 296 -16.91 -52.76 45.59
C ASP H 296 -16.22 -51.42 45.43
N PRO H 297 -16.95 -50.29 45.58
CA PRO H 297 -16.30 -48.99 45.35
C PRO H 297 -15.12 -48.72 46.25
N SER H 298 -15.02 -49.38 47.41
CA SER H 298 -13.86 -49.21 48.27
C SER H 298 -12.67 -50.00 47.75
N LYS H 299 -12.90 -50.99 46.89
CA LYS H 299 -11.82 -51.73 46.25
C LYS H 299 -11.54 -51.24 44.84
N ARG H 300 -12.42 -50.40 44.29
CA ARG H 300 -12.19 -49.82 42.97
C ARG H 300 -11.04 -48.82 43.03
N CYS H 301 -10.18 -48.88 42.02
CA CYS H 301 -9.04 -47.99 41.97
C CYS H 301 -9.49 -46.53 41.88
N THR H 302 -8.57 -45.64 42.23
CA THR H 302 -8.83 -44.21 42.16
C THR H 302 -8.31 -43.64 40.84
N ALA H 303 -8.63 -42.38 40.57
CA ALA H 303 -8.09 -41.74 39.38
C ALA H 303 -6.57 -41.70 39.44
N GLU H 304 -6.02 -41.31 40.60
CA GLU H 304 -4.57 -41.27 40.71
C GLU H 304 -3.93 -42.61 40.41
N GLN H 305 -4.55 -43.69 40.91
CA GLN H 305 -3.96 -45.01 40.72
C GLN H 305 -3.94 -45.40 39.25
N THR H 306 -4.92 -44.96 38.47
CA THR H 306 -4.93 -45.24 37.05
C THR H 306 -3.77 -44.54 36.35
N LEU H 307 -3.47 -43.31 36.77
CA LEU H 307 -2.32 -42.60 36.22
C LEU H 307 -1.01 -43.26 36.63
N GLN H 308 -1.03 -44.06 37.69
CA GLN H 308 0.12 -44.88 38.10
C GLN H 308 -0.07 -46.32 37.69
N SER H 309 -0.52 -46.56 36.47
CA SER H 309 -0.73 -47.90 35.95
C SER H 309 0.27 -48.17 34.83
N ASP H 310 0.61 -49.44 34.62
CA ASP H 310 1.53 -49.76 33.54
C ASP H 310 1.02 -49.22 32.21
N PHE H 311 -0.29 -49.03 32.09
CA PHE H 311 -0.87 -48.59 30.83
C PHE H 311 -0.63 -47.10 30.59
N LEU H 312 -0.81 -46.28 31.62
CA LEU H 312 -0.76 -44.83 31.51
C LEU H 312 0.45 -44.19 32.17
N LYS H 313 1.17 -44.93 33.02
CA LYS H 313 2.21 -44.33 33.85
C LYS H 313 3.21 -43.55 33.00
N ASP H 314 3.71 -44.19 31.93
CA ASP H 314 4.77 -43.63 31.13
C ASP H 314 4.27 -43.01 29.82
N VAL H 315 2.95 -42.95 29.61
CA VAL H 315 2.44 -42.25 28.44
C VAL H 315 2.80 -40.76 28.55
N GLU H 316 3.25 -40.18 27.45
CA GLU H 316 3.62 -38.76 27.43
C GLU H 316 2.67 -37.97 26.54
N LEU H 317 2.08 -36.91 27.09
CA LEU H 317 1.17 -36.07 26.31
C LEU H 317 1.90 -35.36 25.17
N SER H 318 3.17 -35.02 25.36
CA SER H 318 3.93 -34.46 24.25
C SER H 318 3.94 -35.49 23.12
N LYS H 319 3.86 -35.01 21.88
CA LYS H 319 3.81 -35.92 20.74
C LYS H 319 2.54 -36.78 20.86
N MET H 320 1.48 -36.16 21.37
CA MET H 320 0.21 -36.85 21.56
C MET H 320 -0.29 -37.37 20.23
N ALA H 321 -1.08 -38.44 20.29
CA ALA H 321 -1.56 -39.14 19.10
C ALA H 321 -2.99 -38.77 18.78
N PRO H 322 -3.25 -37.85 17.84
CA PRO H 322 -4.65 -37.53 17.48
C PRO H 322 -5.23 -38.73 16.75
N PRO H 323 -6.45 -39.15 17.10
CA PRO H 323 -7.03 -40.32 16.42
C PRO H 323 -7.27 -40.05 14.94
N ASP H 324 -7.06 -41.08 14.12
CA ASP H 324 -7.29 -40.92 12.69
C ASP H 324 -8.76 -40.63 12.49
N LEU H 325 -9.09 -39.44 11.98
CA LEU H 325 -10.47 -39.07 11.77
C LEU H 325 -10.76 -38.98 10.27
N PRO H 326 -11.82 -39.64 9.79
CA PRO H 326 -12.07 -39.67 8.34
C PRO H 326 -12.57 -38.31 7.87
N HIS H 327 -11.88 -37.75 6.88
CA HIS H 327 -12.30 -36.49 6.29
C HIS H 327 -12.43 -36.56 4.77
N TRP H 328 -11.91 -37.60 4.11
CA TRP H 328 -12.02 -37.77 2.67
C TRP H 328 -12.36 -39.21 2.33
N GLN H 329 -13.03 -39.41 1.19
CA GLN H 329 -13.56 -40.70 0.72
C GLN H 329 -14.88 -41.01 1.43
N ASP H 330 -15.33 -40.13 2.33
CA ASP H 330 -16.67 -40.22 2.90
C ASP H 330 -17.74 -39.88 1.89
N CYS H 331 -17.50 -38.90 1.01
CA CYS H 331 -18.54 -38.50 0.06
C CYS H 331 -18.87 -39.65 -0.90
N HIS H 332 -17.87 -40.21 -1.59
CA HIS H 332 -18.08 -41.34 -2.48
C HIS H 332 -17.49 -42.60 -1.86
N GLU H 333 -18.36 -43.59 -1.58
CA GLU H 333 -17.93 -44.82 -0.94
C GLU H 333 -17.01 -45.61 -1.87
N LEU H 334 -15.85 -46.03 -1.38
CA LEU H 334 -14.88 -46.70 -2.24
C LEU H 334 -15.46 -48.01 -2.74
N TRP H 335 -15.40 -48.21 -4.05
CA TRP H 335 -15.94 -49.40 -4.69
C TRP H 335 -15.10 -50.64 -4.41
N THR I 24 -8.57 -12.48 36.11
CA THR I 24 -9.22 -13.79 36.17
C THR I 24 -10.48 -13.72 37.03
N LYS I 25 -10.32 -13.66 38.36
CA LYS I 25 -11.44 -13.55 39.30
C LYS I 25 -11.37 -12.21 40.03
N PRO I 26 -12.52 -11.62 40.37
CA PRO I 26 -12.54 -10.25 40.87
C PRO I 26 -12.10 -10.10 42.32
N CYS I 27 -11.76 -8.85 42.66
CA CYS I 27 -11.36 -8.47 44.00
C CYS I 27 -12.57 -8.01 44.80
N TRP I 28 -12.79 -8.63 45.96
CA TRP I 28 -13.96 -8.36 46.78
C TRP I 28 -13.63 -7.69 48.11
N TYR I 29 -12.53 -6.93 48.19
CA TYR I 29 -12.14 -6.30 49.44
C TYR I 29 -11.81 -4.83 49.27
N TRP I 30 -12.36 -4.01 50.16
CA TRP I 30 -12.18 -2.56 50.17
C TRP I 30 -11.52 -2.13 51.48
N ASP I 31 -11.05 -0.87 51.52
CA ASP I 31 -10.55 -0.28 52.75
C ASP I 31 -11.68 0.45 53.48
N LYS I 32 -11.58 0.46 54.82
CA LYS I 32 -12.58 1.14 55.64
C LYS I 32 -12.89 2.54 55.12
N LYS I 33 -11.86 3.28 54.72
CA LYS I 33 -12.07 4.64 54.24
C LYS I 33 -13.04 4.68 53.06
N ASP I 34 -13.10 3.59 52.28
CA ASP I 34 -13.91 3.57 51.07
C ASP I 34 -15.39 3.45 51.36
N LEU I 35 -15.79 2.98 52.55
CA LEU I 35 -17.21 2.87 52.85
C LEU I 35 -17.90 4.22 52.92
N ALA I 36 -17.13 5.31 53.00
CA ALA I 36 -17.70 6.65 52.96
C ALA I 36 -18.23 7.02 51.59
N HIS I 37 -18.06 6.14 50.60
CA HIS I 37 -18.41 6.46 49.22
C HIS I 37 -19.23 5.35 48.59
N THR I 38 -20.00 4.62 49.38
CA THR I 38 -20.93 3.67 48.82
C THR I 38 -22.05 4.44 48.11
N PRO I 39 -22.73 3.79 47.16
CA PRO I 39 -23.90 4.45 46.57
C PRO I 39 -24.86 5.00 47.61
N SER I 40 -25.06 4.26 48.70
CA SER I 40 -25.97 4.70 49.75
C SER I 40 -25.51 6.02 50.37
N GLN I 41 -24.22 6.13 50.70
CA GLN I 41 -23.72 7.36 51.28
C GLN I 41 -23.92 8.54 50.34
N LEU I 42 -23.64 8.33 49.05
CA LEU I 42 -23.67 9.40 48.07
C LEU I 42 -25.07 9.80 47.67
N GLU I 43 -26.08 9.01 48.01
CA GLU I 43 -27.46 9.41 47.82
C GLU I 43 -28.05 10.09 49.05
N GLY I 44 -27.21 10.44 50.02
CA GLY I 44 -27.65 11.18 51.19
C GLY I 44 -27.91 10.34 52.41
N LEU I 45 -27.65 9.04 52.36
CA LEU I 45 -27.73 8.20 53.55
C LEU I 45 -26.50 8.41 54.42
N ASP I 46 -26.70 8.56 55.72
CA ASP I 46 -25.58 8.84 56.61
C ASP I 46 -24.94 7.53 57.09
N PRO I 47 -23.73 7.61 57.64
CA PRO I 47 -23.01 6.37 58.00
C PRO I 47 -23.73 5.53 59.03
N ALA I 48 -24.31 6.14 60.07
CA ALA I 48 -25.01 5.33 61.07
C ALA I 48 -26.15 4.54 60.43
N THR I 49 -26.90 5.18 59.54
CA THR I 49 -28.06 4.53 58.95
C THR I 49 -27.66 3.35 58.06
N GLU I 50 -26.64 3.54 57.21
CA GLU I 50 -26.23 2.43 56.35
C GLU I 50 -25.74 1.25 57.19
N ALA I 51 -24.99 1.53 58.25
CA ALA I 51 -24.58 0.47 59.16
C ALA I 51 -25.79 -0.23 59.77
N ARG I 52 -26.80 0.54 60.17
CA ARG I 52 -28.02 -0.04 60.72
C ARG I 52 -28.70 -0.95 59.69
N TYR I 53 -28.89 -0.45 58.47
CA TYR I 53 -29.52 -1.25 57.43
C TYR I 53 -28.76 -2.54 57.19
N ARG I 54 -27.43 -2.48 57.23
CA ARG I 54 -26.63 -3.70 57.06
C ARG I 54 -26.88 -4.69 58.18
N ARG I 55 -26.87 -4.22 59.43
CA ARG I 55 -27.20 -5.10 60.54
C ARG I 55 -28.59 -5.69 60.36
N GLU I 56 -29.58 -4.84 60.09
CA GLU I 56 -30.95 -5.30 59.95
C GLU I 56 -31.06 -6.30 58.80
N GLY I 57 -30.48 -5.95 57.66
CA GLY I 57 -30.49 -6.88 56.53
C GLY I 57 -29.76 -8.16 56.86
N ALA I 58 -28.58 -8.05 57.48
CA ALA I 58 -27.82 -9.24 57.84
C ALA I 58 -28.61 -10.11 58.81
N ARG I 59 -29.10 -9.52 59.90
CA ARG I 59 -29.83 -10.30 60.89
C ARG I 59 -31.15 -10.86 60.32
N PHE I 60 -31.80 -10.12 59.43
CA PHE I 60 -32.95 -10.67 58.72
C PHE I 60 -32.59 -11.97 58.01
N ILE I 61 -31.53 -11.95 57.20
CA ILE I 61 -31.09 -13.16 56.52
C ILE I 61 -30.81 -14.27 57.53
N PHE I 62 -30.09 -13.92 58.61
CA PHE I 62 -29.74 -14.92 59.61
C PHE I 62 -31.00 -15.56 60.20
N ASP I 63 -31.96 -14.73 60.62
CA ASP I 63 -33.14 -15.25 61.30
C ASP I 63 -34.00 -16.08 60.36
N VAL I 64 -34.25 -15.58 59.15
CA VAL I 64 -35.07 -16.31 58.19
C VAL I 64 -34.48 -17.67 57.93
N GLY I 65 -33.19 -17.71 57.58
CA GLY I 65 -32.56 -18.98 57.25
C GLY I 65 -32.50 -19.92 58.43
N THR I 66 -32.36 -19.39 59.64
CA THR I 66 -32.36 -20.25 60.82
C THR I 66 -33.71 -20.94 61.00
N ARG I 67 -34.81 -20.21 60.81
CA ARG I 67 -36.12 -20.85 60.90
C ARG I 67 -36.26 -21.99 59.90
N LEU I 68 -35.68 -21.81 58.70
CA LEU I 68 -35.77 -22.83 57.66
C LEU I 68 -34.81 -23.99 57.87
N GLY I 69 -34.00 -23.97 58.92
CA GLY I 69 -33.12 -25.08 59.21
C GLY I 69 -31.89 -25.13 58.35
N LEU I 70 -31.40 -23.97 57.91
CA LEU I 70 -30.34 -23.94 56.93
C LEU I 70 -28.96 -24.05 57.57
N HIS I 71 -28.06 -24.71 56.85
CA HIS I 71 -26.67 -24.81 57.26
C HIS I 71 -26.09 -23.42 57.46
N TYR I 72 -25.10 -23.31 58.36
CA TYR I 72 -24.59 -21.99 58.71
C TYR I 72 -23.87 -21.33 57.52
N ASP I 73 -23.18 -22.13 56.71
CA ASP I 73 -22.53 -21.57 55.53
C ASP I 73 -23.54 -20.88 54.63
N THR I 74 -24.73 -21.47 54.49
CA THR I 74 -25.74 -20.91 53.61
C THR I 74 -26.15 -19.52 54.08
N LEU I 75 -26.29 -19.33 55.39
CA LEU I 75 -26.59 -18.00 55.91
C LEU I 75 -25.50 -17.00 55.56
N ALA I 76 -24.25 -17.36 55.83
CA ALA I 76 -23.15 -16.43 55.60
C ALA I 76 -23.03 -16.10 54.12
N THR I 77 -23.13 -17.10 53.25
CA THR I 77 -23.06 -16.84 51.81
C THR I 77 -24.13 -15.83 51.41
N GLY I 78 -25.36 -16.03 51.87
CA GLY I 78 -26.40 -15.07 51.60
C GLY I 78 -26.06 -13.69 52.14
N ILE I 79 -25.48 -13.64 53.35
CA ILE I 79 -25.16 -12.35 53.94
C ILE I 79 -24.06 -11.64 53.16
N ILE I 80 -23.04 -12.38 52.72
CA ILE I 80 -21.96 -11.74 51.98
C ILE I 80 -22.45 -11.26 50.62
N TYR I 81 -23.29 -12.06 49.95
CA TYR I 81 -23.95 -11.55 48.76
C TYR I 81 -24.65 -10.23 49.08
N PHE I 82 -25.36 -10.20 50.20
CA PHE I 82 -26.08 -8.99 50.61
C PHE I 82 -25.13 -7.82 50.81
N HIS I 83 -24.08 -8.00 51.61
CA HIS I 83 -23.15 -6.91 51.89
C HIS I 83 -22.54 -6.37 50.60
N ARG I 84 -22.07 -7.28 49.74
CA ARG I 84 -21.44 -6.86 48.49
C ARG I 84 -22.43 -6.10 47.63
N PHE I 85 -23.68 -6.57 47.58
CA PHE I 85 -24.68 -5.93 46.74
C PHE I 85 -24.72 -4.42 46.97
N TYR I 86 -24.72 -4.00 48.23
CA TYR I 86 -24.86 -2.59 48.58
C TYR I 86 -23.53 -1.84 48.56
N MET I 87 -22.48 -2.49 48.05
CA MET I 87 -21.30 -1.78 47.56
C MET I 87 -21.50 -1.31 46.12
N PHE I 88 -22.52 -1.83 45.45
CA PHE I 88 -22.84 -1.48 44.07
C PHE I 88 -24.18 -0.79 43.90
N HIS I 89 -25.01 -0.76 44.94
CA HIS I 89 -26.33 -0.18 44.85
C HIS I 89 -26.63 0.58 46.13
N SER I 90 -27.67 1.41 46.06
CA SER I 90 -28.07 2.22 47.19
C SER I 90 -29.24 1.56 47.91
N PHE I 91 -29.24 1.64 49.24
CA PHE I 91 -30.36 1.16 50.01
C PHE I 91 -31.64 1.91 49.66
N LYS I 92 -31.53 3.13 49.12
CA LYS I 92 -32.72 3.89 48.79
C LYS I 92 -33.40 3.38 47.52
N GLN I 93 -32.66 2.66 46.66
CA GLN I 93 -33.21 2.13 45.43
C GLN I 93 -33.60 0.66 45.53
N PHE I 94 -33.01 -0.07 46.47
CA PHE I 94 -33.33 -1.48 46.69
C PHE I 94 -33.72 -1.71 48.15
N PRO I 95 -35.01 -1.87 48.45
CA PRO I 95 -35.39 -2.13 49.84
C PRO I 95 -34.65 -3.34 50.36
N ARG I 96 -34.15 -3.23 51.60
CA ARG I 96 -33.10 -4.14 52.05
C ARG I 96 -33.62 -5.55 52.28
N TYR I 97 -34.84 -5.69 52.79
CA TYR I 97 -35.31 -7.03 53.12
C TYR I 97 -35.62 -7.85 51.87
N VAL I 98 -36.05 -7.21 50.78
CA VAL I 98 -36.21 -7.92 49.52
C VAL I 98 -34.86 -8.42 49.03
N THR I 99 -33.87 -7.53 49.00
CA THR I 99 -32.51 -7.93 48.67
C THR I 99 -32.04 -9.09 49.52
N GLY I 100 -32.21 -8.97 50.84
CA GLY I 100 -31.84 -10.06 51.71
C GLY I 100 -32.46 -11.38 51.30
N ALA I 101 -33.78 -11.37 51.08
CA ALA I 101 -34.48 -12.59 50.67
C ALA I 101 -33.90 -13.16 49.40
N CYS I 102 -33.66 -12.31 48.40
CA CYS I 102 -33.10 -12.79 47.13
C CYS I 102 -31.75 -13.43 47.37
N CYS I 103 -30.89 -12.79 48.17
CA CYS I 103 -29.58 -13.35 48.46
C CYS I 103 -29.69 -14.75 49.05
N LEU I 104 -30.53 -14.91 50.07
CA LEU I 104 -30.67 -16.22 50.70
C LEU I 104 -31.18 -17.25 49.69
N PHE I 105 -32.18 -16.88 48.90
CA PHE I 105 -32.69 -17.77 47.88
C PHE I 105 -31.56 -18.26 46.98
N LEU I 106 -30.77 -17.33 46.45
CA LEU I 106 -29.66 -17.70 45.60
C LEU I 106 -28.62 -18.50 46.38
N ALA I 107 -28.31 -18.06 47.60
CA ALA I 107 -27.36 -18.77 48.43
C ALA I 107 -27.73 -20.23 48.61
N GLY I 108 -29.02 -20.50 48.81
CA GLY I 108 -29.45 -21.88 48.98
C GLY I 108 -29.12 -22.75 47.79
N LYS I 109 -29.34 -22.23 46.58
CA LYS I 109 -28.98 -22.98 45.39
C LYS I 109 -27.47 -23.08 45.23
N VAL I 110 -26.74 -22.03 45.58
CA VAL I 110 -25.29 -22.06 45.45
C VAL I 110 -24.70 -23.11 46.38
N GLU I 111 -25.13 -23.11 47.64
CA GLU I 111 -24.56 -23.99 48.67
C GLU I 111 -25.24 -25.36 48.74
N GLU I 112 -26.07 -25.72 47.76
CA GLU I 112 -26.74 -27.02 47.72
C GLU I 112 -27.60 -27.25 48.96
N THR I 113 -28.24 -26.18 49.42
CA THR I 113 -29.29 -26.26 50.45
C THR I 113 -30.51 -25.48 49.97
N PRO I 114 -31.08 -25.86 48.83
CA PRO I 114 -32.09 -24.99 48.20
C PRO I 114 -33.41 -24.97 48.95
N LYS I 115 -34.10 -23.84 48.82
CA LYS I 115 -35.44 -23.67 49.35
C LYS I 115 -36.29 -22.97 48.31
N LYS I 116 -37.59 -23.21 48.36
CA LYS I 116 -38.50 -22.60 47.40
C LYS I 116 -38.67 -21.13 47.72
N CYS I 117 -38.74 -20.30 46.67
CA CYS I 117 -38.98 -18.88 46.92
C CYS I 117 -40.25 -18.69 47.74
N LYS I 118 -41.23 -19.57 47.49
CA LYS I 118 -42.50 -19.52 48.21
C LYS I 118 -42.29 -19.66 49.71
N ASP I 119 -41.36 -20.52 50.12
CA ASP I 119 -41.13 -20.75 51.54
C ASP I 119 -40.40 -19.59 52.21
N ILE I 120 -39.46 -18.97 51.49
CA ILE I 120 -38.72 -17.86 52.07
C ILE I 120 -39.65 -16.69 52.37
N ILE I 121 -40.58 -16.40 51.45
CA ILE I 121 -41.51 -15.29 51.67
C ILE I 121 -42.37 -15.55 52.91
N LYS I 122 -42.95 -16.75 53.00
CA LYS I 122 -43.80 -17.08 54.14
C LYS I 122 -43.06 -16.82 55.45
N THR I 123 -41.81 -17.27 55.55
CA THR I 123 -41.03 -17.05 56.76
C THR I 123 -40.75 -15.57 56.98
N ALA I 124 -40.43 -14.85 55.91
CA ALA I 124 -40.21 -13.41 56.04
C ALA I 124 -41.45 -12.72 56.57
N ARG I 125 -42.63 -13.22 56.23
CA ARG I 125 -43.85 -12.63 56.76
C ARG I 125 -43.96 -12.87 58.26
N SER I 126 -43.52 -14.04 58.74
CA SER I 126 -43.55 -14.32 60.17
C SER I 126 -42.70 -13.33 60.96
N LEU I 127 -41.53 -12.98 60.43
CA LEU I 127 -40.55 -12.20 61.17
C LEU I 127 -40.66 -10.70 60.94
N LEU I 128 -41.24 -10.28 59.83
CA LEU I 128 -41.40 -8.86 59.53
C LEU I 128 -42.80 -8.42 59.94
N ASN I 129 -42.90 -7.20 60.47
CA ASN I 129 -44.20 -6.62 60.79
C ASN I 129 -44.86 -6.16 59.49
N ASP I 130 -45.99 -5.45 59.61
CA ASP I 130 -46.72 -5.05 58.42
C ASP I 130 -45.99 -3.95 57.66
N VAL I 131 -45.39 -3.01 58.38
CA VAL I 131 -44.64 -1.93 57.73
C VAL I 131 -43.46 -2.50 56.95
N GLN I 132 -42.65 -3.33 57.62
CA GLN I 132 -41.45 -3.85 56.99
C GLN I 132 -41.79 -4.67 55.76
N PHE I 133 -42.79 -5.55 55.88
CA PHE I 133 -43.18 -6.39 54.76
C PHE I 133 -43.74 -5.59 53.61
N GLY I 134 -44.07 -4.32 53.82
CA GLY I 134 -44.51 -3.49 52.71
C GLY I 134 -43.48 -3.42 51.59
N GLN I 135 -42.20 -3.56 51.92
CA GLN I 135 -41.17 -3.51 50.89
C GLN I 135 -41.42 -4.54 49.80
N PHE I 136 -42.06 -5.68 50.14
CA PHE I 136 -42.33 -6.71 49.17
C PHE I 136 -43.49 -6.36 48.25
N GLY I 137 -44.19 -5.26 48.52
CA GLY I 137 -45.15 -4.84 47.53
C GLY I 137 -46.27 -5.84 47.32
N ASP I 138 -46.86 -5.76 46.13
CA ASP I 138 -48.07 -6.51 45.83
C ASP I 138 -47.80 -7.99 45.56
N ASP I 139 -46.63 -8.32 45.01
CA ASP I 139 -46.25 -9.69 44.70
C ASP I 139 -44.88 -9.96 45.29
N PRO I 140 -44.82 -10.45 46.53
CA PRO I 140 -43.49 -10.68 47.14
C PRO I 140 -42.61 -11.61 46.32
N LYS I 141 -43.10 -12.79 45.93
CA LYS I 141 -42.26 -13.72 45.19
C LYS I 141 -41.65 -13.05 43.96
N GLU I 142 -42.46 -12.31 43.21
CA GLU I 142 -41.97 -11.69 41.98
C GLU I 142 -40.92 -10.64 42.30
N GLU I 143 -41.14 -9.83 43.33
CA GLU I 143 -40.16 -8.81 43.69
C GLU I 143 -38.80 -9.44 43.96
N VAL I 144 -38.79 -10.66 44.50
CA VAL I 144 -37.53 -11.35 44.74
C VAL I 144 -37.00 -12.00 43.45
N MET I 145 -37.84 -12.76 42.74
CA MET I 145 -37.35 -13.47 41.56
C MET I 145 -36.78 -12.51 40.53
N VAL I 146 -37.41 -11.35 40.35
CA VAL I 146 -36.93 -10.35 39.40
C VAL I 146 -35.56 -9.85 39.79
N LEU I 147 -35.28 -9.77 41.09
CA LEU I 147 -34.00 -9.24 41.56
C LEU I 147 -32.85 -10.22 41.36
N GLU I 148 -33.14 -11.52 41.22
CA GLU I 148 -32.06 -12.50 41.10
C GLU I 148 -31.15 -12.17 39.92
N ARG I 149 -31.72 -11.69 38.83
CA ARG I 149 -30.91 -11.32 37.67
C ARG I 149 -29.88 -10.27 38.06
N ILE I 150 -30.32 -9.23 38.75
CA ILE I 150 -29.42 -8.17 39.15
C ILE I 150 -28.39 -8.69 40.14
N LEU I 151 -28.82 -9.51 41.10
CA LEU I 151 -27.89 -10.04 42.08
C LEU I 151 -26.76 -10.78 41.39
N LEU I 152 -27.11 -11.66 40.45
CA LEU I 152 -26.10 -12.43 39.74
C LEU I 152 -25.16 -11.53 38.96
N GLN I 153 -25.69 -10.50 38.29
CA GLN I 153 -24.83 -9.56 37.59
C GLN I 153 -23.99 -8.74 38.57
N THR I 154 -24.59 -8.36 39.70
CA THR I 154 -23.89 -7.50 40.66
C THR I 154 -22.69 -8.22 41.26
N ILE I 155 -22.87 -9.48 41.68
CA ILE I 155 -21.78 -10.24 42.27
C ILE I 155 -20.93 -10.87 41.17
N LYS I 156 -21.14 -10.44 39.92
CA LYS I 156 -20.29 -10.82 38.81
C LYS I 156 -20.18 -12.33 38.65
N PHE I 157 -21.25 -13.05 38.97
CA PHE I 157 -21.31 -14.51 38.83
C PHE I 157 -20.12 -15.21 39.49
N ASP I 158 -19.48 -14.54 40.46
CA ASP I 158 -18.47 -15.17 41.31
C ASP I 158 -19.20 -15.74 42.53
N LEU I 159 -19.75 -16.93 42.36
CA LEU I 159 -20.63 -17.50 43.37
C LEU I 159 -19.89 -18.16 44.51
N GLN I 160 -18.70 -18.70 44.27
CA GLN I 160 -18.00 -19.43 45.33
C GLN I 160 -17.54 -18.46 46.40
N VAL I 161 -17.84 -18.77 47.65
CA VAL I 161 -17.48 -17.93 48.79
C VAL I 161 -16.98 -18.82 49.93
N GLU I 162 -15.90 -18.39 50.56
CA GLU I 162 -15.34 -19.05 51.74
C GLU I 162 -15.71 -18.23 52.97
N HIS I 163 -15.80 -18.90 54.13
CA HIS I 163 -16.24 -18.20 55.34
C HIS I 163 -15.29 -18.49 56.49
N PRO I 164 -15.21 -17.55 57.45
CA PRO I 164 -14.27 -17.74 58.58
C PRO I 164 -14.46 -19.04 59.34
N TYR I 165 -15.65 -19.63 59.32
CA TYR I 165 -15.91 -20.80 60.17
C TYR I 165 -14.92 -21.91 59.86
N GLN I 166 -14.82 -22.29 58.59
CA GLN I 166 -14.00 -23.44 58.22
C GLN I 166 -12.55 -23.26 58.62
N PHE I 167 -12.06 -22.01 58.62
CA PHE I 167 -10.69 -21.76 59.04
C PHE I 167 -10.60 -21.78 60.55
N LEU I 168 -11.63 -21.29 61.24
CA LEU I 168 -11.69 -21.42 62.69
C LEU I 168 -11.50 -22.87 63.11
N LEU I 169 -12.10 -23.80 62.36
CA LEU I 169 -11.99 -25.22 62.71
C LEU I 169 -10.65 -25.79 62.24
N LYS I 170 -10.27 -25.49 61.01
CA LYS I 170 -8.99 -25.99 60.48
C LYS I 170 -7.83 -25.60 61.38
N TYR I 171 -7.84 -24.35 61.87
CA TYR I 171 -6.74 -23.88 62.70
C TYR I 171 -6.82 -24.43 64.11
N ALA I 172 -8.02 -24.46 64.71
CA ALA I 172 -8.15 -25.01 66.05
C ALA I 172 -7.78 -26.49 66.07
N LYS I 173 -8.06 -27.20 64.98
CA LYS I 173 -7.75 -28.63 64.92
C LYS I 173 -6.26 -28.88 65.11
N GLN I 174 -5.42 -27.91 64.77
CA GLN I 174 -3.99 -28.01 64.95
C GLN I 174 -3.53 -27.58 66.34
N LEU I 175 -4.45 -27.16 67.20
CA LEU I 175 -4.14 -26.83 68.58
C LEU I 175 -4.25 -28.08 69.45
N LYS I 176 -3.30 -28.26 70.34
CA LYS I 176 -3.28 -29.41 71.25
C LYS I 176 -3.07 -28.91 72.68
N GLY I 177 -3.89 -29.42 73.60
CA GLY I 177 -3.81 -29.00 74.99
C GLY I 177 -5.09 -29.39 75.73
N ASP I 178 -5.41 -28.63 76.78
CA ASP I 178 -6.64 -28.84 77.53
C ASP I 178 -7.81 -28.77 76.56
N LYS I 179 -8.47 -29.91 76.32
CA LYS I 179 -9.53 -29.92 75.32
C LYS I 179 -10.62 -28.91 75.66
N ASN I 180 -10.92 -28.73 76.95
CA ASN I 180 -12.04 -27.88 77.32
C ASN I 180 -11.72 -26.40 77.12
N LYS I 181 -10.47 -26.01 77.36
CA LYS I 181 -10.09 -24.62 77.08
C LYS I 181 -10.12 -24.34 75.59
N ILE I 182 -9.67 -25.31 74.77
CA ILE I 182 -9.68 -25.13 73.33
C ILE I 182 -11.11 -25.03 72.82
N GLN I 183 -12.03 -25.81 73.38
CA GLN I 183 -13.42 -25.76 72.94
C GLN I 183 -14.06 -24.42 73.33
N LYS I 184 -13.76 -23.89 74.51
CA LYS I 184 -14.30 -22.58 74.88
C LYS I 184 -13.83 -21.50 73.91
N LEU I 185 -12.57 -21.59 73.48
CA LEU I 185 -12.06 -20.66 72.48
C LEU I 185 -12.87 -20.73 71.19
N VAL I 186 -13.09 -21.96 70.69
CA VAL I 186 -13.81 -22.14 69.43
C VAL I 186 -15.22 -21.58 69.54
N GLN I 187 -15.92 -21.92 70.63
CA GLN I 187 -17.30 -21.47 70.79
C GLN I 187 -17.38 -19.96 70.85
N MET I 188 -16.49 -19.34 71.61
CA MET I 188 -16.50 -17.88 71.71
C MET I 188 -16.13 -17.25 70.39
N ALA I 189 -15.16 -17.83 69.68
CA ALA I 189 -14.82 -17.35 68.35
C ALA I 189 -15.98 -17.54 67.39
N TRP I 190 -16.62 -18.70 67.46
CA TRP I 190 -17.79 -18.96 66.61
C TRP I 190 -18.83 -17.88 66.82
N THR I 191 -19.11 -17.55 68.07
CA THR I 191 -20.06 -16.48 68.36
C THR I 191 -19.61 -15.16 67.78
N PHE I 192 -18.31 -14.84 67.88
CA PHE I 192 -17.80 -13.60 67.31
C PHE I 192 -17.95 -13.58 65.80
N VAL I 193 -17.77 -14.73 65.16
CA VAL I 193 -17.96 -14.82 63.71
C VAL I 193 -19.40 -14.47 63.35
N ASN I 194 -20.36 -15.10 64.04
CA ASN I 194 -21.77 -14.82 63.79
C ASN I 194 -22.05 -13.32 63.93
N ASP I 195 -21.38 -12.67 64.89
CA ASP I 195 -21.61 -11.25 65.12
C ASP I 195 -20.95 -10.37 64.06
N SER I 196 -19.81 -10.80 63.53
CA SER I 196 -19.11 -10.00 62.52
C SER I 196 -19.87 -9.96 61.20
N LEU I 197 -20.79 -10.91 60.99
CA LEU I 197 -21.58 -10.89 59.77
C LEU I 197 -22.50 -9.68 59.68
N CYS I 198 -22.86 -9.10 60.83
CA CYS I 198 -23.65 -7.87 60.81
C CYS I 198 -22.82 -6.67 60.40
N THR I 199 -21.51 -6.84 60.22
CA THR I 199 -20.59 -5.75 59.93
C THR I 199 -20.01 -5.91 58.54
N THR I 200 -19.27 -4.89 58.13
CA THR I 200 -18.58 -4.86 56.84
C THR I 200 -17.21 -5.53 56.86
N LEU I 201 -16.87 -6.22 57.96
CA LEU I 201 -15.62 -6.97 57.97
C LEU I 201 -15.61 -8.02 56.87
N SER I 202 -16.77 -8.59 56.54
CA SER I 202 -16.87 -9.50 55.40
C SER I 202 -16.29 -8.87 54.14
N LEU I 203 -16.30 -7.54 54.07
CA LEU I 203 -15.84 -6.82 52.89
C LEU I 203 -14.44 -6.26 53.04
N GLN I 204 -13.85 -6.29 54.24
CA GLN I 204 -12.55 -5.69 54.44
C GLN I 204 -11.39 -6.68 54.45
N TRP I 205 -11.61 -7.91 54.93
CA TRP I 205 -10.51 -8.83 55.19
C TRP I 205 -10.89 -10.24 54.76
N GLU I 206 -9.92 -10.97 54.22
CA GLU I 206 -10.14 -12.35 53.84
C GLU I 206 -10.67 -13.15 55.04
N PRO I 207 -11.43 -14.23 54.78
CA PRO I 207 -11.98 -14.99 55.92
C PRO I 207 -10.89 -15.61 56.79
N GLU I 208 -9.81 -16.10 56.18
CA GLU I 208 -8.71 -16.66 56.97
C GLU I 208 -8.26 -15.67 58.04
N ILE I 209 -8.20 -14.39 57.69
CA ILE I 209 -7.82 -13.36 58.65
C ILE I 209 -8.88 -13.19 59.72
N ILE I 210 -10.16 -13.17 59.32
CA ILE I 210 -11.24 -13.07 60.30
C ILE I 210 -11.15 -14.22 61.29
N ALA I 211 -10.95 -15.44 60.78
CA ALA I 211 -10.86 -16.60 61.66
C ALA I 211 -9.80 -16.43 62.73
N VAL I 212 -8.62 -15.93 62.33
CA VAL I 212 -7.55 -15.69 63.31
C VAL I 212 -7.96 -14.61 64.30
N ALA I 213 -8.51 -13.50 63.80
CA ALA I 213 -8.84 -12.39 64.70
C ALA I 213 -9.78 -12.85 65.82
N VAL I 214 -10.78 -13.66 65.50
CA VAL I 214 -11.72 -14.08 66.54
C VAL I 214 -11.05 -15.04 67.50
N MET I 215 -10.16 -15.90 67.02
CA MET I 215 -9.34 -16.69 67.92
C MET I 215 -8.50 -15.76 68.81
N TYR I 216 -7.90 -14.75 68.18
CA TYR I 216 -7.11 -13.77 68.92
C TYR I 216 -7.95 -13.08 69.99
N LEU I 217 -9.19 -12.71 69.65
CA LEU I 217 -10.05 -12.05 70.63
C LEU I 217 -10.47 -13.01 71.75
N ALA I 218 -10.98 -14.19 71.37
CA ALA I 218 -11.38 -15.16 72.39
C ALA I 218 -10.20 -15.48 73.30
N GLY I 219 -8.99 -15.55 72.74
CA GLY I 219 -7.83 -15.78 73.56
C GLY I 219 -7.62 -14.68 74.59
N ARG I 220 -7.73 -13.42 74.16
CA ARG I 220 -7.57 -12.32 75.10
C ARG I 220 -8.63 -12.38 76.20
N LEU I 221 -9.88 -12.63 75.84
CA LEU I 221 -10.95 -12.59 76.82
C LEU I 221 -10.84 -13.75 77.81
N CYS I 222 -10.39 -14.92 77.34
CA CYS I 222 -10.25 -16.10 78.18
C CYS I 222 -8.87 -16.22 78.83
N LYS I 223 -7.99 -15.25 78.62
CA LYS I 223 -6.66 -15.25 79.21
C LYS I 223 -5.91 -16.55 78.91
N PHE I 224 -5.96 -16.96 77.65
CA PHE I 224 -5.24 -18.12 77.14
C PHE I 224 -3.98 -17.66 76.40
N GLU I 225 -2.94 -18.48 76.45
CA GLU I 225 -1.71 -18.25 75.69
C GLU I 225 -1.71 -19.24 74.53
N ILE I 226 -2.37 -18.85 73.43
CA ILE I 226 -2.65 -19.79 72.36
C ILE I 226 -1.37 -20.40 71.81
N GLN I 227 -0.26 -19.66 71.81
CA GLN I 227 0.95 -20.20 71.21
C GLN I 227 1.28 -21.57 71.82
N GLU I 228 0.99 -21.73 73.11
CA GLU I 228 1.37 -22.95 73.82
C GLU I 228 0.74 -24.19 73.20
N TRP I 229 -0.45 -24.06 72.61
CA TRP I 229 -1.14 -25.20 72.04
C TRP I 229 -0.68 -25.51 70.62
N THR I 230 0.15 -24.66 70.03
CA THR I 230 0.59 -24.85 68.65
C THR I 230 1.81 -25.76 68.60
N SER I 231 2.19 -26.14 67.39
CA SER I 231 3.43 -26.89 67.19
C SER I 231 4.67 -26.07 67.46
N LYS I 232 4.54 -24.76 67.71
CA LYS I 232 5.65 -23.84 67.93
C LYS I 232 5.41 -23.04 69.20
N PRO I 233 5.54 -23.67 70.37
CA PRO I 233 5.06 -23.03 71.61
C PRO I 233 5.84 -21.80 72.07
N MET I 234 6.99 -21.48 71.48
CA MET I 234 7.76 -20.30 71.87
C MET I 234 7.75 -19.23 70.79
N TYR I 235 6.90 -19.38 69.78
CA TYR I 235 6.64 -18.41 68.72
C TYR I 235 5.41 -17.61 69.16
N ARG I 236 5.64 -16.47 69.81
CA ARG I 236 4.52 -15.77 70.45
C ARG I 236 3.49 -15.27 69.44
N ARG I 237 3.91 -14.91 68.23
CA ARG I 237 2.94 -14.58 67.17
C ARG I 237 2.54 -15.90 66.52
N TRP I 238 1.61 -16.58 67.20
CA TRP I 238 1.25 -17.94 66.88
C TRP I 238 0.54 -18.07 65.53
N TRP I 239 -0.22 -17.04 65.13
CA TRP I 239 -1.07 -17.16 63.95
C TRP I 239 -0.30 -17.16 62.64
N GLU I 240 0.93 -16.64 62.63
CA GLU I 240 1.67 -16.53 61.37
C GLU I 240 1.86 -17.89 60.71
N GLN I 241 1.81 -18.98 61.48
CA GLN I 241 1.91 -20.28 60.87
C GLN I 241 0.62 -20.69 60.17
N PHE I 242 -0.50 -20.01 60.48
CA PHE I 242 -1.77 -20.24 59.79
C PHE I 242 -2.02 -19.24 58.67
N VAL I 243 -1.79 -17.96 58.94
CA VAL I 243 -2.04 -16.88 57.99
C VAL I 243 -0.77 -16.04 57.95
N GLN I 244 -0.08 -16.08 56.83
CA GLN I 244 1.17 -15.37 56.68
C GLN I 244 0.92 -13.87 56.49
N ASP I 245 1.85 -13.07 56.98
CA ASP I 245 1.88 -11.63 56.69
C ASP I 245 0.68 -10.90 57.30
N VAL I 246 0.31 -11.23 58.52
CA VAL I 246 -0.80 -10.51 59.13
C VAL I 246 -0.24 -9.70 60.31
N PRO I 247 -0.24 -8.37 60.25
CA PRO I 247 0.22 -7.57 61.38
C PRO I 247 -0.82 -7.44 62.48
N VAL I 248 -0.32 -7.27 63.70
CA VAL I 248 -1.19 -7.14 64.87
C VAL I 248 -2.16 -5.97 64.76
N ASP I 249 -1.75 -4.85 64.14
CA ASP I 249 -2.69 -3.75 63.96
C ASP I 249 -4.02 -4.25 63.41
N VAL I 250 -3.96 -5.10 62.39
CA VAL I 250 -5.18 -5.60 61.75
C VAL I 250 -6.02 -6.39 62.74
N LEU I 251 -5.42 -7.37 63.41
CA LEU I 251 -6.16 -8.16 64.37
C LEU I 251 -6.80 -7.25 65.41
N GLU I 252 -6.11 -6.19 65.81
CA GLU I 252 -6.67 -5.24 66.76
C GLU I 252 -7.83 -4.45 66.16
N ASP I 253 -7.68 -4.03 64.89
CA ASP I 253 -8.76 -3.32 64.21
C ASP I 253 -10.01 -4.17 64.11
N ILE I 254 -9.86 -5.45 63.78
CA ILE I 254 -11.01 -6.35 63.66
C ILE I 254 -11.66 -6.56 65.02
N CYS I 255 -10.85 -6.88 66.03
CA CYS I 255 -11.40 -7.07 67.37
C CYS I 255 -12.16 -5.84 67.81
N HIS I 256 -11.58 -4.66 67.56
CA HIS I 256 -12.22 -3.41 67.96
C HIS I 256 -13.63 -3.30 67.40
N GLN I 257 -13.83 -3.68 66.14
CA GLN I 257 -15.15 -3.55 65.55
C GLN I 257 -16.16 -4.50 66.20
N ILE I 258 -15.72 -5.72 66.54
CA ILE I 258 -16.64 -6.65 67.21
C ILE I 258 -16.98 -6.13 68.60
N LEU I 259 -15.96 -5.69 69.34
CA LEU I 259 -16.20 -5.19 70.68
C LEU I 259 -17.07 -3.94 70.64
N ASP I 260 -16.97 -3.16 69.57
CA ASP I 260 -17.81 -1.97 69.44
C ASP I 260 -19.28 -2.33 69.36
N LEU I 261 -19.61 -3.41 68.64
CA LEU I 261 -21.00 -3.82 68.52
C LEU I 261 -21.58 -4.21 69.88
N TYR I 262 -20.77 -4.88 70.71
CA TYR I 262 -21.28 -5.34 72.00
C TYR I 262 -21.49 -4.18 72.98
N SER I 263 -20.56 -3.22 73.02
CA SER I 263 -20.71 -2.09 73.95
C SER I 263 -21.79 -1.13 73.49
N GLN I 264 -21.91 -0.94 72.18
CA GLN I 264 -22.91 -0.02 71.62
C GLN I 264 -24.34 -0.43 71.98
N GLY I 265 -24.63 -1.71 71.92
CA GLY I 265 -25.96 -2.21 72.17
C GLY I 265 -26.16 -2.49 73.63
N LYS I 266 -27.13 -3.34 73.93
CA LYS I 266 -27.30 -3.84 75.27
C LYS I 266 -26.64 -5.20 75.51
N GLN I 267 -26.36 -5.95 74.45
CA GLN I 267 -25.74 -7.27 74.57
C GLN I 267 -24.32 -7.15 75.11
N GLN I 268 -23.86 -8.20 75.80
CA GLN I 268 -22.54 -8.19 76.44
C GLN I 268 -21.66 -9.32 75.90
N MET I 269 -20.35 -9.22 76.21
CA MET I 269 -19.39 -10.18 75.70
C MET I 269 -19.75 -11.59 76.17
N PRO I 270 -19.58 -12.62 75.32
CA PRO I 270 -20.02 -13.97 75.73
C PRO I 270 -19.27 -14.47 76.95
N HIS I 271 -17.95 -14.32 76.98
CA HIS I 271 -17.08 -14.81 78.04
C HIS I 271 -17.64 -16.03 78.78
#